data_2KYY
#
_entry.id   2KYY
#
_entity_poly.entity_id   1
_entity_poly.type   'polypeptide(L)'
_entity_poly.pdbx_seq_one_letter_code
;MRSATDLLDELNAVDESARIEAKRASDMGKSVMETVIAFANEPGLDGGYLLLGVDWAINDKGDTVYRPVGLPDPDKVQRD
LASQCASMLNVALRPEMQLEQVGGKTLLVVYVPEADVTHKPIYKKATGLPGGAYRRIGSSDQRCVLEHHHHHH
;
_entity_poly.pdbx_strand_id   A
#
# COMPACT_ATOMS: atom_id res chain seq x y z
N MET A 1 -3.52 -8.53 8.83
CA MET A 1 -3.08 -8.70 7.43
C MET A 1 -4.18 -9.40 6.59
N ARG A 2 -3.87 -9.89 5.36
CA ARG A 2 -4.88 -10.05 4.28
C ARG A 2 -4.18 -10.50 2.97
N SER A 3 -4.85 -11.36 2.17
CA SER A 3 -4.29 -11.85 0.87
C SER A 3 -4.43 -10.78 -0.24
N ALA A 4 -3.55 -10.85 -1.25
CA ALA A 4 -3.57 -9.93 -2.42
C ALA A 4 -4.86 -10.10 -3.26
N THR A 5 -5.38 -11.33 -3.31
CA THR A 5 -6.63 -11.66 -4.04
C THR A 5 -7.84 -10.97 -3.39
N ASP A 6 -7.86 -10.96 -2.05
CA ASP A 6 -8.91 -10.32 -1.25
C ASP A 6 -8.78 -8.77 -1.32
N LEU A 7 -7.53 -8.26 -1.30
CA LEU A 7 -7.25 -6.81 -1.42
C LEU A 7 -7.67 -6.27 -2.81
N LEU A 8 -7.41 -7.06 -3.86
CA LEU A 8 -7.77 -6.72 -5.26
C LEU A 8 -9.30 -6.58 -5.41
N ASP A 9 -10.01 -7.58 -4.85
CA ASP A 9 -11.49 -7.60 -4.73
C ASP A 9 -12.00 -6.37 -3.92
N GLU A 10 -11.28 -6.04 -2.84
CA GLU A 10 -11.65 -4.93 -1.93
C GLU A 10 -11.49 -3.56 -2.63
N LEU A 11 -10.44 -3.41 -3.45
CA LEU A 11 -10.19 -2.22 -4.31
C LEU A 11 -11.37 -2.00 -5.30
N ASN A 12 -11.87 -3.12 -5.86
CA ASN A 12 -13.05 -3.14 -6.76
C ASN A 12 -14.36 -2.86 -5.98
N ALA A 13 -14.42 -3.28 -4.71
CA ALA A 13 -15.60 -3.11 -3.83
C ALA A 13 -15.77 -1.63 -3.39
N VAL A 14 -14.65 -1.00 -2.96
CA VAL A 14 -14.66 0.38 -2.44
C VAL A 14 -14.76 1.44 -3.57
N ASP A 15 -15.33 2.60 -3.23
CA ASP A 15 -15.47 3.76 -4.15
C ASP A 15 -14.10 4.50 -4.31
N GLU A 16 -13.30 4.50 -3.23
CA GLU A 16 -12.00 5.22 -3.17
C GLU A 16 -11.02 4.45 -2.25
N SER A 17 -9.70 4.66 -2.45
CA SER A 17 -8.63 4.05 -1.60
C SER A 17 -8.67 4.60 -0.15
N ALA A 18 -9.65 4.11 0.65
CA ALA A 18 -9.93 4.59 2.03
C ALA A 18 -8.71 4.41 2.96
N ARG A 19 -8.30 3.14 3.16
CA ARG A 19 -7.06 2.77 3.89
C ARG A 19 -6.26 1.70 3.10
N ILE A 20 -6.69 1.40 1.85
CA ILE A 20 -6.06 0.39 0.96
C ILE A 20 -5.74 1.02 -0.42
N GLU A 21 -4.44 1.25 -0.69
CA GLU A 21 -3.94 1.82 -1.97
C GLU A 21 -3.57 0.69 -2.97
N ALA A 22 -3.73 0.96 -4.29
CA ALA A 22 -3.30 0.05 -5.38
C ALA A 22 -2.14 0.68 -6.17
N LYS A 23 -1.07 -0.10 -6.47
CA LYS A 23 0.16 0.42 -7.10
C LYS A 23 0.71 -0.55 -8.16
N ARG A 24 1.21 0.03 -9.27
CA ARG A 24 1.90 -0.73 -10.35
C ARG A 24 3.40 -0.91 -10.02
N ALA A 25 4.07 -1.84 -10.73
CA ALA A 25 5.53 -2.10 -10.54
C ALA A 25 6.41 -0.87 -10.88
N SER A 26 5.96 -0.04 -11.85
CA SER A 26 6.65 1.22 -12.24
C SER A 26 6.56 2.32 -11.15
N ASP A 27 5.55 2.21 -10.25
CA ASP A 27 5.34 3.17 -9.12
C ASP A 27 6.45 3.02 -8.03
N MET A 28 7.30 1.98 -8.16
CA MET A 28 8.37 1.62 -7.20
C MET A 28 9.34 2.81 -6.93
N GLY A 29 9.42 3.22 -5.66
CA GLY A 29 10.26 4.36 -5.24
C GLY A 29 9.56 5.24 -4.21
N LYS A 30 9.83 6.56 -4.25
CA LYS A 30 9.24 7.54 -3.29
C LYS A 30 7.70 7.65 -3.43
N SER A 31 7.16 7.33 -4.62
CA SER A 31 5.69 7.28 -4.88
C SER A 31 4.98 6.26 -3.95
N VAL A 32 5.65 5.14 -3.68
CA VAL A 32 5.21 4.14 -2.66
C VAL A 32 5.40 4.70 -1.21
N MET A 33 6.57 5.31 -1.00
CA MET A 33 7.09 5.66 0.34
C MET A 33 6.30 6.79 1.04
N GLU A 34 5.91 7.84 0.31
CA GLU A 34 5.13 8.96 0.89
C GLU A 34 3.72 8.48 1.33
N THR A 35 3.19 7.46 0.62
CA THR A 35 1.90 6.81 0.97
C THR A 35 2.02 6.01 2.30
N VAL A 36 3.19 5.36 2.51
CA VAL A 36 3.51 4.64 3.79
C VAL A 36 3.55 5.63 4.98
N ILE A 37 4.14 6.83 4.77
CA ILE A 37 4.20 7.91 5.78
C ILE A 37 2.77 8.37 6.17
N ALA A 38 1.87 8.37 5.16
CA ALA A 38 0.46 8.82 5.31
C ALA A 38 -0.38 7.85 6.18
N PHE A 39 0.09 6.60 6.37
CA PHE A 39 -0.52 5.63 7.33
C PHE A 39 0.28 5.58 8.67
N ALA A 40 1.60 5.85 8.61
CA ALA A 40 2.52 5.78 9.79
C ALA A 40 2.23 6.90 10.82
N ASN A 41 1.84 8.08 10.31
CA ASN A 41 1.53 9.28 11.15
C ASN A 41 0.12 9.22 11.80
N GLU A 42 -0.70 8.22 11.40
CA GLU A 42 -2.11 8.09 11.82
C GLU A 42 -2.27 7.44 13.23
N PRO A 43 -2.82 8.19 14.24
CA PRO A 43 -3.13 7.61 15.58
C PRO A 43 -4.40 6.71 15.55
N GLY A 44 -4.20 5.38 15.74
CA GLY A 44 -5.29 4.40 15.80
C GLY A 44 -5.76 3.85 14.46
N LEU A 45 -4.94 3.96 13.38
CA LEU A 45 -5.28 3.40 12.03
C LEU A 45 -4.33 2.25 11.62
N ASP A 46 -3.67 1.62 12.62
CA ASP A 46 -2.89 0.37 12.44
C ASP A 46 -3.59 -0.68 11.52
N GLY A 47 -2.89 -1.09 10.44
CA GLY A 47 -3.45 -2.02 9.44
C GLY A 47 -3.88 -1.31 8.15
N GLY A 48 -2.95 -0.54 7.54
CA GLY A 48 -3.16 0.08 6.23
C GLY A 48 -2.44 -0.70 5.14
N TYR A 49 -3.10 -0.95 4.00
CA TYR A 49 -2.58 -1.87 2.95
C TYR A 49 -2.18 -1.13 1.68
N LEU A 50 -0.95 -1.39 1.20
CA LEU A 50 -0.49 -0.97 -0.15
C LEU A 50 -0.28 -2.26 -0.99
N LEU A 51 -1.04 -2.42 -2.08
CA LEU A 51 -0.94 -3.64 -2.92
C LEU A 51 -0.14 -3.33 -4.21
N LEU A 52 1.08 -3.90 -4.28
CA LEU A 52 2.01 -3.70 -5.42
C LEU A 52 1.90 -4.86 -6.43
N GLY A 53 1.82 -4.52 -7.73
CA GLY A 53 1.65 -5.50 -8.82
C GLY A 53 0.22 -5.54 -9.35
N VAL A 54 -0.46 -4.38 -9.25
CA VAL A 54 -1.85 -4.19 -9.72
C VAL A 54 -1.87 -3.24 -10.93
N ASP A 55 -2.70 -3.58 -11.92
CA ASP A 55 -3.01 -2.71 -13.07
C ASP A 55 -4.52 -2.38 -13.02
N TRP A 56 -4.95 -1.37 -13.78
CA TRP A 56 -6.37 -0.97 -13.82
C TRP A 56 -6.75 -0.41 -15.21
N ALA A 57 -7.98 -0.75 -15.63
CA ALA A 57 -8.49 -0.46 -16.98
C ALA A 57 -9.70 0.50 -16.91
N ILE A 58 -9.72 1.51 -17.78
CA ILE A 58 -10.76 2.56 -17.78
C ILE A 58 -11.84 2.29 -18.84
N ASN A 59 -13.09 2.11 -18.38
CA ASN A 59 -14.28 1.92 -19.25
C ASN A 59 -14.74 3.26 -19.88
N ASP A 60 -15.71 3.19 -20.82
CA ASP A 60 -16.29 4.40 -21.47
C ASP A 60 -17.06 5.31 -20.47
N LYS A 61 -17.48 4.71 -19.34
CA LYS A 61 -18.11 5.43 -18.20
C LYS A 61 -17.09 6.30 -17.41
N GLY A 62 -15.78 6.06 -17.65
CA GLY A 62 -14.70 6.61 -16.81
C GLY A 62 -14.50 5.78 -15.54
N ASP A 63 -14.70 4.45 -15.68
CA ASP A 63 -14.73 3.50 -14.53
C ASP A 63 -13.38 2.76 -14.39
N THR A 64 -12.92 2.56 -13.13
CA THR A 64 -11.60 1.97 -12.82
C THR A 64 -11.76 0.51 -12.31
N VAL A 65 -11.38 -0.45 -13.17
CA VAL A 65 -11.45 -1.90 -12.86
C VAL A 65 -10.03 -2.43 -12.53
N TYR A 66 -9.83 -2.97 -11.31
CA TYR A 66 -8.50 -3.40 -10.83
C TYR A 66 -8.27 -4.90 -11.13
N ARG A 67 -7.22 -5.17 -11.93
CA ARG A 67 -6.85 -6.52 -12.40
C ARG A 67 -5.40 -6.89 -11.97
N PRO A 68 -5.07 -8.21 -11.81
CA PRO A 68 -3.70 -8.64 -11.44
C PRO A 68 -2.73 -8.71 -12.66
N VAL A 69 -1.48 -8.30 -12.44
CA VAL A 69 -0.39 -8.36 -13.45
C VAL A 69 0.91 -8.86 -12.81
N GLY A 70 1.06 -8.62 -11.51
CA GLY A 70 2.19 -9.12 -10.74
C GLY A 70 3.46 -8.26 -10.85
N LEU A 71 4.51 -8.73 -10.18
CA LEU A 71 5.83 -8.07 -10.12
C LEU A 71 6.84 -8.75 -11.08
N PRO A 72 7.75 -7.98 -11.77
CA PRO A 72 8.79 -8.55 -12.67
C PRO A 72 9.80 -9.45 -11.93
N ASP A 73 10.02 -9.15 -10.63
CA ASP A 73 10.79 -9.99 -9.70
C ASP A 73 10.14 -9.88 -8.30
N PRO A 74 9.26 -10.87 -7.91
CA PRO A 74 8.48 -10.84 -6.63
C PRO A 74 9.32 -10.55 -5.36
N ASP A 75 10.41 -11.32 -5.21
CA ASP A 75 11.30 -11.25 -4.04
C ASP A 75 12.01 -9.87 -3.98
N LYS A 76 12.64 -9.48 -5.11
CA LYS A 76 13.47 -8.26 -5.20
C LYS A 76 12.69 -6.97 -4.85
N VAL A 77 11.42 -6.88 -5.26
CA VAL A 77 10.52 -5.74 -4.90
C VAL A 77 10.32 -5.66 -3.35
N GLN A 78 10.14 -6.81 -2.70
CA GLN A 78 10.03 -6.92 -1.22
C GLN A 78 11.38 -6.55 -0.52
N ARG A 79 12.50 -6.89 -1.18
CA ARG A 79 13.88 -6.61 -0.64
C ARG A 79 14.20 -5.10 -0.71
N ASP A 80 14.01 -4.50 -1.90
CA ASP A 80 14.21 -3.05 -2.16
C ASP A 80 13.32 -2.18 -1.26
N LEU A 81 12.04 -2.54 -1.11
CA LEU A 81 11.06 -1.72 -0.33
C LEU A 81 11.42 -1.70 1.18
N ALA A 82 11.98 -2.82 1.69
CA ALA A 82 12.52 -2.91 3.06
C ALA A 82 13.73 -1.95 3.24
N SER A 83 14.61 -1.92 2.23
CA SER A 83 15.78 -0.99 2.18
C SER A 83 15.33 0.49 2.15
N GLN A 84 14.33 0.79 1.30
CA GLN A 84 13.68 2.13 1.23
C GLN A 84 13.16 2.57 2.62
N CYS A 85 12.36 1.71 3.25
CA CYS A 85 11.66 2.07 4.50
C CYS A 85 12.61 2.16 5.73
N ALA A 86 13.81 1.55 5.60
CA ALA A 86 14.86 1.62 6.63
C ALA A 86 15.80 2.86 6.42
N SER A 87 16.13 3.15 5.15
CA SER A 87 17.17 4.16 4.78
C SER A 87 16.60 5.59 4.55
N MET A 88 15.42 5.68 3.89
CA MET A 88 14.78 7.00 3.57
C MET A 88 14.29 7.74 4.85
N LEU A 89 13.70 6.96 5.77
CA LEU A 89 13.12 7.47 7.03
C LEU A 89 14.21 7.59 8.11
N ASN A 90 14.01 8.55 9.05
CA ASN A 90 14.98 8.84 10.15
C ASN A 90 15.29 7.60 11.04
N VAL A 91 14.30 6.71 11.20
CA VAL A 91 14.47 5.41 11.88
C VAL A 91 14.23 4.24 10.88
N ALA A 92 14.73 3.05 11.23
CA ALA A 92 14.51 1.83 10.45
C ALA A 92 13.09 1.27 10.72
N LEU A 93 12.18 1.49 9.74
CA LEU A 93 10.79 1.01 9.80
C LEU A 93 10.68 -0.28 8.96
N ARG A 94 10.11 -1.35 9.55
CA ARG A 94 9.79 -2.61 8.83
C ARG A 94 8.29 -2.64 8.42
N PRO A 95 7.95 -2.51 7.10
CA PRO A 95 6.62 -2.88 6.60
C PRO A 95 6.54 -4.41 6.39
N GLU A 96 5.51 -5.03 6.99
CA GLU A 96 5.33 -6.50 6.95
C GLU A 96 4.79 -6.92 5.55
N MET A 97 5.69 -7.41 4.69
CA MET A 97 5.39 -7.68 3.27
C MET A 97 5.35 -9.19 2.95
N GLN A 98 4.30 -9.62 2.22
CA GLN A 98 4.06 -11.05 1.86
C GLN A 98 3.64 -11.19 0.38
N LEU A 99 4.21 -12.19 -0.29
CA LEU A 99 3.96 -12.51 -1.70
C LEU A 99 2.76 -13.47 -1.86
N GLU A 100 1.70 -12.98 -2.51
CA GLU A 100 0.41 -13.70 -2.71
C GLU A 100 0.04 -13.75 -4.21
N GLN A 101 -0.32 -14.95 -4.71
CA GLN A 101 -0.62 -15.18 -6.15
C GLN A 101 -2.14 -15.01 -6.44
N VAL A 102 -2.45 -14.14 -7.43
CA VAL A 102 -3.81 -13.89 -7.93
C VAL A 102 -3.87 -14.21 -9.45
N GLY A 103 -4.63 -15.25 -9.83
CA GLY A 103 -4.77 -15.67 -11.25
C GLY A 103 -3.45 -16.02 -11.97
N GLY A 104 -2.46 -16.53 -11.21
CA GLY A 104 -1.12 -16.88 -11.74
C GLY A 104 -0.15 -15.70 -11.81
N LYS A 105 -0.53 -14.56 -11.22
CA LYS A 105 0.31 -13.34 -11.10
C LYS A 105 0.77 -13.18 -9.65
N THR A 106 2.05 -12.84 -9.39
CA THR A 106 2.55 -12.68 -7.99
C THR A 106 2.55 -11.19 -7.54
N LEU A 107 1.76 -10.90 -6.50
CA LEU A 107 1.54 -9.52 -5.97
C LEU A 107 2.18 -9.41 -4.56
N LEU A 108 2.39 -8.18 -4.07
CA LEU A 108 2.98 -7.92 -2.74
C LEU A 108 1.97 -7.18 -1.84
N VAL A 109 1.55 -7.86 -0.76
CA VAL A 109 0.76 -7.23 0.31
C VAL A 109 1.70 -6.50 1.28
N VAL A 110 1.70 -5.16 1.21
CA VAL A 110 2.47 -4.33 2.15
C VAL A 110 1.56 -3.94 3.32
N TYR A 111 1.72 -4.67 4.43
CA TYR A 111 1.01 -4.43 5.68
C TYR A 111 1.77 -3.35 6.47
N VAL A 112 1.12 -2.20 6.67
CA VAL A 112 1.67 -1.08 7.46
C VAL A 112 0.91 -1.00 8.81
N PRO A 113 1.49 -1.57 9.93
CA PRO A 113 0.98 -1.32 11.29
C PRO A 113 1.34 0.12 11.75
N GLU A 114 0.66 0.61 12.78
CA GLU A 114 0.92 1.95 13.34
C GLU A 114 2.28 1.97 14.05
N ALA A 115 3.09 3.00 13.76
CA ALA A 115 4.35 3.25 14.47
C ALA A 115 4.10 3.58 15.97
N ASP A 116 5.12 3.39 16.82
CA ASP A 116 5.07 3.73 18.27
C ASP A 116 4.88 5.27 18.50
N VAL A 117 4.79 5.73 19.75
CA VAL A 117 4.92 7.20 20.05
C VAL A 117 6.32 7.79 19.67
N THR A 118 7.42 7.15 20.13
CA THR A 118 8.82 7.69 19.99
C THR A 118 9.28 7.71 18.52
N HIS A 119 9.07 6.56 17.86
CA HIS A 119 9.08 6.42 16.39
C HIS A 119 7.63 6.04 16.05
N LYS A 120 6.65 6.99 15.90
CA LYS A 120 6.56 8.27 15.14
C LYS A 120 7.69 9.37 15.24
N PRO A 121 7.33 10.70 15.22
CA PRO A 121 7.86 11.66 14.24
C PRO A 121 8.72 11.04 13.10
N ILE A 122 8.03 10.33 12.18
CA ILE A 122 8.65 9.70 11.00
C ILE A 122 8.82 10.76 9.89
N TYR A 123 9.86 11.62 10.06
CA TYR A 123 10.22 12.65 9.07
C TYR A 123 11.20 12.09 8.01
N LYS A 124 11.05 12.60 6.79
CA LYS A 124 11.92 12.25 5.66
C LYS A 124 13.26 13.02 5.74
N LYS A 125 14.39 12.32 5.49
CA LYS A 125 15.74 12.94 5.51
C LYS A 125 16.12 13.56 4.12
N ALA A 126 15.08 13.96 3.35
CA ALA A 126 15.21 14.61 2.04
C ALA A 126 14.06 15.63 1.85
N THR A 127 14.15 16.48 0.80
CA THR A 127 13.09 17.45 0.45
C THR A 127 11.79 16.70 0.02
N GLY A 128 10.72 16.88 0.81
CA GLY A 128 9.43 16.20 0.58
C GLY A 128 8.52 16.27 1.81
N LEU A 129 7.60 17.25 1.83
CA LEU A 129 6.63 17.45 2.94
C LEU A 129 5.36 16.57 2.73
N PRO A 130 5.07 15.57 3.65
CA PRO A 130 3.84 14.74 3.57
C PRO A 130 2.54 15.55 3.90
N GLY A 131 1.66 15.72 2.90
CA GLY A 131 0.41 16.49 3.06
C GLY A 131 -0.81 15.63 3.43
N GLY A 132 -1.65 16.14 4.35
CA GLY A 132 -2.89 15.43 4.77
C GLY A 132 -3.19 15.57 6.26
N ALA A 133 -4.39 15.11 6.66
CA ALA A 133 -4.83 15.06 8.08
C ALA A 133 -5.27 13.61 8.43
N TYR A 134 -6.32 13.15 7.73
CA TYR A 134 -6.80 11.74 7.82
C TYR A 134 -7.82 11.46 6.69
N ARG A 135 -7.94 10.19 6.27
CA ARG A 135 -8.99 9.75 5.33
C ARG A 135 -9.98 8.81 6.06
N ARG A 136 -11.30 9.07 5.89
CA ARG A 136 -12.37 8.29 6.52
C ARG A 136 -12.29 6.78 6.11
N ILE A 137 -12.18 5.88 7.10
CA ILE A 137 -12.08 4.43 6.87
C ILE A 137 -13.44 3.84 6.43
N GLY A 138 -13.43 3.11 5.30
CA GLY A 138 -14.62 2.41 4.80
C GLY A 138 -14.72 1.00 5.37
N SER A 139 -13.94 0.08 4.79
CA SER A 139 -13.83 -1.32 5.24
C SER A 139 -12.71 -1.48 6.29
N SER A 140 -12.95 -2.32 7.31
CA SER A 140 -11.98 -2.59 8.40
C SER A 140 -11.37 -4.01 8.30
N ASP A 141 -10.13 -4.16 8.83
CA ASP A 141 -9.44 -5.47 8.96
C ASP A 141 -8.40 -5.43 10.11
N GLN A 142 -8.35 -6.51 10.90
CA GLN A 142 -7.34 -6.70 11.98
C GLN A 142 -6.94 -8.21 12.07
N ARG A 143 -7.19 -8.96 10.98
CA ARG A 143 -6.91 -10.42 10.92
C ARG A 143 -5.39 -10.64 10.75
N CYS A 144 -4.65 -10.55 11.88
CA CYS A 144 -3.18 -10.57 11.89
C CYS A 144 -2.64 -11.96 12.32
N VAL A 145 -1.89 -12.61 11.42
CA VAL A 145 -1.19 -13.88 11.70
C VAL A 145 0.34 -13.65 11.64
N LEU A 146 1.09 -14.31 12.56
CA LEU A 146 2.57 -14.23 12.61
C LEU A 146 3.22 -15.59 12.28
N GLU A 147 4.44 -15.54 11.71
CA GLU A 147 5.23 -16.73 11.36
C GLU A 147 6.71 -16.34 11.22
N HIS A 148 7.59 -17.09 11.91
CA HIS A 148 9.05 -16.82 11.93
C HIS A 148 9.79 -17.54 10.76
N HIS A 149 9.22 -17.43 9.54
CA HIS A 149 9.76 -18.05 8.30
C HIS A 149 11.20 -17.56 7.99
N HIS A 150 12.18 -18.31 8.52
CA HIS A 150 13.61 -17.97 8.46
C HIS A 150 14.36 -18.88 7.45
N HIS A 151 14.98 -18.26 6.43
CA HIS A 151 15.91 -18.96 5.51
C HIS A 151 17.36 -18.78 5.99
N HIS A 152 18.21 -19.80 5.81
CA HIS A 152 19.64 -19.77 6.24
C HIS A 152 20.55 -20.49 5.21
N HIS A 153 21.80 -20.00 5.10
CA HIS A 153 22.85 -20.56 4.21
C HIS A 153 24.24 -20.44 4.88
N MET A 1 -3.05 -9.78 8.94
CA MET A 1 -2.72 -9.45 7.53
C MET A 1 -3.74 -10.09 6.58
N ARG A 2 -4.34 -9.28 5.67
CA ARG A 2 -5.33 -9.78 4.68
C ARG A 2 -4.66 -10.01 3.30
N SER A 3 -5.22 -10.96 2.54
CA SER A 3 -4.61 -11.49 1.30
C SER A 3 -4.72 -10.53 0.10
N ALA A 4 -3.85 -10.75 -0.91
CA ALA A 4 -3.83 -10.00 -2.19
C ALA A 4 -5.17 -10.12 -2.95
N THR A 5 -5.83 -11.28 -2.79
CA THR A 5 -7.15 -11.56 -3.37
C THR A 5 -8.24 -10.68 -2.74
N ASP A 6 -8.23 -10.65 -1.40
CA ASP A 6 -9.23 -9.92 -0.60
C ASP A 6 -9.06 -8.37 -0.75
N LEU A 7 -7.79 -7.94 -0.91
CA LEU A 7 -7.42 -6.55 -1.20
C LEU A 7 -7.87 -6.11 -2.61
N LEU A 8 -7.80 -7.04 -3.58
CA LEU A 8 -8.21 -6.77 -4.97
C LEU A 8 -9.73 -6.44 -5.03
N ASP A 9 -10.54 -7.25 -4.32
CA ASP A 9 -12.00 -7.00 -4.14
C ASP A 9 -12.28 -5.67 -3.41
N GLU A 10 -11.42 -5.32 -2.42
CA GLU A 10 -11.54 -4.06 -1.65
C GLU A 10 -11.30 -2.82 -2.55
N LEU A 11 -10.29 -2.92 -3.43
CA LEU A 11 -9.97 -1.90 -4.46
C LEU A 11 -11.16 -1.63 -5.40
N ASN A 12 -11.79 -2.72 -5.91
CA ASN A 12 -12.99 -2.61 -6.77
C ASN A 12 -14.24 -2.13 -5.98
N ALA A 13 -14.24 -2.33 -4.65
CA ALA A 13 -15.32 -1.84 -3.75
C ALA A 13 -15.21 -0.31 -3.50
N VAL A 14 -13.98 0.20 -3.34
CA VAL A 14 -13.72 1.63 -3.03
C VAL A 14 -13.53 2.48 -4.31
N ASP A 15 -14.04 3.72 -4.25
CA ASP A 15 -13.86 4.74 -5.32
C ASP A 15 -12.56 5.56 -5.07
N GLU A 16 -12.00 5.42 -3.86
CA GLU A 16 -10.81 6.17 -3.41
C GLU A 16 -9.91 5.26 -2.57
N SER A 17 -8.58 5.33 -2.80
CA SER A 17 -7.59 4.57 -2.01
C SER A 17 -7.40 5.20 -0.60
N ALA A 18 -8.38 4.93 0.27
CA ALA A 18 -8.40 5.44 1.65
C ALA A 18 -7.34 4.74 2.53
N ARG A 19 -7.46 3.40 2.65
CA ARG A 19 -6.47 2.55 3.35
C ARG A 19 -5.72 1.62 2.37
N ILE A 20 -6.35 1.35 1.21
CA ILE A 20 -5.85 0.31 0.27
C ILE A 20 -5.41 0.98 -1.06
N GLU A 21 -4.10 1.06 -1.30
CA GLU A 21 -3.53 1.83 -2.43
C GLU A 21 -2.81 0.88 -3.41
N ALA A 22 -3.34 0.75 -4.65
CA ALA A 22 -2.82 -0.16 -5.69
C ALA A 22 -1.67 0.50 -6.47
N LYS A 23 -0.45 -0.07 -6.39
CA LYS A 23 0.74 0.48 -7.07
C LYS A 23 1.30 -0.51 -8.11
N ARG A 24 1.98 0.05 -9.13
CA ARG A 24 2.71 -0.71 -10.17
C ARG A 24 4.20 -0.89 -9.81
N ALA A 25 4.91 -1.73 -10.59
CA ALA A 25 6.39 -1.84 -10.53
C ALA A 25 7.07 -0.51 -10.93
N SER A 26 6.47 0.18 -11.93
CA SER A 26 6.90 1.55 -12.35
C SER A 26 6.84 2.58 -11.19
N ASP A 27 5.89 2.36 -10.24
CA ASP A 27 5.66 3.28 -9.10
C ASP A 27 6.60 3.01 -7.91
N MET A 28 7.49 1.99 -8.03
CA MET A 28 8.52 1.69 -7.03
C MET A 28 9.60 2.80 -6.96
N GLY A 29 9.90 3.25 -5.73
CA GLY A 29 10.84 4.34 -5.48
C GLY A 29 10.30 5.32 -4.43
N LYS A 30 10.38 6.64 -4.74
CA LYS A 30 9.90 7.71 -3.82
C LYS A 30 8.38 7.66 -3.66
N SER A 31 7.66 7.39 -4.77
CA SER A 31 6.18 7.38 -4.85
C SER A 31 5.50 6.49 -3.78
N VAL A 32 6.15 5.37 -3.42
CA VAL A 32 5.65 4.42 -2.41
C VAL A 32 5.71 5.03 -0.97
N MET A 33 6.75 5.83 -0.73
CA MET A 33 7.17 6.24 0.63
C MET A 33 6.24 7.30 1.27
N GLU A 34 5.78 8.30 0.47
CA GLU A 34 4.76 9.28 0.93
C GLU A 34 3.38 8.59 1.20
N THR A 35 3.11 7.46 0.52
CA THR A 35 1.92 6.64 0.79
C THR A 35 2.05 5.88 2.15
N VAL A 36 3.26 5.33 2.43
CA VAL A 36 3.54 4.57 3.69
C VAL A 36 3.43 5.48 4.96
N ILE A 37 4.00 6.71 4.89
CA ILE A 37 3.98 7.67 6.04
C ILE A 37 2.53 8.09 6.40
N ALA A 38 1.62 8.10 5.39
CA ALA A 38 0.20 8.48 5.59
C ALA A 38 -0.48 7.61 6.68
N PHE A 39 -0.20 6.29 6.64
CA PHE A 39 -0.75 5.31 7.59
C PHE A 39 0.06 5.28 8.90
N ALA A 40 1.40 5.44 8.79
CA ALA A 40 2.35 5.33 9.92
C ALA A 40 2.26 6.52 10.94
N ASN A 41 1.76 7.69 10.48
CA ASN A 41 1.71 8.92 11.33
C ASN A 41 0.30 9.30 11.79
N GLU A 42 -0.75 8.62 11.28
CA GLU A 42 -2.15 8.82 11.76
C GLU A 42 -2.50 7.77 12.85
N PRO A 43 -2.60 8.21 14.17
CA PRO A 43 -2.88 7.28 15.30
C PRO A 43 -4.30 6.67 15.23
N GLY A 44 -4.36 5.33 15.24
CA GLY A 44 -5.65 4.60 15.22
C GLY A 44 -6.11 4.18 13.82
N LEU A 45 -5.26 4.40 12.79
CA LEU A 45 -5.57 4.02 11.39
C LEU A 45 -5.08 2.56 11.08
N ASP A 46 -4.74 1.81 12.15
CA ASP A 46 -4.32 0.37 12.12
C ASP A 46 -4.99 -0.46 10.99
N GLY A 47 -4.18 -0.90 10.01
CA GLY A 47 -4.66 -1.69 8.88
C GLY A 47 -4.79 -0.86 7.60
N GLY A 48 -3.63 -0.45 7.04
CA GLY A 48 -3.56 0.20 5.72
C GLY A 48 -2.60 -0.56 4.82
N TYR A 49 -3.06 -1.01 3.64
CA TYR A 49 -2.32 -1.95 2.77
C TYR A 49 -2.03 -1.34 1.38
N LEU A 50 -0.77 -1.38 0.96
CA LEU A 50 -0.36 -1.05 -0.42
C LEU A 50 -0.30 -2.38 -1.22
N LEU A 51 -1.12 -2.53 -2.29
CA LEU A 51 -1.12 -3.77 -3.10
C LEU A 51 -0.36 -3.53 -4.43
N LEU A 52 0.81 -4.15 -4.55
CA LEU A 52 1.74 -3.95 -5.67
C LEU A 52 1.60 -5.07 -6.72
N GLY A 53 1.50 -4.68 -8.00
CA GLY A 53 1.28 -5.63 -9.11
C GLY A 53 -0.16 -5.66 -9.58
N VAL A 54 -0.83 -4.49 -9.51
CA VAL A 54 -2.22 -4.33 -9.98
C VAL A 54 -2.26 -3.39 -11.22
N ASP A 55 -3.07 -3.77 -12.20
CA ASP A 55 -3.41 -2.92 -13.37
C ASP A 55 -4.87 -2.45 -13.19
N TRP A 56 -5.17 -1.25 -13.67
CA TRP A 56 -6.54 -0.72 -13.63
C TRP A 56 -6.96 -0.19 -15.03
N ALA A 57 -8.10 -0.69 -15.53
CA ALA A 57 -8.64 -0.34 -16.86
C ALA A 57 -9.99 0.38 -16.72
N ILE A 58 -10.07 1.59 -17.27
CA ILE A 58 -11.26 2.46 -17.16
C ILE A 58 -12.26 2.21 -18.32
N ASN A 59 -13.55 2.05 -17.97
CA ASN A 59 -14.62 1.71 -18.92
C ASN A 59 -15.25 2.97 -19.58
N ASP A 60 -16.27 2.75 -20.45
CA ASP A 60 -17.01 3.82 -21.14
C ASP A 60 -17.79 4.73 -20.15
N LYS A 61 -18.20 4.14 -18.99
CA LYS A 61 -18.87 4.88 -17.90
C LYS A 61 -17.86 5.61 -16.96
N GLY A 62 -16.55 5.53 -17.29
CA GLY A 62 -15.49 6.03 -16.40
C GLY A 62 -15.25 5.13 -15.19
N ASP A 63 -15.45 3.81 -15.37
CA ASP A 63 -15.44 2.81 -14.29
C ASP A 63 -14.06 2.09 -14.24
N THR A 64 -13.30 2.35 -13.16
CA THR A 64 -11.93 1.80 -12.98
C THR A 64 -11.98 0.37 -12.40
N VAL A 65 -11.51 -0.62 -13.20
CA VAL A 65 -11.56 -2.07 -12.84
C VAL A 65 -10.13 -2.58 -12.52
N TYR A 66 -9.95 -3.13 -11.31
CA TYR A 66 -8.63 -3.56 -10.80
C TYR A 66 -8.41 -5.08 -11.06
N ARG A 67 -7.26 -5.42 -11.66
CA ARG A 67 -6.94 -6.79 -12.13
C ARG A 67 -5.47 -7.18 -11.78
N PRO A 68 -5.20 -8.46 -11.38
CA PRO A 68 -3.89 -8.88 -10.83
C PRO A 68 -2.85 -9.31 -11.92
N VAL A 69 -2.21 -8.32 -12.55
CA VAL A 69 -1.12 -8.56 -13.55
C VAL A 69 0.18 -9.08 -12.90
N GLY A 70 0.35 -8.78 -11.59
CA GLY A 70 1.50 -9.25 -10.82
C GLY A 70 2.80 -8.48 -11.12
N LEU A 71 3.90 -8.97 -10.53
CA LEU A 71 5.25 -8.40 -10.71
C LEU A 71 6.16 -9.44 -11.41
N PRO A 72 6.81 -9.10 -12.58
CA PRO A 72 7.76 -10.02 -13.27
C PRO A 72 9.07 -10.25 -12.46
N ASP A 73 9.44 -9.27 -11.62
CA ASP A 73 10.56 -9.40 -10.66
C ASP A 73 10.06 -9.03 -9.23
N PRO A 74 9.26 -9.92 -8.56
CA PRO A 74 8.57 -9.59 -7.27
C PRO A 74 9.47 -9.70 -6.01
N ASP A 75 10.48 -10.58 -6.07
CA ASP A 75 11.39 -10.86 -4.93
C ASP A 75 12.25 -9.62 -4.60
N LYS A 76 12.77 -8.96 -5.67
CA LYS A 76 13.59 -7.73 -5.52
C LYS A 76 12.74 -6.55 -4.98
N VAL A 77 11.46 -6.49 -5.38
CA VAL A 77 10.53 -5.43 -4.94
C VAL A 77 10.33 -5.47 -3.39
N GLN A 78 10.07 -6.67 -2.86
CA GLN A 78 9.86 -6.89 -1.41
C GLN A 78 11.11 -6.53 -0.55
N ARG A 79 12.30 -7.07 -0.94
CA ARG A 79 13.55 -6.89 -0.14
C ARG A 79 14.15 -5.46 -0.28
N ASP A 80 14.00 -4.85 -1.46
CA ASP A 80 14.43 -3.45 -1.72
C ASP A 80 13.49 -2.45 -1.01
N LEU A 81 12.18 -2.82 -0.88
CA LEU A 81 11.19 -1.98 -0.18
C LEU A 81 11.48 -1.90 1.33
N ALA A 82 11.86 -3.04 1.94
CA ALA A 82 12.28 -3.10 3.35
C ALA A 82 13.57 -2.27 3.60
N SER A 83 14.55 -2.42 2.69
CA SER A 83 15.83 -1.67 2.71
C SER A 83 15.60 -0.14 2.63
N GLN A 84 14.83 0.32 1.61
CA GLN A 84 14.56 1.76 1.41
C GLN A 84 13.67 2.35 2.54
N CYS A 85 12.72 1.56 3.07
CA CYS A 85 11.81 2.03 4.16
C CYS A 85 12.56 2.27 5.49
N ALA A 86 13.69 1.56 5.66
CA ALA A 86 14.57 1.71 6.82
C ALA A 86 15.49 2.97 6.74
N SER A 87 15.82 3.42 5.51
CA SER A 87 16.78 4.55 5.29
C SER A 87 16.09 5.87 4.85
N MET A 88 14.94 5.78 4.16
CA MET A 88 14.17 6.95 3.64
C MET A 88 13.58 7.78 4.80
N LEU A 89 12.86 7.07 5.67
CA LEU A 89 12.03 7.69 6.72
C LEU A 89 12.84 7.89 8.01
N ASN A 90 12.32 8.78 8.90
CA ASN A 90 12.95 9.20 10.19
C ASN A 90 13.84 8.11 10.87
N VAL A 91 13.25 6.94 11.16
CA VAL A 91 13.99 5.77 11.74
C VAL A 91 13.80 4.52 10.83
N ALA A 92 14.48 3.42 11.21
CA ALA A 92 14.32 2.14 10.50
C ALA A 92 12.89 1.56 10.70
N LEU A 93 12.04 1.77 9.68
CA LEU A 93 10.64 1.28 9.66
C LEU A 93 10.63 -0.09 8.96
N ARG A 94 10.16 -1.12 9.68
CA ARG A 94 9.94 -2.46 9.11
C ARG A 94 8.43 -2.66 8.82
N PRO A 95 7.98 -2.49 7.54
CA PRO A 95 6.61 -2.90 7.15
C PRO A 95 6.53 -4.45 6.97
N GLU A 96 5.31 -4.96 6.86
CA GLU A 96 5.06 -6.41 6.72
C GLU A 96 4.68 -6.72 5.26
N MET A 97 5.67 -7.17 4.45
CA MET A 97 5.48 -7.48 3.01
C MET A 97 5.46 -9.01 2.77
N GLN A 98 4.50 -9.48 1.96
CA GLN A 98 4.36 -10.91 1.60
C GLN A 98 4.00 -11.08 0.11
N LEU A 99 4.71 -12.01 -0.56
CA LEU A 99 4.44 -12.39 -1.95
C LEU A 99 3.34 -13.47 -2.02
N GLU A 100 2.37 -13.26 -2.93
CA GLU A 100 1.21 -14.16 -3.15
C GLU A 100 0.94 -14.33 -4.65
N GLN A 101 0.49 -15.53 -5.05
CA GLN A 101 0.10 -15.82 -6.45
C GLN A 101 -1.44 -15.72 -6.59
N VAL A 102 -1.89 -14.81 -7.46
CA VAL A 102 -3.31 -14.61 -7.80
C VAL A 102 -3.47 -14.84 -9.32
N GLY A 103 -4.17 -15.92 -9.70
CA GLY A 103 -4.20 -16.41 -11.09
C GLY A 103 -2.82 -16.78 -11.69
N GLY A 104 -1.87 -17.15 -10.80
CA GLY A 104 -0.47 -17.46 -11.19
C GLY A 104 0.44 -16.22 -11.34
N LYS A 105 -0.11 -15.02 -11.11
CA LYS A 105 0.66 -13.74 -11.15
C LYS A 105 1.00 -13.27 -9.71
N THR A 106 2.27 -12.90 -9.45
CA THR A 106 2.75 -12.66 -8.06
C THR A 106 2.63 -11.17 -7.62
N LEU A 107 1.64 -10.91 -6.74
CA LEU A 107 1.39 -9.59 -6.11
C LEU A 107 2.11 -9.48 -4.74
N LEU A 108 2.40 -8.23 -4.31
CA LEU A 108 3.00 -7.95 -2.99
C LEU A 108 2.01 -7.20 -2.08
N VAL A 109 1.63 -7.85 -0.96
CA VAL A 109 0.82 -7.22 0.09
C VAL A 109 1.73 -6.46 1.09
N VAL A 110 1.63 -5.13 1.13
CA VAL A 110 2.42 -4.29 2.07
C VAL A 110 1.51 -3.78 3.21
N TYR A 111 1.61 -4.42 4.37
CA TYR A 111 0.94 -3.99 5.60
C TYR A 111 1.78 -2.93 6.33
N VAL A 112 1.17 -1.78 6.67
CA VAL A 112 1.78 -0.77 7.54
C VAL A 112 1.26 -0.96 9.00
N PRO A 113 2.08 -1.56 9.92
CA PRO A 113 1.73 -1.66 11.37
C PRO A 113 2.02 -0.33 12.11
N GLU A 114 1.20 -0.02 13.15
CA GLU A 114 1.36 1.22 13.93
C GLU A 114 2.55 1.13 14.91
N ALA A 115 3.36 2.19 14.95
CA ALA A 115 4.59 2.26 15.78
C ALA A 115 4.34 2.90 17.17
N ASP A 116 5.37 2.87 18.05
CA ASP A 116 5.32 3.47 19.42
C ASP A 116 5.56 4.99 19.35
N VAL A 117 4.81 5.78 20.14
CA VAL A 117 4.75 7.28 20.08
C VAL A 117 6.11 8.01 19.82
N THR A 118 7.22 7.51 20.41
CA THR A 118 8.58 8.12 20.24
C THR A 118 9.07 8.01 18.77
N HIS A 119 8.97 6.79 18.21
CA HIS A 119 9.20 6.52 16.75
C HIS A 119 7.94 5.75 16.30
N LYS A 120 6.69 6.33 16.22
CA LYS A 120 6.17 7.51 15.44
C LYS A 120 6.99 8.86 15.35
N PRO A 121 6.32 10.06 15.17
CA PRO A 121 6.65 11.02 14.08
C PRO A 121 7.67 10.52 13.02
N ILE A 122 7.27 9.47 12.26
CA ILE A 122 8.09 8.89 11.18
C ILE A 122 7.95 9.77 9.91
N TYR A 123 8.66 10.89 9.90
CA TYR A 123 8.57 11.86 8.79
C TYR A 123 9.47 11.41 7.62
N LYS A 124 8.96 11.63 6.40
CA LYS A 124 9.74 11.44 5.16
C LYS A 124 10.94 12.43 5.14
N LYS A 125 12.18 11.91 5.12
CA LYS A 125 13.39 12.78 5.02
C LYS A 125 13.61 13.22 3.55
N ALA A 126 12.63 14.04 3.09
CA ALA A 126 12.43 14.50 1.70
C ALA A 126 11.03 15.17 1.60
N THR A 127 10.48 15.34 0.37
CA THR A 127 9.07 15.77 0.19
C THR A 127 8.09 14.62 0.59
N GLY A 128 7.14 14.95 1.48
CA GLY A 128 6.16 13.97 2.00
C GLY A 128 4.84 14.63 2.39
N LEU A 129 3.77 14.31 1.65
CA LEU A 129 2.43 14.91 1.84
C LEU A 129 1.67 14.28 3.05
N PRO A 130 0.67 15.02 3.66
CA PRO A 130 -0.27 14.43 4.66
C PRO A 130 -1.26 13.41 4.03
N GLY A 131 -1.72 12.44 4.83
CA GLY A 131 -2.71 11.44 4.38
C GLY A 131 -4.16 11.95 4.46
N GLY A 132 -5.06 11.39 3.64
CA GLY A 132 -6.48 11.79 3.58
C GLY A 132 -7.42 10.75 4.17
N ALA A 133 -7.92 11.01 5.40
CA ALA A 133 -8.84 10.11 6.11
C ALA A 133 -10.29 10.20 5.53
N TYR A 134 -10.52 9.52 4.39
CA TYR A 134 -11.83 9.47 3.71
C TYR A 134 -12.59 8.16 4.06
N ARG A 135 -13.75 8.31 4.71
CA ARG A 135 -14.60 7.17 5.13
C ARG A 135 -15.46 6.64 3.95
N ARG A 136 -15.20 5.38 3.54
CA ARG A 136 -15.99 4.67 2.52
C ARG A 136 -17.07 3.75 3.16
N ILE A 137 -18.09 3.37 2.38
CA ILE A 137 -19.19 2.49 2.87
C ILE A 137 -18.75 0.99 2.81
N GLY A 138 -18.70 0.35 3.99
CA GLY A 138 -18.47 -1.10 4.10
C GLY A 138 -19.76 -1.93 3.97
N SER A 139 -19.66 -3.25 4.20
CA SER A 139 -20.82 -4.18 4.08
C SER A 139 -20.63 -5.46 4.91
N SER A 140 -21.71 -6.26 5.01
CA SER A 140 -21.69 -7.60 5.63
C SER A 140 -22.46 -8.59 4.73
N ASP A 141 -21.72 -9.29 3.87
CA ASP A 141 -22.27 -10.23 2.87
C ASP A 141 -22.85 -11.51 3.54
N GLN A 142 -24.15 -11.80 3.29
CA GLN A 142 -24.85 -12.96 3.87
C GLN A 142 -25.61 -13.73 2.76
N ARG A 143 -25.49 -15.06 2.76
CA ARG A 143 -26.24 -15.94 1.82
C ARG A 143 -26.56 -17.29 2.50
N CYS A 144 -27.85 -17.67 2.49
CA CYS A 144 -28.35 -18.88 3.16
C CYS A 144 -28.16 -20.15 2.28
N VAL A 145 -27.93 -21.30 2.93
CA VAL A 145 -27.81 -22.62 2.26
C VAL A 145 -29.17 -23.36 2.28
N LEU A 146 -29.44 -24.14 1.23
CA LEU A 146 -30.72 -24.86 1.06
C LEU A 146 -30.48 -26.38 0.87
N GLU A 147 -30.77 -27.16 1.92
CA GLU A 147 -30.79 -28.63 1.89
C GLU A 147 -32.00 -29.18 2.68
N HIS A 148 -32.22 -30.51 2.59
CA HIS A 148 -33.45 -31.19 3.07
C HIS A 148 -33.73 -31.03 4.60
N HIS A 149 -32.68 -31.19 5.45
CA HIS A 149 -32.77 -31.13 6.96
C HIS A 149 -33.51 -32.36 7.61
N HIS A 150 -34.44 -33.01 6.87
CA HIS A 150 -35.38 -34.03 7.41
C HIS A 150 -34.66 -35.20 8.14
N HIS A 151 -35.15 -35.55 9.35
CA HIS A 151 -34.56 -36.60 10.23
C HIS A 151 -35.45 -37.87 10.27
N HIS A 152 -35.00 -38.89 11.02
CA HIS A 152 -35.78 -40.12 11.27
C HIS A 152 -36.88 -39.87 12.34
N HIS A 153 -38.14 -39.83 11.91
CA HIS A 153 -39.30 -39.64 12.83
C HIS A 153 -39.76 -40.98 13.45
N MET A 1 -3.98 -10.58 8.23
CA MET A 1 -3.47 -9.98 6.96
C MET A 1 -4.28 -10.52 5.76
N ARG A 2 -4.63 -9.63 4.81
CA ARG A 2 -5.50 -9.96 3.65
C ARG A 2 -4.64 -10.49 2.46
N SER A 3 -5.20 -11.42 1.66
CA SER A 3 -4.53 -11.95 0.42
C SER A 3 -4.49 -10.88 -0.70
N ALA A 4 -3.68 -11.12 -1.76
CA ALA A 4 -3.54 -10.19 -2.91
C ALA A 4 -4.87 -10.00 -3.68
N THR A 5 -5.52 -11.11 -4.05
CA THR A 5 -6.85 -11.07 -4.75
C THR A 5 -7.98 -10.59 -3.82
N ASP A 6 -7.83 -10.86 -2.51
CA ASP A 6 -8.75 -10.35 -1.46
C ASP A 6 -8.71 -8.79 -1.39
N LEU A 7 -7.49 -8.23 -1.39
CA LEU A 7 -7.26 -6.76 -1.48
C LEU A 7 -7.70 -6.18 -2.84
N LEU A 8 -7.46 -6.95 -3.90
CA LEU A 8 -7.82 -6.57 -5.29
C LEU A 8 -9.35 -6.35 -5.40
N ASP A 9 -10.11 -7.33 -4.89
CA ASP A 9 -11.58 -7.29 -4.79
C ASP A 9 -12.05 -6.07 -3.96
N GLU A 10 -11.30 -5.79 -2.87
CA GLU A 10 -11.57 -4.66 -1.95
C GLU A 10 -11.39 -3.29 -2.65
N LEU A 11 -10.33 -3.17 -3.47
CA LEU A 11 -10.01 -1.96 -4.28
C LEU A 11 -11.13 -1.61 -5.29
N ASN A 12 -11.74 -2.65 -5.88
CA ASN A 12 -12.90 -2.50 -6.80
C ASN A 12 -14.22 -2.32 -6.01
N ALA A 13 -14.30 -2.90 -4.80
CA ALA A 13 -15.51 -2.83 -3.94
C ALA A 13 -15.75 -1.41 -3.38
N VAL A 14 -14.67 -0.78 -2.87
CA VAL A 14 -14.72 0.59 -2.33
C VAL A 14 -14.67 1.63 -3.48
N ASP A 15 -15.21 2.82 -3.20
CA ASP A 15 -15.26 3.96 -4.15
C ASP A 15 -14.00 4.87 -3.99
N GLU A 16 -13.36 4.77 -2.81
CA GLU A 16 -12.16 5.55 -2.43
C GLU A 16 -11.18 4.65 -1.65
N SER A 17 -9.89 4.73 -2.00
CA SER A 17 -8.80 4.02 -1.31
C SER A 17 -8.57 4.63 0.10
N ALA A 18 -9.33 4.13 1.11
CA ALA A 18 -9.35 4.69 2.49
C ALA A 18 -8.23 4.11 3.40
N ARG A 19 -8.31 2.78 3.68
CA ARG A 19 -7.26 2.05 4.44
C ARG A 19 -6.47 1.11 3.48
N ILE A 20 -7.00 0.90 2.26
CA ILE A 20 -6.38 0.06 1.21
C ILE A 20 -5.87 1.00 0.08
N GLU A 21 -4.86 0.57 -0.71
CA GLU A 21 -4.33 1.35 -1.87
C GLU A 21 -3.47 0.40 -2.75
N ALA A 22 -3.41 0.65 -4.08
CA ALA A 22 -2.64 -0.19 -5.03
C ALA A 22 -1.53 0.61 -5.74
N LYS A 23 -0.39 -0.08 -6.00
CA LYS A 23 0.75 0.47 -6.76
C LYS A 23 1.19 -0.52 -7.88
N ARG A 24 1.73 0.02 -8.97
CA ARG A 24 2.37 -0.76 -10.06
C ARG A 24 3.86 -1.04 -9.70
N ALA A 25 4.48 -1.99 -10.43
CA ALA A 25 5.95 -2.24 -10.32
C ALA A 25 6.77 -0.98 -10.67
N SER A 26 6.23 -0.14 -11.58
CA SER A 26 6.83 1.16 -11.96
C SER A 26 6.70 2.23 -10.85
N ASP A 27 5.77 2.04 -9.89
CA ASP A 27 5.63 2.92 -8.71
C ASP A 27 6.60 2.55 -7.55
N MET A 28 7.35 1.42 -7.71
CA MET A 28 8.35 0.98 -6.71
C MET A 28 9.44 2.05 -6.49
N GLY A 29 9.38 2.68 -5.30
CA GLY A 29 10.19 3.84 -4.96
C GLY A 29 9.39 4.84 -4.13
N LYS A 30 9.64 6.15 -4.36
CA LYS A 30 8.99 7.27 -3.64
C LYS A 30 7.43 7.18 -3.64
N SER A 31 6.85 6.76 -4.79
CA SER A 31 5.37 6.68 -4.98
C SER A 31 4.69 5.72 -3.96
N VAL A 32 5.36 4.62 -3.60
CA VAL A 32 4.92 3.72 -2.50
C VAL A 32 5.16 4.41 -1.12
N MET A 33 6.40 4.90 -0.94
CA MET A 33 6.92 5.41 0.35
C MET A 33 6.10 6.56 0.98
N GLU A 34 5.64 7.51 0.14
CA GLU A 34 4.80 8.64 0.58
C GLU A 34 3.44 8.16 1.14
N THR A 35 2.91 7.06 0.55
CA THR A 35 1.64 6.42 0.98
C THR A 35 1.87 5.52 2.25
N VAL A 36 3.10 4.97 2.42
CA VAL A 36 3.51 4.22 3.65
C VAL A 36 3.42 5.15 4.90
N ILE A 37 3.83 6.42 4.72
CA ILE A 37 3.79 7.46 5.79
C ILE A 37 2.34 7.70 6.27
N ALA A 38 1.36 7.55 5.35
CA ALA A 38 -0.07 7.85 5.62
C ALA A 38 -0.64 6.98 6.78
N PHE A 39 -0.42 5.66 6.69
CA PHE A 39 -0.96 4.68 7.66
C PHE A 39 -0.09 4.60 8.94
N ALA A 40 1.21 4.91 8.80
CA ALA A 40 2.17 4.93 9.93
C ALA A 40 2.01 6.17 10.83
N ASN A 41 1.60 7.29 10.23
CA ASN A 41 1.42 8.58 10.95
C ASN A 41 -0.04 8.76 11.45
N GLU A 42 -0.99 7.97 10.89
CA GLU A 42 -2.45 8.11 11.16
C GLU A 42 -2.85 7.56 12.56
N PRO A 43 -3.18 8.46 13.57
CA PRO A 43 -3.42 8.06 14.97
C PRO A 43 -4.81 7.37 15.18
N GLY A 44 -4.82 6.04 15.36
CA GLY A 44 -6.04 5.27 15.68
C GLY A 44 -6.59 4.43 14.52
N LEU A 45 -6.01 4.56 13.31
CA LEU A 45 -6.46 3.79 12.12
C LEU A 45 -5.64 2.48 11.97
N ASP A 46 -4.29 2.65 11.96
CA ASP A 46 -3.28 1.61 11.63
C ASP A 46 -3.68 0.62 10.48
N GLY A 47 -2.86 -0.45 10.33
CA GLY A 47 -3.21 -1.63 9.52
C GLY A 47 -3.61 -1.36 8.07
N GLY A 48 -2.81 -0.53 7.38
CA GLY A 48 -3.10 -0.16 6.00
C GLY A 48 -2.49 -1.12 5.01
N TYR A 49 -3.08 -1.26 3.82
CA TYR A 49 -2.60 -2.23 2.81
C TYR A 49 -2.21 -1.53 1.49
N LEU A 50 -0.98 -1.81 1.04
CA LEU A 50 -0.44 -1.38 -0.26
C LEU A 50 -0.18 -2.62 -1.12
N LEU A 51 -0.92 -2.77 -2.21
CA LEU A 51 -0.86 -3.98 -3.04
C LEU A 51 -0.03 -3.68 -4.31
N LEU A 52 1.18 -4.29 -4.36
CA LEU A 52 2.16 -4.05 -5.43
C LEU A 52 2.00 -5.08 -6.56
N GLY A 53 1.96 -4.62 -7.81
CA GLY A 53 1.75 -5.48 -8.98
C GLY A 53 0.30 -5.46 -9.46
N VAL A 54 -0.33 -4.29 -9.38
CA VAL A 54 -1.70 -4.05 -9.89
C VAL A 54 -1.66 -3.02 -11.04
N ASP A 55 -2.51 -3.21 -12.05
CA ASP A 55 -2.75 -2.21 -13.10
C ASP A 55 -4.20 -1.73 -12.95
N TRP A 56 -4.49 -0.50 -13.40
CA TRP A 56 -5.86 0.06 -13.33
C TRP A 56 -6.18 0.96 -14.53
N ALA A 57 -7.33 0.68 -15.18
CA ALA A 57 -7.78 1.39 -16.39
C ALA A 57 -9.21 1.93 -16.21
N ILE A 58 -9.43 3.19 -16.64
CA ILE A 58 -10.75 3.86 -16.61
C ILE A 58 -11.58 3.47 -17.85
N ASN A 59 -12.77 2.92 -17.60
CA ASN A 59 -13.71 2.49 -18.67
C ASN A 59 -14.56 3.69 -19.22
N ASP A 60 -15.50 3.38 -20.13
CA ASP A 60 -16.38 4.39 -20.79
C ASP A 60 -17.35 5.11 -19.82
N LYS A 61 -17.51 4.58 -18.58
CA LYS A 61 -18.38 5.19 -17.54
C LYS A 61 -17.60 6.24 -16.69
N GLY A 62 -16.26 6.13 -16.67
CA GLY A 62 -15.40 6.94 -15.78
C GLY A 62 -15.04 6.20 -14.48
N ASP A 63 -15.09 4.86 -14.55
CA ASP A 63 -14.83 3.96 -13.40
C ASP A 63 -13.46 3.25 -13.55
N THR A 64 -12.66 3.24 -12.46
CA THR A 64 -11.30 2.63 -12.43
C THR A 64 -11.36 1.13 -12.02
N VAL A 65 -10.91 0.24 -12.92
CA VAL A 65 -10.90 -1.23 -12.71
C VAL A 65 -9.46 -1.72 -12.37
N TYR A 66 -9.30 -2.35 -11.19
CA TYR A 66 -8.00 -2.89 -10.71
C TYR A 66 -7.86 -4.38 -11.08
N ARG A 67 -6.70 -4.77 -11.67
CA ARG A 67 -6.47 -6.14 -12.19
C ARG A 67 -5.00 -6.60 -11.91
N PRO A 68 -4.71 -7.93 -11.65
CA PRO A 68 -3.32 -8.40 -11.36
C PRO A 68 -2.40 -8.54 -12.61
N VAL A 69 -1.42 -7.62 -12.73
CA VAL A 69 -0.25 -7.78 -13.67
C VAL A 69 0.94 -8.47 -12.96
N GLY A 70 0.98 -8.36 -11.62
CA GLY A 70 1.98 -9.04 -10.78
C GLY A 70 3.37 -8.41 -10.81
N LEU A 71 4.34 -9.14 -10.22
CA LEU A 71 5.74 -8.70 -10.10
C LEU A 71 6.69 -9.72 -10.79
N PRO A 72 7.55 -9.29 -11.77
CA PRO A 72 8.51 -10.19 -12.46
C PRO A 72 9.72 -10.58 -11.56
N ASP A 73 9.94 -9.81 -10.48
CA ASP A 73 11.00 -10.06 -9.47
C ASP A 73 10.42 -9.91 -8.03
N PRO A 74 9.38 -10.73 -7.65
CA PRO A 74 8.51 -10.45 -6.46
C PRO A 74 9.26 -10.42 -5.11
N ASP A 75 10.25 -11.30 -4.96
CA ASP A 75 11.11 -11.38 -3.75
C ASP A 75 12.05 -10.16 -3.67
N LYS A 76 12.58 -9.74 -4.84
CA LYS A 76 13.43 -8.53 -4.94
C LYS A 76 12.62 -7.24 -4.66
N VAL A 77 11.35 -7.20 -5.09
CA VAL A 77 10.42 -6.07 -4.82
C VAL A 77 10.20 -5.88 -3.30
N GLN A 78 9.96 -7.01 -2.61
CA GLN A 78 9.79 -7.05 -1.14
C GLN A 78 11.07 -6.57 -0.39
N ARG A 79 12.21 -7.13 -0.77
CA ARG A 79 13.52 -6.82 -0.14
C ARG A 79 13.97 -5.37 -0.42
N ASP A 80 13.74 -4.91 -1.65
CA ASP A 80 14.08 -3.54 -2.09
C ASP A 80 13.22 -2.51 -1.33
N LEU A 81 11.95 -2.87 -1.07
CA LEU A 81 11.01 -2.01 -0.31
C LEU A 81 11.45 -1.87 1.17
N ALA A 82 11.96 -2.97 1.76
CA ALA A 82 12.52 -2.95 3.13
C ALA A 82 13.81 -2.09 3.22
N SER A 83 14.66 -2.20 2.18
CA SER A 83 15.95 -1.46 2.08
C SER A 83 15.71 0.07 1.95
N GLN A 84 14.81 0.47 1.03
CA GLN A 84 14.40 1.89 0.87
C GLN A 84 13.62 2.40 2.09
N CYS A 85 12.87 1.53 2.77
CA CYS A 85 12.10 1.91 4.00
C CYS A 85 13.03 2.31 5.18
N ALA A 86 14.30 1.87 5.09
CA ALA A 86 15.38 2.31 5.99
C ALA A 86 16.05 3.64 5.51
N SER A 87 16.25 3.77 4.18
CA SER A 87 17.01 4.91 3.57
C SER A 87 16.15 6.18 3.30
N MET A 88 14.83 6.01 3.11
CA MET A 88 13.89 7.10 2.79
C MET A 88 13.48 7.86 4.06
N LEU A 89 12.91 7.11 5.01
CA LEU A 89 12.42 7.65 6.28
C LEU A 89 13.57 7.93 7.26
N ASN A 90 13.41 9.00 8.08
CA ASN A 90 14.38 9.40 9.13
C ASN A 90 14.79 8.22 10.06
N VAL A 91 13.83 7.35 10.37
CA VAL A 91 14.04 6.14 11.21
C VAL A 91 13.66 4.86 10.42
N ALA A 92 14.17 3.71 10.87
CA ALA A 92 13.93 2.40 10.22
C ALA A 92 12.50 1.86 10.53
N LEU A 93 11.60 1.94 9.53
CA LEU A 93 10.26 1.33 9.59
C LEU A 93 10.36 -0.07 8.95
N ARG A 94 9.72 -1.09 9.56
CA ARG A 94 9.59 -2.43 8.97
C ARG A 94 8.18 -2.59 8.30
N PRO A 95 8.08 -2.53 6.93
CA PRO A 95 6.82 -2.84 6.25
C PRO A 95 6.56 -4.37 6.25
N GLU A 96 5.44 -4.76 6.86
CA GLU A 96 5.03 -6.17 6.98
C GLU A 96 4.57 -6.70 5.62
N MET A 97 5.45 -7.42 4.91
CA MET A 97 5.25 -7.80 3.49
C MET A 97 5.17 -9.34 3.31
N GLN A 98 4.09 -9.80 2.65
CA GLN A 98 3.88 -11.24 2.30
C GLN A 98 3.44 -11.37 0.81
N LEU A 99 4.15 -12.24 0.07
CA LEU A 99 3.89 -12.50 -1.36
C LEU A 99 2.73 -13.51 -1.56
N GLU A 100 1.78 -13.17 -2.45
CA GLU A 100 0.60 -14.00 -2.77
C GLU A 100 0.46 -14.22 -4.31
N GLN A 101 0.32 -15.49 -4.71
CA GLN A 101 0.24 -15.90 -6.13
C GLN A 101 -1.23 -15.97 -6.61
N VAL A 102 -1.58 -15.12 -7.60
CA VAL A 102 -2.97 -14.91 -8.09
C VAL A 102 -3.02 -14.96 -9.64
N GLY A 103 -3.74 -15.94 -10.20
CA GLY A 103 -3.87 -16.16 -11.67
C GLY A 103 -2.54 -16.27 -12.45
N GLY A 104 -1.47 -16.73 -11.80
CA GLY A 104 -0.12 -16.80 -12.42
C GLY A 104 0.78 -15.59 -12.14
N LYS A 105 0.23 -14.58 -11.44
CA LYS A 105 0.92 -13.32 -11.11
C LYS A 105 1.19 -13.23 -9.59
N THR A 106 2.46 -13.16 -9.16
CA THR A 106 2.78 -13.00 -7.70
C THR A 106 2.83 -11.50 -7.32
N LEU A 107 1.76 -11.05 -6.65
CA LEU A 107 1.66 -9.68 -6.07
C LEU A 107 2.29 -9.64 -4.65
N LEU A 108 2.48 -8.42 -4.11
CA LEU A 108 2.99 -8.23 -2.73
C LEU A 108 1.96 -7.46 -1.87
N VAL A 109 1.49 -8.11 -0.80
CA VAL A 109 0.65 -7.48 0.23
C VAL A 109 1.55 -6.74 1.25
N VAL A 110 1.51 -5.40 1.25
CA VAL A 110 2.29 -4.58 2.21
C VAL A 110 1.36 -4.04 3.32
N TYR A 111 1.40 -4.71 4.46
CA TYR A 111 0.75 -4.26 5.70
C TYR A 111 1.64 -3.18 6.37
N VAL A 112 1.09 -1.97 6.52
CA VAL A 112 1.75 -0.84 7.19
C VAL A 112 1.01 -0.55 8.51
N PRO A 113 1.55 -0.97 9.70
CA PRO A 113 0.96 -0.62 11.02
C PRO A 113 1.22 0.86 11.38
N GLU A 114 0.50 1.37 12.39
CA GLU A 114 0.78 2.71 12.93
C GLU A 114 2.08 2.66 13.74
N ALA A 115 2.92 3.66 13.56
CA ALA A 115 4.17 3.81 14.29
C ALA A 115 3.92 4.21 15.79
N ASP A 116 4.89 3.91 16.66
CA ASP A 116 4.86 4.21 18.12
C ASP A 116 4.80 5.76 18.38
N VAL A 117 4.86 6.21 19.64
CA VAL A 117 5.18 7.63 19.95
C VAL A 117 6.64 8.05 19.50
N THR A 118 7.69 7.27 19.88
CA THR A 118 9.11 7.67 19.64
C THR A 118 9.46 7.65 18.13
N HIS A 119 9.12 6.53 17.48
CA HIS A 119 9.07 6.40 16.02
C HIS A 119 7.60 6.07 15.80
N LYS A 120 6.64 7.06 15.70
CA LYS A 120 6.53 8.29 14.89
C LYS A 120 7.71 9.33 14.81
N PRO A 121 7.40 10.66 14.82
CA PRO A 121 7.77 11.60 13.74
C PRO A 121 8.32 10.96 12.43
N ILE A 122 7.46 10.15 11.76
CA ILE A 122 7.78 9.47 10.48
C ILE A 122 7.69 10.47 9.30
N TYR A 123 8.84 10.72 8.64
CA TYR A 123 8.88 11.55 7.41
C TYR A 123 10.03 11.08 6.50
N LYS A 124 9.81 11.14 5.17
CA LYS A 124 10.89 10.89 4.20
C LYS A 124 11.80 12.13 4.08
N LYS A 125 13.11 11.90 4.22
CA LYS A 125 14.16 12.93 4.04
C LYS A 125 14.32 13.34 2.55
N ALA A 126 13.63 12.60 1.65
CA ALA A 126 13.49 12.96 0.22
C ALA A 126 12.51 14.15 0.02
N THR A 127 12.46 14.70 -1.21
CA THR A 127 11.65 15.91 -1.53
C THR A 127 10.12 15.63 -1.52
N GLY A 128 9.34 16.68 -1.21
CA GLY A 128 7.87 16.61 -1.22
C GLY A 128 7.25 16.42 0.18
N LEU A 129 5.94 16.68 0.27
CA LEU A 129 5.14 16.53 1.51
C LEU A 129 4.92 15.02 1.92
N PRO A 130 4.58 14.71 3.22
CA PRO A 130 4.16 13.34 3.65
C PRO A 130 2.70 12.99 3.25
N GLY A 131 2.19 11.85 3.76
CA GLY A 131 0.83 11.38 3.42
C GLY A 131 -0.13 11.35 4.63
N GLY A 132 -1.45 11.32 4.34
CA GLY A 132 -2.51 11.22 5.36
C GLY A 132 -3.70 10.37 4.86
N ALA A 133 -4.21 9.46 5.70
CA ALA A 133 -5.28 8.50 5.32
C ALA A 133 -6.68 9.01 5.76
N TYR A 134 -7.75 8.52 5.10
CA TYR A 134 -9.14 8.96 5.38
C TYR A 134 -9.81 8.05 6.45
N ARG A 135 -10.63 8.66 7.33
CA ARG A 135 -11.32 7.97 8.45
C ARG A 135 -12.81 7.75 8.10
N ARG A 136 -13.22 6.48 7.91
CA ARG A 136 -14.63 6.08 7.59
C ARG A 136 -15.33 5.38 8.78
N ILE A 137 -16.68 5.39 8.74
CA ILE A 137 -17.55 4.73 9.76
C ILE A 137 -18.12 3.40 9.19
N GLY A 138 -18.01 2.30 9.97
CA GLY A 138 -18.47 0.97 9.53
C GLY A 138 -19.73 0.48 10.25
N SER A 139 -20.47 -0.46 9.62
CA SER A 139 -21.71 -1.08 10.18
C SER A 139 -21.37 -2.38 10.96
N SER A 140 -21.61 -2.37 12.29
CA SER A 140 -21.33 -3.53 13.18
C SER A 140 -22.58 -4.41 13.43
N ASP A 141 -23.66 -4.18 12.64
CA ASP A 141 -24.93 -4.92 12.78
C ASP A 141 -24.80 -6.39 12.30
N GLN A 142 -24.93 -7.34 13.24
CA GLN A 142 -24.88 -8.80 12.97
C GLN A 142 -26.22 -9.45 13.41
N ARG A 143 -26.91 -10.12 12.46
CA ARG A 143 -28.21 -10.79 12.74
C ARG A 143 -28.05 -12.03 13.66
N CYS A 144 -29.17 -12.47 14.26
CA CYS A 144 -29.20 -13.60 15.21
C CYS A 144 -29.18 -14.97 14.49
N VAL A 145 -28.39 -15.91 15.05
CA VAL A 145 -28.30 -17.32 14.59
C VAL A 145 -28.48 -18.29 15.79
N LEU A 146 -28.78 -19.57 15.49
CA LEU A 146 -28.93 -20.66 16.50
C LEU A 146 -30.02 -20.34 17.57
N GLU A 147 -31.03 -19.54 17.15
CA GLU A 147 -32.08 -19.03 18.04
C GLU A 147 -33.20 -20.09 18.32
N HIS A 148 -32.99 -20.89 19.39
CA HIS A 148 -33.90 -21.96 19.88
C HIS A 148 -34.66 -22.73 18.75
N HIS A 149 -33.96 -23.67 18.10
CA HIS A 149 -34.53 -24.49 17.00
C HIS A 149 -35.27 -25.75 17.55
N HIS A 150 -35.51 -25.76 18.88
CA HIS A 150 -36.24 -26.81 19.59
C HIS A 150 -37.72 -26.93 19.11
N HIS A 151 -38.06 -28.09 18.54
CA HIS A 151 -39.43 -28.45 18.14
C HIS A 151 -39.84 -29.79 18.80
N HIS A 152 -41.03 -29.82 19.43
CA HIS A 152 -41.61 -31.04 20.03
C HIS A 152 -43.07 -31.22 19.55
N HIS A 153 -43.36 -32.35 18.89
CA HIS A 153 -44.74 -32.67 18.40
C HIS A 153 -45.62 -33.25 19.53
N MET A 1 -1.90 -10.57 8.85
CA MET A 1 -2.02 -9.98 7.48
C MET A 1 -3.19 -10.63 6.69
N ARG A 2 -3.85 -9.80 5.85
CA ARG A 2 -4.92 -10.25 4.91
C ARG A 2 -4.33 -10.53 3.49
N SER A 3 -5.04 -11.35 2.69
CA SER A 3 -4.55 -11.79 1.36
C SER A 3 -4.69 -10.71 0.26
N ALA A 4 -3.81 -10.77 -0.76
CA ALA A 4 -3.74 -9.78 -1.87
C ALA A 4 -5.09 -9.55 -2.58
N THR A 5 -5.72 -10.65 -3.03
CA THR A 5 -7.04 -10.60 -3.71
C THR A 5 -8.16 -10.04 -2.81
N ASP A 6 -8.16 -10.46 -1.53
CA ASP A 6 -9.10 -9.97 -0.48
C ASP A 6 -9.05 -8.43 -0.35
N LEU A 7 -7.83 -7.89 -0.33
CA LEU A 7 -7.55 -6.44 -0.24
C LEU A 7 -7.84 -5.69 -1.56
N LEU A 8 -7.63 -6.38 -2.69
CA LEU A 8 -7.88 -5.83 -4.03
C LEU A 8 -9.40 -5.62 -4.27
N ASP A 9 -10.21 -6.49 -3.62
CA ASP A 9 -11.68 -6.39 -3.61
C ASP A 9 -12.19 -5.06 -2.98
N GLU A 10 -11.43 -4.51 -2.00
CA GLU A 10 -11.78 -3.20 -1.41
C GLU A 10 -11.76 -2.10 -2.49
N LEU A 11 -10.64 -2.01 -3.23
CA LEU A 11 -10.42 -0.98 -4.29
C LEU A 11 -11.26 -1.24 -5.57
N ASN A 12 -11.59 -2.51 -5.83
CA ASN A 12 -12.56 -2.90 -6.89
C ASN A 12 -14.02 -2.54 -6.51
N ALA A 13 -14.23 -2.15 -5.24
CA ALA A 13 -15.51 -1.62 -4.73
C ALA A 13 -15.47 -0.08 -4.55
N VAL A 14 -14.31 0.48 -4.12
CA VAL A 14 -14.12 1.95 -3.93
C VAL A 14 -13.01 2.50 -4.88
N ASP A 15 -13.43 3.42 -5.77
CA ASP A 15 -12.55 4.11 -6.74
C ASP A 15 -11.39 4.87 -6.01
N GLU A 16 -11.75 5.56 -4.91
CA GLU A 16 -10.79 6.17 -3.96
C GLU A 16 -10.33 5.12 -2.91
N SER A 17 -9.09 5.25 -2.41
CA SER A 17 -8.50 4.26 -1.46
C SER A 17 -8.85 4.59 0.00
N ALA A 18 -9.35 3.59 0.76
CA ALA A 18 -9.70 3.76 2.19
C ALA A 18 -8.55 3.28 3.12
N ARG A 19 -8.24 1.96 3.09
CA ARG A 19 -7.12 1.35 3.86
C ARG A 19 -6.07 0.68 2.94
N ILE A 20 -6.41 0.46 1.65
CA ILE A 20 -5.53 -0.32 0.72
C ILE A 20 -5.00 0.60 -0.41
N GLU A 21 -3.74 0.38 -0.83
CA GLU A 21 -3.13 1.12 -1.95
C GLU A 21 -2.51 0.15 -2.97
N ALA A 22 -3.11 0.11 -4.17
CA ALA A 22 -2.63 -0.74 -5.27
C ALA A 22 -1.65 0.04 -6.15
N LYS A 23 -0.40 -0.44 -6.23
CA LYS A 23 0.68 0.19 -7.01
C LYS A 23 1.28 -0.81 -8.02
N ARG A 24 1.63 -0.30 -9.20
CA ARG A 24 2.40 -1.04 -10.23
C ARG A 24 3.92 -0.86 -10.03
N ALA A 25 4.72 -1.59 -10.83
CA ALA A 25 6.20 -1.46 -10.83
C ALA A 25 6.68 0.00 -11.11
N SER A 26 5.97 0.70 -12.01
CA SER A 26 6.22 2.12 -12.36
C SER A 26 6.07 3.10 -11.16
N ASP A 27 5.31 2.72 -10.12
CA ASP A 27 5.05 3.61 -8.95
C ASP A 27 6.10 3.47 -7.84
N MET A 28 6.95 2.41 -7.90
CA MET A 28 7.97 2.12 -6.85
C MET A 28 8.96 3.29 -6.65
N GLY A 29 8.84 3.97 -5.50
CA GLY A 29 9.68 5.13 -5.17
C GLY A 29 9.02 6.05 -4.13
N LYS A 30 8.84 7.33 -4.51
CA LYS A 30 8.35 8.39 -3.59
C LYS A 30 6.84 8.18 -3.25
N SER A 31 6.01 7.91 -4.27
CA SER A 31 4.54 7.76 -4.11
C SER A 31 4.15 6.55 -3.22
N VAL A 32 4.91 5.44 -3.35
CA VAL A 32 4.78 4.27 -2.46
C VAL A 32 5.22 4.60 -1.02
N MET A 33 6.33 5.33 -0.89
CA MET A 33 6.93 5.65 0.43
C MET A 33 6.06 6.62 1.27
N GLU A 34 5.58 7.69 0.64
CA GLU A 34 4.74 8.72 1.28
C GLU A 34 3.34 8.20 1.69
N THR A 35 2.80 7.19 0.99
CA THR A 35 1.52 6.57 1.41
C THR A 35 1.71 5.59 2.61
N VAL A 36 2.90 4.95 2.72
CA VAL A 36 3.31 4.17 3.94
C VAL A 36 3.39 5.12 5.16
N ILE A 37 3.99 6.31 4.92
CA ILE A 37 3.99 7.46 5.87
C ILE A 37 2.55 7.82 6.31
N ALA A 38 1.62 7.88 5.31
CA ALA A 38 0.21 8.25 5.57
C ALA A 38 -0.47 7.24 6.53
N PHE A 39 -0.27 5.93 6.28
CA PHE A 39 -0.85 4.85 7.14
C PHE A 39 -0.24 4.85 8.56
N ALA A 40 1.09 5.11 8.65
CA ALA A 40 1.84 5.14 9.92
C ALA A 40 1.45 6.33 10.84
N ASN A 41 1.04 7.45 10.23
CA ASN A 41 0.66 8.69 10.97
C ASN A 41 -0.88 8.93 10.99
N GLU A 42 -1.69 7.89 10.69
CA GLU A 42 -3.16 7.93 10.91
C GLU A 42 -3.56 7.01 12.11
N PRO A 43 -3.57 7.55 13.38
CA PRO A 43 -3.96 6.75 14.57
C PRO A 43 -5.46 6.37 14.55
N GLY A 44 -5.72 5.06 14.54
CA GLY A 44 -7.09 4.51 14.53
C GLY A 44 -7.46 3.85 13.20
N LEU A 45 -6.65 4.08 12.15
CA LEU A 45 -6.78 3.37 10.84
C LEU A 45 -5.58 2.39 10.65
N ASP A 46 -4.59 2.49 11.58
CA ASP A 46 -3.37 1.64 11.61
C ASP A 46 -3.63 0.14 11.31
N GLY A 47 -2.82 -0.43 10.41
CA GLY A 47 -3.09 -1.75 9.83
C GLY A 47 -3.54 -1.66 8.37
N GLY A 48 -2.93 -0.71 7.63
CA GLY A 48 -3.25 -0.49 6.20
C GLY A 48 -2.28 -1.23 5.28
N TYR A 49 -2.72 -1.59 4.07
CA TYR A 49 -1.95 -2.49 3.16
C TYR A 49 -1.62 -1.81 1.82
N LEU A 50 -0.46 -2.20 1.23
CA LEU A 50 -0.07 -1.83 -0.15
C LEU A 50 0.11 -3.11 -1.00
N LEU A 51 -0.50 -3.15 -2.19
CA LEU A 51 -0.35 -4.27 -3.14
C LEU A 51 0.59 -3.87 -4.29
N LEU A 52 1.79 -4.46 -4.34
CA LEU A 52 2.75 -4.23 -5.44
C LEU A 52 2.54 -5.31 -6.53
N GLY A 53 2.37 -4.85 -7.78
CA GLY A 53 2.14 -5.74 -8.93
C GLY A 53 0.70 -5.69 -9.43
N VAL A 54 0.06 -4.52 -9.25
CA VAL A 54 -1.31 -4.28 -9.73
C VAL A 54 -1.30 -3.25 -10.89
N ASP A 55 -2.04 -3.57 -11.95
CA ASP A 55 -2.34 -2.65 -13.06
C ASP A 55 -3.82 -2.22 -12.94
N TRP A 56 -4.30 -1.34 -13.81
CA TRP A 56 -5.70 -0.84 -13.74
C TRP A 56 -6.20 -0.30 -15.08
N ALA A 57 -7.50 -0.53 -15.35
CA ALA A 57 -8.18 -0.11 -16.58
C ALA A 57 -9.34 0.84 -16.24
N ILE A 58 -9.39 2.02 -16.89
CA ILE A 58 -10.47 2.99 -16.71
C ILE A 58 -11.70 2.64 -17.59
N ASN A 59 -12.85 2.48 -16.92
CA ASN A 59 -14.17 2.35 -17.58
C ASN A 59 -14.53 3.68 -18.31
N ASP A 60 -15.38 3.59 -19.34
CA ASP A 60 -15.82 4.79 -20.10
C ASP A 60 -16.90 5.59 -19.30
N LYS A 61 -17.26 5.11 -18.09
CA LYS A 61 -18.03 5.87 -17.09
C LYS A 61 -17.10 6.54 -16.03
N GLY A 62 -15.77 6.41 -16.22
CA GLY A 62 -14.76 7.13 -15.41
C GLY A 62 -14.12 6.32 -14.26
N ASP A 63 -14.76 5.20 -13.86
CA ASP A 63 -14.33 4.40 -12.69
C ASP A 63 -13.09 3.52 -12.97
N THR A 64 -12.27 3.30 -11.94
CA THR A 64 -11.01 2.53 -12.05
C THR A 64 -11.21 1.06 -11.62
N VAL A 65 -10.80 0.12 -12.47
CA VAL A 65 -10.87 -1.33 -12.18
C VAL A 65 -9.44 -1.86 -11.93
N TYR A 66 -9.19 -2.39 -10.73
CA TYR A 66 -7.84 -2.81 -10.30
C TYR A 66 -7.61 -4.31 -10.60
N ARG A 67 -6.70 -4.58 -11.54
CA ARG A 67 -6.37 -5.93 -12.02
C ARG A 67 -4.94 -6.33 -11.55
N PRO A 68 -4.66 -7.63 -11.23
CA PRO A 68 -3.30 -8.09 -10.93
C PRO A 68 -2.56 -8.73 -12.15
N VAL A 69 -1.54 -8.05 -12.71
CA VAL A 69 -0.53 -8.69 -13.59
C VAL A 69 0.61 -9.33 -12.76
N GLY A 70 0.64 -9.01 -11.46
CA GLY A 70 1.71 -9.48 -10.58
C GLY A 70 3.06 -8.78 -10.79
N LEU A 71 4.10 -9.36 -10.21
CA LEU A 71 5.48 -8.83 -10.27
C LEU A 71 6.30 -9.60 -11.33
N PRO A 72 7.04 -8.88 -12.26
CA PRO A 72 7.98 -9.54 -13.21
C PRO A 72 9.13 -10.27 -12.45
N ASP A 73 9.59 -9.65 -11.35
CA ASP A 73 10.61 -10.22 -10.46
C ASP A 73 10.10 -10.11 -8.99
N PRO A 74 9.30 -11.12 -8.48
CA PRO A 74 8.71 -11.11 -7.11
C PRO A 74 9.74 -10.94 -5.98
N ASP A 75 10.91 -11.56 -6.18
CA ASP A 75 12.03 -11.51 -5.23
C ASP A 75 12.60 -10.08 -5.09
N LYS A 76 12.94 -9.48 -6.24
CA LYS A 76 13.65 -8.17 -6.30
C LYS A 76 12.79 -7.03 -5.72
N VAL A 77 11.53 -6.94 -6.17
CA VAL A 77 10.58 -5.86 -5.78
C VAL A 77 10.38 -5.77 -4.24
N GLN A 78 10.29 -6.94 -3.59
CA GLN A 78 10.21 -7.05 -2.12
C GLN A 78 11.48 -6.50 -1.42
N ARG A 79 12.65 -6.89 -1.94
CA ARG A 79 13.97 -6.58 -1.34
C ARG A 79 14.36 -5.09 -1.51
N ASP A 80 14.16 -4.54 -2.73
CA ASP A 80 14.37 -3.10 -3.02
C ASP A 80 13.42 -2.20 -2.21
N LEU A 81 12.19 -2.68 -1.95
CA LEU A 81 11.23 -1.97 -1.09
C LEU A 81 11.73 -1.92 0.38
N ALA A 82 12.23 -3.07 0.88
CA ALA A 82 12.79 -3.18 2.26
C ALA A 82 14.07 -2.32 2.42
N SER A 83 14.89 -2.28 1.35
CA SER A 83 16.16 -1.53 1.31
C SER A 83 15.90 -0.01 1.41
N GLN A 84 15.02 0.51 0.53
CA GLN A 84 14.63 1.93 0.55
C GLN A 84 13.81 2.31 1.83
N CYS A 85 12.99 1.37 2.37
CA CYS A 85 12.16 1.62 3.59
C CYS A 85 13.01 2.06 4.82
N ALA A 86 14.26 1.58 4.85
CA ALA A 86 15.26 1.98 5.86
C ALA A 86 16.01 3.28 5.44
N SER A 87 16.40 3.36 4.14
CA SER A 87 17.21 4.47 3.57
C SER A 87 16.45 5.83 3.49
N MET A 88 15.12 5.78 3.35
CA MET A 88 14.26 6.98 3.17
C MET A 88 13.99 7.69 4.51
N LEU A 89 13.34 6.95 5.43
CA LEU A 89 12.63 7.53 6.60
C LEU A 89 13.59 7.85 7.77
N ASN A 90 13.13 8.74 8.69
CA ASN A 90 13.87 9.11 9.92
C ASN A 90 14.34 7.87 10.75
N VAL A 91 13.41 6.95 11.06
CA VAL A 91 13.73 5.69 11.76
C VAL A 91 13.64 4.47 10.81
N ALA A 92 14.09 3.31 11.31
CA ALA A 92 13.90 2.02 10.63
C ALA A 92 12.44 1.53 10.81
N LEU A 93 11.62 1.76 9.77
CA LEU A 93 10.24 1.24 9.72
C LEU A 93 10.30 -0.22 9.19
N ARG A 94 9.69 -1.15 9.94
CA ARG A 94 9.61 -2.58 9.56
C ARG A 94 8.16 -2.96 9.17
N PRO A 95 7.80 -2.91 7.84
CA PRO A 95 6.52 -3.46 7.34
C PRO A 95 6.58 -4.99 7.17
N GLU A 96 5.41 -5.62 7.09
CA GLU A 96 5.30 -7.07 6.83
C GLU A 96 5.08 -7.27 5.32
N MET A 97 5.90 -8.14 4.69
CA MET A 97 5.90 -8.32 3.22
C MET A 97 5.71 -9.82 2.87
N GLN A 98 4.56 -10.15 2.23
CA GLN A 98 4.21 -11.55 1.87
C GLN A 98 3.93 -11.66 0.34
N LEU A 99 4.52 -12.70 -0.29
CA LEU A 99 4.32 -13.00 -1.72
C LEU A 99 3.24 -14.09 -1.90
N GLU A 100 2.20 -13.80 -2.71
CA GLU A 100 1.04 -14.71 -2.93
C GLU A 100 0.68 -14.79 -4.42
N GLN A 101 0.22 -15.97 -4.86
CA GLN A 101 -0.22 -16.19 -6.25
C GLN A 101 -1.76 -16.15 -6.36
N VAL A 102 -2.26 -15.17 -7.13
CA VAL A 102 -3.69 -14.97 -7.43
C VAL A 102 -3.86 -14.90 -8.95
N GLY A 103 -4.67 -15.82 -9.51
CA GLY A 103 -4.78 -16.01 -10.97
C GLY A 103 -3.44 -16.34 -11.67
N GLY A 104 -2.51 -16.99 -10.92
CA GLY A 104 -1.17 -17.31 -11.42
C GLY A 104 -0.18 -16.13 -11.37
N LYS A 105 -0.63 -14.98 -10.85
CA LYS A 105 0.18 -13.75 -10.75
C LYS A 105 0.68 -13.55 -9.30
N THR A 106 1.96 -13.21 -9.09
CA THR A 106 2.52 -13.04 -7.72
C THR A 106 2.52 -11.55 -7.30
N LEU A 107 1.86 -11.24 -6.17
CA LEU A 107 1.74 -9.87 -5.64
C LEU A 107 2.51 -9.76 -4.31
N LEU A 108 2.83 -8.52 -3.89
CA LEU A 108 3.47 -8.26 -2.59
C LEU A 108 2.52 -7.47 -1.69
N VAL A 109 2.03 -8.12 -0.64
CA VAL A 109 1.20 -7.47 0.39
C VAL A 109 2.11 -6.77 1.42
N VAL A 110 1.94 -5.46 1.60
CA VAL A 110 2.75 -4.65 2.52
C VAL A 110 1.88 -4.13 3.68
N TYR A 111 1.97 -4.82 4.82
CA TYR A 111 1.23 -4.47 6.05
C TYR A 111 1.99 -3.38 6.85
N VAL A 112 1.33 -2.23 7.05
CA VAL A 112 1.84 -1.12 7.86
C VAL A 112 1.08 -1.07 9.22
N PRO A 113 1.69 -1.60 10.34
CA PRO A 113 1.09 -1.51 11.69
C PRO A 113 1.19 -0.10 12.31
N GLU A 114 0.60 0.09 13.50
CA GLU A 114 0.69 1.36 14.24
C GLU A 114 2.14 1.70 14.66
N ALA A 115 2.38 2.99 14.89
CA ALA A 115 3.70 3.54 15.24
C ALA A 115 3.60 4.34 16.56
N ASP A 116 4.64 4.23 17.43
CA ASP A 116 4.65 4.80 18.82
C ASP A 116 4.88 6.33 18.78
N VAL A 117 4.37 7.09 19.75
CA VAL A 117 4.39 8.60 19.77
C VAL A 117 5.73 9.27 19.23
N THR A 118 6.90 8.67 19.53
CA THR A 118 8.23 9.18 19.05
C THR A 118 8.53 8.83 17.57
N HIS A 119 8.16 7.59 17.16
CA HIS A 119 8.19 7.11 15.74
C HIS A 119 6.89 6.35 15.51
N LYS A 120 5.70 6.98 15.31
CA LYS A 120 5.29 8.14 14.43
C LYS A 120 6.08 9.53 14.44
N PRO A 121 5.43 10.69 14.13
CA PRO A 121 5.91 11.57 13.03
C PRO A 121 6.94 10.95 12.05
N ILE A 122 6.48 9.88 11.36
CA ILE A 122 7.25 9.19 10.30
C ILE A 122 7.26 10.06 9.03
N TYR A 123 8.31 10.86 8.85
CA TYR A 123 8.56 11.58 7.58
C TYR A 123 9.81 10.97 6.88
N LYS A 124 9.88 11.14 5.56
CA LYS A 124 11.09 10.82 4.78
C LYS A 124 12.14 11.93 5.01
N LYS A 125 13.42 11.55 5.22
CA LYS A 125 14.53 12.51 5.44
C LYS A 125 14.62 13.53 4.28
N ALA A 126 14.45 13.03 3.04
CA ALA A 126 14.18 13.87 1.86
C ALA A 126 12.71 14.34 1.85
N THR A 127 12.44 15.60 1.44
CA THR A 127 11.07 16.21 1.52
C THR A 127 9.98 15.41 0.74
N GLY A 128 8.74 15.40 1.29
CA GLY A 128 7.61 14.63 0.70
C GLY A 128 6.27 15.37 0.80
N LEU A 129 5.38 14.91 1.71
CA LEU A 129 4.03 15.51 1.89
C LEU A 129 4.09 16.80 2.75
N PRO A 130 3.45 17.93 2.28
CA PRO A 130 3.37 19.19 3.08
C PRO A 130 2.55 19.02 4.39
N GLY A 131 3.05 19.63 5.51
CA GLY A 131 2.37 19.59 6.81
C GLY A 131 1.11 20.47 6.86
N GLY A 132 -0.03 19.92 6.38
CA GLY A 132 -1.30 20.67 6.32
C GLY A 132 -2.06 20.72 7.65
N ALA A 133 -3.25 20.08 7.69
CA ALA A 133 -4.16 20.14 8.86
C ALA A 133 -4.91 18.79 9.07
N TYR A 134 -5.30 18.53 10.34
CA TYR A 134 -6.09 17.33 10.72
C TYR A 134 -7.60 17.58 10.51
N ARG A 135 -8.29 16.57 9.94
CA ARG A 135 -9.71 16.66 9.52
C ARG A 135 -10.65 16.32 10.69
N ARG A 136 -11.64 17.20 10.95
CA ARG A 136 -12.63 17.02 12.04
C ARG A 136 -13.91 16.32 11.51
N ILE A 137 -13.97 14.99 11.68
CA ILE A 137 -15.11 14.15 11.21
C ILE A 137 -15.18 12.80 11.99
N GLY A 138 -16.28 12.59 12.73
CA GLY A 138 -16.52 11.35 13.48
C GLY A 138 -16.81 10.15 12.56
N SER A 139 -15.83 9.25 12.42
CA SER A 139 -15.89 8.11 11.47
C SER A 139 -15.57 6.79 12.19
N SER A 140 -16.55 5.86 12.22
CA SER A 140 -16.37 4.51 12.81
C SER A 140 -15.73 3.55 11.79
N ASP A 141 -15.08 2.48 12.30
CA ASP A 141 -14.29 1.55 11.46
C ASP A 141 -14.34 0.10 11.99
N GLN A 142 -13.99 -0.86 11.12
CA GLN A 142 -13.98 -2.30 11.44
C GLN A 142 -12.55 -2.78 11.84
N ARG A 143 -11.85 -1.98 12.67
CA ARG A 143 -10.49 -2.29 13.17
C ARG A 143 -10.54 -3.37 14.28
N CYS A 144 -9.64 -4.36 14.20
CA CYS A 144 -9.57 -5.50 15.16
C CYS A 144 -8.19 -5.55 15.85
N VAL A 145 -8.14 -6.12 17.06
CA VAL A 145 -6.88 -6.28 17.83
C VAL A 145 -6.45 -7.77 17.90
N LEU A 146 -5.13 -7.99 17.85
CA LEU A 146 -4.51 -9.31 18.01
C LEU A 146 -3.20 -9.15 18.82
N GLU A 147 -3.13 -9.82 19.99
CA GLU A 147 -1.94 -9.80 20.86
C GLU A 147 -0.75 -10.54 20.20
N HIS A 148 0.38 -9.84 20.04
CA HIS A 148 1.68 -10.46 19.77
C HIS A 148 2.18 -11.07 21.11
N HIS A 149 1.91 -12.37 21.33
CA HIS A 149 2.10 -13.04 22.64
C HIS A 149 3.59 -13.12 23.04
N HIS A 150 4.00 -12.19 23.94
CA HIS A 150 5.35 -12.14 24.53
C HIS A 150 5.58 -13.36 25.47
N HIS A 151 6.65 -14.15 25.21
CA HIS A 151 7.03 -15.28 26.08
C HIS A 151 7.49 -14.77 27.49
N HIS A 152 6.86 -15.30 28.55
CA HIS A 152 7.02 -14.79 29.93
C HIS A 152 7.80 -15.80 30.81
N HIS A 153 8.75 -15.29 31.63
CA HIS A 153 9.56 -16.11 32.56
C HIS A 153 8.94 -16.14 33.97
N MET A 1 -2.92 -10.50 8.49
CA MET A 1 -2.43 -10.07 7.15
C MET A 1 -3.49 -10.39 6.07
N ARG A 2 -3.97 -9.35 5.34
CA ARG A 2 -5.00 -9.51 4.29
C ARG A 2 -4.37 -9.91 2.95
N SER A 3 -4.82 -11.04 2.37
CA SER A 3 -4.29 -11.60 1.09
C SER A 3 -4.45 -10.62 -0.10
N ALA A 4 -3.57 -10.76 -1.11
CA ALA A 4 -3.59 -9.91 -2.33
C ALA A 4 -4.95 -9.93 -3.06
N THR A 5 -5.54 -11.14 -3.15
CA THR A 5 -6.86 -11.37 -3.77
C THR A 5 -7.98 -10.66 -2.96
N ASP A 6 -7.86 -10.74 -1.62
CA ASP A 6 -8.81 -10.11 -0.66
C ASP A 6 -8.79 -8.55 -0.75
N LEU A 7 -7.59 -7.96 -0.97
CA LEU A 7 -7.42 -6.50 -1.17
C LEU A 7 -8.15 -6.01 -2.46
N LEU A 8 -8.04 -6.80 -3.54
CA LEU A 8 -8.70 -6.54 -4.84
C LEU A 8 -10.24 -6.46 -4.71
N ASP A 9 -10.81 -7.24 -3.75
CA ASP A 9 -12.26 -7.25 -3.50
C ASP A 9 -12.78 -5.87 -3.05
N GLU A 10 -12.00 -5.17 -2.20
CA GLU A 10 -12.35 -3.79 -1.78
C GLU A 10 -12.13 -2.80 -2.94
N LEU A 11 -10.92 -2.86 -3.56
CA LEU A 11 -10.47 -1.92 -4.64
C LEU A 11 -11.53 -1.75 -5.78
N ASN A 12 -11.94 -2.88 -6.39
CA ASN A 12 -12.96 -2.89 -7.48
C ASN A 12 -14.39 -2.52 -6.98
N ALA A 13 -14.65 -2.65 -5.67
CA ALA A 13 -16.00 -2.46 -5.09
C ALA A 13 -16.24 -1.01 -4.58
N VAL A 14 -15.17 -0.31 -4.15
CA VAL A 14 -15.31 1.02 -3.48
C VAL A 14 -14.76 2.19 -4.35
N ASP A 15 -15.59 3.22 -4.54
CA ASP A 15 -15.17 4.56 -5.04
C ASP A 15 -14.09 5.25 -4.15
N GLU A 16 -13.98 4.82 -2.87
CA GLU A 16 -13.04 5.40 -1.88
C GLU A 16 -12.13 4.30 -1.28
N SER A 17 -10.90 4.19 -1.82
CA SER A 17 -9.89 3.24 -1.33
C SER A 17 -9.27 3.76 -0.01
N ALA A 18 -9.83 3.29 1.12
CA ALA A 18 -9.57 3.86 2.46
C ALA A 18 -8.12 3.60 2.97
N ARG A 19 -7.76 2.33 3.18
CA ARG A 19 -6.41 1.93 3.65
C ARG A 19 -5.71 0.96 2.67
N ILE A 20 -6.30 0.73 1.48
CA ILE A 20 -5.70 -0.17 0.45
C ILE A 20 -5.39 0.66 -0.80
N GLU A 21 -4.09 0.85 -1.14
CA GLU A 21 -3.68 1.67 -2.30
C GLU A 21 -2.79 0.83 -3.26
N ALA A 22 -3.29 0.60 -4.50
CA ALA A 22 -2.65 -0.29 -5.49
C ALA A 22 -1.67 0.48 -6.41
N LYS A 23 -0.44 -0.06 -6.58
CA LYS A 23 0.62 0.54 -7.40
C LYS A 23 1.22 -0.50 -8.39
N ARG A 24 1.72 -0.03 -9.53
CA ARG A 24 2.56 -0.84 -10.45
C ARG A 24 4.06 -0.71 -10.09
N ALA A 25 4.90 -1.55 -10.73
CA ALA A 25 6.37 -1.47 -10.62
C ALA A 25 6.92 -0.12 -11.16
N SER A 26 6.21 0.47 -12.14
CA SER A 26 6.48 1.84 -12.64
C SER A 26 6.32 2.94 -11.55
N ASP A 27 5.42 2.68 -10.58
CA ASP A 27 5.17 3.62 -9.44
C ASP A 27 6.13 3.39 -8.25
N MET A 28 7.02 2.39 -8.37
CA MET A 28 8.02 2.03 -7.31
C MET A 28 9.04 3.17 -7.07
N GLY A 29 9.13 3.65 -5.81
CA GLY A 29 10.06 4.74 -5.42
C GLY A 29 9.51 5.62 -4.29
N LYS A 30 9.64 6.96 -4.44
CA LYS A 30 9.19 7.95 -3.43
C LYS A 30 7.65 7.99 -3.31
N SER A 31 6.96 7.71 -4.44
CA SER A 31 5.48 7.62 -4.50
C SER A 31 4.93 6.48 -3.61
N VAL A 32 5.73 5.39 -3.46
CA VAL A 32 5.43 4.32 -2.48
C VAL A 32 5.73 4.80 -1.03
N MET A 33 6.89 5.47 -0.88
CA MET A 33 7.45 5.84 0.44
C MET A 33 6.55 6.79 1.24
N GLU A 34 6.09 7.90 0.62
CA GLU A 34 5.20 8.89 1.26
C GLU A 34 3.81 8.27 1.64
N THR A 35 3.38 7.24 0.89
CA THR A 35 2.15 6.46 1.21
C THR A 35 2.35 5.60 2.50
N VAL A 36 3.55 4.98 2.63
CA VAL A 36 3.95 4.20 3.84
C VAL A 36 4.01 5.13 5.09
N ILE A 37 4.61 6.31 4.91
CA ILE A 37 4.70 7.36 5.96
C ILE A 37 3.28 7.79 6.44
N ALA A 38 2.34 7.87 5.47
CA ALA A 38 0.94 8.32 5.74
C ALA A 38 0.20 7.38 6.74
N PHE A 39 0.27 6.05 6.49
CA PHE A 39 -0.43 5.04 7.35
C PHE A 39 0.26 4.89 8.73
N ALA A 40 1.59 5.08 8.76
CA ALA A 40 2.40 4.99 9.99
C ALA A 40 2.27 6.24 10.89
N ASN A 41 1.92 7.39 10.27
CA ASN A 41 1.81 8.68 10.99
C ASN A 41 0.36 8.99 11.44
N GLU A 42 -0.64 8.56 10.66
CA GLU A 42 -2.07 8.82 10.97
C GLU A 42 -2.53 8.06 12.26
N PRO A 43 -3.14 8.80 13.28
CA PRO A 43 -3.50 8.23 14.61
C PRO A 43 -4.48 7.02 14.55
N GLY A 44 -3.95 5.82 14.88
CA GLY A 44 -4.72 4.58 14.92
C GLY A 44 -5.05 3.98 13.55
N LEU A 45 -4.25 4.26 12.50
CA LEU A 45 -4.48 3.71 11.13
C LEU A 45 -3.56 2.51 10.82
N ASP A 46 -2.90 1.95 11.86
CA ASP A 46 -2.22 0.65 11.77
C ASP A 46 -3.16 -0.45 11.20
N GLY A 47 -2.79 -0.98 10.02
CA GLY A 47 -3.69 -1.85 9.24
C GLY A 47 -3.95 -1.29 7.85
N GLY A 48 -2.93 -0.65 7.24
CA GLY A 48 -3.04 -0.13 5.87
C GLY A 48 -2.12 -0.92 4.94
N TYR A 49 -2.69 -1.43 3.82
CA TYR A 49 -1.98 -2.36 2.92
C TYR A 49 -1.76 -1.73 1.53
N LEU A 50 -0.50 -1.71 1.08
CA LEU A 50 -0.13 -1.29 -0.29
C LEU A 50 -0.04 -2.54 -1.17
N LEU A 51 -0.83 -2.59 -2.26
CA LEU A 51 -0.86 -3.78 -3.13
C LEU A 51 -0.07 -3.50 -4.43
N LEU A 52 1.10 -4.14 -4.54
CA LEU A 52 2.01 -4.02 -5.69
C LEU A 52 1.69 -5.09 -6.74
N GLY A 53 1.59 -4.67 -8.01
CA GLY A 53 1.39 -5.59 -9.15
C GLY A 53 -0.05 -5.59 -9.67
N VAL A 54 -0.72 -4.44 -9.57
CA VAL A 54 -2.07 -4.25 -10.12
C VAL A 54 -2.03 -3.22 -11.26
N ASP A 55 -2.70 -3.55 -12.38
CA ASP A 55 -2.87 -2.65 -13.54
C ASP A 55 -4.36 -2.35 -13.67
N TRP A 56 -4.73 -1.07 -13.76
CA TRP A 56 -6.14 -0.64 -13.76
C TRP A 56 -6.58 -0.08 -15.14
N ALA A 57 -7.71 -0.60 -15.66
CA ALA A 57 -8.21 -0.30 -17.00
C ALA A 57 -9.56 0.46 -16.91
N ILE A 58 -9.70 1.52 -17.72
CA ILE A 58 -10.91 2.37 -17.73
C ILE A 58 -11.89 1.93 -18.84
N ASN A 59 -13.15 1.68 -18.47
CA ASN A 59 -14.22 1.28 -19.41
C ASN A 59 -14.94 2.52 -20.02
N ASP A 60 -16.01 2.26 -20.79
CA ASP A 60 -16.88 3.34 -21.38
C ASP A 60 -17.62 4.17 -20.30
N LYS A 61 -17.78 3.56 -19.09
CA LYS A 61 -18.42 4.22 -17.93
C LYS A 61 -17.51 5.28 -17.26
N GLY A 62 -16.19 5.15 -17.47
CA GLY A 62 -15.19 5.97 -16.76
C GLY A 62 -14.76 5.35 -15.42
N ASP A 63 -15.28 4.15 -15.13
CA ASP A 63 -14.98 3.37 -13.91
C ASP A 63 -13.57 2.74 -13.97
N THR A 64 -12.89 2.72 -12.80
CA THR A 64 -11.52 2.18 -12.67
C THR A 64 -11.57 0.69 -12.22
N VAL A 65 -11.21 -0.21 -13.14
CA VAL A 65 -11.24 -1.67 -12.90
C VAL A 65 -9.81 -2.18 -12.61
N TYR A 66 -9.60 -2.80 -11.44
CA TYR A 66 -8.28 -3.26 -10.98
C TYR A 66 -8.03 -4.72 -11.41
N ARG A 67 -6.89 -4.97 -12.08
CA ARG A 67 -6.54 -6.29 -12.66
C ARG A 67 -5.17 -6.79 -12.10
N PRO A 68 -5.12 -7.97 -11.41
CA PRO A 68 -3.84 -8.53 -10.88
C PRO A 68 -2.90 -9.05 -12.00
N VAL A 69 -2.03 -8.17 -12.51
CA VAL A 69 -1.04 -8.52 -13.56
C VAL A 69 0.31 -8.99 -12.95
N GLY A 70 0.47 -8.78 -11.64
CA GLY A 70 1.67 -9.19 -10.90
C GLY A 70 2.88 -8.31 -11.14
N LEU A 71 4.00 -8.62 -10.49
CA LEU A 71 5.29 -7.95 -10.73
C LEU A 71 6.22 -8.89 -11.53
N PRO A 72 7.00 -8.35 -12.53
CA PRO A 72 7.99 -9.17 -13.29
C PRO A 72 9.20 -9.59 -12.41
N ASP A 73 9.53 -8.74 -11.41
CA ASP A 73 10.59 -9.03 -10.41
C ASP A 73 10.06 -8.74 -8.97
N PRO A 74 9.11 -9.58 -8.44
CA PRO A 74 8.45 -9.34 -7.12
C PRO A 74 9.40 -9.59 -5.92
N ASP A 75 10.42 -10.44 -6.15
CA ASP A 75 11.45 -10.76 -5.14
C ASP A 75 12.31 -9.52 -4.85
N LYS A 76 12.72 -8.83 -5.94
CA LYS A 76 13.51 -7.58 -5.84
C LYS A 76 12.72 -6.48 -5.09
N VAL A 77 11.49 -6.21 -5.57
CA VAL A 77 10.66 -5.08 -5.08
C VAL A 77 10.37 -5.18 -3.56
N GLN A 78 10.19 -6.41 -3.05
CA GLN A 78 10.03 -6.66 -1.59
C GLN A 78 11.32 -6.25 -0.80
N ARG A 79 12.47 -6.68 -1.32
CA ARG A 79 13.79 -6.46 -0.67
C ARG A 79 14.23 -4.97 -0.69
N ASP A 80 14.11 -4.35 -1.89
CA ASP A 80 14.45 -2.93 -2.11
C ASP A 80 13.51 -2.00 -1.32
N LEU A 81 12.22 -2.39 -1.16
CA LEU A 81 11.23 -1.61 -0.39
C LEU A 81 11.52 -1.68 1.12
N ALA A 82 11.89 -2.87 1.62
CA ALA A 82 12.32 -3.07 3.03
C ALA A 82 13.64 -2.31 3.34
N SER A 83 14.54 -2.30 2.33
CA SER A 83 15.85 -1.61 2.42
C SER A 83 15.67 -0.08 2.52
N GLN A 84 14.88 0.50 1.58
CA GLN A 84 14.57 1.95 1.59
C GLN A 84 13.68 2.34 2.80
N CYS A 85 12.82 1.42 3.29
CA CYS A 85 11.97 1.68 4.49
C CYS A 85 12.83 1.99 5.75
N ALA A 86 14.06 1.45 5.78
CA ALA A 86 15.04 1.76 6.86
C ALA A 86 15.95 2.97 6.48
N SER A 87 16.52 2.95 5.26
CA SER A 87 17.52 3.96 4.81
C SER A 87 16.91 5.38 4.58
N MET A 88 15.63 5.43 4.17
CA MET A 88 14.88 6.70 3.99
C MET A 88 14.39 7.25 5.34
N LEU A 89 13.76 6.37 6.16
CA LEU A 89 12.99 6.81 7.33
C LEU A 89 13.86 6.94 8.60
N ASN A 90 13.42 7.85 9.48
CA ASN A 90 14.11 8.20 10.76
C ASN A 90 14.35 6.95 11.66
N VAL A 91 13.25 6.27 12.01
CA VAL A 91 13.27 5.08 12.87
C VAL A 91 13.12 3.82 12.02
N ALA A 92 13.75 2.70 12.43
CA ALA A 92 13.70 1.44 11.69
C ALA A 92 12.28 0.82 11.75
N LEU A 93 11.50 1.08 10.69
CA LEU A 93 10.14 0.55 10.51
C LEU A 93 10.25 -0.89 9.97
N ARG A 94 9.43 -1.81 10.51
CA ARG A 94 9.39 -3.23 10.05
C ARG A 94 8.07 -3.48 9.26
N PRO A 95 8.08 -3.30 7.91
CA PRO A 95 6.89 -3.54 7.07
C PRO A 95 6.67 -5.05 6.80
N GLU A 96 5.53 -5.55 7.26
CA GLU A 96 5.15 -6.96 7.13
C GLU A 96 4.76 -7.24 5.65
N MET A 97 5.60 -8.00 4.93
CA MET A 97 5.43 -8.23 3.47
C MET A 97 5.17 -9.72 3.16
N GLN A 98 4.16 -9.97 2.30
CA GLN A 98 3.76 -11.32 1.87
C GLN A 98 3.53 -11.36 0.34
N LEU A 99 3.97 -12.46 -0.31
CA LEU A 99 3.80 -12.67 -1.77
C LEU A 99 2.69 -13.73 -2.04
N GLU A 100 1.57 -13.27 -2.65
CA GLU A 100 0.38 -14.12 -2.96
C GLU A 100 0.14 -14.18 -4.48
N GLN A 101 -0.15 -15.38 -4.98
CA GLN A 101 -0.44 -15.58 -6.43
C GLN A 101 -1.96 -15.47 -6.68
N VAL A 102 -2.35 -14.49 -7.50
CA VAL A 102 -3.75 -14.25 -7.90
C VAL A 102 -3.89 -14.50 -9.42
N GLY A 103 -4.67 -15.54 -9.79
CA GLY A 103 -4.83 -15.95 -11.19
C GLY A 103 -3.51 -16.35 -11.90
N GLY A 104 -2.54 -16.87 -11.14
CA GLY A 104 -1.22 -17.27 -11.67
C GLY A 104 -0.19 -16.13 -11.75
N LYS A 105 -0.53 -14.95 -11.18
CA LYS A 105 0.37 -13.77 -11.14
C LYS A 105 0.85 -13.51 -9.69
N THR A 106 2.15 -13.20 -9.49
CA THR A 106 2.71 -12.95 -8.13
C THR A 106 2.55 -11.46 -7.73
N LEU A 107 1.84 -11.21 -6.62
CA LEU A 107 1.57 -9.83 -6.10
C LEU A 107 2.24 -9.67 -4.71
N LEU A 108 2.53 -8.42 -4.32
CA LEU A 108 3.15 -8.10 -3.01
C LEU A 108 2.18 -7.27 -2.15
N VAL A 109 1.86 -7.79 -0.97
CA VAL A 109 1.06 -7.08 0.04
C VAL A 109 2.01 -6.48 1.10
N VAL A 110 1.96 -5.15 1.28
CA VAL A 110 2.79 -4.45 2.28
C VAL A 110 1.90 -3.89 3.41
N TYR A 111 1.88 -4.60 4.54
CA TYR A 111 1.28 -4.12 5.80
C TYR A 111 2.16 -3.02 6.42
N VAL A 112 1.57 -1.84 6.63
CA VAL A 112 2.23 -0.71 7.32
C VAL A 112 1.69 -0.60 8.78
N PRO A 113 2.54 -0.93 9.81
CA PRO A 113 2.21 -0.65 11.22
C PRO A 113 2.40 0.84 11.58
N GLU A 114 1.54 1.36 12.49
CA GLU A 114 1.73 2.68 13.09
C GLU A 114 2.87 2.61 14.13
N ALA A 115 3.65 3.69 14.24
CA ALA A 115 4.79 3.79 15.17
C ALA A 115 4.32 4.23 16.59
N ASP A 116 5.27 4.23 17.57
CA ASP A 116 5.06 4.71 18.97
C ASP A 116 4.72 6.24 19.00
N VAL A 117 4.44 6.81 20.19
CA VAL A 117 4.39 8.29 20.35
C VAL A 117 5.71 9.03 19.97
N THR A 118 6.86 8.66 20.59
CA THR A 118 8.14 9.42 20.41
C THR A 118 8.87 9.00 19.11
N HIS A 119 8.88 7.70 18.83
CA HIS A 119 9.19 7.14 17.49
C HIS A 119 7.81 6.72 16.94
N LYS A 120 6.89 7.62 16.51
CA LYS A 120 6.92 8.74 15.54
C LYS A 120 8.09 9.79 15.53
N PRO A 121 7.78 11.12 15.34
CA PRO A 121 8.34 11.94 14.26
C PRO A 121 9.22 11.21 13.21
N ILE A 122 8.57 10.33 12.40
CA ILE A 122 9.22 9.57 11.33
C ILE A 122 9.47 10.48 10.11
N TYR A 123 10.55 11.29 10.17
CA TYR A 123 10.97 12.12 9.02
C TYR A 123 11.81 11.28 8.04
N LYS A 124 11.79 11.68 6.76
CA LYS A 124 12.66 11.09 5.73
C LYS A 124 14.00 11.86 5.67
N LYS A 125 15.06 11.19 5.18
CA LYS A 125 16.42 11.78 5.03
C LYS A 125 16.50 12.79 3.85
N ALA A 126 15.38 12.96 3.12
CA ALA A 126 15.23 13.94 2.02
C ALA A 126 13.82 14.60 2.03
N THR A 127 13.55 15.50 1.05
CA THR A 127 12.25 16.22 0.91
C THR A 127 11.12 15.30 0.39
N GLY A 128 9.85 15.68 0.65
CA GLY A 128 8.68 14.86 0.27
C GLY A 128 7.81 15.49 -0.82
N LEU A 129 6.90 16.41 -0.41
CA LEU A 129 5.85 17.02 -1.28
C LEU A 129 4.91 15.90 -1.85
N PRO A 130 3.89 15.44 -1.04
CA PRO A 130 2.86 14.49 -1.51
C PRO A 130 1.78 15.15 -2.41
N GLY A 131 0.95 14.32 -3.06
CA GLY A 131 -0.14 14.80 -3.94
C GLY A 131 -1.47 15.02 -3.19
N GLY A 132 -2.38 15.78 -3.82
CA GLY A 132 -3.73 16.03 -3.27
C GLY A 132 -4.79 15.07 -3.82
N ALA A 133 -6.07 15.32 -3.48
CA ALA A 133 -7.21 14.52 -4.00
C ALA A 133 -7.53 14.84 -5.49
N TYR A 134 -8.38 14.02 -6.10
CA TYR A 134 -8.77 14.14 -7.53
C TYR A 134 -10.31 14.21 -7.65
N ARG A 135 -10.83 14.47 -8.87
CA ARG A 135 -12.28 14.39 -9.17
C ARG A 135 -12.80 12.93 -8.96
N ARG A 136 -13.58 12.74 -7.89
CA ARG A 136 -14.21 11.44 -7.53
C ARG A 136 -15.67 11.35 -8.06
N ILE A 137 -16.06 12.35 -8.87
CA ILE A 137 -17.44 12.54 -9.34
C ILE A 137 -17.62 11.98 -10.79
N GLY A 138 -18.69 11.19 -11.00
CA GLY A 138 -19.05 10.66 -12.34
C GLY A 138 -20.00 11.58 -13.12
N SER A 139 -20.21 11.26 -14.41
CA SER A 139 -21.11 12.03 -15.31
C SER A 139 -22.54 11.41 -15.33
N SER A 140 -22.65 10.13 -15.78
CA SER A 140 -23.96 9.41 -15.85
C SER A 140 -23.76 7.88 -15.78
N ASP A 141 -24.58 7.21 -14.97
CA ASP A 141 -24.58 5.73 -14.83
C ASP A 141 -25.44 5.07 -15.94
N GLN A 142 -24.79 4.72 -17.06
CA GLN A 142 -25.41 3.91 -18.13
C GLN A 142 -25.54 2.43 -17.71
N ARG A 143 -26.48 1.70 -18.32
CA ARG A 143 -26.73 0.28 -17.99
C ARG A 143 -25.94 -0.66 -18.96
N CYS A 144 -25.44 -1.80 -18.43
CA CYS A 144 -24.69 -2.80 -19.25
C CYS A 144 -25.67 -3.58 -20.17
N VAL A 145 -25.93 -3.01 -21.35
CA VAL A 145 -26.85 -3.59 -22.35
C VAL A 145 -26.16 -4.71 -23.17
N LEU A 146 -26.91 -5.78 -23.43
CA LEU A 146 -26.44 -6.93 -24.25
C LEU A 146 -27.59 -7.43 -25.15
N GLU A 147 -27.24 -8.11 -26.26
CA GLU A 147 -28.21 -8.76 -27.16
C GLU A 147 -28.70 -10.11 -26.56
N HIS A 148 -29.91 -10.52 -26.95
CA HIS A 148 -30.48 -11.82 -26.59
C HIS A 148 -31.52 -12.23 -27.66
N HIS A 149 -31.17 -13.22 -28.49
CA HIS A 149 -31.98 -13.62 -29.66
C HIS A 149 -33.29 -14.33 -29.24
N HIS A 150 -34.31 -13.49 -28.97
CA HIS A 150 -35.69 -13.92 -28.68
C HIS A 150 -36.37 -14.42 -29.97
N HIS A 151 -36.96 -15.61 -29.88
CA HIS A 151 -37.60 -16.28 -31.03
C HIS A 151 -39.02 -15.71 -31.31
N HIS A 152 -39.69 -16.22 -32.35
CA HIS A 152 -41.02 -15.72 -32.78
C HIS A 152 -42.16 -16.68 -32.35
N HIS A 153 -43.33 -16.07 -32.05
CA HIS A 153 -44.59 -16.80 -31.69
C HIS A 153 -45.09 -17.73 -32.82
N MET A 1 -2.16 -10.25 7.74
CA MET A 1 -2.35 -9.75 6.35
C MET A 1 -3.42 -10.56 5.57
N ARG A 2 -4.53 -9.89 5.20
CA ARG A 2 -5.42 -10.34 4.09
C ARG A 2 -4.63 -10.73 2.81
N SER A 3 -5.14 -11.74 2.09
CA SER A 3 -4.59 -12.14 0.78
C SER A 3 -4.75 -11.01 -0.28
N ALA A 4 -3.82 -10.98 -1.25
CA ALA A 4 -3.80 -9.93 -2.31
C ALA A 4 -5.07 -9.97 -3.18
N THR A 5 -5.69 -11.16 -3.26
CA THR A 5 -6.95 -11.39 -3.99
C THR A 5 -8.14 -10.64 -3.34
N ASP A 6 -8.25 -10.77 -1.99
CA ASP A 6 -9.30 -10.10 -1.17
C ASP A 6 -9.19 -8.55 -1.27
N LEU A 7 -7.95 -8.06 -1.17
CA LEU A 7 -7.62 -6.63 -1.25
C LEU A 7 -7.84 -6.06 -2.66
N LEU A 8 -7.65 -6.92 -3.68
CA LEU A 8 -7.98 -6.59 -5.08
C LEU A 8 -9.51 -6.42 -5.24
N ASP A 9 -10.29 -7.34 -4.61
CA ASP A 9 -11.77 -7.27 -4.57
C ASP A 9 -12.27 -5.99 -3.86
N GLU A 10 -11.54 -5.61 -2.79
CA GLU A 10 -11.83 -4.41 -1.97
C GLU A 10 -11.71 -3.11 -2.82
N LEU A 11 -10.65 -3.07 -3.67
CA LEU A 11 -10.43 -2.00 -4.66
C LEU A 11 -11.59 -1.89 -5.68
N ASN A 12 -12.06 -3.03 -6.20
CA ASN A 12 -13.18 -3.08 -7.20
C ASN A 12 -14.57 -2.88 -6.53
N ALA A 13 -14.65 -3.02 -5.20
CA ALA A 13 -15.89 -2.77 -4.42
C ALA A 13 -16.21 -1.27 -4.37
N VAL A 14 -15.20 -0.46 -4.00
CA VAL A 14 -15.31 1.01 -3.87
C VAL A 14 -14.38 1.69 -4.91
N ASP A 15 -14.99 2.48 -5.82
CA ASP A 15 -14.28 3.13 -6.97
C ASP A 15 -13.14 4.04 -6.47
N GLU A 16 -13.46 4.88 -5.46
CA GLU A 16 -12.46 5.59 -4.65
C GLU A 16 -12.16 4.74 -3.40
N SER A 17 -11.07 3.95 -3.48
CA SER A 17 -10.60 3.13 -2.34
C SER A 17 -10.27 3.99 -1.10
N ALA A 18 -10.94 3.70 0.04
CA ALA A 18 -10.87 4.52 1.27
C ALA A 18 -9.44 4.57 1.86
N ARG A 19 -8.79 3.40 2.02
CA ARG A 19 -7.43 3.32 2.64
C ARG A 19 -6.61 2.11 2.10
N ILE A 20 -7.03 1.50 0.97
CA ILE A 20 -6.25 0.43 0.30
C ILE A 20 -5.52 1.03 -0.92
N GLU A 21 -4.21 1.20 -0.79
CA GLU A 21 -3.39 1.97 -1.77
C GLU A 21 -2.75 1.05 -2.83
N ALA A 22 -3.16 1.20 -4.12
CA ALA A 22 -2.72 0.31 -5.24
C ALA A 22 -1.63 0.97 -6.13
N LYS A 23 -0.65 0.16 -6.58
CA LYS A 23 0.43 0.62 -7.49
C LYS A 23 1.00 -0.54 -8.34
N ARG A 24 1.57 -0.15 -9.49
CA ARG A 24 2.42 -1.03 -10.32
C ARG A 24 3.87 -1.08 -9.76
N ALA A 25 4.65 -2.09 -10.19
CA ALA A 25 6.10 -2.19 -9.85
C ALA A 25 6.91 -0.96 -10.38
N SER A 26 6.44 -0.38 -11.50
CA SER A 26 7.02 0.86 -12.08
C SER A 26 6.85 2.09 -11.15
N ASP A 27 5.77 2.10 -10.34
CA ASP A 27 5.47 3.20 -9.40
C ASP A 27 6.25 3.06 -8.08
N MET A 28 6.81 1.86 -7.81
CA MET A 28 7.48 1.55 -6.52
C MET A 28 8.73 2.44 -6.29
N GLY A 29 8.72 3.21 -5.20
CA GLY A 29 9.81 4.14 -4.86
C GLY A 29 9.37 5.22 -3.88
N LYS A 30 9.84 6.46 -4.12
CA LYS A 30 9.61 7.63 -3.22
C LYS A 30 8.10 7.97 -3.00
N SER A 31 7.31 7.89 -4.06
CA SER A 31 5.85 8.19 -4.03
C SER A 31 5.07 7.17 -3.15
N VAL A 32 5.44 5.89 -3.28
CA VAL A 32 4.89 4.80 -2.44
C VAL A 32 5.32 4.97 -0.97
N MET A 33 6.62 5.30 -0.79
CA MET A 33 7.25 5.55 0.53
C MET A 33 6.53 6.63 1.34
N GLU A 34 6.11 7.71 0.66
CA GLU A 34 5.42 8.86 1.28
C GLU A 34 4.06 8.40 1.90
N THR A 35 3.36 7.49 1.21
CA THR A 35 2.09 6.90 1.69
C THR A 35 2.32 5.85 2.82
N VAL A 36 3.49 5.15 2.78
CA VAL A 36 3.92 4.21 3.85
C VAL A 36 4.05 4.94 5.21
N ILE A 37 4.62 6.16 5.17
CA ILE A 37 4.75 7.03 6.37
C ILE A 37 3.37 7.36 6.99
N ALA A 38 2.34 7.55 6.12
CA ALA A 38 1.00 8.07 6.51
C ALA A 38 0.25 7.18 7.54
N PHE A 39 0.31 5.85 7.35
CA PHE A 39 -0.36 4.86 8.24
C PHE A 39 0.34 4.79 9.61
N ALA A 40 1.69 4.93 9.59
CA ALA A 40 2.52 4.97 10.82
C ALA A 40 2.49 6.35 11.52
N ASN A 41 2.14 7.40 10.76
CA ASN A 41 2.13 8.81 11.23
C ASN A 41 0.91 9.10 12.14
N GLU A 42 -0.28 8.71 11.68
CA GLU A 42 -1.55 9.00 12.38
C GLU A 42 -1.78 8.07 13.61
N PRO A 43 -2.35 8.60 14.74
CA PRO A 43 -2.60 7.80 15.96
C PRO A 43 -3.81 6.83 15.82
N GLY A 44 -3.55 5.53 16.03
CA GLY A 44 -4.57 4.49 15.99
C GLY A 44 -5.17 4.24 14.61
N LEU A 45 -4.36 4.37 13.54
CA LEU A 45 -4.81 4.10 12.15
C LEU A 45 -4.41 2.66 11.69
N ASP A 46 -4.09 1.78 12.66
CA ASP A 46 -3.81 0.33 12.40
C ASP A 46 -4.82 -0.35 11.44
N GLY A 47 -4.32 -0.92 10.32
CA GLY A 47 -5.13 -1.71 9.38
C GLY A 47 -5.21 -1.13 7.96
N GLY A 48 -4.05 -0.80 7.33
CA GLY A 48 -4.04 -0.30 5.93
C GLY A 48 -2.97 -1.01 5.08
N TYR A 49 -3.33 -1.37 3.83
CA TYR A 49 -2.48 -2.22 2.95
C TYR A 49 -2.14 -1.50 1.62
N LEU A 50 -0.87 -1.64 1.17
CA LEU A 50 -0.41 -1.16 -0.16
C LEU A 50 -0.20 -2.37 -1.09
N LEU A 51 -0.90 -2.41 -2.22
CA LEU A 51 -0.87 -3.54 -3.17
C LEU A 51 0.05 -3.21 -4.36
N LEU A 52 1.20 -3.88 -4.42
CA LEU A 52 2.19 -3.75 -5.50
C LEU A 52 1.96 -4.87 -6.55
N GLY A 53 2.03 -4.49 -7.83
CA GLY A 53 1.84 -5.42 -8.94
C GLY A 53 0.38 -5.50 -9.41
N VAL A 54 -0.33 -4.36 -9.29
CA VAL A 54 -1.73 -4.21 -9.76
C VAL A 54 -1.77 -3.23 -10.95
N ASP A 55 -2.58 -3.56 -11.96
CA ASP A 55 -2.86 -2.66 -13.10
C ASP A 55 -4.34 -2.25 -13.03
N TRP A 56 -4.69 -1.14 -13.68
CA TRP A 56 -6.09 -0.67 -13.72
C TRP A 56 -6.38 0.11 -15.02
N ALA A 57 -7.56 -0.15 -15.62
CA ALA A 57 -8.02 0.53 -16.84
C ALA A 57 -9.48 1.03 -16.67
N ILE A 58 -9.74 2.27 -17.12
CA ILE A 58 -11.08 2.90 -17.04
C ILE A 58 -11.91 2.56 -18.30
N ASN A 59 -13.16 2.11 -18.08
CA ASN A 59 -14.10 1.69 -19.17
C ASN A 59 -14.83 2.92 -19.82
N ASP A 60 -15.80 2.62 -20.71
CA ASP A 60 -16.64 3.65 -21.39
C ASP A 60 -17.51 4.46 -20.40
N LYS A 61 -17.96 3.80 -19.32
CA LYS A 61 -18.89 4.40 -18.32
C LYS A 61 -18.14 5.26 -17.26
N GLY A 62 -16.80 5.14 -17.22
CA GLY A 62 -15.96 5.93 -16.30
C GLY A 62 -15.68 5.25 -14.96
N ASP A 63 -15.50 3.92 -14.98
CA ASP A 63 -15.19 3.11 -13.77
C ASP A 63 -13.79 2.46 -13.89
N THR A 64 -13.00 2.54 -12.83
CA THR A 64 -11.63 1.97 -12.79
C THR A 64 -11.66 0.48 -12.36
N VAL A 65 -11.21 -0.41 -13.25
CA VAL A 65 -11.18 -1.88 -12.99
C VAL A 65 -9.76 -2.32 -12.60
N TYR A 66 -9.60 -2.85 -11.38
CA TYR A 66 -8.29 -3.28 -10.83
C TYR A 66 -8.07 -4.79 -11.11
N ARG A 67 -7.00 -5.12 -11.83
CA ARG A 67 -6.75 -6.50 -12.35
C ARG A 67 -5.36 -7.05 -11.90
N PRO A 68 -5.22 -8.42 -11.74
CA PRO A 68 -3.94 -9.05 -11.36
C PRO A 68 -2.94 -9.16 -12.54
N VAL A 69 -1.76 -8.54 -12.33
CA VAL A 69 -0.66 -8.53 -13.33
C VAL A 69 0.63 -9.10 -12.70
N GLY A 70 0.88 -8.73 -11.44
CA GLY A 70 2.05 -9.19 -10.71
C GLY A 70 3.28 -8.32 -10.94
N LEU A 71 4.34 -8.57 -10.14
CA LEU A 71 5.63 -7.88 -10.28
C LEU A 71 6.58 -8.73 -11.14
N PRO A 72 7.39 -8.10 -12.06
CA PRO A 72 8.31 -8.85 -12.97
C PRO A 72 9.48 -9.52 -12.20
N ASP A 73 9.87 -8.88 -11.08
CA ASP A 73 10.81 -9.43 -10.09
C ASP A 73 10.22 -9.22 -8.67
N PRO A 74 9.29 -10.10 -8.20
CA PRO A 74 8.54 -9.89 -6.93
C PRO A 74 9.45 -9.86 -5.67
N ASP A 75 10.50 -10.70 -5.66
CA ASP A 75 11.49 -10.74 -4.56
C ASP A 75 12.42 -9.52 -4.61
N LYS A 76 12.89 -9.14 -5.81
CA LYS A 76 13.82 -7.99 -5.99
C LYS A 76 13.20 -6.67 -5.50
N VAL A 77 11.93 -6.43 -5.89
CA VAL A 77 11.16 -5.22 -5.48
C VAL A 77 10.91 -5.21 -3.96
N GLN A 78 10.52 -6.38 -3.40
CA GLN A 78 10.25 -6.54 -1.94
C GLN A 78 11.50 -6.20 -1.08
N ARG A 79 12.64 -6.80 -1.49
CA ARG A 79 13.95 -6.59 -0.82
C ARG A 79 14.45 -5.14 -0.98
N ASP A 80 14.26 -4.57 -2.18
CA ASP A 80 14.61 -3.16 -2.48
C ASP A 80 13.73 -2.20 -1.65
N LEU A 81 12.46 -2.57 -1.45
CA LEU A 81 11.47 -1.76 -0.70
C LEU A 81 11.79 -1.75 0.82
N ALA A 82 12.27 -2.90 1.33
CA ALA A 82 12.77 -3.03 2.72
C ALA A 82 14.06 -2.22 2.94
N SER A 83 14.95 -2.24 1.92
CA SER A 83 16.24 -1.51 1.93
C SER A 83 16.02 0.03 1.95
N GLN A 84 15.21 0.53 0.99
CA GLN A 84 14.86 1.97 0.90
C GLN A 84 14.05 2.46 2.12
N CYS A 85 13.23 1.57 2.73
CA CYS A 85 12.45 1.92 3.96
C CYS A 85 13.36 2.33 5.14
N ALA A 86 14.52 1.68 5.23
CA ALA A 86 15.55 1.98 6.25
C ALA A 86 16.39 3.23 5.88
N SER A 87 16.70 3.41 4.60
CA SER A 87 17.60 4.51 4.11
C SER A 87 16.83 5.78 3.63
N MET A 88 15.50 5.73 3.64
CA MET A 88 14.65 6.93 3.37
C MET A 88 14.29 7.63 4.69
N LEU A 89 13.69 6.85 5.60
CA LEU A 89 13.11 7.39 6.84
C LEU A 89 14.19 7.48 7.96
N ASN A 90 14.05 8.50 8.82
CA ASN A 90 14.97 8.77 9.97
C ASN A 90 15.18 7.53 10.89
N VAL A 91 14.12 6.71 11.02
CA VAL A 91 14.13 5.46 11.80
C VAL A 91 13.81 4.25 10.91
N ALA A 92 14.13 3.05 11.41
CA ALA A 92 13.81 1.78 10.74
C ALA A 92 12.30 1.44 10.95
N LEU A 93 11.48 1.69 9.92
CA LEU A 93 10.06 1.28 9.90
C LEU A 93 10.02 -0.20 9.44
N ARG A 94 9.40 -1.09 10.25
CA ARG A 94 9.21 -2.52 9.89
C ARG A 94 7.75 -2.78 9.45
N PRO A 95 7.47 -2.81 8.10
CA PRO A 95 6.14 -3.23 7.59
C PRO A 95 6.05 -4.77 7.38
N GLU A 96 4.82 -5.25 7.25
CA GLU A 96 4.53 -6.68 6.99
C GLU A 96 4.53 -6.90 5.46
N MET A 97 5.39 -7.79 4.94
CA MET A 97 5.52 -8.05 3.48
C MET A 97 5.31 -9.55 3.17
N GLN A 98 4.27 -9.87 2.37
CA GLN A 98 3.97 -11.25 1.92
C GLN A 98 3.72 -11.29 0.39
N LEU A 99 4.27 -12.33 -0.26
CA LEU A 99 4.01 -12.61 -1.70
C LEU A 99 2.79 -13.56 -1.83
N GLU A 100 1.73 -13.05 -2.48
CA GLU A 100 0.42 -13.74 -2.59
C GLU A 100 0.03 -13.91 -4.09
N GLN A 101 -0.41 -15.12 -4.46
CA GLN A 101 -0.77 -15.46 -5.86
C GLN A 101 -2.26 -15.15 -6.13
N VAL A 102 -2.52 -14.41 -7.23
CA VAL A 102 -3.89 -14.07 -7.68
C VAL A 102 -4.03 -14.46 -9.17
N GLY A 103 -4.81 -15.53 -9.44
CA GLY A 103 -4.91 -16.12 -10.80
C GLY A 103 -3.57 -16.54 -11.42
N GLY A 104 -2.60 -16.93 -10.57
CA GLY A 104 -1.25 -17.32 -11.01
C GLY A 104 -0.24 -16.15 -11.15
N LYS A 105 -0.68 -14.92 -10.85
CA LYS A 105 0.20 -13.71 -10.88
C LYS A 105 0.73 -13.42 -9.46
N THR A 106 2.04 -13.17 -9.30
CA THR A 106 2.63 -12.93 -7.97
C THR A 106 2.51 -11.44 -7.58
N LEU A 107 1.54 -11.13 -6.71
CA LEU A 107 1.37 -9.78 -6.12
C LEU A 107 2.12 -9.67 -4.77
N LEU A 108 2.50 -8.44 -4.40
CA LEU A 108 3.15 -8.15 -3.09
C LEU A 108 2.25 -7.24 -2.26
N VAL A 109 1.85 -7.70 -1.08
CA VAL A 109 1.10 -6.86 -0.13
C VAL A 109 2.09 -6.26 0.89
N VAL A 110 1.96 -4.95 1.12
CA VAL A 110 2.77 -4.23 2.13
C VAL A 110 1.82 -3.61 3.17
N TYR A 111 1.67 -4.28 4.31
CA TYR A 111 0.87 -3.78 5.43
C TYR A 111 1.69 -2.82 6.30
N VAL A 112 1.13 -1.65 6.61
CA VAL A 112 1.76 -0.65 7.50
C VAL A 112 0.82 -0.38 8.72
N PRO A 113 1.26 -0.72 9.97
CA PRO A 113 0.52 -0.35 11.20
C PRO A 113 0.89 1.05 11.74
N GLU A 114 0.33 1.42 12.90
CA GLU A 114 0.79 2.58 13.69
C GLU A 114 2.17 2.26 14.34
N ALA A 115 3.12 3.18 14.19
CA ALA A 115 4.42 3.10 14.87
C ALA A 115 4.35 3.64 16.33
N ASP A 116 5.29 3.20 17.19
CA ASP A 116 5.29 3.52 18.67
C ASP A 116 5.50 5.04 18.91
N VAL A 117 4.96 5.58 20.02
CA VAL A 117 5.04 7.04 20.39
C VAL A 117 6.40 7.75 20.07
N THR A 118 7.54 7.17 20.52
CA THR A 118 8.90 7.80 20.37
C THR A 118 9.39 7.83 18.89
N HIS A 119 9.10 6.76 18.13
CA HIS A 119 9.33 6.71 16.65
C HIS A 119 7.96 6.33 16.04
N LYS A 120 6.87 7.16 16.09
CA LYS A 120 6.63 8.54 15.58
C LYS A 120 7.73 9.68 15.73
N PRO A 121 7.31 10.99 15.77
CA PRO A 121 7.69 11.98 14.75
C PRO A 121 8.64 11.48 13.63
N ILE A 122 8.07 10.63 12.75
CA ILE A 122 8.78 10.07 11.59
C ILE A 122 8.70 11.03 10.40
N TYR A 123 9.85 11.61 10.06
CA TYR A 123 10.02 12.53 8.94
C TYR A 123 10.91 11.90 7.84
N LYS A 124 10.53 12.11 6.57
CA LYS A 124 11.35 11.71 5.41
C LYS A 124 12.64 12.56 5.35
N LYS A 125 13.83 11.91 5.42
CA LYS A 125 15.13 12.61 5.50
C LYS A 125 15.39 13.53 4.26
N ALA A 126 14.91 13.10 3.10
CA ALA A 126 14.91 13.92 1.87
C ALA A 126 13.67 14.87 1.89
N THR A 127 13.92 16.17 2.15
CA THR A 127 12.84 17.17 2.30
C THR A 127 11.92 17.26 1.05
N GLY A 128 10.69 16.71 1.17
CA GLY A 128 9.70 16.70 0.09
C GLY A 128 8.96 18.04 -0.08
N LEU A 129 7.68 17.98 -0.50
CA LEU A 129 6.87 19.18 -0.81
C LEU A 129 5.37 18.99 -0.43
N PRO A 130 4.68 20.07 0.06
CA PRO A 130 3.19 20.08 0.22
C PRO A 130 2.44 20.21 -1.14
N GLY A 131 1.22 19.67 -1.20
CA GLY A 131 0.37 19.75 -2.41
C GLY A 131 0.28 18.42 -3.17
N GLY A 132 -0.90 17.76 -3.09
CA GLY A 132 -1.17 16.50 -3.80
C GLY A 132 -2.22 16.65 -4.90
N ALA A 133 -3.05 15.60 -5.12
CA ALA A 133 -4.11 15.60 -6.15
C ALA A 133 -5.44 15.07 -5.58
N TYR A 134 -6.57 15.54 -6.13
CA TYR A 134 -7.93 15.21 -5.66
C TYR A 134 -8.86 14.86 -6.85
N ARG A 135 -9.78 13.90 -6.63
CA ARG A 135 -10.72 13.40 -7.67
C ARG A 135 -12.10 14.08 -7.59
N ARG A 136 -13.00 13.71 -8.53
CA ARG A 136 -14.44 14.06 -8.43
C ARG A 136 -15.11 13.26 -7.27
N ILE A 137 -15.89 13.96 -6.44
CA ILE A 137 -16.51 13.40 -5.22
C ILE A 137 -17.54 12.29 -5.54
N GLY A 138 -17.19 11.04 -5.20
CA GLY A 138 -18.10 9.90 -5.24
C GLY A 138 -18.69 9.60 -3.84
N SER A 139 -19.93 9.08 -3.80
CA SER A 139 -20.63 8.73 -2.54
C SER A 139 -20.09 7.40 -1.94
N SER A 140 -19.91 7.38 -0.60
CA SER A 140 -19.54 6.16 0.14
C SER A 140 -20.81 5.34 0.47
N ASP A 141 -21.24 4.50 -0.48
CA ASP A 141 -22.49 3.70 -0.38
C ASP A 141 -22.42 2.58 0.68
N GLN A 142 -23.60 2.19 1.20
CA GLN A 142 -23.75 1.14 2.23
C GLN A 142 -23.85 -0.29 1.58
N ARG A 143 -23.54 -0.40 0.27
CA ARG A 143 -23.67 -1.65 -0.52
C ARG A 143 -22.52 -2.67 -0.29
N CYS A 144 -21.88 -2.63 0.90
CA CYS A 144 -20.81 -3.57 1.29
C CYS A 144 -21.42 -4.93 1.75
N VAL A 145 -21.81 -5.77 0.77
CA VAL A 145 -22.36 -7.12 1.02
C VAL A 145 -21.23 -8.20 0.99
N LEU A 146 -20.70 -8.52 2.18
CA LEU A 146 -19.68 -9.59 2.35
C LEU A 146 -20.36 -10.92 2.72
N GLU A 147 -20.50 -11.83 1.74
CA GLU A 147 -21.09 -13.17 1.97
C GLU A 147 -20.05 -14.15 2.60
N HIS A 148 -20.37 -15.46 2.62
CA HIS A 148 -19.52 -16.50 3.26
C HIS A 148 -19.38 -17.76 2.36
N HIS A 149 -18.13 -18.17 2.11
CA HIS A 149 -17.82 -19.41 1.34
C HIS A 149 -16.46 -19.98 1.78
N HIS A 150 -16.39 -21.32 1.95
CA HIS A 150 -15.17 -22.03 2.36
C HIS A 150 -14.42 -22.59 1.12
N HIS A 151 -13.07 -22.58 1.19
CA HIS A 151 -12.20 -23.12 0.12
C HIS A 151 -11.80 -24.59 0.43
N HIS A 152 -11.79 -25.45 -0.62
CA HIS A 152 -11.51 -26.90 -0.55
C HIS A 152 -12.62 -27.67 0.22
N HIS A 153 -12.72 -27.45 1.55
CA HIS A 153 -13.81 -28.02 2.39
C HIS A 153 -14.68 -26.89 2.98
N MET A 1 -3.30 -9.64 8.95
CA MET A 1 -2.84 -9.21 7.59
C MET A 1 -3.72 -9.85 6.50
N ARG A 2 -4.13 -9.06 5.48
CA ARG A 2 -5.03 -9.54 4.40
C ARG A 2 -4.23 -10.05 3.18
N SER A 3 -4.84 -10.97 2.40
CA SER A 3 -4.29 -11.47 1.12
C SER A 3 -4.42 -10.41 0.00
N ALA A 4 -3.57 -10.52 -1.04
CA ALA A 4 -3.64 -9.63 -2.23
C ALA A 4 -4.92 -9.88 -3.05
N THR A 5 -5.44 -11.11 -2.96
CA THR A 5 -6.70 -11.52 -3.63
C THR A 5 -7.91 -10.84 -2.93
N ASP A 6 -7.86 -10.81 -1.59
CA ASP A 6 -8.86 -10.15 -0.71
C ASP A 6 -8.89 -8.62 -0.97
N LEU A 7 -7.70 -8.00 -0.93
CA LEU A 7 -7.52 -6.54 -1.10
C LEU A 7 -7.80 -6.05 -2.54
N LEU A 8 -7.50 -6.89 -3.54
CA LEU A 8 -7.81 -6.58 -4.96
C LEU A 8 -9.34 -6.51 -5.17
N ASP A 9 -10.05 -7.50 -4.60
CA ASP A 9 -11.53 -7.54 -4.59
C ASP A 9 -12.13 -6.33 -3.83
N GLU A 10 -11.45 -5.94 -2.74
CA GLU A 10 -11.85 -4.78 -1.89
C GLU A 10 -11.78 -3.46 -2.71
N LEU A 11 -10.69 -3.31 -3.50
CA LEU A 11 -10.47 -2.16 -4.42
C LEU A 11 -11.48 -2.15 -5.59
N ASN A 12 -11.79 -3.35 -6.10
CA ASN A 12 -12.81 -3.53 -7.18
C ASN A 12 -14.24 -3.32 -6.66
N ALA A 13 -14.44 -3.51 -5.35
CA ALA A 13 -15.73 -3.30 -4.68
C ALA A 13 -16.02 -1.79 -4.49
N VAL A 14 -15.03 -1.06 -3.94
CA VAL A 14 -15.14 0.40 -3.70
C VAL A 14 -14.21 1.19 -4.67
N ASP A 15 -14.82 2.01 -5.55
CA ASP A 15 -14.06 2.86 -6.50
C ASP A 15 -13.24 3.94 -5.75
N GLU A 16 -13.86 4.58 -4.74
CA GLU A 16 -13.13 5.44 -3.79
C GLU A 16 -12.20 4.58 -2.88
N SER A 17 -10.90 4.57 -3.21
CA SER A 17 -9.87 3.83 -2.46
C SER A 17 -9.43 4.63 -1.21
N ALA A 18 -10.27 4.59 -0.15
CA ALA A 18 -10.16 5.49 1.03
C ALA A 18 -9.06 5.05 2.06
N ARG A 19 -8.86 3.73 2.21
CA ARG A 19 -7.90 3.16 3.21
C ARG A 19 -6.84 2.24 2.57
N ILE A 20 -7.02 1.91 1.29
CA ILE A 20 -6.12 0.99 0.53
C ILE A 20 -5.76 1.64 -0.83
N GLU A 21 -4.47 1.64 -1.22
CA GLU A 21 -4.03 2.18 -2.54
C GLU A 21 -3.22 1.13 -3.34
N ALA A 22 -3.61 0.92 -4.61
CA ALA A 22 -2.87 0.05 -5.55
C ALA A 22 -1.80 0.87 -6.33
N LYS A 23 -0.55 0.36 -6.40
CA LYS A 23 0.59 1.03 -7.07
C LYS A 23 1.38 0.03 -7.97
N ARG A 24 2.01 0.55 -9.03
CA ARG A 24 2.74 -0.26 -10.04
C ARG A 24 4.24 -0.41 -9.70
N ALA A 25 4.91 -1.37 -10.38
CA ALA A 25 6.38 -1.58 -10.31
C ALA A 25 7.18 -0.35 -10.82
N SER A 26 6.55 0.47 -11.70
CA SER A 26 7.10 1.79 -12.10
C SER A 26 7.17 2.78 -10.91
N ASP A 27 6.18 2.70 -9.99
CA ASP A 27 6.08 3.60 -8.82
C ASP A 27 6.90 3.08 -7.61
N MET A 28 7.52 1.89 -7.79
CA MET A 28 8.43 1.27 -6.79
C MET A 28 9.55 2.25 -6.35
N GLY A 29 9.42 2.77 -5.11
CA GLY A 29 10.38 3.72 -4.54
C GLY A 29 9.70 4.87 -3.78
N LYS A 30 10.02 6.12 -4.18
CA LYS A 30 9.52 7.37 -3.54
C LYS A 30 7.97 7.46 -3.57
N SER A 31 7.39 6.98 -4.69
CA SER A 31 5.93 7.03 -4.94
C SER A 31 5.13 6.03 -4.07
N VAL A 32 5.80 5.02 -3.52
CA VAL A 32 5.22 4.14 -2.46
C VAL A 32 5.18 4.86 -1.08
N MET A 33 6.20 5.70 -0.81
CA MET A 33 6.61 6.13 0.56
C MET A 33 5.67 7.15 1.25
N GLU A 34 5.11 8.12 0.50
CA GLU A 34 4.31 9.23 1.10
C GLU A 34 2.98 8.72 1.73
N THR A 35 2.42 7.63 1.16
CA THR A 35 1.23 6.94 1.71
C THR A 35 1.60 6.06 2.93
N VAL A 36 2.84 5.51 2.95
CA VAL A 36 3.39 4.80 4.13
C VAL A 36 3.44 5.75 5.36
N ILE A 37 3.82 7.03 5.11
CA ILE A 37 3.80 8.10 6.14
C ILE A 37 2.39 8.29 6.76
N ALA A 38 1.33 8.12 5.94
CA ALA A 38 -0.07 8.29 6.40
C ALA A 38 -0.44 7.23 7.46
N PHE A 39 -0.42 5.94 7.06
CA PHE A 39 -0.87 4.80 7.91
C PHE A 39 0.02 4.62 9.16
N ALA A 40 1.31 4.96 9.04
CA ALA A 40 2.30 4.84 10.13
C ALA A 40 2.13 5.96 11.20
N ASN A 41 1.56 7.11 10.82
CA ASN A 41 1.48 8.29 11.73
C ASN A 41 0.03 8.70 12.10
N GLU A 42 -1.01 8.06 11.52
CA GLU A 42 -2.42 8.33 11.90
C GLU A 42 -2.89 7.34 13.02
N PRO A 43 -3.05 7.84 14.29
CA PRO A 43 -3.40 6.97 15.45
C PRO A 43 -4.91 6.59 15.48
N GLY A 44 -5.18 5.28 15.56
CA GLY A 44 -6.56 4.75 15.66
C GLY A 44 -7.05 4.05 14.40
N LEU A 45 -6.27 4.09 13.30
CA LEU A 45 -6.50 3.25 12.10
C LEU A 45 -5.59 1.99 12.17
N ASP A 46 -4.36 2.24 12.68
CA ASP A 46 -3.35 1.22 13.04
C ASP A 46 -3.24 0.02 12.06
N GLY A 47 -2.68 0.26 10.85
CA GLY A 47 -2.40 -0.85 9.91
C GLY A 47 -3.14 -0.75 8.55
N GLY A 48 -2.67 0.15 7.67
CA GLY A 48 -3.22 0.26 6.30
C GLY A 48 -2.53 -0.67 5.29
N TYR A 49 -3.04 -0.74 4.04
CA TYR A 49 -2.53 -1.66 2.99
C TYR A 49 -2.21 -0.96 1.64
N LEU A 50 -1.11 -1.43 1.00
CA LEU A 50 -0.65 -0.98 -0.34
C LEU A 50 -0.32 -2.20 -1.22
N LEU A 51 -0.93 -2.29 -2.41
CA LEU A 51 -0.74 -3.44 -3.33
C LEU A 51 0.20 -3.09 -4.48
N LEU A 52 1.42 -3.67 -4.46
CA LEU A 52 2.43 -3.48 -5.52
C LEU A 52 2.32 -4.63 -6.55
N GLY A 53 2.15 -4.25 -7.83
CA GLY A 53 1.95 -5.22 -8.92
C GLY A 53 0.48 -5.29 -9.39
N VAL A 54 -0.22 -4.15 -9.33
CA VAL A 54 -1.58 -4.00 -9.87
C VAL A 54 -1.58 -3.00 -11.05
N ASP A 55 -2.45 -3.25 -12.05
CA ASP A 55 -2.69 -2.31 -13.15
C ASP A 55 -4.21 -2.10 -13.30
N TRP A 56 -4.59 -0.85 -13.45
CA TRP A 56 -5.99 -0.41 -13.45
C TRP A 56 -6.36 0.23 -14.81
N ALA A 57 -7.49 -0.22 -15.39
CA ALA A 57 -7.98 0.28 -16.70
C ALA A 57 -9.37 0.93 -16.53
N ILE A 58 -9.55 2.10 -17.16
CA ILE A 58 -10.84 2.85 -17.16
C ILE A 58 -11.82 2.25 -18.20
N ASN A 59 -13.06 1.96 -17.77
CA ASN A 59 -14.08 1.33 -18.65
C ASN A 59 -14.95 2.37 -19.41
N ASP A 60 -16.05 1.87 -20.01
CA ASP A 60 -17.04 2.68 -20.78
C ASP A 60 -17.61 3.88 -19.96
N LYS A 61 -17.97 3.64 -18.69
CA LYS A 61 -18.62 4.66 -17.83
C LYS A 61 -17.59 5.59 -17.16
N GLY A 62 -16.36 5.08 -16.95
CA GLY A 62 -15.29 5.84 -16.28
C GLY A 62 -14.82 5.22 -14.95
N ASP A 63 -15.32 4.00 -14.63
CA ASP A 63 -14.90 3.27 -13.41
C ASP A 63 -13.49 2.67 -13.57
N THR A 64 -12.72 2.69 -12.47
CA THR A 64 -11.35 2.15 -12.41
C THR A 64 -11.37 0.65 -12.02
N VAL A 65 -10.96 -0.24 -12.93
CA VAL A 65 -10.96 -1.70 -12.71
C VAL A 65 -9.52 -2.21 -12.42
N TYR A 66 -9.30 -2.76 -11.23
CA TYR A 66 -7.97 -3.20 -10.74
C TYR A 66 -7.75 -4.70 -11.07
N ARG A 67 -6.75 -4.99 -11.91
CA ARG A 67 -6.44 -6.36 -12.39
C ARG A 67 -5.01 -6.81 -11.97
N PRO A 68 -4.78 -8.14 -11.74
CA PRO A 68 -3.46 -8.67 -11.36
C PRO A 68 -2.50 -8.79 -12.58
N VAL A 69 -1.55 -7.87 -12.68
CA VAL A 69 -0.39 -8.00 -13.61
C VAL A 69 0.81 -8.63 -12.89
N GLY A 70 0.90 -8.40 -11.57
CA GLY A 70 1.94 -8.97 -10.73
C GLY A 70 3.27 -8.22 -10.81
N LEU A 71 4.29 -8.78 -10.15
CA LEU A 71 5.66 -8.25 -10.15
C LEU A 71 6.57 -9.11 -11.06
N PRO A 72 7.41 -8.47 -11.96
CA PRO A 72 8.44 -9.20 -12.75
C PRO A 72 9.56 -9.77 -11.86
N ASP A 73 9.83 -9.05 -10.76
CA ASP A 73 10.81 -9.45 -9.73
C ASP A 73 10.10 -9.55 -8.34
N PRO A 74 9.29 -10.63 -8.08
CA PRO A 74 8.41 -10.72 -6.87
C PRO A 74 9.14 -10.52 -5.52
N ASP A 75 10.12 -11.40 -5.24
CA ASP A 75 10.90 -11.36 -3.99
C ASP A 75 11.76 -10.08 -3.93
N LYS A 76 12.35 -9.70 -5.08
CA LYS A 76 13.29 -8.57 -5.19
C LYS A 76 12.64 -7.22 -4.77
N VAL A 77 11.37 -7.01 -5.18
CA VAL A 77 10.59 -5.81 -4.80
C VAL A 77 10.37 -5.76 -3.26
N GLN A 78 10.00 -6.91 -2.68
CA GLN A 78 9.80 -7.06 -1.21
C GLN A 78 11.11 -6.76 -0.40
N ARG A 79 12.21 -7.39 -0.82
CA ARG A 79 13.52 -7.32 -0.11
C ARG A 79 14.14 -5.90 -0.22
N ASP A 80 14.08 -5.34 -1.44
CA ASP A 80 14.61 -4.00 -1.74
C ASP A 80 13.77 -2.89 -1.07
N LEU A 81 12.44 -3.12 -0.95
CA LEU A 81 11.51 -2.15 -0.31
C LEU A 81 11.81 -2.04 1.20
N ALA A 82 12.10 -3.18 1.85
CA ALA A 82 12.52 -3.21 3.29
C ALA A 82 13.87 -2.46 3.51
N SER A 83 14.79 -2.64 2.55
CA SER A 83 16.13 -1.99 2.57
C SER A 83 16.05 -0.46 2.43
N GLN A 84 15.35 0.01 1.39
CA GLN A 84 15.18 1.45 1.11
C GLN A 84 14.25 2.15 2.15
N CYS A 85 13.25 1.41 2.69
CA CYS A 85 12.36 1.94 3.78
C CYS A 85 13.17 2.30 5.04
N ALA A 86 14.32 1.63 5.21
CA ALA A 86 15.27 1.87 6.31
C ALA A 86 16.13 3.16 6.12
N SER A 87 16.35 3.60 4.85
CA SER A 87 17.28 4.72 4.52
C SER A 87 16.55 6.01 4.04
N MET A 88 15.46 5.84 3.26
CA MET A 88 14.63 6.95 2.74
C MET A 88 13.85 7.65 3.87
N LEU A 89 13.22 6.85 4.74
CA LEU A 89 12.38 7.35 5.84
C LEU A 89 13.23 7.68 7.10
N ASN A 90 12.64 8.48 8.01
CA ASN A 90 13.23 8.94 9.29
C ASN A 90 14.11 7.87 10.01
N VAL A 91 13.54 6.68 10.22
CA VAL A 91 14.21 5.56 10.93
C VAL A 91 14.35 4.32 10.04
N ALA A 92 15.05 3.29 10.56
CA ALA A 92 14.98 1.93 10.00
C ALA A 92 13.57 1.34 10.27
N LEU A 93 12.68 1.44 9.25
CA LEU A 93 11.28 1.03 9.36
C LEU A 93 11.11 -0.39 8.75
N ARG A 94 10.44 -1.28 9.50
CA ARG A 94 10.06 -2.64 9.04
C ARG A 94 8.54 -2.74 8.75
N PRO A 95 8.10 -2.61 7.46
CA PRO A 95 6.71 -2.92 7.07
C PRO A 95 6.51 -4.45 6.86
N GLU A 96 5.28 -4.93 7.11
CA GLU A 96 4.97 -6.37 6.95
C GLU A 96 4.55 -6.64 5.51
N MET A 97 5.48 -7.21 4.72
CA MET A 97 5.27 -7.51 3.31
C MET A 97 5.22 -9.02 3.06
N GLN A 98 4.31 -9.45 2.18
CA GLN A 98 4.12 -10.88 1.84
C GLN A 98 3.62 -11.03 0.38
N LEU A 99 3.97 -12.17 -0.24
CA LEU A 99 3.77 -12.41 -1.69
C LEU A 99 2.58 -13.39 -1.91
N GLU A 100 1.56 -12.91 -2.62
CA GLU A 100 0.28 -13.64 -2.86
C GLU A 100 -0.02 -13.70 -4.37
N GLN A 101 -0.39 -14.89 -4.87
CA GLN A 101 -0.68 -15.09 -6.30
C GLN A 101 -2.20 -15.03 -6.57
N VAL A 102 -2.59 -14.10 -7.46
CA VAL A 102 -3.99 -13.83 -7.83
C VAL A 102 -4.16 -14.08 -9.35
N GLY A 103 -4.94 -15.12 -9.70
CA GLY A 103 -5.06 -15.59 -11.11
C GLY A 103 -3.73 -15.98 -11.79
N GLY A 104 -2.74 -16.42 -10.98
CA GLY A 104 -1.41 -16.85 -11.49
C GLY A 104 -0.34 -15.75 -11.50
N LYS A 105 -0.66 -14.54 -11.02
CA LYS A 105 0.28 -13.38 -11.00
C LYS A 105 0.69 -13.07 -9.54
N THR A 106 2.00 -12.93 -9.25
CA THR A 106 2.48 -12.71 -7.87
C THR A 106 2.49 -11.20 -7.49
N LEU A 107 1.48 -10.77 -6.71
CA LEU A 107 1.39 -9.41 -6.13
C LEU A 107 2.10 -9.35 -4.75
N LEU A 108 2.34 -8.12 -4.25
CA LEU A 108 2.92 -7.87 -2.92
C LEU A 108 1.93 -7.06 -2.04
N VAL A 109 1.57 -7.64 -0.88
CA VAL A 109 0.81 -6.93 0.16
C VAL A 109 1.77 -6.18 1.10
N VAL A 110 1.73 -4.84 1.08
CA VAL A 110 2.49 -4.01 2.03
C VAL A 110 1.55 -3.53 3.16
N TYR A 111 1.64 -4.20 4.31
CA TYR A 111 0.98 -3.80 5.55
C TYR A 111 1.86 -2.75 6.28
N VAL A 112 1.31 -1.55 6.48
CA VAL A 112 1.98 -0.44 7.17
C VAL A 112 1.32 -0.22 8.56
N PRO A 113 1.92 -0.73 9.68
CA PRO A 113 1.40 -0.50 11.05
C PRO A 113 1.68 0.93 11.56
N GLU A 114 0.88 1.41 12.54
CA GLU A 114 1.09 2.73 13.15
C GLU A 114 2.28 2.67 14.13
N ALA A 115 3.34 3.42 13.80
CA ALA A 115 4.64 3.37 14.48
C ALA A 115 4.56 3.77 15.97
N ASP A 116 5.48 3.22 16.78
CA ASP A 116 5.47 3.40 18.24
C ASP A 116 6.01 4.80 18.64
N VAL A 117 5.62 5.26 19.85
CA VAL A 117 6.02 6.59 20.38
C VAL A 117 7.56 6.68 20.63
N THR A 118 8.26 5.51 20.76
CA THR A 118 9.75 5.43 20.87
C THR A 118 10.46 6.09 19.66
N HIS A 119 9.71 6.26 18.54
CA HIS A 119 10.15 7.12 17.42
C HIS A 119 9.84 8.62 17.84
N LYS A 120 8.56 9.17 17.81
CA LYS A 120 7.56 9.14 16.74
C LYS A 120 7.87 10.24 15.63
N PRO A 121 6.88 10.96 15.00
CA PRO A 121 6.79 11.21 13.54
C PRO A 121 7.86 10.61 12.60
N ILE A 122 7.43 9.65 11.76
CA ILE A 122 8.24 9.09 10.67
C ILE A 122 7.92 9.81 9.35
N TYR A 123 8.81 10.73 8.96
CA TYR A 123 8.69 11.50 7.71
C TYR A 123 9.64 10.92 6.62
N LYS A 124 9.44 11.36 5.37
CA LYS A 124 10.36 11.06 4.25
C LYS A 124 11.49 12.12 4.25
N LYS A 125 12.75 11.68 4.42
CA LYS A 125 13.93 12.61 4.50
C LYS A 125 14.22 13.37 3.17
N ALA A 126 13.57 12.94 2.07
CA ALA A 126 13.60 13.68 0.78
C ALA A 126 12.88 15.06 0.90
N THR A 127 11.95 15.15 1.89
CA THR A 127 11.23 16.40 2.30
C THR A 127 10.10 16.79 1.32
N GLY A 128 10.43 16.89 0.01
CA GLY A 128 9.46 17.23 -1.03
C GLY A 128 8.25 16.28 -1.09
N LEU A 129 7.05 16.84 -0.83
CA LEU A 129 5.76 16.11 -0.80
C LEU A 129 5.69 15.05 0.35
N PRO A 130 5.43 15.50 1.63
CA PRO A 130 5.13 14.60 2.76
C PRO A 130 3.60 14.30 2.93
N GLY A 131 3.28 13.30 3.79
CA GLY A 131 1.87 12.91 4.04
C GLY A 131 1.30 13.54 5.32
N GLY A 132 0.92 14.84 5.24
CA GLY A 132 0.40 15.59 6.40
C GLY A 132 -1.11 15.82 6.35
N ALA A 133 -1.91 14.81 6.72
CA ALA A 133 -3.39 14.90 6.81
C ALA A 133 -3.84 15.19 8.28
N TYR A 134 -4.63 16.26 8.48
CA TYR A 134 -5.04 16.72 9.84
C TYR A 134 -6.32 16.00 10.36
N ARG A 135 -6.37 15.79 11.69
CA ARG A 135 -7.53 15.17 12.38
C ARG A 135 -7.45 15.44 13.90
N ARG A 136 -8.61 15.58 14.56
CA ARG A 136 -8.68 15.74 16.03
C ARG A 136 -8.49 14.36 16.72
N ILE A 137 -7.22 14.02 17.01
CA ILE A 137 -6.80 12.70 17.55
C ILE A 137 -6.55 12.74 19.08
N GLY A 138 -6.28 11.55 19.66
CA GLY A 138 -6.05 11.41 21.11
C GLY A 138 -7.32 11.07 21.89
N SER A 139 -7.20 10.25 22.94
CA SER A 139 -8.37 9.78 23.73
C SER A 139 -8.01 9.58 25.22
N SER A 140 -7.23 8.52 25.53
CA SER A 140 -6.86 8.15 26.92
C SER A 140 -5.39 8.51 27.23
N ASP A 141 -5.00 8.29 28.50
CA ASP A 141 -3.67 8.72 29.05
C ASP A 141 -2.50 7.75 28.67
N GLN A 142 -2.80 6.68 27.91
CA GLN A 142 -1.79 5.64 27.52
C GLN A 142 -0.71 6.14 26.52
N ARG A 143 -0.82 7.41 26.08
CA ARG A 143 0.18 8.06 25.20
C ARG A 143 1.54 8.32 25.92
N CYS A 144 1.56 8.18 27.27
CA CYS A 144 2.76 8.40 28.10
C CYS A 144 3.85 7.33 27.87
N VAL A 145 5.11 7.78 27.82
CA VAL A 145 6.31 6.91 27.71
C VAL A 145 7.55 7.62 28.32
N LEU A 146 8.45 6.85 28.95
CA LEU A 146 9.75 7.37 29.42
C LEU A 146 10.66 7.79 28.22
N GLU A 147 11.42 8.88 28.39
CA GLU A 147 12.31 9.43 27.34
C GLU A 147 13.56 8.53 27.21
N HIS A 148 13.79 8.00 26.00
CA HIS A 148 14.99 7.19 25.67
C HIS A 148 15.36 7.40 24.18
N HIS A 149 16.39 8.23 23.94
CA HIS A 149 16.94 8.49 22.58
C HIS A 149 17.77 7.26 22.08
N HIS A 150 17.03 6.22 21.65
CA HIS A 150 17.56 4.95 21.07
C HIS A 150 18.71 4.33 21.93
N HIS A 151 18.33 3.56 22.98
CA HIS A 151 19.30 2.88 23.87
C HIS A 151 20.02 1.75 23.08
N HIS A 152 21.37 1.72 23.21
CA HIS A 152 22.29 0.98 22.30
C HIS A 152 22.31 1.66 20.91
N HIS A 153 23.16 2.70 20.77
CA HIS A 153 23.27 3.54 19.55
C HIS A 153 24.66 3.42 18.91
N MET A 1 -1.73 -11.24 8.13
CA MET A 1 -2.12 -10.17 7.16
C MET A 1 -3.21 -10.66 6.18
N ARG A 2 -3.78 -9.74 5.38
CA ARG A 2 -4.86 -10.08 4.41
C ARG A 2 -4.27 -10.44 3.02
N SER A 3 -4.97 -11.33 2.29
CA SER A 3 -4.54 -11.83 0.96
C SER A 3 -4.74 -10.77 -0.16
N ALA A 4 -3.99 -10.91 -1.28
CA ALA A 4 -4.04 -9.94 -2.42
C ALA A 4 -5.45 -9.87 -3.05
N THR A 5 -6.05 -11.04 -3.26
CA THR A 5 -7.45 -11.15 -3.76
C THR A 5 -8.49 -10.57 -2.75
N ASP A 6 -8.21 -10.74 -1.44
CA ASP A 6 -9.08 -10.17 -0.37
C ASP A 6 -9.02 -8.61 -0.37
N LEU A 7 -7.83 -8.05 -0.62
CA LEU A 7 -7.63 -6.59 -0.79
C LEU A 7 -8.28 -6.07 -2.11
N LEU A 8 -8.16 -6.90 -3.17
CA LEU A 8 -8.72 -6.60 -4.51
C LEU A 8 -10.26 -6.56 -4.47
N ASP A 9 -10.85 -7.33 -3.55
CA ASP A 9 -12.30 -7.36 -3.30
C ASP A 9 -12.83 -5.95 -2.91
N GLU A 10 -12.02 -5.16 -2.18
CA GLU A 10 -12.37 -3.76 -1.85
C GLU A 10 -12.24 -2.88 -3.12
N LEU A 11 -11.09 -2.99 -3.80
CA LEU A 11 -10.72 -2.14 -4.97
C LEU A 11 -11.78 -2.16 -6.12
N ASN A 12 -12.24 -3.37 -6.50
CA ASN A 12 -13.26 -3.56 -7.56
C ASN A 12 -14.72 -3.49 -7.03
N ALA A 13 -14.92 -3.35 -5.70
CA ALA A 13 -16.26 -3.12 -5.09
C ALA A 13 -16.59 -1.62 -5.07
N VAL A 14 -15.73 -0.86 -4.38
CA VAL A 14 -15.87 0.60 -4.20
C VAL A 14 -14.97 1.36 -5.20
N ASP A 15 -15.52 2.46 -5.78
CA ASP A 15 -14.83 3.28 -6.81
C ASP A 15 -13.56 3.98 -6.26
N GLU A 16 -13.69 4.61 -5.09
CA GLU A 16 -12.55 5.09 -4.28
C GLU A 16 -12.28 4.07 -3.15
N SER A 17 -11.01 3.91 -2.74
CA SER A 17 -10.62 2.84 -1.80
C SER A 17 -10.65 3.34 -0.35
N ALA A 18 -11.06 2.48 0.59
CA ALA A 18 -11.15 2.81 2.02
C ALA A 18 -9.75 2.86 2.68
N ARG A 19 -8.99 1.73 2.62
CA ARG A 19 -7.64 1.64 3.22
C ARG A 19 -6.61 0.91 2.31
N ILE A 20 -7.02 0.48 1.08
CA ILE A 20 -6.13 -0.30 0.18
C ILE A 20 -5.68 0.56 -1.02
N GLU A 21 -4.41 1.00 -1.07
CA GLU A 21 -3.85 1.64 -2.29
C GLU A 21 -3.13 0.61 -3.17
N ALA A 22 -3.68 0.36 -4.37
CA ALA A 22 -3.06 -0.51 -5.38
C ALA A 22 -2.02 0.29 -6.19
N LYS A 23 -0.79 -0.25 -6.32
CA LYS A 23 0.32 0.42 -7.04
C LYS A 23 1.06 -0.55 -7.99
N ARG A 24 1.84 0.03 -8.89
CA ARG A 24 2.68 -0.69 -9.88
C ARG A 24 4.16 -0.73 -9.43
N ALA A 25 5.02 -1.41 -10.23
CA ALA A 25 6.49 -1.47 -9.98
C ALA A 25 7.17 -0.10 -10.26
N SER A 26 6.49 0.74 -11.06
CA SER A 26 6.90 2.14 -11.35
C SER A 26 6.84 3.04 -10.09
N ASP A 27 5.93 2.73 -9.15
CA ASP A 27 5.77 3.49 -7.89
C ASP A 27 6.93 3.25 -6.89
N MET A 28 7.71 2.17 -7.09
CA MET A 28 8.82 1.76 -6.19
C MET A 28 9.85 2.90 -5.97
N GLY A 29 9.81 3.48 -4.76
CA GLY A 29 10.59 4.68 -4.43
C GLY A 29 9.76 5.65 -3.58
N LYS A 30 9.66 6.91 -4.04
CA LYS A 30 9.01 7.99 -3.27
C LYS A 30 7.47 7.87 -3.24
N SER A 31 6.88 7.29 -4.32
CA SER A 31 5.41 7.15 -4.48
C SER A 31 4.80 6.15 -3.47
N VAL A 32 5.47 4.99 -3.29
CA VAL A 32 5.09 3.99 -2.26
C VAL A 32 5.33 4.56 -0.84
N MET A 33 6.57 5.06 -0.62
CA MET A 33 7.03 5.61 0.67
C MET A 33 6.11 6.70 1.26
N GLU A 34 5.71 7.65 0.41
CA GLU A 34 4.91 8.83 0.85
C GLU A 34 3.45 8.42 1.23
N THR A 35 2.95 7.34 0.61
CA THR A 35 1.67 6.68 1.03
C THR A 35 1.83 5.98 2.41
N VAL A 36 3.00 5.33 2.63
CA VAL A 36 3.35 4.72 3.94
C VAL A 36 3.42 5.79 5.06
N ILE A 37 3.90 7.01 4.71
CA ILE A 37 3.93 8.19 5.64
C ILE A 37 2.50 8.52 6.16
N ALA A 38 1.51 8.40 5.25
CA ALA A 38 0.11 8.74 5.54
C ALA A 38 -0.51 7.81 6.61
N PHE A 39 -0.29 6.49 6.47
CA PHE A 39 -0.84 5.47 7.41
C PHE A 39 -0.02 5.38 8.71
N ALA A 40 1.32 5.49 8.60
CA ALA A 40 2.25 5.42 9.76
C ALA A 40 2.02 6.57 10.76
N ASN A 41 1.81 7.79 10.23
CA ASN A 41 1.56 9.01 11.04
C ASN A 41 0.05 9.24 11.31
N GLU A 42 -0.80 8.27 10.90
CA GLU A 42 -2.26 8.29 11.19
C GLU A 42 -2.53 7.49 12.49
N PRO A 43 -3.03 8.16 13.59
CA PRO A 43 -3.33 7.50 14.89
C PRO A 43 -4.17 6.18 14.80
N GLY A 44 -3.52 5.05 15.10
CA GLY A 44 -4.17 3.73 15.24
C GLY A 44 -4.87 3.18 13.98
N LEU A 45 -4.45 3.60 12.77
CA LEU A 45 -5.08 3.11 11.50
C LEU A 45 -4.22 2.01 10.82
N ASP A 46 -3.39 1.33 11.62
CA ASP A 46 -2.70 0.08 11.21
C ASP A 46 -3.68 -0.92 10.52
N GLY A 47 -3.33 -1.33 9.29
CA GLY A 47 -4.27 -2.03 8.37
C GLY A 47 -4.37 -1.32 7.01
N GLY A 48 -3.84 -0.09 6.96
CA GLY A 48 -3.48 0.56 5.68
C GLY A 48 -2.58 -0.35 4.80
N TYR A 49 -3.17 -0.95 3.75
CA TYR A 49 -2.47 -1.91 2.86
C TYR A 49 -2.12 -1.28 1.50
N LEU A 50 -0.88 -1.47 1.07
CA LEU A 50 -0.42 -1.14 -0.29
C LEU A 50 -0.24 -2.44 -1.09
N LEU A 51 -0.99 -2.60 -2.19
CA LEU A 51 -0.95 -3.84 -3.00
C LEU A 51 -0.13 -3.60 -4.29
N LEU A 52 1.09 -4.16 -4.35
CA LEU A 52 2.05 -3.95 -5.46
C LEU A 52 1.91 -5.04 -6.54
N GLY A 53 1.87 -4.60 -7.81
CA GLY A 53 1.73 -5.50 -8.97
C GLY A 53 0.30 -5.52 -9.50
N VAL A 54 -0.37 -4.37 -9.42
CA VAL A 54 -1.73 -4.19 -9.96
C VAL A 54 -1.70 -3.18 -11.14
N ASP A 55 -2.47 -3.49 -12.17
CA ASP A 55 -2.72 -2.57 -13.31
C ASP A 55 -4.15 -2.03 -13.15
N TRP A 56 -4.46 -0.91 -13.78
CA TRP A 56 -5.83 -0.34 -13.76
C TRP A 56 -6.15 0.41 -15.07
N ALA A 57 -7.39 0.24 -15.53
CA ALA A 57 -7.87 0.80 -16.81
C ALA A 57 -9.26 1.46 -16.64
N ILE A 58 -9.45 2.60 -17.34
CA ILE A 58 -10.72 3.34 -17.36
C ILE A 58 -11.72 2.67 -18.34
N ASN A 59 -12.92 2.31 -17.83
CA ASN A 59 -13.96 1.64 -18.66
C ASN A 59 -14.79 2.66 -19.48
N ASP A 60 -15.82 2.17 -20.19
CA ASP A 60 -16.70 3.00 -21.06
C ASP A 60 -17.43 4.14 -20.29
N LYS A 61 -17.76 3.90 -19.00
CA LYS A 61 -18.42 4.89 -18.14
C LYS A 61 -17.41 5.93 -17.56
N GLY A 62 -16.16 5.48 -17.35
CA GLY A 62 -15.09 6.33 -16.78
C GLY A 62 -14.58 5.86 -15.41
N ASP A 63 -14.97 4.65 -14.98
CA ASP A 63 -14.55 4.07 -13.68
C ASP A 63 -13.19 3.32 -13.80
N THR A 64 -12.41 3.36 -12.69
CA THR A 64 -11.09 2.70 -12.60
C THR A 64 -11.23 1.22 -12.17
N VAL A 65 -10.97 0.28 -13.09
CA VAL A 65 -11.06 -1.18 -12.84
C VAL A 65 -9.65 -1.76 -12.55
N TYR A 66 -9.47 -2.41 -11.38
CA TYR A 66 -8.15 -2.93 -10.93
C TYR A 66 -7.95 -4.41 -11.34
N ARG A 67 -6.97 -4.63 -12.22
CA ARG A 67 -6.62 -5.95 -12.78
C ARG A 67 -5.17 -6.35 -12.37
N PRO A 68 -4.96 -7.37 -11.46
CA PRO A 68 -3.62 -7.74 -10.96
C PRO A 68 -2.76 -8.44 -12.04
N VAL A 69 -1.76 -7.72 -12.58
CA VAL A 69 -0.84 -8.26 -13.62
C VAL A 69 0.46 -8.86 -13.00
N GLY A 70 0.64 -8.64 -11.69
CA GLY A 70 1.77 -9.19 -10.95
C GLY A 70 3.07 -8.38 -11.07
N LEU A 71 4.15 -8.94 -10.49
CA LEU A 71 5.50 -8.36 -10.50
C LEU A 71 6.47 -9.36 -11.19
N PRO A 72 7.23 -8.94 -12.27
CA PRO A 72 8.22 -9.82 -12.96
C PRO A 72 9.35 -10.32 -12.01
N ASP A 73 9.82 -9.42 -11.12
CA ASP A 73 10.80 -9.77 -10.05
C ASP A 73 10.19 -9.43 -8.65
N PRO A 74 9.24 -10.28 -8.12
CA PRO A 74 8.43 -9.93 -6.93
C PRO A 74 9.21 -9.98 -5.60
N ASP A 75 10.12 -10.96 -5.45
CA ASP A 75 10.95 -11.10 -4.24
C ASP A 75 11.91 -9.91 -4.10
N LYS A 76 12.44 -9.44 -5.26
CA LYS A 76 13.32 -8.26 -5.31
C LYS A 76 12.56 -6.97 -4.91
N VAL A 77 11.29 -6.82 -5.33
CA VAL A 77 10.43 -5.68 -4.91
C VAL A 77 10.32 -5.63 -3.35
N GLN A 78 10.19 -6.80 -2.72
CA GLN A 78 10.15 -6.97 -1.25
C GLN A 78 11.49 -6.54 -0.58
N ARG A 79 12.64 -6.95 -1.16
CA ARG A 79 13.98 -6.64 -0.60
C ARG A 79 14.32 -5.14 -0.74
N ASP A 80 14.10 -4.59 -1.94
CA ASP A 80 14.32 -3.17 -2.28
C ASP A 80 13.41 -2.24 -1.45
N LEU A 81 12.18 -2.70 -1.14
CA LEU A 81 11.23 -1.93 -0.32
C LEU A 81 11.67 -1.88 1.16
N ALA A 82 12.13 -3.02 1.70
CA ALA A 82 12.68 -3.09 3.09
C ALA A 82 13.99 -2.26 3.22
N SER A 83 14.78 -2.23 2.12
CA SER A 83 16.05 -1.45 2.04
C SER A 83 15.77 0.07 2.11
N GLN A 84 14.86 0.55 1.22
CA GLN A 84 14.46 1.98 1.20
C GLN A 84 13.67 2.38 2.47
N CYS A 85 12.85 1.48 3.04
CA CYS A 85 12.05 1.80 4.26
C CYS A 85 12.95 2.06 5.51
N ALA A 86 14.20 1.58 5.46
CA ALA A 86 15.26 1.92 6.44
C ALA A 86 16.05 3.21 6.02
N SER A 87 16.39 3.31 4.72
CA SER A 87 17.33 4.36 4.18
C SER A 87 16.64 5.71 3.85
N MET A 88 15.31 5.67 3.66
CA MET A 88 14.49 6.82 3.20
C MET A 88 13.97 7.61 4.40
N LEU A 89 13.64 6.87 5.46
CA LEU A 89 13.10 7.40 6.70
C LEU A 89 14.22 7.61 7.73
N ASN A 90 14.07 8.65 8.58
CA ASN A 90 15.06 9.00 9.64
C ASN A 90 15.34 7.82 10.61
N VAL A 91 14.36 6.93 10.78
CA VAL A 91 14.50 5.67 11.55
C VAL A 91 14.12 4.45 10.69
N ALA A 92 14.59 3.27 11.11
CA ALA A 92 14.30 2.00 10.42
C ALA A 92 12.85 1.51 10.68
N LEU A 93 11.94 1.78 9.73
CA LEU A 93 10.54 1.28 9.79
C LEU A 93 10.48 -0.04 8.98
N ARG A 94 10.02 -1.12 9.64
CA ARG A 94 9.88 -2.45 9.01
C ARG A 94 8.37 -2.79 8.79
N PRO A 95 7.79 -2.54 7.57
CA PRO A 95 6.42 -2.99 7.24
C PRO A 95 6.31 -4.52 7.10
N GLU A 96 5.08 -5.03 7.26
CA GLU A 96 4.77 -6.47 7.09
C GLU A 96 4.51 -6.76 5.59
N MET A 97 5.46 -7.43 4.93
CA MET A 97 5.42 -7.67 3.46
C MET A 97 5.46 -9.18 3.14
N GLN A 98 4.53 -9.63 2.28
CA GLN A 98 4.40 -11.06 1.88
C GLN A 98 3.95 -11.20 0.42
N LEU A 99 4.48 -12.23 -0.27
CA LEU A 99 4.26 -12.47 -1.71
C LEU A 99 3.06 -13.41 -1.95
N GLU A 100 2.02 -12.86 -2.59
CA GLU A 100 0.72 -13.55 -2.85
C GLU A 100 0.61 -14.05 -4.30
N GLN A 101 0.35 -15.34 -4.48
CA GLN A 101 0.05 -15.93 -5.80
C GLN A 101 -1.48 -15.92 -6.05
N VAL A 102 -1.93 -14.97 -6.89
CA VAL A 102 -3.36 -14.71 -7.18
C VAL A 102 -3.57 -14.49 -8.69
N GLY A 103 -4.58 -15.17 -9.27
CA GLY A 103 -4.93 -15.09 -10.70
C GLY A 103 -3.81 -15.50 -11.67
N GLY A 104 -2.92 -16.40 -11.24
CA GLY A 104 -1.76 -16.83 -12.05
C GLY A 104 -0.57 -15.86 -11.98
N LYS A 105 -0.70 -14.81 -11.13
CA LYS A 105 0.31 -13.74 -10.96
C LYS A 105 0.90 -13.78 -9.54
N THR A 106 2.02 -13.07 -9.30
CA THR A 106 2.58 -12.89 -7.92
C THR A 106 2.66 -11.38 -7.58
N LEU A 107 2.15 -11.03 -6.38
CA LEU A 107 2.00 -9.63 -5.92
C LEU A 107 2.74 -9.45 -4.57
N LEU A 108 2.87 -8.20 -4.09
CA LEU A 108 3.42 -7.91 -2.75
C LEU A 108 2.37 -7.15 -1.91
N VAL A 109 1.85 -7.83 -0.88
CA VAL A 109 0.93 -7.22 0.10
C VAL A 109 1.77 -6.49 1.18
N VAL A 110 1.57 -5.17 1.33
CA VAL A 110 2.31 -4.34 2.32
C VAL A 110 1.36 -3.80 3.41
N TYR A 111 1.39 -4.44 4.58
CA TYR A 111 0.75 -3.94 5.81
C TYR A 111 1.63 -2.84 6.43
N VAL A 112 1.04 -1.66 6.68
CA VAL A 112 1.71 -0.57 7.40
C VAL A 112 1.26 -0.62 8.88
N PRO A 113 2.15 -1.08 9.82
CA PRO A 113 1.88 -0.99 11.26
C PRO A 113 2.11 0.46 11.78
N GLU A 114 1.35 0.87 12.80
CA GLU A 114 1.66 2.13 13.50
C GLU A 114 2.88 1.88 14.41
N ALA A 115 3.84 2.81 14.36
CA ALA A 115 5.09 2.71 15.15
C ALA A 115 4.86 3.23 16.59
N ASP A 116 5.92 3.19 17.44
CA ASP A 116 5.86 3.68 18.85
C ASP A 116 5.62 5.22 18.90
N VAL A 117 5.46 5.79 20.10
CA VAL A 117 5.52 7.26 20.29
C VAL A 117 6.93 7.87 20.02
N THR A 118 8.03 7.20 20.46
CA THR A 118 9.43 7.75 20.35
C THR A 118 9.89 7.78 18.88
N HIS A 119 9.62 6.68 18.18
CA HIS A 119 9.64 6.58 16.72
C HIS A 119 8.19 6.21 16.42
N LYS A 120 7.22 7.15 16.20
CA LYS A 120 7.16 8.38 15.36
C LYS A 120 8.25 9.51 15.47
N PRO A 121 7.87 10.81 15.33
CA PRO A 121 8.39 11.70 14.28
C PRO A 121 9.23 11.03 13.15
N ILE A 122 8.50 10.26 12.30
CA ILE A 122 9.04 9.58 11.11
C ILE A 122 8.63 10.37 9.84
N TYR A 123 9.62 10.62 8.97
CA TYR A 123 9.46 11.46 7.77
C TYR A 123 10.50 11.08 6.70
N LYS A 124 10.23 11.52 5.46
CA LYS A 124 11.15 11.38 4.33
C LYS A 124 12.37 12.33 4.49
N LYS A 125 13.57 11.88 4.05
CA LYS A 125 14.81 12.70 4.09
C LYS A 125 14.90 13.74 2.93
N ALA A 126 13.75 14.02 2.29
CA ALA A 126 13.61 15.07 1.26
C ALA A 126 12.24 15.78 1.40
N THR A 127 12.19 17.04 0.97
CA THR A 127 10.98 17.89 1.02
C THR A 127 9.87 17.32 0.10
N GLY A 128 8.88 16.64 0.72
CA GLY A 128 7.75 16.03 -0.01
C GLY A 128 6.41 16.23 0.70
N LEU A 129 5.31 16.02 -0.04
CA LEU A 129 3.93 16.27 0.45
C LEU A 129 2.90 15.49 -0.43
N PRO A 130 2.02 14.59 0.17
CA PRO A 130 0.96 13.85 -0.58
C PRO A 130 0.08 14.76 -1.49
N GLY A 131 -0.15 16.00 -1.02
CA GLY A 131 -0.83 17.04 -1.79
C GLY A 131 -2.31 16.76 -2.05
N GLY A 132 -2.68 16.52 -3.32
CA GLY A 132 -4.07 16.33 -3.74
C GLY A 132 -4.83 17.66 -3.82
N ALA A 133 -5.01 18.18 -5.05
CA ALA A 133 -5.74 19.45 -5.28
C ALA A 133 -7.21 19.35 -4.81
N TYR A 134 -7.91 18.30 -5.29
CA TYR A 134 -9.27 17.94 -4.84
C TYR A 134 -9.23 16.72 -3.88
N ARG A 135 -10.42 16.30 -3.41
CA ARG A 135 -10.57 15.11 -2.55
C ARG A 135 -11.95 14.47 -2.82
N ARG A 136 -11.96 13.41 -3.64
CA ARG A 136 -13.20 12.76 -4.11
C ARG A 136 -14.04 12.17 -2.93
N ILE A 137 -15.37 12.09 -3.15
CA ILE A 137 -16.29 11.35 -2.26
C ILE A 137 -17.17 10.38 -3.09
N GLY A 138 -17.19 9.10 -2.69
CA GLY A 138 -18.07 8.07 -3.26
C GLY A 138 -19.29 7.80 -2.37
N SER A 139 -19.74 6.53 -2.30
CA SER A 139 -20.89 6.13 -1.46
C SER A 139 -20.90 4.61 -1.22
N SER A 140 -21.16 4.19 0.04
CA SER A 140 -21.38 2.78 0.39
C SER A 140 -22.78 2.32 -0.08
N ASP A 141 -22.88 1.06 -0.55
CA ASP A 141 -24.14 0.49 -1.05
C ASP A 141 -25.06 0.02 0.11
N GLN A 142 -26.37 -0.05 -0.16
CA GLN A 142 -27.38 -0.59 0.78
C GLN A 142 -27.83 -1.98 0.31
N ARG A 143 -28.16 -2.87 1.27
CA ARG A 143 -28.71 -4.20 0.97
C ARG A 143 -30.20 -4.24 1.34
N CYS A 144 -31.07 -4.42 0.33
CA CYS A 144 -32.51 -4.61 0.55
C CYS A 144 -32.76 -5.95 1.29
N VAL A 145 -33.46 -5.87 2.45
CA VAL A 145 -33.67 -7.04 3.34
C VAL A 145 -34.54 -8.12 2.65
N LEU A 146 -33.86 -9.16 2.15
CA LEU A 146 -34.51 -10.38 1.62
C LEU A 146 -35.16 -11.18 2.78
N GLU A 147 -36.45 -10.89 3.04
CA GLU A 147 -37.25 -11.55 4.09
C GLU A 147 -37.78 -12.93 3.64
N HIS A 148 -38.19 -13.76 4.61
CA HIS A 148 -38.72 -15.13 4.33
C HIS A 148 -40.21 -15.24 4.73
N HIS A 149 -41.11 -14.74 3.84
CA HIS A 149 -42.57 -14.89 4.01
C HIS A 149 -43.01 -16.36 3.81
N HIS A 150 -43.92 -16.83 4.67
CA HIS A 150 -44.32 -18.26 4.73
C HIS A 150 -45.71 -18.49 4.08
N HIS A 151 -46.07 -19.78 3.94
CA HIS A 151 -47.43 -20.20 3.52
C HIS A 151 -48.50 -19.77 4.57
N HIS A 152 -49.66 -19.29 4.09
CA HIS A 152 -50.77 -18.80 4.94
C HIS A 152 -51.69 -19.95 5.43
N HIS A 153 -51.70 -21.10 4.70
CA HIS A 153 -52.52 -22.28 5.09
C HIS A 153 -51.80 -23.15 6.13
N MET A 1 -1.74 -11.27 7.82
CA MET A 1 -2.13 -10.01 7.14
C MET A 1 -3.18 -10.28 6.04
N ARG A 2 -4.18 -9.39 5.93
CA ARG A 2 -5.17 -9.37 4.80
C ARG A 2 -4.50 -9.66 3.42
N SER A 3 -4.95 -10.76 2.78
CA SER A 3 -4.35 -11.32 1.53
C SER A 3 -4.30 -10.34 0.33
N ALA A 4 -3.39 -10.59 -0.64
CA ALA A 4 -3.27 -9.79 -1.90
C ALA A 4 -4.56 -9.84 -2.73
N THR A 5 -5.10 -11.06 -2.85
CA THR A 5 -6.35 -11.33 -3.58
C THR A 5 -7.54 -10.61 -2.89
N ASP A 6 -7.48 -10.54 -1.54
CA ASP A 6 -8.45 -9.82 -0.69
C ASP A 6 -8.40 -8.28 -0.93
N LEU A 7 -7.18 -7.71 -0.92
CA LEU A 7 -6.98 -6.25 -1.10
C LEU A 7 -7.40 -5.81 -2.51
N LEU A 8 -7.16 -6.67 -3.51
CA LEU A 8 -7.57 -6.43 -4.90
C LEU A 8 -9.11 -6.40 -5.02
N ASP A 9 -9.78 -7.30 -4.29
CA ASP A 9 -11.25 -7.36 -4.19
C ASP A 9 -11.80 -6.09 -3.46
N GLU A 10 -11.03 -5.58 -2.48
CA GLU A 10 -11.36 -4.33 -1.75
C GLU A 10 -11.27 -3.10 -2.70
N LEU A 11 -10.23 -3.09 -3.55
CA LEU A 11 -10.01 -2.06 -4.59
C LEU A 11 -11.13 -2.11 -5.66
N ASN A 12 -11.63 -3.32 -5.95
CA ASN A 12 -12.75 -3.55 -6.89
C ASN A 12 -14.13 -3.29 -6.22
N ALA A 13 -14.18 -3.34 -4.87
CA ALA A 13 -15.40 -3.04 -4.09
C ALA A 13 -15.68 -1.53 -4.10
N VAL A 14 -14.68 -0.74 -3.68
CA VAL A 14 -14.73 0.74 -3.73
C VAL A 14 -14.26 1.25 -5.11
N ASP A 15 -14.90 2.30 -5.65
CA ASP A 15 -14.51 2.88 -6.97
C ASP A 15 -13.15 3.61 -6.89
N GLU A 16 -12.98 4.44 -5.84
CA GLU A 16 -11.68 5.05 -5.46
C GLU A 16 -11.22 4.48 -4.09
N SER A 17 -9.96 3.98 -4.05
CA SER A 17 -9.27 3.49 -2.82
C SER A 17 -9.59 4.30 -1.53
N ALA A 18 -10.37 3.68 -0.62
CA ALA A 18 -10.83 4.32 0.64
C ALA A 18 -9.77 4.25 1.78
N ARG A 19 -8.68 3.50 1.56
CA ARG A 19 -7.57 3.37 2.54
C ARG A 19 -6.31 2.75 1.90
N ILE A 20 -6.52 1.81 0.96
CA ILE A 20 -5.43 0.94 0.45
C ILE A 20 -4.90 1.53 -0.87
N GLU A 21 -3.71 2.14 -0.79
CA GLU A 21 -3.10 2.82 -1.95
C GLU A 21 -2.24 1.79 -2.72
N ALA A 22 -2.67 1.46 -3.94
CA ALA A 22 -2.10 0.37 -4.75
C ALA A 22 -1.41 0.93 -5.99
N LYS A 23 -0.31 0.27 -6.43
CA LYS A 23 0.48 0.78 -7.57
C LYS A 23 1.13 -0.35 -8.38
N ARG A 24 1.51 0.02 -9.62
CA ARG A 24 2.23 -0.86 -10.56
C ARG A 24 3.73 -1.01 -10.18
N ALA A 25 4.39 -2.01 -10.81
CA ALA A 25 5.85 -2.27 -10.66
C ALA A 25 6.73 -1.02 -10.94
N SER A 26 6.27 -0.16 -11.86
CA SER A 26 7.00 1.07 -12.29
C SER A 26 7.09 2.14 -11.16
N ASP A 27 6.07 2.17 -10.27
CA ASP A 27 5.95 3.20 -9.21
C ASP A 27 6.85 2.92 -7.97
N MET A 28 7.51 1.73 -7.94
CA MET A 28 8.42 1.33 -6.83
C MET A 28 9.50 2.41 -6.54
N GLY A 29 9.34 3.10 -5.39
CA GLY A 29 10.22 4.19 -4.99
C GLY A 29 9.52 5.22 -4.11
N LYS A 30 9.53 6.49 -4.55
CA LYS A 30 9.13 7.67 -3.73
C LYS A 30 7.66 7.59 -3.21
N SER A 31 6.68 7.40 -4.13
CA SER A 31 5.23 7.36 -3.77
C SER A 31 4.90 6.21 -2.80
N VAL A 32 5.51 5.03 -3.02
CA VAL A 32 5.34 3.85 -2.13
C VAL A 32 5.77 4.16 -0.68
N MET A 33 6.91 4.87 -0.53
CA MET A 33 7.48 5.20 0.79
C MET A 33 6.75 6.38 1.47
N GLU A 34 6.28 7.31 0.64
CA GLU A 34 5.57 8.53 1.07
C GLU A 34 4.17 8.17 1.68
N THR A 35 3.56 7.09 1.16
CA THR A 35 2.28 6.54 1.67
C THR A 35 2.46 5.82 3.03
N VAL A 36 3.62 5.12 3.21
CA VAL A 36 3.99 4.47 4.50
C VAL A 36 4.09 5.50 5.66
N ILE A 37 4.60 6.71 5.33
CA ILE A 37 4.68 7.86 6.26
C ILE A 37 3.28 8.24 6.79
N ALA A 38 2.27 8.23 5.90
CA ALA A 38 0.90 8.67 6.20
C ALA A 38 0.22 7.78 7.27
N PHE A 39 0.30 6.44 7.06
CA PHE A 39 -0.33 5.44 7.98
C PHE A 39 0.36 5.42 9.37
N ALA A 40 1.70 5.60 9.37
CA ALA A 40 2.50 5.68 10.61
C ALA A 40 2.18 6.98 11.41
N ASN A 41 1.91 8.06 10.67
CA ASN A 41 1.57 9.38 11.25
C ASN A 41 0.16 9.39 11.91
N GLU A 42 -0.83 8.76 11.25
CA GLU A 42 -2.24 8.76 11.69
C GLU A 42 -2.46 7.87 12.94
N PRO A 43 -3.11 8.40 14.04
CA PRO A 43 -3.39 7.63 15.26
C PRO A 43 -4.73 6.85 15.20
N GLY A 44 -4.64 5.52 15.31
CA GLY A 44 -5.81 4.64 15.40
C GLY A 44 -6.35 4.14 14.06
N LEU A 45 -5.57 4.26 12.95
CA LEU A 45 -6.02 3.85 11.60
C LEU A 45 -5.21 2.61 11.08
N ASP A 46 -4.64 1.84 12.04
CA ASP A 46 -4.10 0.47 11.78
C ASP A 46 -5.01 -0.37 10.82
N GLY A 47 -4.38 -1.01 9.82
CA GLY A 47 -5.08 -1.51 8.61
C GLY A 47 -4.54 -0.85 7.33
N GLY A 48 -3.56 0.05 7.53
CA GLY A 48 -2.79 0.69 6.45
C GLY A 48 -2.09 -0.32 5.52
N TYR A 49 -2.69 -0.57 4.34
CA TYR A 49 -2.12 -1.50 3.31
C TYR A 49 -1.77 -0.79 2.00
N LEU A 50 -0.67 -1.27 1.37
CA LEU A 50 -0.30 -0.96 -0.03
C LEU A 50 -0.27 -2.29 -0.82
N LEU A 51 -0.91 -2.34 -2.00
CA LEU A 51 -0.90 -3.55 -2.84
C LEU A 51 -0.07 -3.32 -4.13
N LEU A 52 1.08 -4.01 -4.24
CA LEU A 52 2.00 -3.90 -5.39
C LEU A 52 1.65 -4.92 -6.50
N GLY A 53 1.61 -4.44 -7.75
CA GLY A 53 1.34 -5.28 -8.92
C GLY A 53 -0.11 -5.19 -9.38
N VAL A 54 -0.71 -4.00 -9.23
CA VAL A 54 -2.10 -3.72 -9.67
C VAL A 54 -2.10 -2.72 -10.82
N ASP A 55 -2.93 -2.98 -11.83
CA ASP A 55 -3.15 -2.08 -12.97
C ASP A 55 -4.65 -1.88 -13.16
N TRP A 56 -5.07 -0.63 -13.27
CA TRP A 56 -6.50 -0.24 -13.35
C TRP A 56 -6.84 0.41 -14.70
N ALA A 57 -7.99 0.04 -15.27
CA ALA A 57 -8.45 0.55 -16.57
C ALA A 57 -9.94 0.96 -16.51
N ILE A 58 -10.26 2.06 -17.20
CA ILE A 58 -11.61 2.66 -17.20
C ILE A 58 -12.41 2.23 -18.45
N ASN A 59 -13.68 1.83 -18.25
CA ASN A 59 -14.60 1.46 -19.36
C ASN A 59 -15.36 2.70 -19.93
N ASP A 60 -16.32 2.46 -20.85
CA ASP A 60 -17.10 3.52 -21.51
C ASP A 60 -18.01 4.32 -20.53
N LYS A 61 -18.43 3.71 -19.40
CA LYS A 61 -19.28 4.40 -18.38
C LYS A 61 -18.41 5.27 -17.44
N GLY A 62 -17.15 4.84 -17.21
CA GLY A 62 -16.22 5.56 -16.30
C GLY A 62 -15.78 4.75 -15.07
N ASP A 63 -16.06 3.44 -15.05
CA ASP A 63 -15.68 2.54 -13.93
C ASP A 63 -14.18 2.15 -13.99
N THR A 64 -13.43 2.55 -12.94
CA THR A 64 -12.02 2.15 -12.74
C THR A 64 -11.96 0.71 -12.16
N VAL A 65 -11.54 -0.26 -12.98
CA VAL A 65 -11.49 -1.70 -12.61
C VAL A 65 -10.01 -2.14 -12.38
N TYR A 66 -9.72 -2.67 -11.19
CA TYR A 66 -8.36 -3.03 -10.74
C TYR A 66 -8.06 -4.51 -11.04
N ARG A 67 -6.97 -4.77 -11.79
CA ARG A 67 -6.61 -6.11 -12.32
C ARG A 67 -5.20 -6.56 -11.83
N PRO A 68 -4.96 -7.90 -11.66
CA PRO A 68 -3.64 -8.42 -11.27
C PRO A 68 -2.66 -8.55 -12.48
N VAL A 69 -1.72 -7.60 -12.57
CA VAL A 69 -0.58 -7.66 -13.53
C VAL A 69 0.68 -8.22 -12.85
N GLY A 70 0.74 -8.07 -11.52
CA GLY A 70 1.79 -8.68 -10.69
C GLY A 70 3.14 -7.97 -10.77
N LEU A 71 4.16 -8.62 -10.21
CA LEU A 71 5.54 -8.13 -10.20
C LEU A 71 6.44 -9.09 -11.02
N PRO A 72 7.19 -8.58 -12.05
CA PRO A 72 8.16 -9.41 -12.83
C PRO A 72 9.32 -9.97 -11.95
N ASP A 73 9.66 -9.25 -10.86
CA ASP A 73 10.73 -9.64 -9.91
C ASP A 73 10.24 -9.57 -8.42
N PRO A 74 9.22 -10.40 -8.02
CA PRO A 74 8.50 -10.22 -6.71
C PRO A 74 9.39 -10.52 -5.48
N ASP A 75 10.34 -11.46 -5.67
CA ASP A 75 11.36 -11.82 -4.66
C ASP A 75 12.26 -10.62 -4.33
N LYS A 76 12.58 -9.81 -5.35
CA LYS A 76 13.36 -8.59 -5.19
C LYS A 76 12.52 -7.49 -4.49
N VAL A 77 11.34 -7.20 -5.08
CA VAL A 77 10.51 -6.01 -4.72
C VAL A 77 10.23 -5.90 -3.20
N GLN A 78 10.00 -7.06 -2.57
CA GLN A 78 9.85 -7.16 -1.09
C GLN A 78 11.13 -6.72 -0.33
N ARG A 79 12.30 -7.23 -0.78
CA ARG A 79 13.63 -6.91 -0.18
C ARG A 79 14.09 -5.46 -0.47
N ASP A 80 13.99 -5.03 -1.74
CA ASP A 80 14.28 -3.65 -2.21
C ASP A 80 13.45 -2.62 -1.43
N LEU A 81 12.19 -2.98 -1.12
CA LEU A 81 11.27 -2.14 -0.32
C LEU A 81 11.76 -2.02 1.15
N ALA A 82 12.24 -3.12 1.72
CA ALA A 82 12.80 -3.15 3.09
C ALA A 82 14.10 -2.31 3.21
N SER A 83 14.90 -2.28 2.11
CA SER A 83 16.17 -1.49 2.04
C SER A 83 15.88 0.03 2.00
N GLN A 84 15.01 0.46 1.05
CA GLN A 84 14.59 1.87 0.92
C GLN A 84 13.79 2.34 2.17
N CYS A 85 13.10 1.40 2.85
CA CYS A 85 12.37 1.68 4.12
C CYS A 85 13.30 2.19 5.25
N ALA A 86 14.56 1.73 5.22
CA ALA A 86 15.61 2.16 6.18
C ALA A 86 16.31 3.50 5.77
N SER A 87 16.32 3.82 4.45
CA SER A 87 17.08 4.98 3.90
C SER A 87 16.19 6.25 3.66
N MET A 88 14.92 6.04 3.28
CA MET A 88 13.97 7.11 2.90
C MET A 88 13.21 7.67 4.11
N LEU A 89 12.89 6.78 5.08
CA LEU A 89 12.03 7.12 6.25
C LEU A 89 12.90 7.49 7.48
N ASN A 90 12.37 8.39 8.34
CA ASN A 90 13.02 8.88 9.60
C ASN A 90 13.71 7.74 10.39
N VAL A 91 12.95 6.66 10.65
CA VAL A 91 13.47 5.46 11.35
C VAL A 91 13.56 4.26 10.39
N ALA A 92 14.43 3.30 10.73
CA ALA A 92 14.48 2.00 10.04
C ALA A 92 13.25 1.15 10.44
N LEU A 93 12.42 0.83 9.44
CA LEU A 93 11.17 0.06 9.64
C LEU A 93 11.28 -1.33 9.02
N ARG A 94 10.68 -2.31 9.71
CA ARG A 94 10.47 -3.69 9.19
C ARG A 94 8.94 -3.96 9.09
N PRO A 95 8.27 -3.50 7.98
CA PRO A 95 6.82 -3.74 7.78
C PRO A 95 6.46 -5.22 7.54
N GLU A 96 5.18 -5.54 7.74
CA GLU A 96 4.66 -6.89 7.50
C GLU A 96 4.47 -7.09 5.98
N MET A 97 5.03 -8.19 5.42
CA MET A 97 5.04 -8.44 3.95
C MET A 97 4.69 -9.90 3.63
N GLN A 98 3.90 -10.09 2.56
CA GLN A 98 3.56 -11.43 2.01
C GLN A 98 3.45 -11.39 0.47
N LEU A 99 3.73 -12.52 -0.19
CA LEU A 99 3.62 -12.67 -1.67
C LEU A 99 2.52 -13.70 -2.03
N GLU A 100 1.64 -13.33 -2.98
CA GLU A 100 0.56 -14.21 -3.48
C GLU A 100 0.43 -14.13 -5.01
N GLN A 101 0.01 -15.25 -5.62
CA GLN A 101 -0.35 -15.27 -7.05
C GLN A 101 -1.87 -15.08 -7.19
N VAL A 102 -2.27 -14.08 -7.99
CA VAL A 102 -3.68 -13.77 -8.28
C VAL A 102 -3.86 -13.86 -9.81
N GLY A 103 -4.67 -14.85 -10.26
CA GLY A 103 -4.82 -15.18 -11.69
C GLY A 103 -3.50 -15.51 -12.42
N GLY A 104 -2.50 -16.01 -11.65
CA GLY A 104 -1.19 -16.43 -12.20
C GLY A 104 -0.10 -15.35 -12.17
N LYS A 105 -0.38 -14.20 -11.49
CA LYS A 105 0.58 -13.07 -11.38
C LYS A 105 0.91 -12.80 -9.89
N THR A 106 2.21 -12.71 -9.52
CA THR A 106 2.60 -12.56 -8.09
C THR A 106 2.58 -11.08 -7.61
N LEU A 107 1.53 -10.72 -6.83
CA LEU A 107 1.39 -9.41 -6.15
C LEU A 107 2.09 -9.42 -4.76
N LEU A 108 2.41 -8.21 -4.22
CA LEU A 108 3.02 -8.04 -2.88
C LEU A 108 2.03 -7.30 -1.94
N VAL A 109 1.85 -7.86 -0.75
CA VAL A 109 1.01 -7.30 0.31
C VAL A 109 1.92 -6.54 1.33
N VAL A 110 1.66 -5.25 1.55
CA VAL A 110 2.44 -4.43 2.51
C VAL A 110 1.55 -3.83 3.60
N TYR A 111 1.69 -4.33 4.82
CA TYR A 111 1.07 -3.73 6.01
C TYR A 111 2.06 -2.78 6.68
N VAL A 112 1.59 -1.58 7.02
CA VAL A 112 2.35 -0.59 7.79
C VAL A 112 1.91 -0.68 9.27
N PRO A 113 2.75 -1.29 10.17
CA PRO A 113 2.50 -1.24 11.63
C PRO A 113 2.63 0.22 12.12
N GLU A 114 1.56 0.73 12.74
CA GLU A 114 1.41 2.16 13.05
C GLU A 114 2.47 2.63 14.07
N ALA A 115 3.11 3.78 13.81
CA ALA A 115 4.23 4.30 14.64
C ALA A 115 3.84 4.44 16.13
N ASP A 116 4.69 3.88 17.01
CA ASP A 116 4.51 3.94 18.48
C ASP A 116 5.14 5.24 19.04
N VAL A 117 4.86 5.56 20.33
CA VAL A 117 5.45 6.71 21.06
C VAL A 117 7.01 6.68 21.08
N THR A 118 7.61 5.48 20.87
CA THR A 118 9.09 5.31 20.70
C THR A 118 9.64 6.17 19.54
N HIS A 119 8.75 6.52 18.59
CA HIS A 119 9.00 7.57 17.59
C HIS A 119 8.54 8.93 18.25
N LYS A 120 7.28 9.46 18.18
CA LYS A 120 6.37 9.67 17.01
C LYS A 120 7.01 10.63 15.89
N PRO A 121 6.21 11.47 15.08
CA PRO A 121 6.39 11.72 13.61
C PRO A 121 7.58 11.05 12.85
N ILE A 122 7.20 10.25 11.82
CA ILE A 122 8.17 9.67 10.86
C ILE A 122 8.23 10.58 9.61
N TYR A 123 9.16 11.54 9.60
CA TYR A 123 9.36 12.43 8.43
C TYR A 123 10.23 11.76 7.35
N LYS A 124 10.17 12.29 6.13
CA LYS A 124 11.07 11.84 5.03
C LYS A 124 12.47 12.49 5.24
N LYS A 125 13.54 11.68 5.16
CA LYS A 125 14.94 12.15 5.29
C LYS A 125 15.39 13.00 4.06
N ALA A 126 14.87 14.25 4.02
CA ALA A 126 15.05 15.24 2.93
C ALA A 126 14.08 16.43 3.13
N THR A 127 14.00 17.33 2.13
CA THR A 127 12.97 18.40 2.08
C THR A 127 11.61 17.85 1.57
N GLY A 128 10.61 18.73 1.41
CA GLY A 128 9.27 18.34 0.93
C GLY A 128 8.34 17.97 2.08
N LEU A 129 8.38 16.67 2.49
CA LEU A 129 7.62 16.12 3.66
C LEU A 129 6.08 16.13 3.38
N PRO A 130 5.41 14.93 3.30
CA PRO A 130 3.94 14.84 2.98
C PRO A 130 3.01 15.25 4.15
N GLY A 131 1.68 15.23 3.87
CA GLY A 131 0.66 15.56 4.85
C GLY A 131 -0.76 15.32 4.33
N GLY A 132 -1.77 15.56 5.19
CA GLY A 132 -3.19 15.36 4.82
C GLY A 132 -3.93 14.38 5.74
N ALA A 133 -5.24 14.22 5.52
CA ALA A 133 -6.11 13.35 6.35
C ALA A 133 -7.37 12.92 5.55
N TYR A 134 -7.46 11.60 5.24
CA TYR A 134 -8.64 11.00 4.59
C TYR A 134 -9.74 10.73 5.65
N ARG A 135 -11.03 10.95 5.28
CA ARG A 135 -12.18 10.63 6.16
C ARG A 135 -12.46 9.10 6.13
N ARG A 136 -11.66 8.37 6.92
CA ARG A 136 -11.70 6.89 7.03
C ARG A 136 -13.13 6.34 7.36
N ILE A 137 -13.58 5.33 6.61
CA ILE A 137 -14.91 4.69 6.79
C ILE A 137 -14.78 3.33 7.53
N GLY A 138 -15.80 3.00 8.34
CA GLY A 138 -15.83 1.74 9.13
C GLY A 138 -16.42 0.57 8.33
N SER A 139 -15.65 -0.54 8.24
CA SER A 139 -16.08 -1.76 7.49
C SER A 139 -16.14 -2.99 8.43
N SER A 140 -17.21 -3.80 8.30
CA SER A 140 -17.44 -5.00 9.15
C SER A 140 -18.52 -5.93 8.55
N ASP A 141 -18.72 -7.11 9.17
CA ASP A 141 -19.70 -8.12 8.72
C ASP A 141 -20.65 -8.54 9.87
N GLN A 142 -21.51 -9.55 9.60
CA GLN A 142 -22.44 -10.12 10.60
C GLN A 142 -22.62 -11.65 10.39
N ARG A 143 -21.51 -12.33 10.04
CA ARG A 143 -21.51 -13.79 9.66
C ARG A 143 -22.19 -14.69 10.74
N CYS A 144 -23.11 -15.57 10.32
CA CYS A 144 -23.94 -16.42 11.21
C CYS A 144 -23.51 -17.91 11.11
N VAL A 145 -24.24 -18.78 11.85
CA VAL A 145 -24.01 -20.24 11.85
C VAL A 145 -25.35 -21.02 11.99
N LEU A 146 -25.57 -21.99 11.08
CA LEU A 146 -26.69 -22.95 11.17
C LEU A 146 -26.16 -24.41 11.27
N GLU A 147 -27.03 -25.36 11.62
CA GLU A 147 -26.62 -26.75 11.88
C GLU A 147 -27.77 -27.73 11.54
N HIS A 148 -27.48 -28.71 10.65
CA HIS A 148 -28.45 -29.73 10.18
C HIS A 148 -28.07 -31.13 10.75
N HIS A 149 -28.73 -31.53 11.85
CA HIS A 149 -28.43 -32.80 12.55
C HIS A 149 -29.36 -33.96 12.10
N HIS A 150 -28.78 -35.18 12.03
CA HIS A 150 -29.48 -36.42 11.63
C HIS A 150 -29.78 -37.31 12.86
N HIS A 151 -31.06 -37.68 13.04
CA HIS A 151 -31.51 -38.64 14.07
C HIS A 151 -32.53 -39.66 13.48
N HIS A 152 -32.69 -40.81 14.17
CA HIS A 152 -33.64 -41.89 13.79
C HIS A 152 -33.28 -42.54 12.41
N HIS A 153 -32.41 -43.56 12.46
CA HIS A 153 -31.97 -44.31 11.25
C HIS A 153 -31.59 -45.75 11.64
N MET A 1 -1.87 -8.51 8.46
CA MET A 1 -2.29 -8.40 7.03
C MET A 1 -3.47 -9.35 6.69
N ARG A 2 -4.30 -8.96 5.70
CA ARG A 2 -5.35 -9.84 5.12
C ARG A 2 -4.76 -10.70 3.96
N SER A 3 -5.63 -11.39 3.20
CA SER A 3 -5.25 -12.00 1.90
C SER A 3 -5.30 -10.93 0.77
N ALA A 4 -4.44 -11.07 -0.27
CA ALA A 4 -4.38 -10.10 -1.41
C ALA A 4 -5.70 -10.07 -2.22
N THR A 5 -6.41 -11.21 -2.23
CA THR A 5 -7.73 -11.35 -2.86
C THR A 5 -8.76 -10.44 -2.17
N ASP A 6 -8.78 -10.49 -0.82
CA ASP A 6 -9.73 -9.73 0.00
C ASP A 6 -9.55 -8.18 -0.22
N LEU A 7 -8.28 -7.78 -0.28
CA LEU A 7 -7.86 -6.39 -0.54
C LEU A 7 -8.26 -5.93 -1.96
N LEU A 8 -8.12 -6.84 -2.92
CA LEU A 8 -8.53 -6.63 -4.33
C LEU A 8 -10.07 -6.45 -4.43
N ASP A 9 -10.82 -7.15 -3.56
CA ASP A 9 -12.30 -6.98 -3.45
C ASP A 9 -12.66 -5.59 -2.89
N GLU A 10 -11.91 -5.13 -1.86
CA GLU A 10 -12.13 -3.80 -1.24
C GLU A 10 -11.85 -2.67 -2.27
N LEU A 11 -10.78 -2.86 -3.08
CA LEU A 11 -10.45 -1.98 -4.22
C LEU A 11 -11.55 -1.96 -5.31
N ASN A 12 -11.98 -3.14 -5.76
CA ASN A 12 -13.02 -3.28 -6.83
C ASN A 12 -14.43 -2.83 -6.37
N ALA A 13 -14.61 -2.63 -5.05
CA ALA A 13 -15.82 -2.00 -4.48
C ALA A 13 -15.77 -0.46 -4.63
N VAL A 14 -14.57 0.11 -4.38
CA VAL A 14 -14.37 1.58 -4.34
C VAL A 14 -13.80 2.14 -5.66
N ASP A 15 -13.97 3.45 -5.83
CA ASP A 15 -13.31 4.23 -6.91
C ASP A 15 -12.17 5.11 -6.34
N GLU A 16 -11.95 5.01 -5.02
CA GLU A 16 -10.96 5.82 -4.26
C GLU A 16 -10.26 4.96 -3.19
N SER A 17 -8.92 5.00 -3.17
CA SER A 17 -8.10 4.18 -2.26
C SER A 17 -8.06 4.81 -0.83
N ALA A 18 -9.08 4.49 -0.01
CA ALA A 18 -9.30 5.07 1.33
C ALA A 18 -8.16 4.72 2.33
N ARG A 19 -8.01 3.42 2.63
CA ARG A 19 -6.89 2.89 3.46
C ARG A 19 -5.80 2.23 2.58
N ILE A 20 -6.06 2.14 1.28
CA ILE A 20 -5.19 1.41 0.34
C ILE A 20 -4.38 2.44 -0.50
N GLU A 21 -3.36 1.97 -1.23
CA GLU A 21 -2.69 2.77 -2.27
C GLU A 21 -2.06 1.80 -3.30
N ALA A 22 -2.56 1.84 -4.55
CA ALA A 22 -2.19 0.86 -5.59
C ALA A 22 -1.12 1.42 -6.56
N LYS A 23 -0.16 0.56 -6.98
CA LYS A 23 0.94 0.95 -7.89
C LYS A 23 1.47 -0.23 -8.72
N ARG A 24 2.10 0.14 -9.85
CA ARG A 24 2.88 -0.77 -10.70
C ARG A 24 4.28 -1.08 -10.07
N ALA A 25 4.95 -2.14 -10.57
CA ALA A 25 6.36 -2.46 -10.19
C ALA A 25 7.36 -1.35 -10.62
N SER A 26 7.07 -0.69 -11.75
CA SER A 26 7.89 0.45 -12.27
C SER A 26 7.64 1.77 -11.49
N ASP A 27 6.56 1.81 -10.68
CA ASP A 27 6.15 3.02 -9.92
C ASP A 27 6.91 3.13 -8.55
N MET A 28 7.69 2.10 -8.19
CA MET A 28 8.48 2.08 -6.93
C MET A 28 9.44 3.30 -6.83
N GLY A 29 9.16 4.18 -5.86
CA GLY A 29 9.96 5.40 -5.66
C GLY A 29 9.61 6.16 -4.39
N LYS A 30 9.90 7.46 -4.41
CA LYS A 30 9.75 8.38 -3.25
C LYS A 30 8.26 8.71 -2.98
N SER A 31 7.43 8.61 -4.03
CA SER A 31 5.95 8.76 -3.94
C SER A 31 5.32 7.62 -3.11
N VAL A 32 5.71 6.37 -3.42
CA VAL A 32 5.31 5.16 -2.66
C VAL A 32 5.74 5.27 -1.17
N MET A 33 6.96 5.81 -0.97
CA MET A 33 7.57 6.00 0.36
C MET A 33 6.89 7.12 1.19
N GLU A 34 6.39 8.15 0.48
CA GLU A 34 5.75 9.33 1.10
C GLU A 34 4.40 8.94 1.78
N THR A 35 3.65 8.01 1.14
CA THR A 35 2.34 7.53 1.64
C THR A 35 2.48 6.65 2.92
N VAL A 36 3.60 5.91 3.03
CA VAL A 36 3.91 5.00 4.19
C VAL A 36 3.91 5.78 5.54
N ILE A 37 4.41 7.03 5.52
CA ILE A 37 4.44 7.94 6.68
C ILE A 37 3.03 8.12 7.32
N ALA A 38 2.00 8.24 6.46
CA ALA A 38 0.63 8.60 6.85
C ALA A 38 -0.01 7.55 7.78
N PHE A 39 0.05 6.26 7.35
CA PHE A 39 -0.54 5.11 8.09
C PHE A 39 0.09 4.91 9.49
N ALA A 40 1.33 5.42 9.68
CA ALA A 40 2.02 5.39 10.98
C ALA A 40 1.44 6.42 11.99
N ASN A 41 0.83 7.53 11.48
CA ASN A 41 0.27 8.62 12.33
C ASN A 41 -1.28 8.81 12.17
N GLU A 42 -1.96 7.93 11.39
CA GLU A 42 -3.45 8.03 11.18
C GLU A 42 -4.25 7.96 12.51
N PRO A 43 -5.01 9.06 12.89
CA PRO A 43 -5.74 9.16 14.19
C PRO A 43 -6.80 8.05 14.39
N GLY A 44 -6.45 7.03 15.19
CA GLY A 44 -7.40 5.97 15.61
C GLY A 44 -7.88 5.02 14.50
N LEU A 45 -7.26 5.07 13.30
CA LEU A 45 -7.64 4.18 12.17
C LEU A 45 -6.47 3.23 11.81
N ASP A 46 -5.35 3.82 11.33
CA ASP A 46 -4.17 3.14 10.77
C ASP A 46 -4.48 1.86 9.91
N GLY A 47 -3.49 0.95 9.77
CA GLY A 47 -3.70 -0.35 9.13
C GLY A 47 -4.00 -0.24 7.64
N GLY A 48 -3.07 0.36 6.89
CA GLY A 48 -3.23 0.57 5.45
C GLY A 48 -2.42 -0.42 4.62
N TYR A 49 -2.84 -0.63 3.36
CA TYR A 49 -2.17 -1.59 2.46
C TYR A 49 -1.73 -0.90 1.15
N LEU A 50 -0.45 -1.03 0.80
CA LEU A 50 0.06 -0.61 -0.52
C LEU A 50 0.17 -1.85 -1.42
N LEU A 51 -0.57 -1.88 -2.53
CA LEU A 51 -0.61 -3.05 -3.44
C LEU A 51 0.29 -2.79 -4.67
N LEU A 52 1.43 -3.50 -4.72
CA LEU A 52 2.43 -3.41 -5.81
C LEU A 52 2.24 -4.59 -6.79
N GLY A 53 2.14 -4.25 -8.09
CA GLY A 53 1.85 -5.24 -9.14
C GLY A 53 0.37 -5.25 -9.54
N VAL A 54 -0.29 -4.09 -9.39
CA VAL A 54 -1.69 -3.88 -9.79
C VAL A 54 -1.79 -2.87 -10.96
N ASP A 55 -2.77 -3.12 -11.83
CA ASP A 55 -3.16 -2.20 -12.90
C ASP A 55 -4.65 -1.86 -12.73
N TRP A 56 -5.06 -0.67 -13.17
CA TRP A 56 -6.47 -0.23 -13.12
C TRP A 56 -6.92 0.22 -14.52
N ALA A 57 -8.02 -0.37 -14.99
CA ALA A 57 -8.51 -0.23 -16.36
C ALA A 57 -9.92 0.38 -16.40
N ILE A 58 -10.17 1.27 -17.37
CA ILE A 58 -11.44 2.00 -17.53
C ILE A 58 -12.42 1.18 -18.42
N ASN A 59 -13.67 1.01 -17.91
CA ASN A 59 -14.75 0.29 -18.64
C ASN A 59 -15.43 1.18 -19.71
N ASP A 60 -16.38 0.58 -20.47
CA ASP A 60 -17.26 1.33 -21.40
C ASP A 60 -18.10 2.41 -20.67
N LYS A 61 -18.44 2.12 -19.39
CA LYS A 61 -19.21 3.05 -18.53
C LYS A 61 -18.29 4.11 -17.87
N GLY A 62 -16.97 3.83 -17.85
CA GLY A 62 -15.96 4.73 -17.26
C GLY A 62 -15.47 4.33 -15.85
N ASP A 63 -15.79 3.09 -15.42
CA ASP A 63 -15.44 2.59 -14.06
C ASP A 63 -13.95 2.15 -13.97
N THR A 64 -13.34 2.34 -12.79
CA THR A 64 -11.95 1.90 -12.52
C THR A 64 -11.94 0.47 -11.93
N VAL A 65 -11.32 -0.48 -12.65
CA VAL A 65 -11.22 -1.90 -12.23
C VAL A 65 -9.75 -2.26 -11.88
N TYR A 66 -9.53 -2.72 -10.65
CA TYR A 66 -8.19 -3.10 -10.16
C TYR A 66 -7.96 -4.62 -10.40
N ARG A 67 -6.87 -4.94 -11.10
CA ARG A 67 -6.59 -6.32 -11.59
C ARG A 67 -5.12 -6.74 -11.27
N PRO A 68 -4.88 -8.03 -10.87
CA PRO A 68 -3.53 -8.53 -10.49
C PRO A 68 -2.65 -8.88 -11.72
N VAL A 69 -2.11 -7.83 -12.37
CA VAL A 69 -1.14 -7.99 -13.50
C VAL A 69 0.24 -8.54 -13.04
N GLY A 70 0.51 -8.42 -11.73
CA GLY A 70 1.64 -9.09 -11.08
C GLY A 70 2.97 -8.35 -11.19
N LEU A 71 3.98 -8.87 -10.48
CA LEU A 71 5.36 -8.36 -10.51
C LEU A 71 6.23 -9.19 -11.48
N PRO A 72 7.02 -8.55 -12.39
CA PRO A 72 8.04 -9.27 -13.21
C PRO A 72 9.19 -9.83 -12.33
N ASP A 73 9.56 -9.07 -11.29
CA ASP A 73 10.60 -9.47 -10.31
C ASP A 73 10.00 -9.44 -8.86
N PRO A 74 9.24 -10.52 -8.44
CA PRO A 74 8.50 -10.53 -7.14
C PRO A 74 9.38 -10.24 -5.89
N ASP A 75 10.43 -11.06 -5.70
CA ASP A 75 11.35 -10.93 -4.55
C ASP A 75 12.11 -9.59 -4.58
N LYS A 76 12.58 -9.20 -5.77
CA LYS A 76 13.37 -7.95 -5.96
C LYS A 76 12.57 -6.70 -5.50
N VAL A 77 11.27 -6.65 -5.84
CA VAL A 77 10.37 -5.55 -5.42
C VAL A 77 10.26 -5.45 -3.88
N GLN A 78 10.13 -6.61 -3.20
CA GLN A 78 10.06 -6.66 -1.71
C GLN A 78 11.39 -6.20 -1.04
N ARG A 79 12.53 -6.65 -1.61
CA ARG A 79 13.88 -6.41 -1.04
C ARG A 79 14.37 -4.96 -1.28
N ASP A 80 14.15 -4.43 -2.51
CA ASP A 80 14.45 -3.01 -2.85
C ASP A 80 13.64 -2.02 -1.97
N LEU A 81 12.39 -2.39 -1.66
CA LEU A 81 11.52 -1.58 -0.78
C LEU A 81 12.02 -1.62 0.69
N ALA A 82 12.46 -2.82 1.14
CA ALA A 82 13.05 -3.02 2.48
C ALA A 82 14.41 -2.27 2.65
N SER A 83 15.15 -2.13 1.54
CA SER A 83 16.45 -1.41 1.52
C SER A 83 16.24 0.12 1.59
N GLN A 84 15.40 0.67 0.68
CA GLN A 84 15.14 2.14 0.60
C GLN A 84 14.39 2.68 1.85
N CYS A 85 13.53 1.86 2.48
CA CYS A 85 12.80 2.26 3.72
C CYS A 85 13.76 2.45 4.92
N ALA A 86 14.88 1.69 4.91
CA ALA A 86 15.93 1.79 5.95
C ALA A 86 16.80 3.06 5.78
N SER A 87 16.88 3.58 4.53
CA SER A 87 17.68 4.80 4.21
C SER A 87 16.85 6.10 4.33
N MET A 88 15.61 6.07 3.79
CA MET A 88 14.76 7.28 3.62
C MET A 88 13.92 7.60 4.87
N LEU A 89 13.46 6.57 5.60
CA LEU A 89 12.61 6.77 6.81
C LEU A 89 13.48 6.92 8.07
N ASN A 90 13.04 7.81 8.99
CA ASN A 90 13.69 8.12 10.30
C ASN A 90 14.36 6.89 10.97
N VAL A 91 13.54 5.88 11.24
CA VAL A 91 13.98 4.62 11.88
C VAL A 91 14.11 3.51 10.82
N ALA A 92 14.73 2.38 11.21
CA ALA A 92 14.71 1.16 10.40
C ALA A 92 13.29 0.57 10.43
N LEU A 93 12.49 0.86 9.39
CA LEU A 93 11.08 0.47 9.33
C LEU A 93 10.94 -0.76 8.42
N ARG A 94 10.69 -1.92 9.02
CA ARG A 94 10.27 -3.13 8.29
C ARG A 94 8.72 -3.24 8.36
N PRO A 95 7.98 -2.91 7.27
CA PRO A 95 6.54 -3.23 7.17
C PRO A 95 6.31 -4.76 7.06
N GLU A 96 5.05 -5.17 7.12
CA GLU A 96 4.68 -6.58 6.87
C GLU A 96 4.48 -6.72 5.35
N MET A 97 5.43 -7.38 4.67
CA MET A 97 5.41 -7.50 3.18
C MET A 97 5.32 -8.98 2.75
N GLN A 98 4.23 -9.33 2.05
CA GLN A 98 3.90 -10.72 1.65
C GLN A 98 3.79 -10.82 0.11
N LEU A 99 4.46 -11.84 -0.45
CA LEU A 99 4.35 -12.19 -1.87
C LEU A 99 3.16 -13.17 -2.05
N GLU A 100 2.12 -12.67 -2.74
CA GLU A 100 0.79 -13.31 -2.82
C GLU A 100 0.44 -13.71 -4.27
N GLN A 101 0.03 -14.98 -4.48
CA GLN A 101 -0.27 -15.51 -5.81
C GLN A 101 -1.81 -15.55 -6.05
N VAL A 102 -2.27 -14.67 -6.96
CA VAL A 102 -3.70 -14.49 -7.30
C VAL A 102 -3.87 -14.72 -8.83
N GLY A 103 -4.64 -15.77 -9.21
CA GLY A 103 -4.72 -16.24 -10.60
C GLY A 103 -3.37 -16.65 -11.23
N GLY A 104 -2.44 -17.14 -10.38
CA GLY A 104 -1.09 -17.53 -10.82
C GLY A 104 -0.11 -16.36 -10.99
N LYS A 105 -0.54 -15.15 -10.62
CA LYS A 105 0.30 -13.92 -10.68
C LYS A 105 0.80 -13.56 -9.28
N THR A 106 2.11 -13.31 -9.09
CA THR A 106 2.66 -12.98 -7.75
C THR A 106 2.75 -11.44 -7.57
N LEU A 107 2.17 -10.93 -6.47
CA LEU A 107 2.10 -9.49 -6.14
C LEU A 107 2.81 -9.24 -4.80
N LEU A 108 3.03 -7.97 -4.44
CA LEU A 108 3.53 -7.60 -3.10
C LEU A 108 2.46 -6.77 -2.36
N VAL A 109 1.99 -7.29 -1.22
CA VAL A 109 1.16 -6.54 -0.29
C VAL A 109 2.06 -5.90 0.79
N VAL A 110 1.97 -4.58 0.97
CA VAL A 110 2.72 -3.86 2.01
C VAL A 110 1.74 -3.36 3.09
N TYR A 111 1.67 -4.10 4.20
CA TYR A 111 0.86 -3.71 5.37
C TYR A 111 1.67 -2.76 6.27
N VAL A 112 1.12 -1.56 6.46
CA VAL A 112 1.70 -0.53 7.33
C VAL A 112 0.64 -0.12 8.39
N PRO A 113 0.67 -0.73 9.61
CA PRO A 113 -0.16 -0.27 10.75
C PRO A 113 0.49 0.93 11.48
N GLU A 114 -0.14 1.40 12.55
CA GLU A 114 0.46 2.40 13.46
C GLU A 114 1.38 1.68 14.45
N ALA A 115 2.54 2.28 14.69
CA ALA A 115 3.64 1.66 15.47
C ALA A 115 3.63 2.16 16.94
N ASP A 116 4.58 1.67 17.76
CA ASP A 116 4.70 2.09 19.19
C ASP A 116 5.29 3.51 19.25
N VAL A 117 4.73 4.39 20.10
CA VAL A 117 4.99 5.87 20.09
C VAL A 117 6.51 6.28 19.99
N THR A 118 7.44 5.42 20.45
CA THR A 118 8.91 5.69 20.38
C THR A 118 9.39 5.72 18.90
N HIS A 119 9.01 4.67 18.14
CA HIS A 119 9.16 4.60 16.66
C HIS A 119 7.74 4.22 16.17
N LYS A 120 6.66 5.06 16.26
CA LYS A 120 6.39 6.46 15.76
C LYS A 120 7.46 7.62 15.96
N PRO A 121 7.03 8.94 16.03
CA PRO A 121 7.56 10.01 15.14
C PRO A 121 8.55 9.59 14.02
N ILE A 122 8.01 8.83 13.05
CA ILE A 122 8.76 8.40 11.85
C ILE A 122 8.40 9.33 10.68
N TYR A 123 9.43 9.85 10.04
CA TYR A 123 9.33 10.84 8.95
C TYR A 123 10.38 10.53 7.87
N LYS A 124 10.05 10.78 6.60
CA LYS A 124 11.02 10.65 5.50
C LYS A 124 11.94 11.89 5.50
N LYS A 125 13.26 11.63 5.57
CA LYS A 125 14.30 12.62 5.93
C LYS A 125 14.37 13.84 4.97
N ALA A 126 14.82 13.61 3.72
CA ALA A 126 14.91 14.67 2.69
C ALA A 126 13.50 15.08 2.20
N THR A 127 13.08 16.32 2.54
CA THR A 127 11.73 16.90 2.26
C THR A 127 10.60 16.15 3.00
N GLY A 128 9.34 16.65 2.90
CA GLY A 128 8.21 16.07 3.65
C GLY A 128 6.85 16.33 3.01
N LEU A 129 5.81 16.49 3.86
CA LEU A 129 4.39 16.61 3.46
C LEU A 129 3.87 15.30 2.81
N PRO A 130 3.29 14.34 3.62
CA PRO A 130 2.71 13.09 3.08
C PRO A 130 1.22 13.23 2.67
N GLY A 131 0.72 12.20 1.96
CA GLY A 131 -0.71 12.11 1.60
C GLY A 131 -1.44 11.08 2.46
N GLY A 132 -2.32 11.56 3.37
CA GLY A 132 -3.05 10.68 4.32
C GLY A 132 -4.45 11.20 4.66
N ALA A 133 -5.43 10.28 4.68
CA ALA A 133 -6.84 10.62 4.94
C ALA A 133 -7.56 9.42 5.61
N TYR A 134 -7.97 9.59 6.88
CA TYR A 134 -8.69 8.53 7.64
C TYR A 134 -10.14 8.33 7.11
N ARG A 135 -10.25 7.57 6.01
CA ARG A 135 -11.53 7.30 5.31
C ARG A 135 -11.97 5.83 5.54
N ARG A 136 -13.28 5.64 5.76
CA ARG A 136 -13.88 4.30 6.00
C ARG A 136 -15.17 4.13 5.16
N ILE A 137 -15.34 2.93 4.57
CA ILE A 137 -16.52 2.58 3.75
C ILE A 137 -16.80 1.05 3.81
N GLY A 138 -17.97 0.68 4.38
CA GLY A 138 -18.43 -0.71 4.46
C GLY A 138 -19.32 -1.10 3.29
N SER A 139 -18.87 -2.05 2.46
CA SER A 139 -19.64 -2.52 1.27
C SER A 139 -20.76 -3.50 1.69
N SER A 140 -20.36 -4.67 2.24
CA SER A 140 -21.30 -5.70 2.75
C SER A 140 -20.57 -6.73 3.64
N ASP A 141 -21.30 -7.33 4.59
CA ASP A 141 -20.81 -8.42 5.48
C ASP A 141 -21.34 -9.79 4.98
N GLN A 142 -20.44 -10.72 4.62
CA GLN A 142 -20.81 -12.02 4.01
C GLN A 142 -20.44 -13.20 4.94
N ARG A 143 -21.48 -13.85 5.51
CA ARG A 143 -21.35 -15.12 6.27
C ARG A 143 -22.23 -16.23 5.63
N CYS A 144 -21.87 -17.50 5.88
CA CYS A 144 -22.64 -18.67 5.43
C CYS A 144 -22.31 -19.92 6.26
N VAL A 145 -23.31 -20.48 6.97
CA VAL A 145 -23.19 -21.72 7.76
C VAL A 145 -24.10 -22.84 7.16
N LEU A 146 -23.62 -24.10 7.22
CA LEU A 146 -24.33 -25.28 6.66
C LEU A 146 -24.56 -26.35 7.76
N GLU A 147 -25.78 -26.90 7.85
CA GLU A 147 -26.11 -27.96 8.83
C GLU A 147 -25.83 -29.37 8.26
N HIS A 148 -25.43 -30.29 9.14
CA HIS A 148 -25.14 -31.70 8.79
C HIS A 148 -26.44 -32.52 8.70
N HIS A 149 -26.50 -33.49 7.77
CA HIS A 149 -27.55 -34.53 7.75
C HIS A 149 -27.19 -35.65 8.75
N HIS A 150 -27.92 -35.71 9.88
CA HIS A 150 -27.70 -36.74 10.92
C HIS A 150 -28.07 -38.15 10.37
N HIS A 151 -27.10 -39.09 10.42
CA HIS A 151 -27.29 -40.48 9.95
C HIS A 151 -28.51 -41.18 10.62
N HIS A 152 -29.64 -41.19 9.90
CA HIS A 152 -30.89 -41.86 10.32
C HIS A 152 -30.75 -43.38 10.04
N HIS A 153 -30.94 -44.21 11.09
CA HIS A 153 -30.61 -45.68 11.11
C HIS A 153 -29.08 -45.90 11.05
N MET A 1 -3.42 -9.75 8.88
CA MET A 1 -2.64 -9.56 7.62
C MET A 1 -3.48 -10.13 6.45
N ARG A 2 -3.95 -9.24 5.55
CA ARG A 2 -4.91 -9.60 4.48
C ARG A 2 -4.21 -10.23 3.24
N SER A 3 -4.99 -10.95 2.43
CA SER A 3 -4.49 -11.61 1.19
C SER A 3 -4.40 -10.64 -0.01
N ALA A 4 -3.53 -10.98 -0.99
CA ALA A 4 -3.37 -10.21 -2.26
C ALA A 4 -4.66 -10.21 -3.09
N THR A 5 -5.35 -11.36 -3.13
CA THR A 5 -6.68 -11.50 -3.74
C THR A 5 -7.70 -10.61 -3.01
N ASP A 6 -7.66 -10.69 -1.68
CA ASP A 6 -8.61 -10.01 -0.80
C ASP A 6 -8.57 -8.47 -0.97
N LEU A 7 -7.34 -7.91 -0.98
CA LEU A 7 -7.11 -6.47 -1.18
C LEU A 7 -7.54 -6.01 -2.58
N LEU A 8 -7.32 -6.87 -3.60
CA LEU A 8 -7.66 -6.55 -5.00
C LEU A 8 -9.20 -6.41 -5.18
N ASP A 9 -9.96 -7.39 -4.64
CA ASP A 9 -11.45 -7.35 -4.61
C ASP A 9 -11.97 -6.17 -3.75
N GLU A 10 -11.25 -5.87 -2.65
CA GLU A 10 -11.57 -4.74 -1.75
C GLU A 10 -11.43 -3.38 -2.48
N LEU A 11 -10.33 -3.22 -3.23
CA LEU A 11 -10.07 -2.02 -4.07
C LEU A 11 -11.18 -1.84 -5.14
N ASN A 12 -11.64 -2.96 -5.72
CA ASN A 12 -12.78 -3.01 -6.67
C ASN A 12 -14.12 -2.61 -6.00
N ALA A 13 -14.27 -2.97 -4.71
CA ALA A 13 -15.50 -2.72 -3.93
C ALA A 13 -15.68 -1.22 -3.60
N VAL A 14 -14.57 -0.55 -3.22
CA VAL A 14 -14.60 0.87 -2.76
C VAL A 14 -13.83 1.81 -3.74
N ASP A 15 -14.56 2.79 -4.33
CA ASP A 15 -14.00 3.89 -5.15
C ASP A 15 -13.06 4.86 -4.35
N GLU A 16 -13.00 4.72 -3.01
CA GLU A 16 -12.16 5.59 -2.15
C GLU A 16 -11.21 4.72 -1.28
N SER A 17 -9.90 4.87 -1.50
CA SER A 17 -8.85 4.15 -0.75
C SER A 17 -8.62 4.75 0.66
N ALA A 18 -9.35 4.23 1.66
CA ALA A 18 -9.28 4.70 3.08
C ALA A 18 -7.86 4.50 3.67
N ARG A 19 -7.39 3.24 3.70
CA ARG A 19 -5.99 2.90 4.05
C ARG A 19 -5.49 1.66 3.28
N ILE A 20 -6.08 1.38 2.09
CA ILE A 20 -5.60 0.32 1.16
C ILE A 20 -5.39 0.95 -0.23
N GLU A 21 -4.14 1.11 -0.68
CA GLU A 21 -3.83 1.78 -1.97
C GLU A 21 -2.92 0.88 -2.85
N ALA A 22 -3.32 0.70 -4.12
CA ALA A 22 -2.60 -0.14 -5.10
C ALA A 22 -1.46 0.63 -5.79
N LYS A 23 -0.35 -0.06 -6.06
CA LYS A 23 0.84 0.51 -6.74
C LYS A 23 1.26 -0.42 -7.92
N ARG A 24 1.75 0.18 -9.01
CA ARG A 24 2.28 -0.58 -10.17
C ARG A 24 3.73 -1.06 -9.92
N ALA A 25 4.18 -2.06 -10.70
CA ALA A 25 5.58 -2.57 -10.64
C ALA A 25 6.61 -1.48 -11.06
N SER A 26 6.24 -0.64 -12.05
CA SER A 26 7.04 0.54 -12.48
C SER A 26 7.00 1.70 -11.46
N ASP A 27 6.00 1.68 -10.56
CA ASP A 27 5.77 2.75 -9.56
C ASP A 27 6.72 2.64 -8.34
N MET A 28 7.51 1.54 -8.25
CA MET A 28 8.41 1.28 -7.10
C MET A 28 9.41 2.42 -6.83
N GLY A 29 9.38 2.92 -5.59
CA GLY A 29 10.25 4.02 -5.15
C GLY A 29 9.51 4.99 -4.23
N LYS A 30 9.84 6.29 -4.33
CA LYS A 30 9.28 7.36 -3.48
C LYS A 30 7.72 7.49 -3.58
N SER A 31 7.14 7.08 -4.73
CA SER A 31 5.67 7.13 -4.95
C SER A 31 4.91 6.04 -4.17
N VAL A 32 5.58 4.92 -3.87
CA VAL A 32 5.10 3.93 -2.88
C VAL A 32 5.31 4.48 -1.43
N MET A 33 6.54 4.96 -1.17
CA MET A 33 7.01 5.42 0.16
C MET A 33 6.13 6.54 0.80
N GLU A 34 5.58 7.44 -0.04
CA GLU A 34 4.72 8.56 0.43
C GLU A 34 3.48 8.06 1.23
N THR A 35 2.87 6.97 0.73
CA THR A 35 1.64 6.40 1.32
C THR A 35 1.95 5.55 2.59
N VAL A 36 3.19 4.98 2.66
CA VAL A 36 3.71 4.28 3.87
C VAL A 36 3.71 5.23 5.10
N ILE A 37 4.20 6.46 4.85
CA ILE A 37 4.22 7.58 5.83
C ILE A 37 2.82 7.83 6.46
N ALA A 38 1.78 7.82 5.62
CA ALA A 38 0.38 8.10 6.05
C ALA A 38 -0.15 7.08 7.10
N PHE A 39 0.08 5.78 6.84
CA PHE A 39 -0.47 4.67 7.67
C PHE A 39 0.22 4.56 9.05
N ALA A 40 1.53 4.83 9.08
CA ALA A 40 2.36 4.71 10.29
C ALA A 40 2.15 5.90 11.27
N ASN A 41 1.87 7.10 10.70
CA ASN A 41 1.92 8.38 11.45
C ASN A 41 0.53 8.93 11.83
N GLU A 42 -0.39 8.99 10.86
CA GLU A 42 -1.71 9.64 11.04
C GLU A 42 -2.60 8.86 12.06
N PRO A 43 -3.04 9.55 13.18
CA PRO A 43 -3.81 8.92 14.28
C PRO A 43 -5.13 8.25 13.81
N GLY A 44 -5.15 6.91 13.88
CA GLY A 44 -6.36 6.12 13.66
C GLY A 44 -6.35 5.28 12.37
N LEU A 45 -5.38 5.49 11.45
CA LEU A 45 -5.22 4.62 10.25
C LEU A 45 -4.18 3.50 10.50
N ASP A 46 -3.59 3.51 11.72
CA ASP A 46 -2.65 2.50 12.27
C ASP A 46 -2.94 1.03 11.80
N GLY A 47 -2.14 0.56 10.83
CA GLY A 47 -2.30 -0.79 10.26
C GLY A 47 -2.85 -0.78 8.83
N GLY A 48 -2.25 0.06 7.97
CA GLY A 48 -2.67 0.18 6.55
C GLY A 48 -2.04 -0.87 5.63
N TYR A 49 -2.50 -0.91 4.36
CA TYR A 49 -2.00 -1.85 3.32
C TYR A 49 -1.69 -1.13 1.97
N LEU A 50 -0.67 -1.65 1.28
CA LEU A 50 -0.28 -1.27 -0.09
C LEU A 50 -0.14 -2.55 -0.93
N LEU A 51 -0.87 -2.64 -2.06
CA LEU A 51 -0.82 -3.85 -2.91
C LEU A 51 0.05 -3.60 -4.15
N LEU A 52 1.23 -4.24 -4.19
CA LEU A 52 2.20 -4.09 -5.29
C LEU A 52 1.93 -5.10 -6.42
N GLY A 53 1.86 -4.60 -7.66
CA GLY A 53 1.61 -5.45 -8.85
C GLY A 53 0.18 -5.31 -9.36
N VAL A 54 -0.41 -4.13 -9.17
CA VAL A 54 -1.76 -3.78 -9.69
C VAL A 54 -1.66 -2.63 -10.71
N ASP A 55 -2.45 -2.77 -11.78
CA ASP A 55 -2.60 -1.75 -12.81
C ASP A 55 -4.10 -1.69 -13.17
N TRP A 56 -4.65 -0.47 -13.22
CA TRP A 56 -6.10 -0.27 -13.36
C TRP A 56 -6.47 0.43 -14.68
N ALA A 57 -7.58 -0.03 -15.29
CA ALA A 57 -8.10 0.49 -16.57
C ALA A 57 -9.51 1.08 -16.37
N ILE A 58 -9.80 2.19 -17.06
CA ILE A 58 -11.06 2.95 -16.90
C ILE A 58 -12.06 2.66 -18.06
N ASN A 59 -13.32 2.41 -17.68
CA ASN A 59 -14.45 2.21 -18.62
C ASN A 59 -14.91 3.54 -19.26
N ASP A 60 -15.78 3.46 -20.30
CA ASP A 60 -16.41 4.63 -20.94
C ASP A 60 -17.30 5.42 -19.94
N LYS A 61 -17.94 4.68 -19.00
CA LYS A 61 -18.73 5.26 -17.90
C LYS A 61 -17.83 5.95 -16.84
N GLY A 62 -16.58 5.47 -16.73
CA GLY A 62 -15.60 6.00 -15.74
C GLY A 62 -15.42 5.09 -14.54
N ASP A 63 -15.37 3.76 -14.79
CA ASP A 63 -15.23 2.73 -13.73
C ASP A 63 -13.76 2.27 -13.66
N THR A 64 -13.12 2.42 -12.48
CA THR A 64 -11.71 2.02 -12.26
C THR A 64 -11.62 0.51 -11.90
N VAL A 65 -11.11 -0.28 -12.85
CA VAL A 65 -10.99 -1.75 -12.76
C VAL A 65 -9.55 -2.14 -12.37
N TYR A 66 -9.36 -2.69 -11.14
CA TYR A 66 -8.01 -3.02 -10.61
C TYR A 66 -7.62 -4.45 -11.02
N ARG A 67 -6.57 -4.55 -11.84
CA ARG A 67 -6.19 -5.80 -12.53
C ARG A 67 -4.80 -6.31 -12.05
N PRO A 68 -4.65 -7.64 -11.75
CA PRO A 68 -3.36 -8.23 -11.30
C PRO A 68 -2.36 -8.42 -12.49
N VAL A 69 -1.59 -7.36 -12.77
CA VAL A 69 -0.47 -7.42 -13.75
C VAL A 69 0.77 -8.11 -13.15
N GLY A 70 0.89 -8.04 -11.81
CA GLY A 70 1.91 -8.77 -11.05
C GLY A 70 3.28 -8.10 -11.00
N LEU A 71 4.23 -8.81 -10.37
CA LEU A 71 5.61 -8.35 -10.15
C LEU A 71 6.60 -9.23 -10.96
N PRO A 72 7.34 -8.66 -11.96
CA PRO A 72 8.33 -9.44 -12.78
C PRO A 72 9.42 -10.11 -11.91
N ASP A 73 9.80 -9.44 -10.80
CA ASP A 73 10.80 -9.95 -9.84
C ASP A 73 10.21 -9.84 -8.39
N PRO A 74 9.26 -10.74 -7.98
CA PRO A 74 8.43 -10.54 -6.74
C PRO A 74 9.25 -10.46 -5.42
N ASP A 75 10.30 -11.29 -5.31
CA ASP A 75 11.20 -11.32 -4.14
C ASP A 75 12.13 -10.07 -4.11
N LYS A 76 12.64 -9.67 -5.30
CA LYS A 76 13.47 -8.45 -5.44
C LYS A 76 12.66 -7.17 -5.08
N VAL A 77 11.37 -7.15 -5.45
CA VAL A 77 10.43 -6.06 -5.11
C VAL A 77 10.29 -5.91 -3.56
N GLN A 78 10.11 -7.05 -2.89
CA GLN A 78 10.00 -7.12 -1.41
C GLN A 78 11.26 -6.58 -0.70
N ARG A 79 12.44 -7.00 -1.19
CA ARG A 79 13.75 -6.67 -0.57
C ARG A 79 14.16 -5.21 -0.87
N ASP A 80 13.91 -4.74 -2.10
CA ASP A 80 14.14 -3.34 -2.54
C ASP A 80 13.34 -2.35 -1.67
N LEU A 81 12.07 -2.70 -1.43
CA LEU A 81 11.14 -1.87 -0.64
C LEU A 81 11.57 -1.81 0.85
N ALA A 82 12.01 -2.94 1.40
CA ALA A 82 12.53 -3.02 2.79
C ALA A 82 13.82 -2.18 2.99
N SER A 83 14.67 -2.16 1.96
CA SER A 83 15.94 -1.38 1.97
C SER A 83 15.68 0.14 2.00
N GLN A 84 14.83 0.63 1.06
CA GLN A 84 14.43 2.06 1.02
C GLN A 84 13.53 2.46 2.22
N CYS A 85 12.77 1.50 2.78
CA CYS A 85 11.95 1.75 4.01
C CYS A 85 12.80 2.23 5.21
N ALA A 86 14.05 1.73 5.28
CA ALA A 86 15.04 2.14 6.30
C ALA A 86 15.91 3.35 5.84
N SER A 87 16.27 3.37 4.53
CA SER A 87 17.18 4.40 3.95
C SER A 87 16.52 5.79 3.77
N MET A 88 15.21 5.82 3.48
CA MET A 88 14.45 7.07 3.22
C MET A 88 13.88 7.65 4.53
N LEU A 89 13.10 6.83 5.26
CA LEU A 89 12.34 7.27 6.45
C LEU A 89 13.25 7.51 7.68
N ASN A 90 12.83 8.48 8.53
CA ASN A 90 13.55 8.95 9.75
C ASN A 90 14.16 7.79 10.57
N VAL A 91 13.29 6.93 11.09
CA VAL A 91 13.69 5.76 11.89
C VAL A 91 13.63 4.46 11.05
N ALA A 92 14.21 3.38 11.59
CA ALA A 92 14.14 2.05 10.95
C ALA A 92 12.71 1.46 11.10
N LEU A 93 11.90 1.61 10.05
CA LEU A 93 10.50 1.14 10.02
C LEU A 93 10.48 -0.30 9.43
N ARG A 94 9.93 -1.26 10.18
CA ARG A 94 9.72 -2.64 9.70
C ARG A 94 8.23 -2.89 9.36
N PRO A 95 7.86 -2.95 8.05
CA PRO A 95 6.55 -3.47 7.62
C PRO A 95 6.55 -5.01 7.39
N GLU A 96 5.35 -5.58 7.20
CA GLU A 96 5.14 -7.02 6.91
C GLU A 96 4.83 -7.19 5.40
N MET A 97 5.44 -8.20 4.77
CA MET A 97 5.35 -8.40 3.30
C MET A 97 5.07 -9.89 2.95
N GLN A 98 3.95 -10.15 2.22
CA GLN A 98 3.54 -11.54 1.84
C GLN A 98 3.35 -11.68 0.31
N LEU A 99 3.89 -12.78 -0.24
CA LEU A 99 3.85 -13.09 -1.69
C LEU A 99 2.78 -14.16 -2.02
N GLU A 100 1.83 -13.81 -2.92
CA GLU A 100 0.70 -14.68 -3.34
C GLU A 100 0.41 -14.51 -4.84
N GLN A 101 -0.02 -15.59 -5.51
CA GLN A 101 -0.32 -15.57 -6.96
C GLN A 101 -1.84 -15.39 -7.21
N VAL A 102 -2.18 -14.33 -7.97
CA VAL A 102 -3.56 -13.97 -8.34
C VAL A 102 -3.69 -14.02 -9.88
N GLY A 103 -4.52 -14.97 -10.38
CA GLY A 103 -4.68 -15.22 -11.83
C GLY A 103 -3.36 -15.57 -12.59
N GLY A 104 -2.40 -16.19 -11.89
CA GLY A 104 -1.10 -16.58 -12.48
C GLY A 104 0.01 -15.51 -12.38
N LYS A 105 -0.28 -14.37 -11.70
CA LYS A 105 0.70 -13.27 -11.50
C LYS A 105 0.97 -13.09 -9.99
N THR A 106 2.24 -12.98 -9.56
CA THR A 106 2.58 -12.81 -8.13
C THR A 106 2.48 -11.32 -7.71
N LEU A 107 1.80 -11.08 -6.58
CA LEU A 107 1.61 -9.73 -5.98
C LEU A 107 2.23 -9.70 -4.57
N LEU A 108 2.53 -8.49 -4.05
CA LEU A 108 3.10 -8.32 -2.69
C LEU A 108 2.12 -7.52 -1.82
N VAL A 109 1.65 -8.14 -0.74
CA VAL A 109 0.84 -7.48 0.29
C VAL A 109 1.78 -6.75 1.27
N VAL A 110 1.86 -5.42 1.17
CA VAL A 110 2.66 -4.62 2.11
C VAL A 110 1.76 -4.09 3.24
N TYR A 111 1.81 -4.79 4.37
CA TYR A 111 1.19 -4.34 5.61
C TYR A 111 2.10 -3.32 6.29
N VAL A 112 1.62 -2.07 6.42
CA VAL A 112 2.32 -0.99 7.14
C VAL A 112 1.68 -0.85 8.55
N PRO A 113 2.25 -1.52 9.60
CA PRO A 113 1.70 -1.48 10.97
C PRO A 113 1.99 -0.16 11.69
N GLU A 114 1.30 0.05 12.81
CA GLU A 114 1.40 1.28 13.62
C GLU A 114 2.83 1.55 14.16
N ALA A 115 3.41 2.70 13.78
CA ALA A 115 4.55 3.29 14.48
C ALA A 115 4.11 3.83 15.86
N ASP A 116 4.94 3.66 16.89
CA ASP A 116 4.59 4.03 18.28
C ASP A 116 4.65 5.56 18.52
N VAL A 117 3.99 6.02 19.61
CA VAL A 117 4.02 7.43 20.09
C VAL A 117 5.48 7.94 20.38
N THR A 118 6.44 7.00 20.59
CA THR A 118 7.91 7.31 20.68
C THR A 118 8.41 8.10 19.42
N HIS A 119 7.65 7.96 18.32
CA HIS A 119 7.76 8.86 17.15
C HIS A 119 6.72 10.01 17.43
N LYS A 120 5.44 10.09 16.94
CA LYS A 120 4.93 9.87 15.55
C LYS A 120 5.44 11.02 14.57
N PRO A 121 4.68 11.51 13.51
CA PRO A 121 5.22 11.83 12.17
C PRO A 121 6.70 11.45 11.85
N ILE A 122 6.86 10.21 11.34
CA ILE A 122 8.10 9.76 10.70
C ILE A 122 8.19 10.39 9.28
N TYR A 123 9.01 11.42 9.19
CA TYR A 123 9.32 12.12 7.92
C TYR A 123 10.58 11.50 7.28
N LYS A 124 10.88 11.85 6.03
CA LYS A 124 12.13 11.40 5.37
C LYS A 124 13.28 12.36 5.76
N LYS A 125 14.55 11.89 5.70
CA LYS A 125 15.73 12.79 5.85
C LYS A 125 15.80 13.81 4.68
N ALA A 126 15.21 13.43 3.52
CA ALA A 126 14.86 14.37 2.44
C ALA A 126 13.62 15.20 2.86
N THR A 127 13.88 16.44 3.31
CA THR A 127 12.85 17.32 3.96
C THR A 127 11.68 17.71 3.02
N GLY A 128 10.47 17.81 3.62
CA GLY A 128 9.26 18.21 2.91
C GLY A 128 8.09 18.40 3.88
N LEU A 129 7.32 19.49 3.71
CA LEU A 129 6.23 19.86 4.63
C LEU A 129 4.84 19.83 3.91
N PRO A 130 4.08 18.68 3.99
CA PRO A 130 2.67 18.61 3.49
C PRO A 130 1.67 19.44 4.36
N GLY A 131 1.79 19.30 5.69
CA GLY A 131 0.88 19.99 6.65
C GLY A 131 1.64 20.66 7.80
N GLY A 132 1.74 22.01 7.75
CA GLY A 132 2.42 22.80 8.78
C GLY A 132 1.49 23.35 9.86
N ALA A 133 2.07 24.09 10.83
CA ALA A 133 1.31 24.75 11.91
C ALA A 133 0.65 26.06 11.37
N TYR A 134 -0.70 26.10 11.42
CA TYR A 134 -1.50 27.20 10.83
C TYR A 134 -1.45 28.49 11.67
N ARG A 135 -1.34 29.64 10.99
CA ARG A 135 -1.45 30.98 11.60
C ARG A 135 -2.95 31.35 11.75
N ARG A 136 -3.30 32.00 12.87
CA ARG A 136 -4.68 32.37 13.26
C ARG A 136 -5.44 33.24 12.21
N ILE A 137 -6.76 33.44 12.43
CA ILE A 137 -7.62 34.27 11.55
C ILE A 137 -7.15 35.76 11.53
N GLY A 138 -7.39 36.42 10.39
CA GLY A 138 -6.87 37.77 10.13
C GLY A 138 -6.19 37.86 8.77
N SER A 139 -6.99 37.65 7.70
CA SER A 139 -6.51 37.63 6.30
C SER A 139 -7.71 37.76 5.32
N SER A 140 -8.59 36.74 5.33
CA SER A 140 -9.82 36.69 4.49
C SER A 140 -10.75 35.58 5.01
N ASP A 141 -12.07 35.78 4.87
CA ASP A 141 -13.09 34.81 5.35
C ASP A 141 -13.09 33.51 4.50
N GLN A 142 -12.87 32.37 5.19
CA GLN A 142 -13.08 31.03 4.61
C GLN A 142 -14.60 30.73 4.47
N ARG A 143 -15.41 31.45 5.27
CA ARG A 143 -16.88 31.35 5.30
C ARG A 143 -17.51 31.88 3.98
N CYS A 144 -17.87 30.97 3.08
CA CYS A 144 -18.61 31.30 1.84
C CYS A 144 -20.12 31.08 2.05
N VAL A 145 -20.93 32.12 1.80
CA VAL A 145 -22.40 32.07 1.97
C VAL A 145 -23.06 31.19 0.88
N LEU A 146 -24.26 30.66 1.20
CA LEU A 146 -25.02 29.76 0.30
C LEU A 146 -25.59 30.53 -0.92
N GLU A 147 -25.74 31.87 -0.80
CA GLU A 147 -26.11 32.75 -1.92
C GLU A 147 -24.88 33.10 -2.78
N HIS A 148 -24.85 32.58 -4.03
CA HIS A 148 -23.78 32.85 -5.01
C HIS A 148 -24.28 32.59 -6.46
N HIS A 149 -23.85 33.44 -7.40
CA HIS A 149 -24.30 33.39 -8.82
C HIS A 149 -23.86 32.08 -9.51
N HIS A 150 -24.85 31.21 -9.81
CA HIS A 150 -24.65 29.99 -10.62
C HIS A 150 -25.70 29.95 -11.76
N HIS A 151 -25.25 29.61 -12.98
CA HIS A 151 -26.10 29.58 -14.19
C HIS A 151 -27.15 28.44 -14.12
N HIS A 152 -28.35 28.74 -14.64
CA HIS A 152 -29.50 27.82 -14.62
C HIS A 152 -30.43 28.08 -15.83
N HIS A 153 -31.55 27.33 -15.90
CA HIS A 153 -32.55 27.45 -16.98
C HIS A 153 -33.33 28.78 -16.88
N MET A 1 -1.48 -11.97 7.67
CA MET A 1 -1.99 -10.70 7.09
C MET A 1 -3.19 -10.99 6.13
N ARG A 2 -3.63 -9.95 5.38
CA ARG A 2 -4.71 -10.09 4.37
C ARG A 2 -4.13 -10.57 3.00
N SER A 3 -4.96 -11.27 2.20
CA SER A 3 -4.58 -11.72 0.83
C SER A 3 -4.65 -10.56 -0.19
N ALA A 4 -3.83 -10.64 -1.26
CA ALA A 4 -3.76 -9.60 -2.31
C ALA A 4 -5.11 -9.41 -3.05
N THR A 5 -5.68 -10.53 -3.54
CA THR A 5 -6.93 -10.51 -4.36
C THR A 5 -8.15 -9.99 -3.58
N ASP A 6 -8.26 -10.31 -2.28
CA ASP A 6 -9.37 -9.82 -1.42
C ASP A 6 -9.32 -8.27 -1.25
N LEU A 7 -8.08 -7.74 -1.18
CA LEU A 7 -7.82 -6.29 -1.15
C LEU A 7 -8.18 -5.62 -2.50
N LEU A 8 -7.94 -6.32 -3.63
CA LEU A 8 -8.38 -5.85 -4.98
C LEU A 8 -9.92 -5.91 -5.11
N ASP A 9 -10.56 -6.93 -4.53
CA ASP A 9 -12.04 -7.04 -4.49
C ASP A 9 -12.63 -5.86 -3.70
N GLU A 10 -11.95 -5.49 -2.61
CA GLU A 10 -12.31 -4.33 -1.77
C GLU A 10 -12.08 -2.98 -2.51
N LEU A 11 -11.00 -2.90 -3.32
CA LEU A 11 -10.70 -1.73 -4.19
C LEU A 11 -11.81 -1.51 -5.25
N ASN A 12 -12.24 -2.61 -5.90
CA ASN A 12 -13.33 -2.57 -6.90
C ASN A 12 -14.74 -2.47 -6.25
N ALA A 13 -14.84 -2.83 -4.95
CA ALA A 13 -16.10 -2.68 -4.17
C ALA A 13 -16.38 -1.20 -3.84
N VAL A 14 -15.38 -0.51 -3.27
CA VAL A 14 -15.50 0.91 -2.89
C VAL A 14 -15.34 1.84 -4.12
N ASP A 15 -15.83 3.06 -4.00
CA ASP A 15 -15.75 4.09 -5.06
C ASP A 15 -14.44 4.91 -4.97
N GLU A 16 -13.81 4.95 -3.77
CA GLU A 16 -12.58 5.77 -3.48
C GLU A 16 -11.65 5.03 -2.48
N SER A 17 -10.32 5.18 -2.67
CA SER A 17 -9.27 4.57 -1.79
C SER A 17 -9.15 5.31 -0.43
N ALA A 18 -9.47 4.59 0.66
CA ALA A 18 -9.36 5.10 2.06
C ALA A 18 -8.09 4.54 2.79
N ARG A 19 -8.00 3.19 2.89
CA ARG A 19 -6.90 2.49 3.64
C ARG A 19 -5.99 1.64 2.72
N ILE A 20 -6.44 1.42 1.47
CA ILE A 20 -5.84 0.42 0.55
C ILE A 20 -5.55 1.08 -0.82
N GLU A 21 -4.28 1.06 -1.26
CA GLU A 21 -3.90 1.60 -2.59
C GLU A 21 -3.10 0.56 -3.40
N ALA A 22 -3.40 0.46 -4.71
CA ALA A 22 -2.67 -0.41 -5.66
C ALA A 22 -1.52 0.35 -6.36
N LYS A 23 -0.48 -0.40 -6.75
CA LYS A 23 0.76 0.15 -7.36
C LYS A 23 1.25 -0.75 -8.51
N ARG A 24 1.76 -0.13 -9.58
CA ARG A 24 2.45 -0.82 -10.69
C ARG A 24 3.95 -1.04 -10.35
N ALA A 25 4.61 -2.00 -11.05
CA ALA A 25 6.03 -2.37 -10.80
C ALA A 25 7.03 -1.18 -10.95
N SER A 26 6.69 -0.20 -11.81
CA SER A 26 7.55 0.99 -12.06
C SER A 26 7.38 2.11 -10.99
N ASP A 27 6.34 1.99 -10.14
CA ASP A 27 5.99 3.03 -9.12
C ASP A 27 6.88 2.93 -7.84
N MET A 28 7.67 1.84 -7.75
CA MET A 28 8.54 1.54 -6.57
C MET A 28 9.46 2.73 -6.19
N GLY A 29 9.24 3.28 -4.98
CA GLY A 29 10.05 4.41 -4.47
C GLY A 29 9.23 5.52 -3.82
N LYS A 30 9.50 6.78 -4.21
CA LYS A 30 8.99 8.00 -3.54
C LYS A 30 7.45 8.06 -3.42
N SER A 31 6.75 7.59 -4.47
CA SER A 31 5.27 7.60 -4.54
C SER A 31 4.63 6.57 -3.56
N VAL A 32 5.33 5.43 -3.34
CA VAL A 32 4.94 4.42 -2.32
C VAL A 32 5.21 4.98 -0.90
N MET A 33 6.43 5.54 -0.71
CA MET A 33 6.91 6.15 0.55
C MET A 33 5.95 7.21 1.14
N GLU A 34 5.35 8.06 0.29
CA GLU A 34 4.38 9.10 0.72
C GLU A 34 3.17 8.47 1.47
N THR A 35 2.65 7.36 0.93
CA THR A 35 1.48 6.65 1.48
C THR A 35 1.87 5.81 2.74
N VAL A 36 3.13 5.31 2.78
CA VAL A 36 3.70 4.64 3.98
C VAL A 36 3.75 5.64 5.18
N ILE A 37 4.22 6.87 4.91
CA ILE A 37 4.20 7.98 5.89
C ILE A 37 2.76 8.29 6.35
N ALA A 38 1.79 8.23 5.41
CA ALA A 38 0.37 8.57 5.67
C ALA A 38 -0.29 7.63 6.71
N PHE A 39 -0.07 6.30 6.56
CA PHE A 39 -0.62 5.27 7.49
C PHE A 39 0.05 5.33 8.89
N ALA A 40 1.37 5.57 8.91
CA ALA A 40 2.16 5.68 10.16
C ALA A 40 1.81 6.99 10.94
N ASN A 41 1.56 8.07 10.18
CA ASN A 41 1.18 9.40 10.74
C ASN A 41 -0.31 9.44 11.14
N GLU A 42 -1.10 8.48 10.62
CA GLU A 42 -2.55 8.41 10.88
C GLU A 42 -2.82 7.85 12.32
N PRO A 43 -3.31 8.69 13.28
CA PRO A 43 -3.48 8.28 14.68
C PRO A 43 -4.67 7.29 14.86
N GLY A 44 -4.34 6.06 15.31
CA GLY A 44 -5.36 5.01 15.54
C GLY A 44 -5.80 4.26 14.27
N LEU A 45 -5.22 4.57 13.09
CA LEU A 45 -5.56 3.86 11.83
C LEU A 45 -4.33 3.04 11.34
N ASP A 46 -3.40 2.78 12.27
CA ASP A 46 -2.27 1.83 12.12
C ASP A 46 -2.68 0.47 11.46
N GLY A 47 -2.15 0.23 10.26
CA GLY A 47 -2.40 -1.02 9.53
C GLY A 47 -3.04 -0.80 8.15
N GLY A 48 -2.33 -0.06 7.30
CA GLY A 48 -2.76 0.18 5.91
C GLY A 48 -2.19 -0.86 4.94
N TYR A 49 -2.85 -1.06 3.79
CA TYR A 49 -2.45 -2.09 2.79
C TYR A 49 -2.03 -1.45 1.44
N LEU A 50 -0.83 -1.82 0.95
CA LEU A 50 -0.30 -1.39 -0.37
C LEU A 50 -0.02 -2.63 -1.25
N LEU A 51 -0.62 -2.66 -2.44
CA LEU A 51 -0.56 -3.82 -3.36
C LEU A 51 0.42 -3.55 -4.51
N LEU A 52 1.57 -4.22 -4.50
CA LEU A 52 2.58 -4.08 -5.57
C LEU A 52 2.38 -5.19 -6.62
N GLY A 53 2.18 -4.79 -7.89
CA GLY A 53 1.92 -5.73 -9.00
C GLY A 53 0.47 -5.69 -9.47
N VAL A 54 -0.16 -4.51 -9.38
CA VAL A 54 -1.50 -4.26 -9.91
C VAL A 54 -1.44 -3.22 -11.04
N ASP A 55 -2.21 -3.44 -12.11
CA ASP A 55 -2.39 -2.47 -13.19
C ASP A 55 -3.91 -2.30 -13.38
N TRP A 56 -4.35 -1.05 -13.48
CA TRP A 56 -5.79 -0.72 -13.53
C TRP A 56 -6.19 -0.20 -14.92
N ALA A 57 -7.37 -0.66 -15.39
CA ALA A 57 -7.90 -0.36 -16.73
C ALA A 57 -9.20 0.46 -16.63
N ILE A 58 -9.37 1.43 -17.54
CA ILE A 58 -10.52 2.34 -17.56
C ILE A 58 -11.66 1.79 -18.46
N ASN A 59 -12.91 1.85 -17.96
CA ASN A 59 -14.10 1.33 -18.68
C ASN A 59 -14.71 2.37 -19.66
N ASP A 60 -15.81 1.96 -20.33
CA ASP A 60 -16.61 2.86 -21.20
C ASP A 60 -17.18 4.08 -20.42
N LYS A 61 -17.60 3.84 -19.15
CA LYS A 61 -18.13 4.90 -18.25
C LYS A 61 -17.02 5.72 -17.53
N GLY A 62 -15.74 5.49 -17.90
CA GLY A 62 -14.60 6.25 -17.33
C GLY A 62 -14.13 5.75 -15.94
N ASP A 63 -14.79 4.71 -15.41
CA ASP A 63 -14.46 4.12 -14.09
C ASP A 63 -13.11 3.33 -14.12
N THR A 64 -12.49 3.15 -12.92
CA THR A 64 -11.21 2.42 -12.75
C THR A 64 -11.46 1.01 -12.15
N VAL A 65 -10.97 -0.05 -12.84
CA VAL A 65 -11.01 -1.45 -12.35
C VAL A 65 -9.57 -1.99 -12.16
N TYR A 66 -9.29 -2.58 -10.98
CA TYR A 66 -7.93 -3.01 -10.57
C TYR A 66 -7.69 -4.49 -10.92
N ARG A 67 -6.67 -4.76 -11.77
CA ARG A 67 -6.37 -6.11 -12.29
C ARG A 67 -5.01 -6.65 -11.75
N PRO A 68 -4.94 -7.93 -11.26
CA PRO A 68 -3.66 -8.54 -10.81
C PRO A 68 -2.76 -8.99 -12.00
N VAL A 69 -1.93 -8.06 -12.48
CA VAL A 69 -0.92 -8.35 -13.53
C VAL A 69 0.35 -9.00 -12.94
N GLY A 70 0.54 -8.84 -11.62
CA GLY A 70 1.64 -9.43 -10.88
C GLY A 70 2.98 -8.71 -11.06
N LEU A 71 4.03 -9.32 -10.50
CA LEU A 71 5.41 -8.83 -10.57
C LEU A 71 6.26 -9.85 -11.37
N PRO A 72 7.01 -9.42 -12.43
CA PRO A 72 7.92 -10.33 -13.18
C PRO A 72 9.11 -10.85 -12.32
N ASP A 73 9.44 -10.07 -11.28
CA ASP A 73 10.52 -10.35 -10.32
C ASP A 73 10.06 -10.00 -8.86
N PRO A 74 9.16 -10.85 -8.25
CA PRO A 74 8.39 -10.49 -7.02
C PRO A 74 9.25 -10.28 -5.74
N ASP A 75 10.24 -11.17 -5.55
CA ASP A 75 11.07 -11.22 -4.33
C ASP A 75 12.06 -10.02 -4.27
N LYS A 76 12.52 -9.55 -5.45
CA LYS A 76 13.46 -8.39 -5.52
C LYS A 76 12.71 -7.08 -5.17
N VAL A 77 11.43 -6.99 -5.56
CA VAL A 77 10.53 -5.85 -5.21
C VAL A 77 10.41 -5.70 -3.67
N GLN A 78 10.30 -6.84 -2.97
CA GLN A 78 10.22 -6.92 -1.49
C GLN A 78 11.50 -6.41 -0.77
N ARG A 79 12.67 -6.89 -1.22
CA ARG A 79 13.97 -6.55 -0.58
C ARG A 79 14.44 -5.10 -0.91
N ASP A 80 14.14 -4.63 -2.14
CA ASP A 80 14.34 -3.21 -2.51
C ASP A 80 13.48 -2.30 -1.63
N LEU A 81 12.19 -2.66 -1.44
CA LEU A 81 11.23 -1.87 -0.63
C LEU A 81 11.65 -1.76 0.84
N ALA A 82 12.20 -2.85 1.39
CA ALA A 82 12.76 -2.89 2.77
C ALA A 82 13.89 -1.83 2.95
N SER A 83 14.68 -1.64 1.87
CA SER A 83 15.76 -0.62 1.83
C SER A 83 15.18 0.82 1.68
N GLN A 84 14.18 0.99 0.77
CA GLN A 84 13.48 2.29 0.53
C GLN A 84 12.83 2.82 1.84
N CYS A 85 12.16 1.91 2.55
CA CYS A 85 11.39 2.21 3.78
C CYS A 85 12.31 2.46 5.00
N ALA A 86 13.58 1.99 4.89
CA ALA A 86 14.64 2.30 5.89
C ALA A 86 15.30 3.68 5.64
N SER A 87 15.61 3.98 4.35
CA SER A 87 16.42 5.16 3.95
C SER A 87 15.59 6.47 3.84
N MET A 88 14.49 6.40 3.07
CA MET A 88 13.62 7.58 2.77
C MET A 88 12.86 8.09 4.03
N LEU A 89 12.77 7.26 5.07
CA LEU A 89 12.05 7.59 6.32
C LEU A 89 13.06 7.83 7.48
N ASN A 90 12.70 8.73 8.43
CA ASN A 90 13.51 9.06 9.64
C ASN A 90 14.22 7.83 10.28
N VAL A 91 13.41 6.82 10.57
CA VAL A 91 13.85 5.58 11.24
C VAL A 91 13.78 4.40 10.24
N ALA A 92 14.54 3.32 10.51
CA ALA A 92 14.41 2.07 9.74
C ALA A 92 13.04 1.43 10.05
N LEU A 93 12.08 1.68 9.14
CA LEU A 93 10.70 1.20 9.26
C LEU A 93 10.62 -0.12 8.46
N ARG A 94 10.33 -1.21 9.17
CA ARG A 94 10.21 -2.56 8.58
C ARG A 94 8.74 -3.04 8.60
N PRO A 95 7.95 -2.80 7.49
CA PRO A 95 6.55 -3.29 7.37
C PRO A 95 6.43 -4.83 7.30
N GLU A 96 5.20 -5.32 7.49
CA GLU A 96 4.88 -6.75 7.32
C GLU A 96 4.57 -6.99 5.83
N MET A 97 5.48 -7.66 5.10
CA MET A 97 5.36 -7.84 3.64
C MET A 97 5.27 -9.33 3.24
N GLN A 98 4.19 -9.69 2.54
CA GLN A 98 3.87 -11.09 2.17
C GLN A 98 3.57 -11.21 0.66
N LEU A 99 4.32 -12.08 -0.02
CA LEU A 99 4.11 -12.41 -1.44
C LEU A 99 2.85 -13.31 -1.61
N GLU A 100 1.82 -12.78 -2.29
CA GLU A 100 0.53 -13.47 -2.51
C GLU A 100 0.29 -13.75 -4.01
N GLN A 101 0.04 -15.03 -4.35
CA GLN A 101 -0.15 -15.48 -5.75
C GLN A 101 -1.64 -15.56 -6.12
N VAL A 102 -2.04 -14.74 -7.12
CA VAL A 102 -3.41 -14.64 -7.64
C VAL A 102 -3.43 -14.92 -9.16
N GLY A 103 -4.17 -15.98 -9.59
CA GLY A 103 -4.26 -16.38 -11.01
C GLY A 103 -2.91 -16.62 -11.72
N GLY A 104 -1.92 -17.16 -10.99
CA GLY A 104 -0.56 -17.42 -11.55
C GLY A 104 0.36 -16.19 -11.55
N LYS A 105 -0.18 -15.03 -11.11
CA LYS A 105 0.57 -13.76 -10.97
C LYS A 105 0.98 -13.57 -9.50
N THR A 106 2.19 -13.13 -9.21
CA THR A 106 2.65 -12.95 -7.80
C THR A 106 2.75 -11.45 -7.43
N LEU A 107 2.16 -11.09 -6.27
CA LEU A 107 2.04 -9.68 -5.81
C LEU A 107 2.73 -9.54 -4.43
N LEU A 108 2.92 -8.30 -3.94
CA LEU A 108 3.45 -8.05 -2.58
C LEU A 108 2.44 -7.19 -1.78
N VAL A 109 1.89 -7.76 -0.70
CA VAL A 109 1.01 -7.03 0.23
C VAL A 109 1.87 -6.34 1.31
N VAL A 110 1.77 -5.01 1.40
CA VAL A 110 2.60 -4.19 2.32
C VAL A 110 1.73 -3.61 3.46
N TYR A 111 1.87 -4.20 4.65
CA TYR A 111 1.13 -3.80 5.86
C TYR A 111 1.95 -2.74 6.64
N VAL A 112 1.43 -1.51 6.71
CA VAL A 112 2.12 -0.36 7.34
C VAL A 112 1.39 0.05 8.66
N PRO A 113 1.91 -0.36 9.86
CA PRO A 113 1.37 0.10 11.16
C PRO A 113 2.00 1.44 11.65
N GLU A 114 1.66 1.83 12.88
CA GLU A 114 2.20 3.05 13.55
C GLU A 114 3.43 2.67 14.40
N ALA A 115 4.34 3.64 14.60
CA ALA A 115 5.53 3.45 15.45
C ALA A 115 5.18 3.34 16.95
N ASP A 116 6.07 2.68 17.70
CA ASP A 116 6.01 2.60 19.18
C ASP A 116 6.37 3.97 19.82
N VAL A 117 5.95 4.21 21.10
CA VAL A 117 6.24 5.46 21.85
C VAL A 117 7.77 5.78 21.97
N THR A 118 8.64 4.74 21.83
CA THR A 118 10.12 4.91 21.67
C THR A 118 10.49 5.91 20.54
N HIS A 119 9.56 6.12 19.59
CA HIS A 119 9.56 7.28 18.67
C HIS A 119 8.44 8.28 19.19
N LYS A 120 7.10 8.19 18.90
CA LYS A 120 6.39 7.76 17.66
C LYS A 120 6.37 8.92 16.58
N PRO A 121 5.32 9.10 15.67
CA PRO A 121 5.48 9.41 14.23
C PRO A 121 6.89 9.40 13.57
N ILE A 122 7.05 8.46 12.61
CA ILE A 122 8.21 8.40 11.72
C ILE A 122 8.05 9.47 10.61
N TYR A 123 8.64 10.66 10.85
CA TYR A 123 8.58 11.79 9.91
C TYR A 123 9.62 11.61 8.77
N LYS A 124 9.55 12.47 7.74
CA LYS A 124 10.49 12.40 6.61
C LYS A 124 11.72 13.31 6.91
N LYS A 125 12.76 12.69 7.54
CA LYS A 125 14.02 13.33 8.07
C LYS A 125 13.94 14.88 8.27
N ALA A 126 13.76 15.33 9.54
CA ALA A 126 13.57 16.76 9.87
C ALA A 126 14.49 17.20 11.04
N THR A 127 14.57 18.54 11.25
CA THR A 127 15.41 19.17 12.30
C THR A 127 14.88 18.86 13.73
N GLY A 128 13.54 18.67 13.84
CA GLY A 128 12.91 18.30 15.11
C GLY A 128 13.17 16.84 15.51
N LEU A 129 12.92 16.53 16.79
CA LEU A 129 13.12 15.18 17.37
C LEU A 129 11.76 14.60 17.86
N PRO A 130 11.60 13.23 17.92
CA PRO A 130 10.34 12.60 18.42
C PRO A 130 10.13 12.78 19.95
N GLY A 131 9.18 12.00 20.54
CA GLY A 131 8.81 12.11 21.96
C GLY A 131 9.97 11.89 22.95
N GLY A 132 10.21 10.61 23.34
CA GLY A 132 11.33 10.26 24.25
C GLY A 132 11.01 10.44 25.75
N ALA A 133 10.11 11.38 26.08
CA ALA A 133 9.69 11.67 27.48
C ALA A 133 8.94 10.48 28.16
N TYR A 134 8.46 9.52 27.33
CA TYR A 134 7.77 8.30 27.83
C TYR A 134 8.45 7.03 27.24
N ARG A 135 9.81 7.03 27.26
CA ARG A 135 10.63 5.88 26.79
C ARG A 135 10.47 4.64 27.72
N ARG A 136 9.45 3.82 27.43
CA ARG A 136 9.16 2.57 28.17
C ARG A 136 10.12 1.43 27.77
N ILE A 137 10.49 0.59 28.76
CA ILE A 137 11.33 -0.60 28.51
C ILE A 137 10.51 -1.70 27.78
N GLY A 138 10.59 -1.71 26.45
CA GLY A 138 9.99 -2.77 25.63
C GLY A 138 10.85 -4.02 25.61
N SER A 139 12.12 -3.84 25.16
CA SER A 139 13.20 -4.90 25.11
C SER A 139 12.83 -6.16 24.26
N SER A 140 11.64 -6.16 23.63
CA SER A 140 11.16 -7.27 22.78
C SER A 140 11.62 -7.03 21.32
N ASP A 141 12.80 -7.58 20.99
CA ASP A 141 13.43 -7.40 19.67
C ASP A 141 13.95 -8.76 19.14
N GLN A 142 13.70 -9.03 17.85
CA GLN A 142 14.01 -10.32 17.21
C GLN A 142 15.36 -10.27 16.47
N ARG A 143 16.19 -11.31 16.65
CA ARG A 143 17.47 -11.46 15.94
C ARG A 143 17.22 -11.98 14.50
N CYS A 144 17.75 -11.24 13.50
CA CYS A 144 17.70 -11.65 12.09
C CYS A 144 18.71 -12.78 11.83
N VAL A 145 18.26 -14.02 12.10
CA VAL A 145 19.08 -15.25 11.93
C VAL A 145 19.44 -15.47 10.44
N LEU A 146 18.48 -15.12 9.55
CA LEU A 146 18.67 -15.18 8.08
C LEU A 146 19.73 -14.13 7.63
N GLU A 147 20.96 -14.60 7.34
CA GLU A 147 22.05 -13.75 6.83
C GLU A 147 21.95 -13.65 5.28
N HIS A 148 22.26 -12.46 4.74
CA HIS A 148 22.19 -12.18 3.28
C HIS A 148 23.57 -12.41 2.61
N HIS A 149 23.59 -13.20 1.51
CA HIS A 149 24.83 -13.51 0.75
C HIS A 149 25.44 -12.22 0.12
N HIS A 150 26.29 -11.54 0.91
CA HIS A 150 26.93 -10.27 0.52
C HIS A 150 28.29 -10.53 -0.19
N HIS A 151 28.46 -9.98 -1.39
CA HIS A 151 29.71 -10.13 -2.18
C HIS A 151 30.47 -8.79 -2.29
N HIS A 152 31.78 -8.84 -1.96
CA HIS A 152 32.73 -7.73 -2.19
C HIS A 152 34.02 -8.28 -2.84
N HIS A 153 34.87 -7.37 -3.36
CA HIS A 153 36.16 -7.74 -3.97
C HIS A 153 37.30 -7.67 -2.92
N MET A 1 -1.20 -11.31 7.74
CA MET A 1 -1.66 -10.15 6.91
C MET A 1 -2.78 -10.58 5.94
N ARG A 2 -3.32 -9.63 5.17
CA ARG A 2 -4.34 -9.91 4.10
C ARG A 2 -3.67 -10.35 2.76
N SER A 3 -4.44 -11.08 1.92
CA SER A 3 -4.01 -11.53 0.58
C SER A 3 -4.18 -10.42 -0.49
N ALA A 4 -3.48 -10.57 -1.63
CA ALA A 4 -3.59 -9.63 -2.78
C ALA A 4 -5.01 -9.62 -3.38
N THR A 5 -5.60 -10.82 -3.56
CA THR A 5 -7.00 -10.98 -4.07
C THR A 5 -8.07 -10.56 -3.02
N ASP A 6 -7.76 -10.75 -1.72
CA ASP A 6 -8.63 -10.27 -0.62
C ASP A 6 -8.81 -8.73 -0.66
N LEU A 7 -7.67 -8.04 -0.78
CA LEU A 7 -7.59 -6.56 -0.91
C LEU A 7 -8.06 -6.07 -2.30
N LEU A 8 -7.94 -6.94 -3.33
CA LEU A 8 -8.54 -6.70 -4.67
C LEU A 8 -10.09 -6.60 -4.55
N ASP A 9 -10.67 -7.52 -3.76
CA ASP A 9 -12.12 -7.54 -3.43
C ASP A 9 -12.57 -6.23 -2.71
N GLU A 10 -11.67 -5.69 -1.87
CA GLU A 10 -11.86 -4.36 -1.22
C GLU A 10 -11.86 -3.22 -2.28
N LEU A 11 -10.81 -3.18 -3.13
CA LEU A 11 -10.67 -2.19 -4.25
C LEU A 11 -11.87 -2.21 -5.24
N ASN A 12 -12.41 -3.41 -5.52
CA ASN A 12 -13.59 -3.57 -6.38
C ASN A 12 -14.91 -3.23 -5.64
N ALA A 13 -14.89 -3.33 -4.28
CA ALA A 13 -16.03 -2.96 -3.41
C ALA A 13 -16.18 -1.43 -3.25
N VAL A 14 -15.04 -0.72 -3.13
CA VAL A 14 -15.02 0.75 -2.92
C VAL A 14 -15.09 1.53 -4.27
N ASP A 15 -15.75 2.69 -4.21
CA ASP A 15 -15.80 3.68 -5.31
C ASP A 15 -14.37 4.17 -5.70
N GLU A 16 -13.52 4.38 -4.66
CA GLU A 16 -12.11 4.83 -4.84
C GLU A 16 -11.24 4.45 -3.61
N SER A 17 -9.91 4.56 -3.76
CA SER A 17 -8.92 4.20 -2.71
C SER A 17 -9.01 5.12 -1.46
N ALA A 18 -9.86 4.72 -0.50
CA ALA A 18 -10.07 5.44 0.77
C ALA A 18 -9.05 5.02 1.87
N ARG A 19 -8.85 3.69 2.02
CA ARG A 19 -7.90 3.11 3.02
C ARG A 19 -6.82 2.23 2.33
N ILE A 20 -7.19 1.63 1.19
CA ILE A 20 -6.35 0.65 0.47
C ILE A 20 -5.86 1.24 -0.87
N GLU A 21 -4.54 1.36 -1.04
CA GLU A 21 -3.93 1.94 -2.26
C GLU A 21 -3.17 0.83 -3.05
N ALA A 22 -3.23 0.91 -4.39
CA ALA A 22 -2.65 -0.13 -5.29
C ALA A 22 -1.86 0.52 -6.43
N LYS A 23 -0.58 0.11 -6.61
CA LYS A 23 0.34 0.69 -7.64
C LYS A 23 1.22 -0.40 -8.29
N ARG A 24 1.65 -0.14 -9.55
CA ARG A 24 2.58 -1.02 -10.31
C ARG A 24 4.07 -0.79 -9.91
N ALA A 25 4.96 -1.69 -10.40
CA ALA A 25 6.42 -1.67 -10.08
C ALA A 25 7.13 -0.36 -10.53
N SER A 26 6.60 0.31 -11.57
CA SER A 26 7.13 1.62 -12.07
C SER A 26 7.01 2.80 -11.05
N ASP A 27 6.45 2.55 -9.86
CA ASP A 27 6.26 3.61 -8.82
C ASP A 27 7.17 3.35 -7.58
N MET A 28 7.84 2.17 -7.48
CA MET A 28 8.62 1.77 -6.26
C MET A 28 9.77 2.79 -5.97
N GLY A 29 9.56 3.65 -4.96
CA GLY A 29 10.45 4.76 -4.65
C GLY A 29 9.74 5.90 -3.90
N LYS A 30 9.77 7.12 -4.48
CA LYS A 30 9.25 8.36 -3.85
C LYS A 30 7.79 8.24 -3.33
N SER A 31 6.84 7.92 -4.24
CA SER A 31 5.39 7.94 -3.90
C SER A 31 4.96 6.72 -3.06
N VAL A 32 5.61 5.55 -3.24
CA VAL A 32 5.36 4.35 -2.39
C VAL A 32 5.79 4.63 -0.93
N MET A 33 7.03 5.14 -0.78
CA MET A 33 7.60 5.53 0.53
C MET A 33 6.72 6.60 1.25
N GLU A 34 6.27 7.60 0.47
CA GLU A 34 5.39 8.69 0.98
C GLU A 34 4.05 8.14 1.54
N THR A 35 3.49 7.12 0.86
CA THR A 35 2.22 6.47 1.29
C THR A 35 2.43 5.63 2.59
N VAL A 36 3.63 5.00 2.73
CA VAL A 36 4.03 4.28 3.97
C VAL A 36 4.12 5.27 5.17
N ILE A 37 4.76 6.44 4.92
CA ILE A 37 4.84 7.55 5.90
C ILE A 37 3.43 8.01 6.32
N ALA A 38 2.50 8.08 5.35
CA ALA A 38 1.10 8.51 5.57
C ALA A 38 0.35 7.57 6.54
N PHE A 39 0.46 6.24 6.31
CA PHE A 39 -0.25 5.21 7.15
C PHE A 39 0.32 5.17 8.59
N ALA A 40 1.67 5.28 8.71
CA ALA A 40 2.37 5.33 10.02
C ALA A 40 2.07 6.63 10.80
N ASN A 41 1.76 7.72 10.06
CA ASN A 41 1.41 9.03 10.62
C ASN A 41 -0.07 9.08 11.06
N GLU A 42 -0.96 8.41 10.27
CA GLU A 42 -2.42 8.40 10.51
C GLU A 42 -2.77 7.87 11.94
N PRO A 43 -3.25 8.77 12.86
CA PRO A 43 -3.47 8.40 14.28
C PRO A 43 -4.69 7.44 14.47
N GLY A 44 -4.40 6.18 14.85
CA GLY A 44 -5.43 5.15 15.07
C GLY A 44 -5.97 4.52 13.77
N LEU A 45 -5.18 4.57 12.67
CA LEU A 45 -5.58 3.94 11.38
C LEU A 45 -4.62 2.73 11.06
N ASP A 46 -4.06 2.14 12.14
CA ASP A 46 -3.34 0.83 12.06
C ASP A 46 -4.16 -0.23 11.28
N GLY A 47 -3.58 -0.72 10.18
CA GLY A 47 -4.25 -1.69 9.29
C GLY A 47 -4.55 -1.12 7.91
N GLY A 48 -3.55 -0.48 7.28
CA GLY A 48 -3.65 0.00 5.88
C GLY A 48 -2.64 -0.72 4.99
N TYR A 49 -3.08 -1.10 3.78
CA TYR A 49 -2.28 -1.98 2.87
C TYR A 49 -1.93 -1.30 1.52
N LEU A 50 -0.80 -1.76 0.95
CA LEU A 50 -0.30 -1.35 -0.38
C LEU A 50 -0.11 -2.60 -1.27
N LEU A 51 -0.79 -2.60 -2.43
CA LEU A 51 -0.72 -3.72 -3.39
C LEU A 51 0.19 -3.34 -4.57
N LEU A 52 1.37 -3.97 -4.62
CA LEU A 52 2.32 -3.79 -5.72
C LEU A 52 2.12 -4.91 -6.75
N GLY A 53 1.80 -4.53 -8.00
CA GLY A 53 1.53 -5.50 -9.09
C GLY A 53 0.06 -5.53 -9.49
N VAL A 54 -0.66 -4.42 -9.27
CA VAL A 54 -2.05 -4.25 -9.75
C VAL A 54 -2.09 -3.22 -10.88
N ASP A 55 -2.79 -3.57 -11.95
CA ASP A 55 -3.05 -2.69 -13.10
C ASP A 55 -4.55 -2.32 -13.08
N TRP A 56 -4.90 -1.16 -13.64
CA TRP A 56 -6.29 -0.67 -13.65
C TRP A 56 -6.66 -0.06 -15.01
N ALA A 57 -7.90 -0.34 -15.45
CA ALA A 57 -8.44 0.13 -16.75
C ALA A 57 -9.76 0.88 -16.55
N ILE A 58 -9.94 1.97 -17.31
CA ILE A 58 -11.16 2.81 -17.25
C ILE A 58 -12.23 2.30 -18.25
N ASN A 59 -13.46 2.06 -17.75
CA ASN A 59 -14.62 1.66 -18.61
C ASN A 59 -15.12 2.84 -19.46
N ASP A 60 -16.04 2.55 -20.41
CA ASP A 60 -16.70 3.58 -21.24
C ASP A 60 -17.50 4.60 -20.37
N LYS A 61 -18.03 4.13 -19.21
CA LYS A 61 -18.74 5.00 -18.23
C LYS A 61 -17.84 5.45 -17.05
N GLY A 62 -16.52 5.20 -17.17
CA GLY A 62 -15.52 5.84 -16.30
C GLY A 62 -15.02 5.03 -15.10
N ASP A 63 -15.57 3.82 -14.86
CA ASP A 63 -15.14 2.97 -13.68
C ASP A 63 -13.63 2.58 -13.73
N THR A 64 -12.88 2.84 -12.64
CA THR A 64 -11.51 2.32 -12.46
C THR A 64 -11.59 0.86 -11.97
N VAL A 65 -11.28 -0.09 -12.86
CA VAL A 65 -11.38 -1.54 -12.59
C VAL A 65 -9.99 -2.13 -12.31
N TYR A 66 -9.80 -2.70 -11.11
CA TYR A 66 -8.48 -3.19 -10.64
C TYR A 66 -8.33 -4.69 -10.96
N ARG A 67 -7.10 -5.10 -11.34
CA ARG A 67 -6.80 -6.50 -11.74
C ARG A 67 -5.34 -6.90 -11.37
N PRO A 68 -5.12 -8.15 -10.82
CA PRO A 68 -3.79 -8.62 -10.39
C PRO A 68 -2.93 -9.14 -11.57
N VAL A 69 -2.17 -8.24 -12.22
CA VAL A 69 -1.29 -8.61 -13.36
C VAL A 69 0.11 -9.07 -12.88
N GLY A 70 0.41 -8.82 -11.60
CA GLY A 70 1.69 -9.23 -10.99
C GLY A 70 2.86 -8.30 -11.28
N LEU A 71 3.99 -8.57 -10.61
CA LEU A 71 5.26 -7.84 -10.79
C LEU A 71 6.16 -8.61 -11.79
N PRO A 72 6.91 -7.91 -12.73
CA PRO A 72 7.82 -8.59 -13.72
C PRO A 72 8.89 -9.47 -13.02
N ASP A 73 9.39 -8.99 -11.87
CA ASP A 73 10.18 -9.79 -10.92
C ASP A 73 9.75 -9.39 -9.48
N PRO A 74 8.90 -10.21 -8.79
CA PRO A 74 8.36 -9.86 -7.44
C PRO A 74 9.41 -9.99 -6.30
N ASP A 75 10.44 -10.83 -6.54
CA ASP A 75 11.48 -11.14 -5.54
C ASP A 75 12.40 -9.92 -5.32
N LYS A 76 12.79 -9.26 -6.43
CA LYS A 76 13.64 -8.04 -6.37
C LYS A 76 12.88 -6.86 -5.72
N VAL A 77 11.57 -6.72 -6.05
CA VAL A 77 10.72 -5.62 -5.54
C VAL A 77 10.60 -5.63 -4.00
N GLN A 78 10.42 -6.83 -3.42
CA GLN A 78 10.31 -7.01 -1.95
C GLN A 78 11.62 -6.61 -1.22
N ARG A 79 12.77 -7.00 -1.80
CA ARG A 79 14.11 -6.78 -1.20
C ARG A 79 14.53 -5.30 -1.28
N ASP A 80 14.37 -4.69 -2.47
CA ASP A 80 14.68 -3.25 -2.69
C ASP A 80 13.73 -2.32 -1.90
N LEU A 81 12.47 -2.76 -1.69
CA LEU A 81 11.49 -1.98 -0.89
C LEU A 81 11.82 -2.03 0.62
N ALA A 82 12.30 -3.19 1.09
CA ALA A 82 12.75 -3.38 2.49
C ALA A 82 14.06 -2.59 2.78
N SER A 83 14.95 -2.53 1.78
CA SER A 83 16.23 -1.77 1.86
C SER A 83 15.97 -0.26 1.98
N GLN A 84 15.16 0.29 1.06
CA GLN A 84 14.77 1.73 1.09
C GLN A 84 13.92 2.07 2.34
N CYS A 85 13.14 1.08 2.85
CA CYS A 85 12.31 1.25 4.09
C CYS A 85 13.18 1.58 5.33
N ALA A 86 14.41 1.06 5.37
CA ALA A 86 15.39 1.37 6.44
C ALA A 86 16.20 2.64 6.12
N SER A 87 16.57 2.81 4.83
CA SER A 87 17.45 3.92 4.35
C SER A 87 16.73 5.31 4.31
N MET A 88 15.41 5.30 4.04
CA MET A 88 14.61 6.54 3.86
C MET A 88 13.92 6.97 5.17
N LEU A 89 13.34 6.01 5.90
CA LEU A 89 12.66 6.30 7.18
C LEU A 89 13.68 6.49 8.31
N ASN A 90 13.51 7.59 9.10
CA ASN A 90 14.48 8.01 10.15
C ASN A 90 14.71 6.90 11.21
N VAL A 91 13.62 6.22 11.59
CA VAL A 91 13.68 5.02 12.46
C VAL A 91 13.63 3.75 11.61
N ALA A 92 14.17 2.63 12.14
CA ALA A 92 14.03 1.32 11.48
C ALA A 92 12.58 0.80 11.65
N LEU A 93 11.75 1.05 10.62
CA LEU A 93 10.36 0.57 10.56
C LEU A 93 10.37 -0.82 9.88
N ARG A 94 9.83 -1.82 10.58
CA ARG A 94 9.67 -3.20 10.07
C ARG A 94 8.20 -3.45 9.66
N PRO A 95 7.82 -3.27 8.35
CA PRO A 95 6.47 -3.60 7.85
C PRO A 95 6.34 -5.08 7.44
N GLU A 96 5.11 -5.60 7.44
CA GLU A 96 4.84 -7.00 7.04
C GLU A 96 4.72 -7.06 5.51
N MET A 97 5.54 -7.90 4.85
CA MET A 97 5.54 -8.05 3.38
C MET A 97 5.44 -9.54 3.00
N GLN A 98 4.43 -9.92 2.18
CA GLN A 98 4.28 -11.30 1.69
C GLN A 98 3.93 -11.29 0.17
N LEU A 99 4.64 -12.14 -0.59
CA LEU A 99 4.42 -12.33 -2.04
C LEU A 99 3.22 -13.31 -2.27
N GLU A 100 2.10 -12.78 -2.80
CA GLU A 100 0.82 -13.52 -2.97
C GLU A 100 0.54 -13.84 -4.45
N GLN A 101 0.22 -15.13 -4.73
CA GLN A 101 -0.09 -15.60 -6.10
C GLN A 101 -1.63 -15.64 -6.34
N VAL A 102 -2.09 -14.86 -7.33
CA VAL A 102 -3.49 -14.80 -7.78
C VAL A 102 -3.57 -15.04 -9.31
N GLY A 103 -4.32 -16.07 -9.73
CA GLY A 103 -4.46 -16.45 -11.16
C GLY A 103 -3.15 -16.72 -11.92
N GLY A 104 -2.12 -17.20 -11.19
CA GLY A 104 -0.78 -17.46 -11.76
C GLY A 104 0.17 -16.25 -11.76
N LYS A 105 -0.26 -15.10 -11.21
CA LYS A 105 0.55 -13.87 -11.11
C LYS A 105 0.99 -13.64 -9.65
N THR A 106 2.26 -13.26 -9.41
CA THR A 106 2.75 -12.97 -8.03
C THR A 106 2.81 -11.45 -7.77
N LEU A 107 2.31 -11.01 -6.60
CA LEU A 107 2.21 -9.60 -6.19
C LEU A 107 2.95 -9.41 -4.85
N LEU A 108 3.15 -8.15 -4.42
CA LEU A 108 3.69 -7.85 -3.08
C LEU A 108 2.65 -7.07 -2.26
N VAL A 109 2.19 -7.68 -1.16
CA VAL A 109 1.27 -7.04 -0.22
C VAL A 109 2.11 -6.40 0.92
N VAL A 110 1.86 -5.11 1.21
CA VAL A 110 2.63 -4.36 2.23
C VAL A 110 1.70 -3.80 3.33
N TYR A 111 1.77 -4.42 4.52
CA TYR A 111 1.11 -3.93 5.75
C TYR A 111 1.97 -2.84 6.42
N VAL A 112 1.41 -1.65 6.65
CA VAL A 112 2.07 -0.57 7.41
C VAL A 112 1.42 -0.45 8.82
N PRO A 113 2.18 -0.75 9.92
CA PRO A 113 1.69 -0.53 11.32
C PRO A 113 1.71 0.96 11.72
N GLU A 114 0.96 1.32 12.78
CA GLU A 114 0.96 2.70 13.32
C GLU A 114 2.26 2.97 14.10
N ALA A 115 2.72 4.22 14.13
CA ALA A 115 3.81 4.63 15.02
C ALA A 115 3.35 4.75 16.49
N ASP A 116 4.26 4.42 17.43
CA ASP A 116 4.06 4.55 18.89
C ASP A 116 4.04 6.06 19.31
N VAL A 117 3.88 6.37 20.60
CA VAL A 117 4.12 7.73 21.15
C VAL A 117 5.59 8.22 20.94
N THR A 118 6.57 7.38 21.30
CA THR A 118 8.01 7.80 21.39
C THR A 118 8.61 7.97 19.97
N HIS A 119 8.38 6.95 19.13
CA HIS A 119 8.46 7.07 17.66
C HIS A 119 6.98 7.08 17.25
N LYS A 120 6.24 8.22 17.29
CA LYS A 120 6.35 9.54 16.55
C LYS A 120 7.75 10.26 16.38
N PRO A 121 7.83 11.64 16.24
CA PRO A 121 8.52 12.31 15.12
C PRO A 121 9.10 11.37 14.04
N ILE A 122 8.21 10.90 13.12
CA ILE A 122 8.59 10.03 11.98
C ILE A 122 8.69 10.88 10.70
N TYR A 123 9.85 10.80 10.03
CA TYR A 123 10.16 11.62 8.84
C TYR A 123 11.24 10.94 7.97
N LYS A 124 11.65 11.65 6.89
CA LYS A 124 12.72 11.20 5.97
C LYS A 124 14.12 11.30 6.63
N LYS A 125 15.08 10.51 6.12
CA LYS A 125 16.48 10.49 6.62
C LYS A 125 17.17 11.86 6.38
N ALA A 126 16.87 12.47 5.22
CA ALA A 126 17.27 13.86 4.89
C ALA A 126 16.06 14.82 5.13
N THR A 127 16.36 16.03 5.64
CA THR A 127 15.31 17.03 6.01
C THR A 127 14.53 17.54 4.77
N GLY A 128 13.19 17.35 4.77
CA GLY A 128 12.33 17.84 3.68
C GLY A 128 11.09 16.97 3.42
N LEU A 129 10.11 16.99 4.35
CA LEU A 129 8.83 16.26 4.22
C LEU A 129 7.64 17.27 4.22
N PRO A 130 7.00 17.56 3.04
CA PRO A 130 5.91 18.59 2.92
C PRO A 130 4.57 18.19 3.60
N GLY A 131 4.12 16.94 3.35
CA GLY A 131 2.80 16.47 3.81
C GLY A 131 1.69 16.82 2.81
N GLY A 132 1.40 15.88 1.87
CA GLY A 132 0.43 16.09 0.79
C GLY A 132 -1.04 16.13 1.27
N ALA A 133 -1.49 17.30 1.76
CA ALA A 133 -2.89 17.52 2.18
C ALA A 133 -3.78 17.88 0.96
N TYR A 134 -4.25 16.84 0.26
CA TYR A 134 -5.19 16.96 -0.88
C TYR A 134 -6.65 16.82 -0.39
N ARG A 135 -6.90 15.78 0.41
CA ARG A 135 -8.22 15.50 1.03
C ARG A 135 -8.29 16.12 2.45
N ARG A 136 -9.52 16.44 2.90
CA ARG A 136 -9.75 17.10 4.21
C ARG A 136 -9.52 16.12 5.41
N ILE A 137 -8.25 15.98 5.82
CA ILE A 137 -7.85 15.13 6.98
C ILE A 137 -7.74 15.98 8.27
N GLY A 138 -8.27 15.45 9.39
CA GLY A 138 -8.24 16.12 10.71
C GLY A 138 -7.53 15.29 11.79
N SER A 139 -8.12 15.23 13.00
CA SER A 139 -7.56 14.46 14.14
C SER A 139 -8.68 13.90 15.04
N SER A 140 -8.88 12.57 14.98
CA SER A 140 -9.83 11.83 15.84
C SER A 140 -9.09 11.06 16.96
N ASP A 141 -7.74 11.20 17.00
CA ASP A 141 -6.88 10.41 17.91
C ASP A 141 -5.57 11.20 18.22
N GLN A 142 -5.11 11.10 19.48
CA GLN A 142 -3.88 11.76 19.97
C GLN A 142 -3.29 10.97 21.17
N ARG A 143 -2.04 10.50 21.02
CA ARG A 143 -1.40 9.57 21.99
C ARG A 143 -0.35 10.29 22.87
N CYS A 144 -0.87 11.02 23.90
CA CYS A 144 -0.11 11.62 25.04
C CYS A 144 1.32 12.17 24.70
N VAL A 145 1.38 13.32 24.03
CA VAL A 145 2.66 14.04 23.79
C VAL A 145 2.95 14.99 24.98
N LEU A 146 4.22 15.03 25.45
CA LEU A 146 4.64 15.89 26.59
C LEU A 146 5.68 16.95 26.18
N GLU A 147 6.08 17.79 27.16
CA GLU A 147 7.11 18.84 26.96
C GLU A 147 8.18 18.76 28.08
N HIS A 148 9.47 18.75 27.66
CA HIS A 148 10.63 18.83 28.59
C HIS A 148 10.64 20.19 29.37
N HIS A 149 10.54 20.08 30.71
CA HIS A 149 10.44 21.24 31.63
C HIS A 149 11.80 21.95 31.84
N HIS A 150 11.75 23.22 32.24
CA HIS A 150 12.93 24.00 32.67
C HIS A 150 13.10 23.92 34.21
N HIS A 151 14.08 24.68 34.75
CA HIS A 151 14.29 24.82 36.21
C HIS A 151 14.30 26.32 36.61
N HIS A 152 13.73 26.65 37.78
CA HIS A 152 13.74 28.03 38.33
C HIS A 152 15.07 28.29 39.08
N HIS A 153 15.72 29.43 38.78
CA HIS A 153 17.05 29.79 39.32
C HIS A 153 16.92 30.56 40.65
N MET A 1 -0.74 -11.68 5.96
CA MET A 1 -1.90 -10.75 5.85
C MET A 1 -2.88 -11.22 4.75
N ARG A 2 -4.02 -10.48 4.63
CA ARG A 2 -5.02 -10.66 3.54
C ARG A 2 -4.37 -10.90 2.15
N SER A 3 -4.86 -11.93 1.43
CA SER A 3 -4.32 -12.32 0.10
C SER A 3 -4.51 -11.20 -0.96
N ALA A 4 -3.72 -11.26 -2.04
CA ALA A 4 -3.73 -10.25 -3.11
C ALA A 4 -5.12 -10.14 -3.79
N THR A 5 -5.79 -11.30 -3.97
CA THR A 5 -7.16 -11.37 -4.54
C THR A 5 -8.23 -10.80 -3.57
N ASP A 6 -8.04 -11.02 -2.26
CA ASP A 6 -8.92 -10.44 -1.21
C ASP A 6 -8.89 -8.88 -1.25
N LEU A 7 -7.67 -8.32 -1.20
CA LEU A 7 -7.43 -6.85 -1.34
C LEU A 7 -7.93 -6.31 -2.69
N LEU A 8 -7.73 -7.10 -3.76
CA LEU A 8 -8.11 -6.71 -5.15
C LEU A 8 -9.65 -6.51 -5.27
N ASP A 9 -10.42 -7.43 -4.65
CA ASP A 9 -11.90 -7.36 -4.62
C ASP A 9 -12.38 -6.08 -3.88
N GLU A 10 -11.65 -5.73 -2.80
CA GLU A 10 -11.88 -4.47 -2.07
C GLU A 10 -11.54 -3.24 -2.93
N LEU A 11 -10.44 -3.31 -3.72
CA LEU A 11 -10.01 -2.23 -4.64
C LEU A 11 -11.09 -1.93 -5.72
N ASN A 12 -11.74 -3.00 -6.23
CA ASN A 12 -12.83 -2.88 -7.24
C ASN A 12 -14.18 -2.46 -6.59
N ALA A 13 -14.33 -2.72 -5.28
CA ALA A 13 -15.51 -2.31 -4.50
C ALA A 13 -15.49 -0.79 -4.21
N VAL A 14 -14.30 -0.30 -3.80
CA VAL A 14 -14.09 1.11 -3.45
C VAL A 14 -13.74 1.95 -4.71
N ASP A 15 -14.10 3.25 -4.68
CA ASP A 15 -13.77 4.21 -5.76
C ASP A 15 -12.34 4.77 -5.59
N GLU A 16 -11.77 4.64 -4.38
CA GLU A 16 -10.51 5.32 -4.00
C GLU A 16 -9.69 4.45 -3.01
N SER A 17 -8.36 4.61 -3.05
CA SER A 17 -7.44 3.87 -2.16
C SER A 17 -7.32 4.56 -0.79
N ALA A 18 -8.33 4.33 0.08
CA ALA A 18 -8.42 4.98 1.41
C ALA A 18 -7.41 4.39 2.42
N ARG A 19 -7.59 3.11 2.78
CA ARG A 19 -6.65 2.36 3.66
C ARG A 19 -6.08 1.12 2.93
N ILE A 20 -6.68 0.77 1.77
CA ILE A 20 -6.18 -0.31 0.89
C ILE A 20 -5.73 0.34 -0.44
N GLU A 21 -4.41 0.40 -0.63
CA GLU A 21 -3.76 1.06 -1.77
C GLU A 21 -3.40 0.05 -2.89
N ALA A 22 -3.35 0.54 -4.14
CA ALA A 22 -2.91 -0.24 -5.32
C ALA A 22 -1.81 0.53 -6.08
N LYS A 23 -0.61 -0.06 -6.23
CA LYS A 23 0.53 0.57 -6.95
C LYS A 23 1.25 -0.44 -7.87
N ARG A 24 2.10 0.12 -8.76
CA ARG A 24 2.89 -0.64 -9.77
C ARG A 24 4.39 -0.75 -9.38
N ALA A 25 5.12 -1.64 -10.09
CA ALA A 25 6.60 -1.78 -9.96
C ALA A 25 7.36 -0.51 -10.46
N SER A 26 6.74 0.25 -11.37
CA SER A 26 7.26 1.57 -11.85
C SER A 26 7.49 2.59 -10.70
N ASP A 27 6.60 2.57 -9.70
CA ASP A 27 6.55 3.58 -8.62
C ASP A 27 6.87 3.01 -7.21
N MET A 28 7.51 1.81 -7.13
CA MET A 28 8.13 1.34 -5.86
C MET A 28 9.29 2.29 -5.41
N GLY A 29 8.99 3.13 -4.41
CA GLY A 29 9.90 4.17 -3.95
C GLY A 29 9.17 5.30 -3.21
N LYS A 30 9.46 6.55 -3.59
CA LYS A 30 8.88 7.77 -2.95
C LYS A 30 7.33 7.77 -2.94
N SER A 31 6.73 7.21 -4.01
CA SER A 31 5.26 7.11 -4.16
C SER A 31 4.63 6.16 -3.12
N VAL A 32 5.30 5.02 -2.85
CA VAL A 32 4.88 4.07 -1.77
C VAL A 32 4.98 4.76 -0.40
N MET A 33 6.18 5.33 -0.11
CA MET A 33 6.47 6.11 1.11
C MET A 33 5.41 7.20 1.41
N GLU A 34 4.93 7.88 0.37
CA GLU A 34 3.87 8.91 0.46
C GLU A 34 2.61 8.39 1.22
N THR A 35 2.16 7.18 0.85
CA THR A 35 0.99 6.51 1.46
C THR A 35 1.33 5.88 2.85
N VAL A 36 2.54 5.30 2.98
CA VAL A 36 3.04 4.62 4.21
C VAL A 36 3.11 5.59 5.43
N ILE A 37 3.60 6.82 5.19
CA ILE A 37 3.69 7.91 6.20
C ILE A 37 2.32 8.19 6.89
N ALA A 38 1.22 8.05 6.12
CA ALA A 38 -0.16 8.28 6.62
C ALA A 38 -0.52 7.30 7.78
N PHE A 39 -0.20 6.00 7.59
CA PHE A 39 -0.46 4.94 8.59
C PHE A 39 0.49 5.04 9.81
N ALA A 40 1.71 5.54 9.57
CA ALA A 40 2.75 5.69 10.62
C ALA A 40 2.43 6.82 11.63
N ASN A 41 2.14 8.03 11.09
CA ASN A 41 2.00 9.26 11.90
C ASN A 41 0.58 9.46 12.48
N GLU A 42 -0.45 9.20 11.66
CA GLU A 42 -1.87 9.43 12.04
C GLU A 42 -2.38 8.33 13.02
N PRO A 43 -2.59 8.68 14.35
CA PRO A 43 -3.02 7.70 15.36
C PRO A 43 -4.51 7.33 15.20
N GLY A 44 -4.77 6.06 14.89
CA GLY A 44 -6.13 5.54 14.71
C GLY A 44 -6.52 5.28 13.26
N LEU A 45 -5.59 5.47 12.29
CA LEU A 45 -5.81 5.13 10.86
C LEU A 45 -4.92 3.90 10.50
N ASP A 46 -3.84 3.73 11.29
CA ASP A 46 -2.82 2.65 11.15
C ASP A 46 -3.37 1.21 10.91
N GLY A 47 -2.52 0.37 10.28
CA GLY A 47 -2.90 -1.02 9.93
C GLY A 47 -3.44 -1.14 8.51
N GLY A 48 -2.82 -0.40 7.57
CA GLY A 48 -3.26 -0.40 6.17
C GLY A 48 -2.53 -1.43 5.29
N TYR A 49 -3.07 -1.69 4.09
CA TYR A 49 -2.47 -2.65 3.12
C TYR A 49 -2.20 -1.95 1.78
N LEU A 50 -0.96 -2.04 1.28
CA LEU A 50 -0.54 -1.51 -0.04
C LEU A 50 -0.21 -2.71 -0.96
N LEU A 51 -0.94 -2.85 -2.06
CA LEU A 51 -0.83 -4.01 -2.94
C LEU A 51 -0.01 -3.62 -4.20
N LEU A 52 1.20 -4.19 -4.31
CA LEU A 52 2.14 -3.91 -5.42
C LEU A 52 1.95 -4.91 -6.58
N GLY A 53 1.99 -4.38 -7.81
CA GLY A 53 1.78 -5.18 -9.03
C GLY A 53 0.31 -5.21 -9.45
N VAL A 54 -0.36 -4.05 -9.35
CA VAL A 54 -1.77 -3.90 -9.76
C VAL A 54 -1.89 -2.97 -10.99
N ASP A 55 -2.81 -3.33 -11.89
CA ASP A 55 -3.19 -2.52 -13.06
C ASP A 55 -4.57 -1.89 -12.77
N TRP A 56 -4.89 -0.81 -13.48
CA TRP A 56 -6.24 -0.21 -13.43
C TRP A 56 -6.63 0.34 -14.82
N ALA A 57 -7.81 -0.11 -15.29
CA ALA A 57 -8.32 0.18 -16.65
C ALA A 57 -9.64 0.98 -16.58
N ILE A 58 -9.77 2.00 -17.46
CA ILE A 58 -10.93 2.90 -17.49
C ILE A 58 -12.05 2.36 -18.42
N ASN A 59 -13.26 2.17 -17.85
CA ASN A 59 -14.47 1.70 -18.56
C ASN A 59 -15.05 2.79 -19.51
N ASP A 60 -16.11 2.44 -20.24
CA ASP A 60 -16.86 3.39 -21.09
C ASP A 60 -17.64 4.43 -20.21
N LYS A 61 -18.02 4.00 -18.99
CA LYS A 61 -18.58 4.89 -17.92
C LYS A 61 -17.52 5.91 -17.40
N GLY A 62 -16.22 5.65 -17.68
CA GLY A 62 -15.11 6.40 -17.07
C GLY A 62 -14.66 5.84 -15.72
N ASP A 63 -15.18 4.64 -15.37
CA ASP A 63 -14.93 3.96 -14.07
C ASP A 63 -13.55 3.25 -14.03
N THR A 64 -13.02 3.00 -12.81
CA THR A 64 -11.68 2.39 -12.61
C THR A 64 -11.80 0.95 -12.08
N VAL A 65 -11.39 -0.04 -12.90
CA VAL A 65 -11.39 -1.48 -12.52
C VAL A 65 -9.93 -1.96 -12.33
N TYR A 66 -9.62 -2.50 -11.15
CA TYR A 66 -8.25 -2.93 -10.78
C TYR A 66 -8.04 -4.42 -11.12
N ARG A 67 -6.98 -4.73 -11.87
CA ARG A 67 -6.66 -6.10 -12.34
C ARG A 67 -5.31 -6.58 -11.75
N PRO A 68 -5.22 -7.82 -11.17
CA PRO A 68 -3.94 -8.35 -10.64
C PRO A 68 -3.02 -8.84 -11.78
N VAL A 69 -2.06 -7.98 -12.21
CA VAL A 69 -1.06 -8.30 -13.26
C VAL A 69 0.26 -8.84 -12.67
N GLY A 70 0.51 -8.54 -11.38
CA GLY A 70 1.67 -9.04 -10.65
C GLY A 70 2.95 -8.22 -10.84
N LEU A 71 4.01 -8.64 -10.15
CA LEU A 71 5.35 -8.02 -10.24
C LEU A 71 6.28 -8.84 -11.19
N PRO A 72 7.11 -8.17 -12.06
CA PRO A 72 8.07 -8.89 -12.97
C PRO A 72 9.20 -9.60 -12.17
N ASP A 73 9.70 -8.96 -11.09
CA ASP A 73 10.73 -9.53 -10.20
C ASP A 73 10.21 -9.52 -8.72
N PRO A 74 9.16 -10.35 -8.38
CA PRO A 74 8.37 -10.18 -7.12
C PRO A 74 9.19 -10.32 -5.82
N ASP A 75 10.10 -11.30 -5.78
CA ASP A 75 10.99 -11.55 -4.61
C ASP A 75 11.98 -10.37 -4.41
N LYS A 76 12.47 -9.82 -5.53
CA LYS A 76 13.40 -8.66 -5.54
C LYS A 76 12.68 -7.35 -5.14
N VAL A 77 11.41 -7.19 -5.59
CA VAL A 77 10.60 -6.00 -5.25
C VAL A 77 10.40 -5.89 -3.72
N GLN A 78 10.18 -7.05 -3.07
CA GLN A 78 10.09 -7.15 -1.59
C GLN A 78 11.43 -6.75 -0.89
N ARG A 79 12.54 -7.31 -1.37
CA ARG A 79 13.90 -7.08 -0.81
C ARG A 79 14.35 -5.59 -0.93
N ASP A 80 14.22 -5.04 -2.14
CA ASP A 80 14.56 -3.65 -2.46
C ASP A 80 13.59 -2.65 -1.75
N LEU A 81 12.32 -3.09 -1.54
CA LEU A 81 11.32 -2.30 -0.77
C LEU A 81 11.71 -2.19 0.72
N ALA A 82 12.17 -3.32 1.30
CA ALA A 82 12.65 -3.38 2.70
C ALA A 82 13.89 -2.48 2.92
N SER A 83 14.82 -2.52 1.95
CA SER A 83 16.05 -1.69 1.93
C SER A 83 15.71 -0.18 1.89
N GLN A 84 14.87 0.23 0.91
CA GLN A 84 14.46 1.65 0.75
C GLN A 84 13.56 2.13 1.92
N CYS A 85 12.76 1.23 2.53
CA CYS A 85 11.88 1.59 3.69
C CYS A 85 12.69 2.09 4.91
N ALA A 86 13.91 1.54 5.06
CA ALA A 86 14.87 1.98 6.10
C ALA A 86 15.69 3.23 5.65
N SER A 87 15.92 3.38 4.32
CA SER A 87 16.84 4.41 3.75
C SER A 87 16.16 5.74 3.34
N MET A 88 14.85 5.70 3.02
CA MET A 88 14.09 6.87 2.47
C MET A 88 13.46 7.72 3.59
N LEU A 89 13.16 7.09 4.74
CA LEU A 89 12.39 7.72 5.84
C LEU A 89 13.30 8.15 7.02
N ASN A 90 12.75 9.05 7.86
CA ASN A 90 13.35 9.55 9.12
C ASN A 90 14.07 8.43 9.94
N VAL A 91 13.29 7.44 10.38
CA VAL A 91 13.81 6.25 11.10
C VAL A 91 13.52 4.97 10.26
N ALA A 92 14.08 3.84 10.71
CA ALA A 92 13.81 2.52 10.11
C ALA A 92 12.36 2.06 10.43
N LEU A 93 11.46 2.26 9.47
CA LEU A 93 10.06 1.82 9.58
C LEU A 93 9.99 0.31 9.23
N ARG A 94 9.28 -0.49 10.05
CA ARG A 94 9.19 -1.96 9.89
C ARG A 94 7.79 -2.41 9.41
N PRO A 95 7.54 -2.52 8.05
CA PRO A 95 6.29 -3.11 7.52
C PRO A 95 6.42 -4.64 7.28
N GLU A 96 5.27 -5.29 7.01
CA GLU A 96 5.21 -6.76 6.78
C GLU A 96 4.83 -7.03 5.32
N MET A 97 5.53 -7.97 4.67
CA MET A 97 5.43 -8.21 3.21
C MET A 97 5.20 -9.72 2.92
N GLN A 98 4.22 -10.02 2.03
CA GLN A 98 3.93 -11.41 1.59
C GLN A 98 3.71 -11.48 0.06
N LEU A 99 4.17 -12.59 -0.55
CA LEU A 99 4.07 -12.84 -1.99
C LEU A 99 2.95 -13.86 -2.29
N GLU A 100 1.93 -13.41 -3.04
CA GLU A 100 0.64 -14.12 -3.22
C GLU A 100 0.41 -14.50 -4.70
N GLN A 101 0.00 -15.75 -4.95
CA GLN A 101 -0.34 -16.27 -6.29
C GLN A 101 -1.86 -16.15 -6.54
N VAL A 102 -2.22 -15.30 -7.51
CA VAL A 102 -3.61 -14.98 -7.89
C VAL A 102 -3.73 -15.03 -9.42
N GLY A 103 -4.51 -16.00 -9.93
CA GLY A 103 -4.62 -16.29 -11.39
C GLY A 103 -3.28 -16.50 -12.12
N GLY A 104 -2.24 -16.96 -11.40
CA GLY A 104 -0.89 -17.15 -11.97
C GLY A 104 0.06 -15.95 -11.79
N LYS A 105 -0.46 -14.82 -11.27
CA LYS A 105 0.33 -13.57 -11.06
C LYS A 105 0.81 -13.45 -9.59
N THR A 106 2.08 -13.04 -9.36
CA THR A 106 2.63 -12.89 -7.98
C THR A 106 2.66 -11.41 -7.53
N LEU A 107 1.72 -11.03 -6.65
CA LEU A 107 1.63 -9.65 -6.07
C LEU A 107 2.26 -9.60 -4.65
N LEU A 108 2.54 -8.36 -4.17
CA LEU A 108 3.13 -8.14 -2.82
C LEU A 108 2.14 -7.36 -1.91
N VAL A 109 1.66 -8.02 -0.86
CA VAL A 109 0.83 -7.40 0.19
C VAL A 109 1.74 -6.70 1.23
N VAL A 110 1.69 -5.36 1.28
CA VAL A 110 2.54 -4.55 2.19
C VAL A 110 1.68 -3.95 3.34
N TYR A 111 1.74 -4.59 4.50
CA TYR A 111 1.06 -4.15 5.73
C TYR A 111 1.92 -3.12 6.47
N VAL A 112 1.35 -1.94 6.76
CA VAL A 112 2.03 -0.89 7.56
C VAL A 112 1.39 -0.78 8.96
N PRO A 113 2.06 -1.34 10.03
CA PRO A 113 1.64 -1.12 11.44
C PRO A 113 2.03 0.29 11.95
N GLU A 114 1.46 0.68 13.10
CA GLU A 114 1.66 2.03 13.70
C GLU A 114 3.11 2.27 14.21
N ALA A 115 3.42 3.56 14.39
CA ALA A 115 4.71 4.02 14.96
C ALA A 115 4.49 4.43 16.43
N ASP A 116 5.38 3.97 17.33
CA ASP A 116 5.26 4.25 18.78
C ASP A 116 5.77 5.66 19.14
N VAL A 117 5.40 6.16 20.34
CA VAL A 117 5.83 7.48 20.87
C VAL A 117 7.38 7.60 21.01
N THR A 118 8.10 6.44 21.09
CA THR A 118 9.59 6.40 21.07
C THR A 118 10.17 7.03 19.78
N HIS A 119 9.37 6.98 18.69
CA HIS A 119 9.61 7.78 17.46
C HIS A 119 9.16 9.27 17.83
N LYS A 120 7.87 9.71 17.71
CA LYS A 120 6.93 9.61 16.57
C LYS A 120 7.23 10.76 15.53
N PRO A 121 6.22 11.37 14.78
CA PRO A 121 6.29 11.68 13.34
C PRO A 121 7.53 11.19 12.52
N ILE A 122 7.29 10.11 11.75
CA ILE A 122 8.22 9.62 10.72
C ILE A 122 7.91 10.31 9.37
N TYR A 123 8.85 11.10 8.89
CA TYR A 123 8.70 11.87 7.62
C TYR A 123 9.57 11.28 6.49
N LYS A 124 9.31 11.72 5.24
CA LYS A 124 10.19 11.43 4.09
C LYS A 124 11.39 12.40 4.10
N LYS A 125 12.61 11.87 3.95
CA LYS A 125 13.83 12.70 3.81
C LYS A 125 13.92 13.27 2.36
N ALA A 126 13.10 14.31 2.12
CA ALA A 126 12.98 15.01 0.82
C ALA A 126 12.08 16.26 0.99
N THR A 127 12.71 17.44 1.15
CA THR A 127 11.98 18.72 1.38
C THR A 127 11.23 19.20 0.10
N GLY A 128 10.11 19.92 0.32
CA GLY A 128 9.26 20.42 -0.77
C GLY A 128 7.88 20.85 -0.28
N LEU A 129 7.32 20.06 0.66
CA LEU A 129 6.00 20.33 1.30
C LEU A 129 6.22 21.01 2.69
N PRO A 130 5.93 22.36 2.81
CA PRO A 130 6.13 23.11 4.08
C PRO A 130 5.08 22.77 5.17
N GLY A 131 5.55 22.18 6.29
CA GLY A 131 4.72 21.91 7.47
C GLY A 131 3.87 20.63 7.34
N GLY A 132 2.77 20.71 6.57
CA GLY A 132 1.79 19.61 6.46
C GLY A 132 0.98 19.42 7.75
N ALA A 133 1.29 18.35 8.51
CA ALA A 133 0.76 18.14 9.88
C ALA A 133 1.62 18.91 10.92
N TYR A 134 1.54 20.25 10.83
CA TYR A 134 2.36 21.19 11.65
C TYR A 134 1.93 21.18 13.14
N ARG A 135 0.62 21.01 13.37
CA ARG A 135 0.00 21.15 14.70
C ARG A 135 0.23 19.89 15.58
N ARG A 136 0.21 20.08 16.91
CA ARG A 136 0.61 19.04 17.90
C ARG A 136 -0.31 17.79 17.86
N ILE A 137 0.20 16.70 17.26
CA ILE A 137 -0.46 15.38 17.23
C ILE A 137 0.34 14.39 18.12
N GLY A 138 -0.28 13.92 19.21
CA GLY A 138 0.40 12.99 20.14
C GLY A 138 -0.56 12.30 21.12
N SER A 139 -0.09 11.18 21.72
CA SER A 139 -0.88 10.38 22.70
C SER A 139 -0.58 10.84 24.15
N SER A 140 -0.84 12.15 24.41
CA SER A 140 -0.58 12.81 25.72
C SER A 140 0.87 12.61 26.20
N ASP A 141 1.81 13.30 25.54
CA ASP A 141 3.26 13.13 25.73
C ASP A 141 3.75 13.54 27.15
N GLN A 142 3.71 12.56 28.06
CA GLN A 142 4.22 12.68 29.44
C GLN A 142 5.35 11.64 29.70
N ARG A 143 5.30 10.52 28.95
CA ARG A 143 6.30 9.44 29.07
C ARG A 143 7.53 9.73 28.18
N CYS A 144 8.50 10.47 28.72
CA CYS A 144 9.74 10.83 27.99
C CYS A 144 10.90 9.88 28.33
N VAL A 145 11.72 9.57 27.31
CA VAL A 145 12.91 8.70 27.48
C VAL A 145 14.15 9.52 27.93
N LEU A 146 15.04 8.89 28.71
CA LEU A 146 16.33 9.48 29.11
C LEU A 146 17.34 9.31 27.96
N GLU A 147 17.94 10.43 27.47
CA GLU A 147 18.87 10.39 26.33
C GLU A 147 20.23 11.08 26.64
N HIS A 148 21.30 10.28 26.50
CA HIS A 148 22.71 10.72 26.52
C HIS A 148 23.52 9.80 25.59
N HIS A 149 24.11 10.35 24.53
CA HIS A 149 25.09 9.62 23.69
C HIS A 149 26.52 10.02 24.13
N HIS A 150 27.23 9.09 24.83
CA HIS A 150 28.60 9.35 25.33
C HIS A 150 29.59 9.58 24.16
N HIS A 151 30.57 10.48 24.38
CA HIS A 151 31.53 10.89 23.34
C HIS A 151 32.95 11.04 23.95
N HIS A 152 33.96 10.53 23.23
CA HIS A 152 35.38 10.60 23.65
C HIS A 152 36.25 11.29 22.56
N HIS A 153 37.59 11.24 22.73
CA HIS A 153 38.55 11.80 21.75
C HIS A 153 38.52 11.00 20.43
N MET A 1 -1.98 -11.34 7.74
CA MET A 1 -2.41 -10.81 6.42
C MET A 1 -3.56 -11.62 5.79
N ARG A 2 -4.16 -11.02 4.75
CA ARG A 2 -5.06 -11.74 3.81
C ARG A 2 -4.39 -11.89 2.43
N SER A 3 -5.11 -12.52 1.50
CA SER A 3 -4.66 -12.69 0.09
C SER A 3 -4.72 -11.36 -0.70
N ALA A 4 -3.91 -11.28 -1.78
CA ALA A 4 -3.88 -10.10 -2.68
C ALA A 4 -5.25 -9.86 -3.36
N THR A 5 -5.94 -10.96 -3.72
CA THR A 5 -7.33 -10.92 -4.26
C THR A 5 -8.36 -10.41 -3.23
N ASP A 6 -8.13 -10.73 -1.93
CA ASP A 6 -8.98 -10.24 -0.83
C ASP A 6 -8.83 -8.70 -0.65
N LEU A 7 -7.58 -8.21 -0.70
CA LEU A 7 -7.28 -6.75 -0.64
C LEU A 7 -7.80 -6.00 -1.89
N LEU A 8 -7.85 -6.73 -3.02
CA LEU A 8 -8.42 -6.23 -4.29
C LEU A 8 -9.94 -5.93 -4.16
N ASP A 9 -10.62 -6.68 -3.26
CA ASP A 9 -12.05 -6.51 -2.98
C ASP A 9 -12.36 -5.10 -2.42
N GLU A 10 -11.43 -4.49 -1.62
CA GLU A 10 -11.60 -3.08 -1.16
C GLU A 10 -11.47 -2.14 -2.37
N LEU A 11 -10.37 -2.28 -3.14
CA LEU A 11 -10.04 -1.46 -4.34
C LEU A 11 -11.24 -1.35 -5.33
N ASN A 12 -11.89 -2.50 -5.60
CA ASN A 12 -13.07 -2.59 -6.49
C ASN A 12 -14.40 -2.19 -5.80
N ALA A 13 -14.50 -2.33 -4.45
CA ALA A 13 -15.71 -1.94 -3.68
C ALA A 13 -15.87 -0.40 -3.64
N VAL A 14 -14.82 0.29 -3.18
CA VAL A 14 -14.76 1.77 -3.19
C VAL A 14 -14.36 2.27 -4.60
N ASP A 15 -15.00 3.38 -5.04
CA ASP A 15 -14.69 4.05 -6.32
C ASP A 15 -13.21 4.53 -6.37
N GLU A 16 -12.76 5.14 -5.26
CA GLU A 16 -11.38 5.64 -5.10
C GLU A 16 -10.72 5.01 -3.85
N SER A 17 -9.42 4.63 -3.99
CA SER A 17 -8.60 3.97 -2.92
C SER A 17 -8.75 4.63 -1.53
N ALA A 18 -9.12 3.82 -0.50
CA ALA A 18 -9.43 4.31 0.86
C ALA A 18 -8.27 4.07 1.86
N ARG A 19 -7.96 2.79 2.14
CA ARG A 19 -6.87 2.38 3.07
C ARG A 19 -5.81 1.53 2.35
N ILE A 20 -6.08 1.18 1.08
CA ILE A 20 -5.18 0.38 0.24
C ILE A 20 -4.99 1.11 -1.10
N GLU A 21 -3.74 1.44 -1.46
CA GLU A 21 -3.41 1.92 -2.82
C GLU A 21 -2.81 0.78 -3.66
N ALA A 22 -3.38 0.58 -4.86
CA ALA A 22 -2.83 -0.34 -5.87
C ALA A 22 -1.70 0.38 -6.64
N LYS A 23 -0.55 -0.30 -6.84
CA LYS A 23 0.66 0.32 -7.43
C LYS A 23 1.23 -0.55 -8.58
N ARG A 24 1.88 0.12 -9.53
CA ARG A 24 2.78 -0.51 -10.53
C ARG A 24 4.26 -0.36 -10.08
N ALA A 25 5.13 -1.23 -10.63
CA ALA A 25 6.60 -1.17 -10.42
C ALA A 25 7.20 0.20 -10.85
N SER A 26 6.56 0.84 -11.85
CA SER A 26 6.91 2.21 -12.31
C SER A 26 6.78 3.28 -11.19
N ASP A 27 5.78 3.14 -10.31
CA ASP A 27 5.53 4.09 -9.19
C ASP A 27 6.38 3.76 -7.93
N MET A 28 7.04 2.57 -7.91
CA MET A 28 7.85 2.11 -6.75
C MET A 28 9.00 3.11 -6.43
N GLY A 29 8.79 3.90 -5.35
CA GLY A 29 9.73 4.94 -4.93
C GLY A 29 9.13 5.81 -3.83
N LYS A 30 9.54 7.09 -3.76
CA LYS A 30 9.12 8.04 -2.68
C LYS A 30 7.58 8.20 -2.55
N SER A 31 6.83 7.99 -3.65
CA SER A 31 5.34 8.05 -3.64
C SER A 31 4.75 6.91 -2.77
N VAL A 32 5.30 5.70 -2.92
CA VAL A 32 4.93 4.51 -2.12
C VAL A 32 5.42 4.65 -0.66
N MET A 33 6.67 5.14 -0.50
CA MET A 33 7.33 5.33 0.82
C MET A 33 6.60 6.37 1.69
N GLU A 34 6.02 7.40 1.03
CA GLU A 34 5.21 8.44 1.70
C GLU A 34 3.88 7.86 2.23
N THR A 35 3.30 6.92 1.47
CA THR A 35 2.06 6.22 1.87
C THR A 35 2.32 5.24 3.06
N VAL A 36 3.57 4.71 3.12
CA VAL A 36 4.06 3.93 4.29
C VAL A 36 4.13 4.83 5.56
N ILE A 37 4.54 6.10 5.37
CA ILE A 37 4.51 7.12 6.45
C ILE A 37 3.04 7.40 6.89
N ALA A 38 2.09 7.39 5.94
CA ALA A 38 0.67 7.69 6.22
C ALA A 38 0.04 6.61 7.14
N PHE A 39 0.08 5.34 6.70
CA PHE A 39 -0.57 4.21 7.39
C PHE A 39 0.06 3.87 8.78
N ALA A 40 1.32 4.29 8.99
CA ALA A 40 2.04 4.09 10.26
C ALA A 40 1.78 5.22 11.31
N ASN A 41 1.59 6.46 10.82
CA ASN A 41 1.54 7.67 11.70
C ASN A 41 0.11 8.17 11.98
N GLU A 42 -0.84 7.92 11.05
CA GLU A 42 -2.24 8.42 11.20
C GLU A 42 -3.08 7.51 12.13
N PRO A 43 -3.56 8.02 13.32
CA PRO A 43 -4.55 7.31 14.17
C PRO A 43 -5.90 7.13 13.45
N GLY A 44 -6.73 6.18 13.92
CA GLY A 44 -8.02 5.88 13.27
C GLY A 44 -7.92 4.88 12.12
N LEU A 45 -6.88 4.99 11.26
CA LEU A 45 -6.62 4.04 10.15
C LEU A 45 -5.63 2.94 10.59
N ASP A 46 -4.64 3.33 11.48
CA ASP A 46 -3.55 2.49 12.06
C ASP A 46 -3.49 1.00 11.58
N GLY A 47 -2.69 0.76 10.51
CA GLY A 47 -2.57 -0.57 9.90
C GLY A 47 -3.26 -0.69 8.54
N GLY A 48 -2.83 0.15 7.58
CA GLY A 48 -3.29 0.07 6.18
C GLY A 48 -2.45 -0.90 5.32
N TYR A 49 -2.89 -1.14 4.07
CA TYR A 49 -2.16 -2.04 3.13
C TYR A 49 -1.74 -1.29 1.83
N LEU A 50 -0.70 -1.80 1.18
CA LEU A 50 -0.25 -1.37 -0.17
C LEU A 50 -0.11 -2.62 -1.06
N LEU A 51 -0.90 -2.68 -2.15
CA LEU A 51 -0.93 -3.87 -3.02
C LEU A 51 -0.13 -3.59 -4.31
N LEU A 52 1.04 -4.24 -4.43
CA LEU A 52 2.00 -4.00 -5.53
C LEU A 52 1.86 -5.07 -6.62
N GLY A 53 1.66 -4.64 -7.88
CA GLY A 53 1.48 -5.55 -9.02
C GLY A 53 0.04 -5.60 -9.53
N VAL A 54 -0.67 -4.47 -9.42
CA VAL A 54 -2.05 -4.32 -9.93
C VAL A 54 -2.07 -3.32 -11.11
N ASP A 55 -2.83 -3.67 -12.17
CA ASP A 55 -3.11 -2.78 -13.31
C ASP A 55 -4.59 -2.38 -13.24
N TRP A 56 -4.95 -1.25 -13.87
CA TRP A 56 -6.32 -0.72 -13.83
C TRP A 56 -6.72 -0.07 -15.18
N ALA A 57 -7.95 -0.37 -15.64
CA ALA A 57 -8.50 0.14 -16.92
C ALA A 57 -9.91 0.71 -16.71
N ILE A 58 -10.16 1.90 -17.29
CA ILE A 58 -11.46 2.60 -17.18
C ILE A 58 -12.36 2.31 -18.40
N ASN A 59 -13.66 2.01 -18.15
CA ASN A 59 -14.68 1.80 -19.21
C ASN A 59 -15.29 3.15 -19.68
N ASP A 60 -16.28 3.09 -20.60
CA ASP A 60 -16.97 4.31 -21.14
C ASP A 60 -17.81 5.05 -20.05
N LYS A 61 -18.25 4.30 -19.02
CA LYS A 61 -19.04 4.85 -17.88
C LYS A 61 -18.16 5.60 -16.86
N GLY A 62 -16.84 5.29 -16.82
CA GLY A 62 -15.89 5.96 -15.92
C GLY A 62 -15.39 5.09 -14.76
N ASP A 63 -15.86 3.84 -14.67
CA ASP A 63 -15.49 2.90 -13.58
C ASP A 63 -14.06 2.33 -13.80
N THR A 64 -13.18 2.58 -12.82
CA THR A 64 -11.80 2.04 -12.82
C THR A 64 -11.83 0.57 -12.31
N VAL A 65 -11.40 -0.36 -13.17
CA VAL A 65 -11.38 -1.80 -12.88
C VAL A 65 -9.96 -2.23 -12.42
N TYR A 66 -9.82 -2.65 -11.17
CA TYR A 66 -8.51 -3.03 -10.60
C TYR A 66 -8.31 -4.56 -10.74
N ARG A 67 -7.15 -4.97 -11.27
CA ARG A 67 -6.88 -6.40 -11.63
C ARG A 67 -5.41 -6.78 -11.34
N PRO A 68 -5.14 -7.94 -10.64
CA PRO A 68 -3.78 -8.35 -10.25
C PRO A 68 -2.97 -8.96 -11.44
N VAL A 69 -2.08 -8.16 -12.05
CA VAL A 69 -1.25 -8.61 -13.20
C VAL A 69 0.16 -9.05 -12.77
N GLY A 70 0.49 -8.85 -11.48
CA GLY A 70 1.73 -9.33 -10.88
C GLY A 70 2.92 -8.38 -11.05
N LEU A 71 4.04 -8.75 -10.42
CA LEU A 71 5.34 -8.06 -10.51
C LEU A 71 6.30 -8.88 -11.41
N PRO A 72 7.10 -8.23 -12.34
CA PRO A 72 8.14 -8.95 -13.12
C PRO A 72 9.35 -9.38 -12.24
N ASP A 73 9.64 -8.59 -11.18
CA ASP A 73 10.73 -8.88 -10.21
C ASP A 73 10.18 -8.88 -8.75
N PRO A 74 9.29 -9.87 -8.36
CA PRO A 74 8.55 -9.83 -7.06
C PRO A 74 9.45 -9.85 -5.81
N ASP A 75 10.47 -10.72 -5.83
CA ASP A 75 11.40 -10.90 -4.70
C ASP A 75 12.32 -9.66 -4.55
N LYS A 76 12.77 -9.12 -5.70
CA LYS A 76 13.56 -7.87 -5.76
C LYS A 76 12.77 -6.68 -5.16
N VAL A 77 11.47 -6.57 -5.53
CA VAL A 77 10.58 -5.51 -5.01
C VAL A 77 10.47 -5.61 -3.46
N GLN A 78 10.31 -6.84 -2.93
CA GLN A 78 10.20 -7.08 -1.47
C GLN A 78 11.50 -6.70 -0.71
N ARG A 79 12.64 -7.20 -1.18
CA ARG A 79 13.95 -7.04 -0.50
C ARG A 79 14.44 -5.57 -0.53
N ASP A 80 14.42 -4.99 -1.74
CA ASP A 80 14.85 -3.59 -1.96
C ASP A 80 13.89 -2.56 -1.32
N LEU A 81 12.58 -2.89 -1.16
CA LEU A 81 11.60 -2.00 -0.48
C LEU A 81 11.84 -1.96 1.05
N ALA A 82 12.12 -3.14 1.64
CA ALA A 82 12.38 -3.27 3.11
C ALA A 82 13.70 -2.59 3.53
N SER A 83 14.74 -2.75 2.69
CA SER A 83 16.08 -2.16 2.93
C SER A 83 16.11 -0.63 2.70
N GLN A 84 15.43 -0.14 1.63
CA GLN A 84 15.27 1.33 1.40
C GLN A 84 14.40 1.97 2.52
N CYS A 85 13.45 1.21 3.10
CA CYS A 85 12.58 1.70 4.22
C CYS A 85 13.40 2.15 5.47
N ALA A 86 14.64 1.65 5.57
CA ALA A 86 15.61 2.07 6.59
C ALA A 86 16.45 3.30 6.13
N SER A 87 16.76 3.37 4.82
CA SER A 87 17.64 4.41 4.21
C SER A 87 16.87 5.68 3.71
N MET A 88 15.54 5.58 3.59
CA MET A 88 14.66 6.70 3.16
C MET A 88 14.20 7.51 4.39
N LEU A 89 13.73 6.78 5.41
CA LEU A 89 13.11 7.33 6.61
C LEU A 89 14.14 7.51 7.74
N ASN A 90 13.88 8.46 8.67
CA ASN A 90 14.79 8.79 9.80
C ASN A 90 15.28 7.54 10.57
N VAL A 91 14.34 6.65 10.91
CA VAL A 91 14.62 5.33 11.49
C VAL A 91 14.14 4.21 10.54
N ALA A 92 14.46 2.97 10.89
CA ALA A 92 13.90 1.79 10.22
C ALA A 92 12.42 1.58 10.62
N LEU A 93 11.51 2.02 9.74
CA LEU A 93 10.08 1.71 9.86
C LEU A 93 9.92 0.24 9.43
N ARG A 94 9.20 -0.55 10.25
CA ARG A 94 9.03 -2.00 10.01
C ARG A 94 7.61 -2.34 9.51
N PRO A 95 7.39 -2.46 8.16
CA PRO A 95 6.17 -3.05 7.61
C PRO A 95 6.31 -4.58 7.43
N GLU A 96 5.17 -5.24 7.31
CA GLU A 96 5.09 -6.67 7.00
C GLU A 96 4.98 -6.84 5.48
N MET A 97 5.66 -7.87 4.92
CA MET A 97 5.69 -8.12 3.46
C MET A 97 5.54 -9.62 3.15
N GLN A 98 4.51 -9.98 2.36
CA GLN A 98 4.30 -11.37 1.86
C GLN A 98 4.05 -11.35 0.34
N LEU A 99 4.67 -12.29 -0.38
CA LEU A 99 4.52 -12.44 -1.83
C LEU A 99 3.34 -13.38 -2.12
N GLU A 100 2.25 -12.82 -2.64
CA GLU A 100 0.94 -13.50 -2.72
C GLU A 100 0.51 -13.73 -4.17
N GLN A 101 0.15 -14.98 -4.49
CA GLN A 101 -0.14 -15.41 -5.87
C GLN A 101 -1.66 -15.51 -6.12
N VAL A 102 -2.12 -14.78 -7.16
CA VAL A 102 -3.54 -14.74 -7.59
C VAL A 102 -3.62 -14.97 -9.12
N GLY A 103 -4.38 -16.01 -9.55
CA GLY A 103 -4.53 -16.38 -10.98
C GLY A 103 -3.22 -16.64 -11.74
N GLY A 104 -2.18 -17.08 -11.02
CA GLY A 104 -0.84 -17.33 -11.60
C GLY A 104 0.10 -16.10 -11.61
N LYS A 105 -0.34 -14.99 -11.00
CA LYS A 105 0.46 -13.73 -10.89
C LYS A 105 0.97 -13.54 -9.44
N THR A 106 2.25 -13.18 -9.25
CA THR A 106 2.81 -12.93 -7.88
C THR A 106 2.82 -11.42 -7.57
N LEU A 107 2.26 -11.05 -6.40
CA LEU A 107 2.14 -9.65 -5.94
C LEU A 107 2.88 -9.48 -4.61
N LEU A 108 3.03 -8.23 -4.13
CA LEU A 108 3.55 -7.97 -2.78
C LEU A 108 2.48 -7.26 -1.92
N VAL A 109 2.04 -7.96 -0.87
CA VAL A 109 1.19 -7.39 0.19
C VAL A 109 2.10 -6.67 1.20
N VAL A 110 1.98 -5.34 1.28
CA VAL A 110 2.70 -4.52 2.28
C VAL A 110 1.72 -4.02 3.35
N TYR A 111 1.71 -4.70 4.51
CA TYR A 111 0.95 -4.25 5.69
C TYR A 111 1.80 -3.24 6.48
N VAL A 112 1.31 -2.02 6.64
CA VAL A 112 2.03 -0.94 7.33
C VAL A 112 1.35 -0.66 8.70
N PRO A 113 1.89 -1.23 9.83
CA PRO A 113 1.29 -1.06 11.18
C PRO A 113 1.67 0.30 11.84
N GLU A 114 0.89 0.69 12.87
CA GLU A 114 1.14 1.93 13.66
C GLU A 114 2.36 1.78 14.60
N ALA A 115 3.30 2.76 14.49
CA ALA A 115 4.60 2.75 15.23
C ALA A 115 4.50 3.52 16.59
N ASP A 116 5.56 3.42 17.41
CA ASP A 116 5.57 3.89 18.82
C ASP A 116 5.88 5.40 18.88
N VAL A 117 5.09 6.18 19.66
CA VAL A 117 4.94 7.69 19.55
C VAL A 117 6.25 8.50 19.20
N THR A 118 7.42 8.11 19.77
CA THR A 118 8.73 8.78 19.50
C THR A 118 9.15 8.65 18.00
N HIS A 119 8.97 7.43 17.46
CA HIS A 119 9.04 7.12 16.01
C HIS A 119 7.74 6.35 15.70
N LYS A 120 6.50 6.97 15.69
CA LYS A 120 5.98 8.14 14.89
C LYS A 120 6.81 9.50 14.76
N PRO A 121 6.16 10.69 14.46
CA PRO A 121 6.58 11.58 13.35
C PRO A 121 7.74 11.05 12.45
N ILE A 122 7.42 10.00 11.64
CA ILE A 122 8.39 9.39 10.71
C ILE A 122 8.62 10.31 9.50
N TYR A 123 9.60 11.21 9.62
CA TYR A 123 10.04 12.07 8.51
C TYR A 123 11.16 11.37 7.72
N LYS A 124 11.25 11.66 6.42
CA LYS A 124 12.38 11.21 5.58
C LYS A 124 13.68 11.97 5.99
N LYS A 125 14.85 11.31 5.84
CA LYS A 125 16.16 11.85 6.32
C LYS A 125 16.43 13.29 5.78
N ALA A 126 16.12 14.30 6.63
CA ALA A 126 16.00 15.71 6.22
C ALA A 126 17.35 16.43 6.02
N THR A 127 17.44 17.22 4.94
CA THR A 127 18.61 18.07 4.63
C THR A 127 18.37 19.49 5.17
N GLY A 128 19.17 19.91 6.18
CA GLY A 128 19.04 21.24 6.78
C GLY A 128 19.94 21.42 8.01
N LEU A 129 19.41 21.09 9.20
CA LEU A 129 20.12 21.29 10.49
C LEU A 129 19.78 20.14 11.48
N PRO A 130 20.71 19.80 12.46
CA PRO A 130 20.39 18.89 13.60
C PRO A 130 19.18 19.35 14.44
N GLY A 131 19.01 20.68 14.57
CA GLY A 131 17.92 21.28 15.35
C GLY A 131 18.13 21.15 16.87
N GLY A 132 17.06 21.42 17.65
CA GLY A 132 17.08 21.19 19.10
C GLY A 132 16.53 19.81 19.50
N ALA A 133 16.97 19.27 20.65
CA ALA A 133 16.48 17.97 21.15
C ALA A 133 15.11 18.13 21.84
N TYR A 134 14.04 18.25 21.02
CA TYR A 134 12.65 18.35 21.49
C TYR A 134 12.15 16.98 22.01
N ARG A 135 12.37 15.93 21.20
CA ARG A 135 12.09 14.53 21.58
C ARG A 135 13.42 13.78 21.82
N ARG A 136 13.73 13.50 23.10
CA ARG A 136 14.87 12.67 23.49
C ARG A 136 14.57 11.17 23.24
N ILE A 137 15.62 10.33 23.26
CA ILE A 137 15.49 8.88 23.02
C ILE A 137 14.76 8.22 24.23
N GLY A 138 13.42 8.10 24.10
CA GLY A 138 12.57 7.43 25.10
C GLY A 138 12.25 5.99 24.70
N SER A 139 13.30 5.22 24.39
CA SER A 139 13.20 3.83 23.88
C SER A 139 14.51 3.06 24.13
N SER A 140 14.40 1.72 24.26
CA SER A 140 15.54 0.82 24.53
C SER A 140 16.17 0.32 23.20
N ASP A 141 17.43 0.73 22.93
CA ASP A 141 18.15 0.40 21.69
C ASP A 141 18.72 -1.05 21.71
N GLN A 142 17.94 -1.97 21.13
CA GLN A 142 18.38 -3.34 20.80
C GLN A 142 19.31 -3.33 19.56
N ARG A 143 20.15 -4.36 19.43
CA ARG A 143 21.07 -4.54 18.27
C ARG A 143 20.30 -5.00 17.00
N CYS A 144 19.63 -4.03 16.35
CA CYS A 144 18.98 -4.23 15.04
C CYS A 144 19.90 -3.66 13.94
N VAL A 145 20.73 -4.55 13.36
CA VAL A 145 21.77 -4.16 12.38
C VAL A 145 21.14 -3.65 11.05
N LEU A 146 21.06 -2.32 10.92
CA LEU A 146 20.62 -1.66 9.68
C LEU A 146 21.81 -1.62 8.69
N GLU A 147 21.87 -2.66 7.83
CA GLU A 147 23.00 -2.87 6.86
C GLU A 147 23.09 -1.76 5.78
N HIS A 148 21.91 -1.34 5.27
CA HIS A 148 21.72 -0.24 4.25
C HIS A 148 22.81 -0.21 3.13
N HIS A 149 22.54 -0.90 2.00
CA HIS A 149 23.45 -0.88 0.82
C HIS A 149 23.20 0.40 0.00
N HIS A 150 24.15 1.36 0.13
CA HIS A 150 24.00 2.76 -0.33
C HIS A 150 23.76 2.93 -1.86
N HIS A 151 24.58 2.25 -2.70
CA HIS A 151 24.52 2.34 -4.20
C HIS A 151 24.65 3.81 -4.72
N HIS A 152 25.40 4.66 -3.98
CA HIS A 152 25.53 6.10 -4.31
C HIS A 152 26.19 6.31 -5.70
N HIS A 153 25.35 6.58 -6.71
CA HIS A 153 25.78 6.75 -8.13
C HIS A 153 26.56 8.08 -8.33
N MET A 1 -2.12 -10.32 8.60
CA MET A 1 -2.31 -9.55 7.33
C MET A 1 -3.19 -10.32 6.33
N ARG A 2 -3.76 -9.61 5.35
CA ARG A 2 -4.69 -10.17 4.34
C ARG A 2 -4.00 -10.32 2.96
N SER A 3 -4.49 -11.27 2.15
CA SER A 3 -3.88 -11.61 0.82
C SER A 3 -4.18 -10.54 -0.24
N ALA A 4 -3.36 -10.53 -1.31
CA ALA A 4 -3.49 -9.55 -2.41
C ALA A 4 -4.80 -9.71 -3.19
N THR A 5 -5.35 -10.94 -3.21
CA THR A 5 -6.60 -11.26 -3.94
C THR A 5 -7.82 -10.63 -3.24
N ASP A 6 -7.88 -10.79 -1.90
CA ASP A 6 -8.92 -10.19 -1.04
C ASP A 6 -8.93 -8.65 -1.13
N LEU A 7 -7.72 -8.06 -1.03
CA LEU A 7 -7.53 -6.60 -1.03
C LEU A 7 -7.75 -5.98 -2.43
N LEU A 8 -7.38 -6.72 -3.49
CA LEU A 8 -7.59 -6.28 -4.91
C LEU A 8 -9.10 -6.22 -5.24
N ASP A 9 -9.81 -7.30 -4.86
CA ASP A 9 -11.28 -7.39 -5.00
C ASP A 9 -11.99 -6.32 -4.12
N GLU A 10 -11.39 -6.04 -2.94
CA GLU A 10 -11.90 -5.02 -2.00
C GLU A 10 -11.83 -3.60 -2.62
N LEU A 11 -10.74 -3.34 -3.38
CA LEU A 11 -10.55 -2.07 -4.15
C LEU A 11 -11.67 -1.86 -5.21
N ASN A 12 -12.12 -2.97 -5.83
CA ASN A 12 -13.26 -2.97 -6.79
C ASN A 12 -14.63 -2.96 -6.07
N ALA A 13 -14.67 -3.42 -4.81
CA ALA A 13 -15.92 -3.56 -4.01
C ALA A 13 -16.37 -2.22 -3.38
N VAL A 14 -15.43 -1.53 -2.73
CA VAL A 14 -15.72 -0.29 -1.97
C VAL A 14 -15.95 0.95 -2.87
N ASP A 15 -16.55 1.99 -2.27
CA ASP A 15 -16.81 3.27 -2.95
C ASP A 15 -15.57 4.20 -2.86
N GLU A 16 -14.84 4.07 -1.73
CA GLU A 16 -13.64 4.88 -1.44
C GLU A 16 -12.57 3.99 -0.76
N SER A 17 -11.30 4.14 -1.19
CA SER A 17 -10.17 3.37 -0.60
C SER A 17 -9.81 3.94 0.79
N ALA A 18 -10.45 3.38 1.82
CA ALA A 18 -10.33 3.82 3.24
C ALA A 18 -8.87 3.80 3.77
N ARG A 19 -8.14 2.69 3.49
CA ARG A 19 -6.71 2.53 3.88
C ARG A 19 -6.01 1.42 3.05
N ILE A 20 -6.65 1.02 1.94
CA ILE A 20 -6.08 -0.01 1.03
C ILE A 20 -5.73 0.69 -0.30
N GLU A 21 -4.44 0.69 -0.65
CA GLU A 21 -3.92 1.43 -1.81
C GLU A 21 -3.34 0.48 -2.87
N ALA A 22 -3.41 0.88 -4.14
CA ALA A 22 -2.89 0.11 -5.28
C ALA A 22 -1.83 0.92 -6.06
N LYS A 23 -0.62 0.36 -6.20
CA LYS A 23 0.47 0.98 -6.98
C LYS A 23 0.94 0.01 -8.11
N ARG A 24 1.31 0.59 -9.25
CA ARG A 24 1.95 -0.14 -10.37
C ARG A 24 3.43 -0.47 -10.06
N ALA A 25 3.99 -1.48 -10.75
CA ALA A 25 5.40 -1.92 -10.60
C ALA A 25 6.43 -0.80 -10.93
N SER A 26 6.02 0.19 -11.77
CA SER A 26 6.88 1.36 -12.11
C SER A 26 6.80 2.50 -11.06
N ASP A 27 5.83 2.41 -10.14
CA ASP A 27 5.60 3.43 -9.07
C ASP A 27 6.53 3.17 -7.84
N MET A 28 7.06 1.93 -7.71
CA MET A 28 7.85 1.51 -6.51
C MET A 28 9.11 2.39 -6.30
N GLY A 29 9.29 2.86 -5.06
CA GLY A 29 10.41 3.74 -4.71
C GLY A 29 9.98 4.92 -3.85
N LYS A 30 10.25 6.14 -4.33
CA LYS A 30 10.02 7.40 -3.57
C LYS A 30 8.51 7.67 -3.36
N SER A 31 7.69 7.38 -4.39
CA SER A 31 6.23 7.60 -4.37
C SER A 31 5.52 6.64 -3.39
N VAL A 32 5.92 5.35 -3.38
CA VAL A 32 5.39 4.34 -2.44
C VAL A 32 5.87 4.62 -0.99
N MET A 33 7.16 4.99 -0.85
CA MET A 33 7.77 5.40 0.44
C MET A 33 7.02 6.58 1.08
N GLU A 34 6.68 7.57 0.25
CA GLU A 34 5.92 8.78 0.67
C GLU A 34 4.51 8.39 1.21
N THR A 35 3.96 7.28 0.65
CA THR A 35 2.65 6.71 1.09
C THR A 35 2.80 5.93 2.43
N VAL A 36 3.95 5.22 2.62
CA VAL A 36 4.26 4.46 3.87
C VAL A 36 4.29 5.40 5.12
N ILE A 37 4.85 6.60 4.90
CA ILE A 37 4.98 7.66 5.95
C ILE A 37 3.58 8.03 6.52
N ALA A 38 2.54 7.99 5.66
CA ALA A 38 1.16 8.31 6.05
C ALA A 38 0.57 7.27 7.05
N PHE A 39 0.75 5.97 6.76
CA PHE A 39 0.23 4.89 7.65
C PHE A 39 0.98 4.83 9.01
N ALA A 40 2.18 5.45 9.07
CA ALA A 40 3.01 5.50 10.29
C ALA A 40 2.65 6.70 11.21
N ASN A 41 2.30 7.86 10.61
CA ASN A 41 2.01 9.12 11.37
C ASN A 41 0.50 9.46 11.47
N GLU A 42 -0.23 9.35 10.32
CA GLU A 42 -1.67 9.72 10.23
C GLU A 42 -2.57 8.77 11.08
N PRO A 43 -3.37 9.30 12.07
CA PRO A 43 -4.33 8.49 12.88
C PRO A 43 -5.56 8.00 12.08
N GLY A 44 -6.47 7.28 12.77
CA GLY A 44 -7.74 6.81 12.19
C GLY A 44 -7.64 5.49 11.40
N LEU A 45 -6.56 5.30 10.62
CA LEU A 45 -6.39 4.13 9.73
C LEU A 45 -6.03 2.83 10.50
N ASP A 46 -5.03 2.92 11.42
CA ASP A 46 -4.46 1.75 12.16
C ASP A 46 -4.26 0.46 11.29
N GLY A 47 -3.05 0.27 10.73
CA GLY A 47 -2.76 -0.96 9.96
C GLY A 47 -3.32 -0.95 8.54
N GLY A 48 -2.72 -0.14 7.65
CA GLY A 48 -3.16 -0.05 6.25
C GLY A 48 -2.37 -0.97 5.30
N TYR A 49 -2.86 -1.12 4.06
CA TYR A 49 -2.24 -2.02 3.05
C TYR A 49 -1.81 -1.28 1.77
N LEU A 50 -0.68 -1.71 1.19
CA LEU A 50 -0.18 -1.27 -0.14
C LEU A 50 -0.02 -2.50 -1.05
N LEU A 51 -0.69 -2.49 -2.20
CA LEU A 51 -0.63 -3.61 -3.18
C LEU A 51 0.27 -3.21 -4.36
N LEU A 52 1.46 -3.83 -4.44
CA LEU A 52 2.42 -3.59 -5.54
C LEU A 52 2.24 -4.63 -6.66
N GLY A 53 2.12 -4.16 -7.90
CA GLY A 53 1.90 -5.02 -9.07
C GLY A 53 0.43 -5.05 -9.51
N VAL A 54 -0.24 -3.90 -9.36
CA VAL A 54 -1.64 -3.70 -9.78
C VAL A 54 -1.70 -2.72 -10.96
N ASP A 55 -2.58 -3.01 -11.92
CA ASP A 55 -2.90 -2.09 -13.03
C ASP A 55 -4.42 -1.86 -13.03
N TRP A 56 -4.85 -0.73 -13.57
CA TRP A 56 -6.27 -0.35 -13.63
C TRP A 56 -6.64 0.22 -15.02
N ALA A 57 -7.72 -0.34 -15.61
CA ALA A 57 -8.20 0.04 -16.95
C ALA A 57 -9.60 0.67 -16.88
N ILE A 58 -9.90 1.56 -17.84
CA ILE A 58 -11.11 2.41 -17.82
C ILE A 58 -12.21 1.85 -18.75
N ASN A 59 -13.44 1.69 -18.20
CA ASN A 59 -14.62 1.22 -18.96
C ASN A 59 -15.22 2.32 -19.87
N ASP A 60 -16.26 1.96 -20.63
CA ASP A 60 -16.99 2.91 -21.51
C ASP A 60 -17.71 4.00 -20.69
N LYS A 61 -18.25 3.62 -19.52
CA LYS A 61 -18.83 4.57 -18.53
C LYS A 61 -17.73 5.45 -17.88
N GLY A 62 -16.52 4.89 -17.77
CA GLY A 62 -15.36 5.58 -17.18
C GLY A 62 -14.93 5.03 -15.81
N ASP A 63 -15.26 3.74 -15.56
CA ASP A 63 -14.95 3.08 -14.26
C ASP A 63 -13.47 2.64 -14.18
N THR A 64 -12.85 2.84 -13.01
CA THR A 64 -11.48 2.39 -12.73
C THR A 64 -11.51 0.95 -12.12
N VAL A 65 -11.19 -0.05 -12.96
CA VAL A 65 -11.25 -1.49 -12.58
C VAL A 65 -9.82 -2.08 -12.47
N TYR A 66 -9.54 -2.75 -11.34
CA TYR A 66 -8.19 -3.21 -10.97
C TYR A 66 -7.96 -4.69 -11.38
N ARG A 67 -6.94 -4.94 -12.23
CA ARG A 67 -6.51 -6.30 -12.64
C ARG A 67 -5.05 -6.60 -12.16
N PRO A 68 -4.71 -7.90 -11.89
CA PRO A 68 -3.33 -8.32 -11.56
C PRO A 68 -2.40 -8.41 -12.79
N VAL A 69 -1.45 -7.46 -12.89
CA VAL A 69 -0.31 -7.56 -13.85
C VAL A 69 0.91 -8.22 -13.18
N GLY A 70 1.00 -8.05 -11.85
CA GLY A 70 2.07 -8.64 -11.05
C GLY A 70 3.39 -7.84 -11.08
N LEU A 71 4.41 -8.38 -10.42
CA LEU A 71 5.75 -7.77 -10.33
C LEU A 71 6.74 -8.48 -11.30
N PRO A 72 7.70 -7.73 -11.95
CA PRO A 72 8.74 -8.35 -12.83
C PRO A 72 9.61 -9.38 -12.06
N ASP A 73 10.24 -8.91 -10.96
CA ASP A 73 10.95 -9.78 -9.99
C ASP A 73 10.29 -9.60 -8.59
N PRO A 74 9.23 -10.41 -8.26
CA PRO A 74 8.42 -10.23 -7.02
C PRO A 74 9.24 -10.20 -5.70
N ASP A 75 10.20 -11.14 -5.56
CA ASP A 75 11.07 -11.24 -4.37
C ASP A 75 12.01 -10.02 -4.28
N LYS A 76 12.57 -9.61 -5.44
CA LYS A 76 13.49 -8.46 -5.53
C LYS A 76 12.80 -7.15 -5.08
N VAL A 77 11.54 -6.95 -5.53
CA VAL A 77 10.70 -5.77 -5.13
C VAL A 77 10.53 -5.70 -3.59
N GLN A 78 10.26 -6.85 -2.97
CA GLN A 78 10.13 -7.00 -1.51
C GLN A 78 11.46 -6.66 -0.78
N ARG A 79 12.59 -7.09 -1.36
CA ARG A 79 13.95 -6.83 -0.83
C ARG A 79 14.33 -5.32 -0.91
N ASP A 80 14.07 -4.70 -2.08
CA ASP A 80 14.30 -3.25 -2.30
C ASP A 80 13.44 -2.39 -1.36
N LEU A 81 12.19 -2.81 -1.15
CA LEU A 81 11.21 -2.07 -0.33
C LEU A 81 11.62 -2.07 1.17
N ALA A 82 12.05 -3.26 1.67
CA ALA A 82 12.55 -3.41 3.05
C ALA A 82 13.86 -2.60 3.27
N SER A 83 14.76 -2.65 2.27
CA SER A 83 16.07 -1.94 2.28
C SER A 83 15.88 -0.41 2.37
N GLN A 84 15.05 0.15 1.47
CA GLN A 84 14.75 1.60 1.42
C GLN A 84 13.93 2.06 2.66
N CYS A 85 13.09 1.18 3.24
CA CYS A 85 12.29 1.50 4.46
C CYS A 85 13.19 1.83 5.68
N ALA A 86 14.43 1.33 5.65
CA ALA A 86 15.49 1.70 6.62
C ALA A 86 16.31 2.92 6.12
N SER A 87 16.76 2.86 4.85
CA SER A 87 17.73 3.83 4.27
C SER A 87 17.13 5.24 3.94
N MET A 88 15.81 5.31 3.75
CA MET A 88 15.10 6.58 3.40
C MET A 88 14.69 7.37 4.67
N LEU A 89 14.00 6.68 5.60
CA LEU A 89 13.25 7.32 6.70
C LEU A 89 14.16 7.98 7.78
N ASN A 90 14.34 7.35 8.95
CA ASN A 90 14.97 7.99 10.14
C ASN A 90 15.24 6.93 11.22
N VAL A 91 14.23 6.09 11.46
CA VAL A 91 14.35 4.88 12.30
C VAL A 91 14.16 3.63 11.44
N ALA A 92 14.68 2.48 11.90
CA ALA A 92 14.43 1.20 11.22
C ALA A 92 12.96 0.78 11.43
N LEU A 93 12.12 1.11 10.44
CA LEU A 93 10.70 0.72 10.42
C LEU A 93 10.59 -0.60 9.66
N ARG A 94 10.05 -1.63 10.30
CA ARG A 94 9.82 -2.95 9.65
C ARG A 94 8.32 -3.14 9.31
N PRO A 95 7.91 -2.93 8.02
CA PRO A 95 6.58 -3.35 7.55
C PRO A 95 6.58 -4.88 7.23
N GLU A 96 5.37 -5.46 7.16
CA GLU A 96 5.22 -6.91 6.95
C GLU A 96 4.79 -7.18 5.50
N MET A 97 5.74 -7.61 4.65
CA MET A 97 5.48 -7.87 3.21
C MET A 97 5.32 -9.38 2.91
N GLN A 98 4.28 -9.71 2.10
CA GLN A 98 3.98 -11.11 1.71
C GLN A 98 3.65 -11.20 0.20
N LEU A 99 4.35 -12.10 -0.49
CA LEU A 99 4.12 -12.43 -1.90
C LEU A 99 2.83 -13.27 -2.07
N GLU A 100 1.81 -12.68 -2.70
CA GLU A 100 0.49 -13.32 -2.92
C GLU A 100 0.09 -13.28 -4.41
N GLN A 101 -0.29 -14.44 -4.94
CA GLN A 101 -0.61 -14.61 -6.37
C GLN A 101 -2.14 -14.47 -6.63
N VAL A 102 -2.49 -13.58 -7.57
CA VAL A 102 -3.88 -13.33 -7.99
C VAL A 102 -4.01 -13.66 -9.50
N GLY A 103 -4.86 -14.64 -9.85
CA GLY A 103 -5.04 -15.08 -11.24
C GLY A 103 -3.76 -15.60 -11.93
N GLY A 104 -2.83 -16.13 -11.13
CA GLY A 104 -1.54 -16.64 -11.64
C GLY A 104 -0.44 -15.57 -11.78
N LYS A 105 -0.69 -14.37 -11.24
CA LYS A 105 0.26 -13.23 -11.26
C LYS A 105 0.73 -12.93 -9.83
N THR A 106 2.04 -12.76 -9.58
CA THR A 106 2.55 -12.56 -8.20
C THR A 106 2.59 -11.06 -7.82
N LEU A 107 1.91 -10.73 -6.70
CA LEU A 107 1.78 -9.34 -6.18
C LEU A 107 2.46 -9.27 -4.80
N LEU A 108 2.60 -8.04 -4.24
CA LEU A 108 3.16 -7.84 -2.89
C LEU A 108 2.16 -7.09 -1.99
N VAL A 109 1.76 -7.72 -0.88
CA VAL A 109 0.97 -7.07 0.17
C VAL A 109 1.93 -6.42 1.18
N VAL A 110 1.82 -5.11 1.36
CA VAL A 110 2.64 -4.35 2.32
C VAL A 110 1.75 -3.90 3.50
N TYR A 111 1.86 -4.63 4.61
CA TYR A 111 1.15 -4.28 5.86
C TYR A 111 2.00 -3.27 6.66
N VAL A 112 1.44 -2.06 6.85
CA VAL A 112 2.09 -0.99 7.61
C VAL A 112 1.19 -0.66 8.83
N PRO A 113 1.49 -1.24 10.05
CA PRO A 113 0.68 -0.99 11.27
C PRO A 113 0.86 0.45 11.82
N GLU A 114 0.03 0.82 12.83
CA GLU A 114 0.13 2.14 13.50
C GLU A 114 1.38 2.13 14.40
N ALA A 115 2.29 3.08 14.13
CA ALA A 115 3.61 3.15 14.79
C ALA A 115 3.52 3.78 16.21
N ASP A 116 4.61 3.65 17.01
CA ASP A 116 4.68 4.15 18.42
C ASP A 116 4.52 5.70 18.51
N VAL A 117 4.27 6.26 19.72
CA VAL A 117 4.36 7.73 19.98
C VAL A 117 5.72 8.36 19.54
N THR A 118 6.85 7.79 19.99
CA THR A 118 8.20 8.38 19.75
C THR A 118 8.80 7.98 18.36
N HIS A 119 7.98 7.29 17.56
CA HIS A 119 8.33 6.67 16.25
C HIS A 119 6.94 6.24 15.68
N LYS A 120 5.95 7.12 15.36
CA LYS A 120 5.92 8.45 14.64
C LYS A 120 6.93 9.62 15.01
N PRO A 121 6.60 10.93 14.71
CA PRO A 121 7.40 11.75 13.80
C PRO A 121 8.43 10.96 12.93
N ILE A 122 7.87 10.23 11.93
CA ILE A 122 8.63 9.52 10.88
C ILE A 122 8.82 10.49 9.69
N TYR A 123 10.08 10.68 9.29
CA TYR A 123 10.48 11.64 8.23
C TYR A 123 11.72 11.11 7.53
N LYS A 124 11.95 11.53 6.29
CA LYS A 124 13.17 11.16 5.54
C LYS A 124 14.36 12.08 5.93
N LYS A 125 15.60 11.54 5.89
CA LYS A 125 16.83 12.39 5.94
C LYS A 125 16.86 13.29 4.68
N ALA A 126 16.42 12.73 3.53
CA ALA A 126 16.21 13.51 2.30
C ALA A 126 14.89 14.32 2.42
N THR A 127 15.01 15.58 2.91
CA THR A 127 13.87 16.50 3.05
C THR A 127 13.26 16.82 1.66
N GLY A 128 12.02 16.37 1.42
CA GLY A 128 11.40 16.43 0.10
C GLY A 128 11.98 15.40 -0.88
N LEU A 129 11.88 15.67 -2.18
CA LEU A 129 12.44 14.79 -3.24
C LEU A 129 12.63 15.57 -4.58
N PRO A 130 13.77 15.35 -5.30
CA PRO A 130 13.96 15.88 -6.68
C PRO A 130 13.43 14.92 -7.79
N GLY A 131 13.20 15.45 -9.00
CA GLY A 131 12.67 14.64 -10.12
C GLY A 131 12.67 15.38 -11.47
N GLY A 132 12.55 14.60 -12.58
CA GLY A 132 12.55 15.15 -13.94
C GLY A 132 12.72 14.07 -15.02
N ALA A 133 11.64 13.77 -15.77
CA ALA A 133 11.65 12.77 -16.87
C ALA A 133 11.19 13.41 -18.21
N TYR A 134 12.09 13.42 -19.21
CA TYR A 134 11.82 13.98 -20.56
C TYR A 134 12.16 12.95 -21.67
N ARG A 135 11.32 12.88 -22.74
CA ARG A 135 11.62 12.07 -23.94
C ARG A 135 12.75 12.72 -24.76
N ARG A 136 14.00 12.37 -24.41
CA ARG A 136 15.22 12.87 -25.09
C ARG A 136 15.72 11.89 -26.17
N ILE A 137 15.29 10.61 -26.09
CA ILE A 137 15.61 9.59 -27.11
C ILE A 137 14.72 9.74 -28.37
N GLY A 138 13.42 10.07 -28.16
CA GLY A 138 12.47 10.26 -29.27
C GLY A 138 12.07 8.97 -30.00
N SER A 139 12.20 7.82 -29.32
CA SER A 139 11.80 6.50 -29.87
C SER A 139 10.56 5.94 -29.13
N SER A 140 9.45 5.74 -29.88
CA SER A 140 8.19 5.18 -29.33
C SER A 140 7.87 3.82 -30.00
N ASP A 141 7.28 2.88 -29.22
CA ASP A 141 6.98 1.51 -29.71
C ASP A 141 5.81 1.50 -30.71
N GLN A 142 6.15 1.61 -32.01
CA GLN A 142 5.21 1.47 -33.14
C GLN A 142 5.68 0.29 -34.01
N ARG A 143 4.80 -0.70 -34.24
CA ARG A 143 5.15 -1.93 -34.98
C ARG A 143 5.46 -1.63 -36.47
N CYS A 144 6.76 -1.74 -36.82
CA CYS A 144 7.28 -1.53 -38.19
C CYS A 144 7.58 -2.89 -38.85
N VAL A 145 7.10 -3.08 -40.08
CA VAL A 145 7.34 -4.31 -40.88
C VAL A 145 7.66 -3.92 -42.35
N LEU A 146 8.80 -4.41 -42.86
CA LEU A 146 9.26 -4.18 -44.24
C LEU A 146 10.36 -5.18 -44.65
N GLU A 147 10.64 -5.25 -45.96
CA GLU A 147 11.69 -6.12 -46.52
C GLU A 147 12.33 -5.44 -47.76
N HIS A 148 13.61 -5.73 -47.99
CA HIS A 148 14.40 -5.17 -49.12
C HIS A 148 15.31 -6.24 -49.75
N HIS A 149 15.65 -6.07 -51.04
CA HIS A 149 16.45 -7.07 -51.80
C HIS A 149 17.54 -6.37 -52.66
N HIS A 150 18.82 -6.72 -52.38
CA HIS A 150 19.98 -6.33 -53.23
C HIS A 150 20.15 -7.33 -54.41
N HIS A 151 21.11 -7.04 -55.31
CA HIS A 151 21.41 -7.89 -56.49
C HIS A 151 22.94 -8.19 -56.63
N HIS A 152 23.60 -8.40 -55.46
CA HIS A 152 25.05 -8.71 -55.40
C HIS A 152 25.34 -10.12 -56.00
N HIS A 153 25.75 -10.13 -57.28
CA HIS A 153 26.05 -11.38 -58.03
C HIS A 153 27.53 -11.78 -57.83
N MET A 1 -2.15 -10.48 7.68
CA MET A 1 -2.70 -9.71 6.53
C MET A 1 -3.56 -10.62 5.64
N ARG A 2 -4.73 -10.12 5.23
CA ARG A 2 -5.51 -10.74 4.14
C ARG A 2 -4.76 -10.72 2.78
N SER A 3 -5.16 -11.64 1.90
CA SER A 3 -4.52 -11.88 0.58
C SER A 3 -4.73 -10.69 -0.41
N ALA A 4 -3.88 -10.62 -1.45
CA ALA A 4 -3.99 -9.60 -2.53
C ALA A 4 -5.28 -9.81 -3.36
N THR A 5 -5.74 -11.08 -3.43
CA THR A 5 -7.08 -11.42 -3.98
C THR A 5 -8.20 -10.69 -3.23
N ASP A 6 -8.15 -10.81 -1.90
CA ASP A 6 -9.18 -10.32 -0.99
C ASP A 6 -9.21 -8.77 -0.93
N LEU A 7 -8.01 -8.18 -1.00
CA LEU A 7 -7.79 -6.71 -1.10
C LEU A 7 -8.21 -6.14 -2.45
N LEU A 8 -8.09 -6.96 -3.50
CA LEU A 8 -8.53 -6.60 -4.86
C LEU A 8 -10.08 -6.37 -4.87
N ASP A 9 -10.80 -7.12 -4.00
CA ASP A 9 -12.25 -6.94 -3.77
C ASP A 9 -12.60 -5.54 -3.20
N GLU A 10 -11.74 -4.99 -2.30
CA GLU A 10 -11.94 -3.60 -1.75
C GLU A 10 -11.76 -2.55 -2.87
N LEU A 11 -10.68 -2.71 -3.65
CA LEU A 11 -10.35 -1.83 -4.79
C LEU A 11 -11.46 -1.84 -5.88
N ASN A 12 -11.99 -3.04 -6.19
CA ASN A 12 -13.07 -3.24 -7.19
C ASN A 12 -14.49 -2.93 -6.60
N ALA A 13 -14.60 -2.82 -5.27
CA ALA A 13 -15.87 -2.44 -4.60
C ALA A 13 -16.09 -0.92 -4.67
N VAL A 14 -15.16 -0.16 -4.07
CA VAL A 14 -15.24 1.33 -4.01
C VAL A 14 -14.32 1.96 -5.07
N ASP A 15 -14.79 3.08 -5.65
CA ASP A 15 -14.09 3.80 -6.75
C ASP A 15 -12.68 4.30 -6.31
N GLU A 16 -12.64 4.92 -5.12
CA GLU A 16 -11.39 5.32 -4.46
C GLU A 16 -11.33 4.72 -3.03
N SER A 17 -10.40 3.77 -2.83
CA SER A 17 -10.22 3.07 -1.54
C SER A 17 -9.53 3.98 -0.48
N ALA A 18 -10.18 4.09 0.70
CA ALA A 18 -9.78 5.05 1.75
C ALA A 18 -8.49 4.65 2.52
N ARG A 19 -8.43 3.39 2.99
CA ARG A 19 -7.24 2.84 3.71
C ARG A 19 -6.48 1.80 2.84
N ILE A 20 -7.00 1.51 1.64
CA ILE A 20 -6.38 0.53 0.70
C ILE A 20 -5.85 1.31 -0.52
N GLU A 21 -4.72 0.87 -1.09
CA GLU A 21 -4.10 1.52 -2.27
C GLU A 21 -3.58 0.46 -3.26
N ALA A 22 -3.54 0.83 -4.56
CA ALA A 22 -2.89 0.01 -5.61
C ALA A 22 -1.86 0.87 -6.39
N LYS A 23 -0.60 0.41 -6.46
CA LYS A 23 0.47 1.03 -7.28
C LYS A 23 1.10 0.02 -8.25
N ARG A 24 1.63 0.56 -9.36
CA ARG A 24 2.35 -0.21 -10.40
C ARG A 24 3.83 -0.47 -10.00
N ALA A 25 4.42 -1.55 -10.57
CA ALA A 25 5.83 -1.95 -10.32
C ALA A 25 6.86 -0.83 -10.64
N SER A 26 6.53 0.02 -11.62
CA SER A 26 7.40 1.15 -12.06
C SER A 26 7.58 2.23 -10.97
N ASP A 27 6.52 2.48 -10.17
CA ASP A 27 6.49 3.56 -9.17
C ASP A 27 7.10 3.14 -7.79
N MET A 28 7.82 2.00 -7.74
CA MET A 28 8.60 1.58 -6.54
C MET A 28 9.65 2.65 -6.12
N GLY A 29 9.33 3.37 -5.03
CA GLY A 29 10.19 4.44 -4.51
C GLY A 29 9.48 5.30 -3.45
N LYS A 30 9.85 6.60 -3.40
CA LYS A 30 9.38 7.57 -2.37
C LYS A 30 7.83 7.69 -2.28
N SER A 31 7.14 7.50 -3.43
CA SER A 31 5.67 7.62 -3.51
C SER A 31 4.96 6.47 -2.74
N VAL A 32 5.49 5.23 -2.90
CA VAL A 32 5.03 4.06 -2.10
C VAL A 32 5.29 4.32 -0.60
N MET A 33 6.55 4.66 -0.29
CA MET A 33 7.03 4.99 1.08
C MET A 33 6.14 6.00 1.82
N GLU A 34 5.72 7.07 1.13
CA GLU A 34 4.97 8.18 1.77
C GLU A 34 3.55 7.78 2.20
N THR A 35 2.93 6.84 1.46
CA THR A 35 1.61 6.27 1.82
C THR A 35 1.72 5.37 3.08
N VAL A 36 2.85 4.61 3.18
CA VAL A 36 3.22 3.83 4.39
C VAL A 36 3.41 4.78 5.61
N ILE A 37 4.12 5.91 5.37
CA ILE A 37 4.35 6.98 6.36
C ILE A 37 3.01 7.59 6.85
N ALA A 38 2.07 7.79 5.90
CA ALA A 38 0.75 8.42 6.16
C ALA A 38 -0.10 7.57 7.14
N PHE A 39 -0.03 6.23 7.00
CA PHE A 39 -0.76 5.29 7.87
C PHE A 39 0.00 5.06 9.21
N ALA A 40 1.35 5.05 9.16
CA ALA A 40 2.22 4.78 10.34
C ALA A 40 2.19 5.92 11.37
N ASN A 41 2.24 7.17 10.88
CA ASN A 41 2.20 8.38 11.74
C ASN A 41 0.78 8.69 12.25
N GLU A 42 -0.24 8.23 11.52
CA GLU A 42 -1.65 8.46 11.89
C GLU A 42 -2.06 7.52 13.06
N PRO A 43 -2.31 8.07 14.31
CA PRO A 43 -2.60 7.26 15.53
C PRO A 43 -3.77 6.27 15.40
N GLY A 44 -3.46 4.96 15.55
CA GLY A 44 -4.45 3.88 15.54
C GLY A 44 -5.12 3.64 14.19
N LEU A 45 -4.44 3.97 13.07
CA LEU A 45 -4.98 3.79 11.69
C LEU A 45 -4.33 2.54 11.02
N ASP A 46 -3.56 1.77 11.81
CA ASP A 46 -2.97 0.47 11.38
C ASP A 46 -4.05 -0.49 10.78
N GLY A 47 -3.66 -1.22 9.73
CA GLY A 47 -4.60 -1.95 8.86
C GLY A 47 -4.47 -1.51 7.41
N GLY A 48 -4.08 -0.23 7.23
CA GLY A 48 -3.80 0.34 5.89
C GLY A 48 -2.87 -0.52 5.00
N TYR A 49 -3.37 -0.90 3.81
CA TYR A 49 -2.65 -1.81 2.86
C TYR A 49 -2.27 -1.09 1.54
N LEU A 50 -1.07 -1.45 1.02
CA LEU A 50 -0.61 -1.04 -0.33
C LEU A 50 -0.40 -2.30 -1.19
N LEU A 51 -0.99 -2.34 -2.41
CA LEU A 51 -0.86 -3.48 -3.34
C LEU A 51 0.07 -3.10 -4.50
N LEU A 52 1.27 -3.72 -4.53
CA LEU A 52 2.31 -3.45 -5.55
C LEU A 52 2.27 -4.52 -6.66
N GLY A 53 2.13 -4.07 -7.91
CA GLY A 53 1.97 -4.95 -9.07
C GLY A 53 0.52 -5.03 -9.56
N VAL A 54 -0.19 -3.90 -9.46
CA VAL A 54 -1.58 -3.77 -9.98
C VAL A 54 -1.62 -2.75 -11.13
N ASP A 55 -2.48 -3.03 -12.13
CA ASP A 55 -2.79 -2.10 -13.24
C ASP A 55 -4.33 -2.02 -13.38
N TRP A 56 -4.82 -0.79 -13.47
CA TRP A 56 -6.27 -0.49 -13.51
C TRP A 56 -6.70 0.03 -14.90
N ALA A 57 -7.78 -0.56 -15.43
CA ALA A 57 -8.28 -0.31 -16.79
C ALA A 57 -9.69 0.33 -16.74
N ILE A 58 -9.87 1.44 -17.47
CA ILE A 58 -11.12 2.25 -17.39
C ILE A 58 -12.16 1.78 -18.45
N ASN A 59 -13.36 1.44 -17.97
CA ASN A 59 -14.52 1.05 -18.81
C ASN A 59 -15.12 2.27 -19.54
N ASP A 60 -16.05 2.01 -20.48
CA ASP A 60 -16.77 3.07 -21.24
C ASP A 60 -17.65 3.94 -20.29
N LYS A 61 -18.08 3.34 -19.15
CA LYS A 61 -18.87 4.05 -18.11
C LYS A 61 -17.96 4.94 -17.20
N GLY A 62 -16.63 4.93 -17.44
CA GLY A 62 -15.66 5.61 -16.57
C GLY A 62 -15.39 4.86 -15.26
N ASP A 63 -15.45 3.53 -15.32
CA ASP A 63 -15.27 2.65 -14.13
C ASP A 63 -13.83 2.10 -14.05
N THR A 64 -13.23 2.15 -12.85
CA THR A 64 -11.83 1.75 -12.61
C THR A 64 -11.73 0.27 -12.20
N VAL A 65 -11.26 -0.58 -13.13
CA VAL A 65 -11.14 -2.05 -12.92
C VAL A 65 -9.70 -2.40 -12.54
N TYR A 66 -9.48 -2.86 -11.30
CA TYR A 66 -8.13 -3.16 -10.79
C TYR A 66 -7.80 -4.64 -11.07
N ARG A 67 -6.78 -4.86 -11.91
CA ARG A 67 -6.35 -6.20 -12.37
C ARG A 67 -4.91 -6.52 -11.89
N PRO A 68 -4.65 -7.78 -11.39
CA PRO A 68 -3.29 -8.23 -11.01
C PRO A 68 -2.40 -8.56 -12.24
N VAL A 69 -1.58 -7.58 -12.65
CA VAL A 69 -0.52 -7.80 -13.67
C VAL A 69 0.77 -8.38 -13.03
N GLY A 70 0.88 -8.21 -11.70
CA GLY A 70 1.94 -8.82 -10.90
C GLY A 70 3.31 -8.11 -10.97
N LEU A 71 4.32 -8.80 -10.43
CA LEU A 71 5.71 -8.33 -10.37
C LEU A 71 6.61 -9.31 -11.16
N PRO A 72 7.50 -8.82 -12.10
CA PRO A 72 8.39 -9.70 -12.91
C PRO A 72 9.48 -10.38 -12.04
N ASP A 73 9.84 -9.69 -10.94
CA ASP A 73 10.82 -10.14 -9.94
C ASP A 73 10.29 -9.80 -8.52
N PRO A 74 9.31 -10.62 -7.99
CA PRO A 74 8.52 -10.27 -6.77
C PRO A 74 9.37 -10.22 -5.46
N ASP A 75 10.37 -11.11 -5.36
CA ASP A 75 11.29 -11.15 -4.21
C ASP A 75 12.19 -9.90 -4.20
N LYS A 76 12.64 -9.48 -5.40
CA LYS A 76 13.48 -8.29 -5.56
C LYS A 76 12.74 -7.01 -5.08
N VAL A 77 11.48 -6.84 -5.56
CA VAL A 77 10.61 -5.69 -5.22
C VAL A 77 10.42 -5.55 -3.68
N GLN A 78 10.17 -6.69 -3.01
CA GLN A 78 10.03 -6.75 -1.53
C GLN A 78 11.32 -6.33 -0.80
N ARG A 79 12.46 -6.79 -1.32
CA ARG A 79 13.81 -6.50 -0.74
C ARG A 79 14.25 -5.03 -0.99
N ASP A 80 13.85 -4.46 -2.15
CA ASP A 80 14.07 -3.02 -2.46
C ASP A 80 13.24 -2.15 -1.50
N LEU A 81 12.01 -2.60 -1.20
CA LEU A 81 11.09 -1.92 -0.26
C LEU A 81 11.66 -1.99 1.19
N ALA A 82 12.25 -3.15 1.55
CA ALA A 82 12.92 -3.36 2.85
C ALA A 82 14.24 -2.53 2.98
N SER A 83 14.88 -2.24 1.83
CA SER A 83 16.08 -1.39 1.77
C SER A 83 15.73 0.10 1.98
N GLN A 84 14.78 0.61 1.19
CA GLN A 84 14.32 2.03 1.24
C GLN A 84 13.58 2.38 2.56
N CYS A 85 12.90 1.40 3.19
CA CYS A 85 12.21 1.61 4.50
C CYS A 85 13.20 1.95 5.63
N ALA A 86 14.45 1.50 5.50
CA ALA A 86 15.57 1.86 6.39
C ALA A 86 16.34 3.14 5.90
N SER A 87 16.58 3.22 4.57
CA SER A 87 17.46 4.27 3.95
C SER A 87 16.78 5.65 3.82
N MET A 88 15.51 5.67 3.37
CA MET A 88 14.73 6.93 3.16
C MET A 88 14.36 7.62 4.50
N LEU A 89 13.92 6.82 5.47
CA LEU A 89 13.24 7.32 6.69
C LEU A 89 14.26 7.54 7.84
N ASN A 90 13.97 8.52 8.74
CA ASN A 90 14.86 8.89 9.87
C ASN A 90 15.27 7.66 10.75
N VAL A 91 14.34 6.70 10.90
CA VAL A 91 14.61 5.38 11.52
C VAL A 91 14.31 4.25 10.51
N ALA A 92 14.70 3.01 10.86
CA ALA A 92 14.28 1.82 10.11
C ALA A 92 12.83 1.43 10.48
N LEU A 93 11.89 1.77 9.60
CA LEU A 93 10.48 1.37 9.72
C LEU A 93 10.33 0.01 9.02
N ARG A 94 9.96 -1.03 9.77
CA ARG A 94 9.74 -2.39 9.21
C ARG A 94 8.23 -2.69 9.09
N PRO A 95 7.61 -2.52 7.87
CA PRO A 95 6.22 -2.95 7.63
C PRO A 95 6.12 -4.47 7.32
N GLU A 96 4.89 -4.99 7.39
CA GLU A 96 4.59 -6.41 7.13
C GLU A 96 4.42 -6.64 5.60
N MET A 97 5.12 -7.65 5.05
CA MET A 97 5.19 -7.89 3.58
C MET A 97 4.96 -9.39 3.27
N GLN A 98 3.92 -9.70 2.47
CA GLN A 98 3.67 -11.09 1.96
C GLN A 98 3.48 -11.07 0.42
N LEU A 99 4.08 -12.06 -0.27
CA LEU A 99 3.97 -12.23 -1.73
C LEU A 99 2.78 -13.15 -2.08
N GLU A 100 1.75 -12.56 -2.72
CA GLU A 100 0.44 -13.23 -2.94
C GLU A 100 0.17 -13.44 -4.45
N GLN A 101 -0.15 -14.70 -4.82
CA GLN A 101 -0.46 -15.08 -6.21
C GLN A 101 -1.98 -14.90 -6.49
N VAL A 102 -2.27 -14.02 -7.46
CA VAL A 102 -3.64 -13.72 -7.92
C VAL A 102 -3.72 -13.95 -9.46
N GLY A 103 -4.50 -14.97 -9.88
CA GLY A 103 -4.65 -15.35 -11.29
C GLY A 103 -3.34 -15.78 -12.00
N GLY A 104 -2.37 -16.32 -11.23
CA GLY A 104 -1.08 -16.78 -11.78
C GLY A 104 0.02 -15.70 -11.80
N LYS A 105 -0.28 -14.52 -11.23
CA LYS A 105 0.68 -13.38 -11.13
C LYS A 105 1.01 -13.14 -9.65
N THR A 106 2.30 -12.90 -9.31
CA THR A 106 2.70 -12.65 -7.90
C THR A 106 2.73 -11.14 -7.59
N LEU A 107 2.12 -10.76 -6.46
CA LEU A 107 1.98 -9.34 -6.03
C LEU A 107 2.62 -9.17 -4.62
N LEU A 108 2.78 -7.92 -4.17
CA LEU A 108 3.30 -7.63 -2.81
C LEU A 108 2.27 -6.82 -2.00
N VAL A 109 1.77 -7.43 -0.91
CA VAL A 109 0.88 -6.76 0.05
C VAL A 109 1.74 -6.06 1.12
N VAL A 110 1.45 -4.77 1.40
CA VAL A 110 2.17 -3.98 2.42
C VAL A 110 1.19 -3.58 3.55
N TYR A 111 1.24 -4.31 4.68
CA TYR A 111 0.52 -3.96 5.92
C TYR A 111 1.35 -2.93 6.71
N VAL A 112 0.74 -1.80 7.06
CA VAL A 112 1.37 -0.78 7.88
C VAL A 112 0.91 -0.91 9.35
N PRO A 113 1.83 -1.30 10.30
CA PRO A 113 1.54 -1.30 11.75
C PRO A 113 1.70 0.12 12.39
N GLU A 114 0.95 0.38 13.47
CA GLU A 114 1.03 1.64 14.24
C GLU A 114 2.40 1.79 14.94
N ALA A 115 3.20 2.76 14.49
CA ALA A 115 4.55 3.04 15.04
C ALA A 115 4.49 3.62 16.49
N ASP A 116 5.59 3.43 17.25
CA ASP A 116 5.72 3.94 18.64
C ASP A 116 5.87 5.49 18.61
N VAL A 117 5.26 6.22 19.57
CA VAL A 117 5.18 7.72 19.56
C VAL A 117 6.49 8.47 19.11
N THR A 118 7.68 8.00 19.56
CA THR A 118 8.99 8.67 19.25
C THR A 118 9.43 8.47 17.76
N HIS A 119 9.12 7.29 17.20
CA HIS A 119 9.24 6.99 15.75
C HIS A 119 8.01 6.18 15.36
N LYS A 120 6.79 6.76 15.13
CA LYS A 120 6.37 8.01 14.38
C LYS A 120 7.07 9.42 14.56
N PRO A 121 6.37 10.59 14.27
CA PRO A 121 6.83 11.57 13.26
C PRO A 121 7.97 11.08 12.31
N ILE A 122 7.59 10.11 11.45
CA ILE A 122 8.46 9.56 10.38
C ILE A 122 8.50 10.55 9.19
N TYR A 123 9.61 11.28 9.09
CA TYR A 123 9.94 12.10 7.91
C TYR A 123 11.13 11.47 7.14
N LYS A 124 11.13 11.64 5.80
CA LYS A 124 12.25 11.24 4.93
C LYS A 124 13.38 12.28 5.00
N LYS A 125 14.65 11.83 4.98
CA LYS A 125 15.82 12.75 4.80
C LYS A 125 15.75 13.42 3.39
N ALA A 126 15.13 12.70 2.43
CA ALA A 126 14.74 13.25 1.12
C ALA A 126 13.60 14.29 1.29
N THR A 127 13.96 15.59 1.26
CA THR A 127 13.03 16.72 1.52
C THR A 127 12.24 17.15 0.27
N GLY A 128 11.34 18.12 0.45
CA GLY A 128 10.45 18.63 -0.63
C GLY A 128 9.15 19.24 -0.08
N LEU A 129 8.87 18.95 1.20
CA LEU A 129 7.60 19.26 1.90
C LEU A 129 6.36 18.77 1.09
N PRO A 130 6.18 17.40 0.98
CA PRO A 130 5.02 16.78 0.29
C PRO A 130 3.87 16.46 1.31
N GLY A 131 3.16 15.34 1.13
CA GLY A 131 2.06 14.95 2.03
C GLY A 131 0.72 15.62 1.67
N GLY A 132 -0.33 14.79 1.45
CA GLY A 132 -1.66 15.27 1.04
C GLY A 132 -2.42 16.00 2.15
N ALA A 133 -2.28 17.34 2.20
CA ALA A 133 -2.98 18.21 3.18
C ALA A 133 -4.48 18.36 2.84
N TYR A 134 -4.80 18.43 1.54
CA TYR A 134 -6.18 18.58 1.05
C TYR A 134 -6.79 17.21 0.67
N ARG A 135 -8.05 16.98 1.06
CA ARG A 135 -8.76 15.70 0.83
C ARG A 135 -10.24 15.93 0.38
N ARG A 136 -10.97 14.82 0.16
CA ARG A 136 -12.40 14.85 -0.27
C ARG A 136 -13.29 13.96 0.64
N ILE A 137 -14.61 13.94 0.34
CA ILE A 137 -15.59 13.00 0.98
C ILE A 137 -16.22 12.05 -0.08
N GLY A 138 -16.96 11.04 0.39
CA GLY A 138 -17.62 10.08 -0.51
C GLY A 138 -18.42 9.00 0.24
N SER A 139 -19.10 8.11 -0.55
CA SER A 139 -19.91 6.95 -0.06
C SER A 139 -21.22 7.38 0.67
N SER A 140 -22.25 6.50 0.62
CA SER A 140 -23.56 6.75 1.26
C SER A 140 -24.35 5.42 1.42
N ASP A 141 -24.77 4.83 0.28
CA ASP A 141 -25.59 3.60 0.24
C ASP A 141 -24.73 2.32 0.12
N GLN A 142 -23.48 2.38 0.62
CA GLN A 142 -22.52 1.25 0.57
C GLN A 142 -22.96 0.12 1.54
N ARG A 143 -23.54 -0.95 0.97
CA ARG A 143 -24.02 -2.13 1.74
C ARG A 143 -23.64 -3.44 1.03
N CYS A 144 -23.88 -4.58 1.71
CA CYS A 144 -23.60 -5.93 1.17
C CYS A 144 -24.70 -6.93 1.56
N VAL A 145 -24.61 -8.16 1.03
CA VAL A 145 -25.57 -9.25 1.32
C VAL A 145 -24.81 -10.58 1.63
N LEU A 146 -25.28 -11.31 2.65
CA LEU A 146 -24.74 -12.63 3.03
C LEU A 146 -25.86 -13.70 2.91
N GLU A 147 -25.57 -14.82 2.21
CA GLU A 147 -26.53 -15.94 2.05
C GLU A 147 -25.82 -17.26 1.65
N HIS A 148 -26.00 -18.30 2.48
CA HIS A 148 -25.53 -19.68 2.19
C HIS A 148 -26.67 -20.68 2.51
N HIS A 149 -27.33 -21.20 1.47
CA HIS A 149 -28.46 -22.16 1.63
C HIS A 149 -27.93 -23.62 1.78
N HIS A 150 -28.15 -24.21 2.97
CA HIS A 150 -27.65 -25.57 3.31
C HIS A 150 -28.68 -26.67 2.96
N HIS A 151 -28.20 -27.94 2.97
CA HIS A 151 -29.05 -29.15 2.78
C HIS A 151 -28.73 -30.19 3.89
N HIS A 152 -29.70 -30.41 4.79
CA HIS A 152 -29.54 -31.29 5.98
C HIS A 152 -30.27 -32.65 5.78
N HIS A 153 -29.56 -33.76 6.08
CA HIS A 153 -30.12 -35.13 6.03
C HIS A 153 -30.50 -35.60 7.45
N MET A 1 -1.78 -9.96 8.38
CA MET A 1 -2.02 -9.32 7.05
C MET A 1 -3.00 -10.12 6.16
N ARG A 2 -3.61 -9.44 5.17
CA ARG A 2 -4.59 -10.04 4.22
C ARG A 2 -3.93 -10.42 2.88
N SER A 3 -4.67 -11.19 2.06
CA SER A 3 -4.23 -11.64 0.72
C SER A 3 -4.34 -10.51 -0.33
N ALA A 4 -3.53 -10.64 -1.39
CA ALA A 4 -3.53 -9.67 -2.51
C ALA A 4 -4.84 -9.71 -3.31
N THR A 5 -5.44 -10.90 -3.43
CA THR A 5 -6.73 -11.10 -4.14
C THR A 5 -7.87 -10.39 -3.41
N ASP A 6 -7.87 -10.56 -2.07
CA ASP A 6 -8.83 -9.95 -1.13
C ASP A 6 -8.80 -8.40 -1.19
N LEU A 7 -7.59 -7.83 -1.10
CA LEU A 7 -7.36 -6.36 -1.22
C LEU A 7 -7.76 -5.82 -2.62
N LEU A 8 -7.34 -6.57 -3.66
CA LEU A 8 -7.59 -6.22 -5.08
C LEU A 8 -9.09 -6.10 -5.39
N ASP A 9 -9.87 -7.03 -4.81
CA ASP A 9 -11.34 -7.09 -4.94
C ASP A 9 -12.00 -5.81 -4.36
N GLU A 10 -11.48 -5.38 -3.20
CA GLU A 10 -11.99 -4.19 -2.47
C GLU A 10 -11.61 -2.87 -3.18
N LEU A 11 -10.46 -2.85 -3.88
CA LEU A 11 -10.00 -1.68 -4.66
C LEU A 11 -11.05 -1.23 -5.74
N ASN A 12 -11.60 -2.22 -6.46
CA ASN A 12 -12.64 -1.98 -7.50
C ASN A 12 -14.08 -2.00 -6.92
N ALA A 13 -14.22 -2.33 -5.62
CA ALA A 13 -15.53 -2.37 -4.92
C ALA A 13 -15.88 -1.00 -4.30
N VAL A 14 -14.98 -0.47 -3.45
CA VAL A 14 -15.19 0.83 -2.76
C VAL A 14 -14.60 2.01 -3.59
N ASP A 15 -15.51 2.94 -3.99
CA ASP A 15 -15.17 4.24 -4.66
C ASP A 15 -13.96 5.02 -4.03
N GLU A 16 -13.69 4.80 -2.73
CA GLU A 16 -12.59 5.51 -2.02
C GLU A 16 -11.65 4.50 -1.31
N SER A 17 -10.35 4.55 -1.65
CA SER A 17 -9.30 3.77 -0.98
C SER A 17 -8.98 4.35 0.41
N ALA A 18 -9.68 3.83 1.44
CA ALA A 18 -9.56 4.32 2.83
C ALA A 18 -8.21 3.92 3.46
N ARG A 19 -7.97 2.59 3.62
CA ARG A 19 -6.69 2.05 4.13
C ARG A 19 -5.99 1.13 3.10
N ILE A 20 -6.59 0.90 1.92
CA ILE A 20 -6.03 -0.05 0.91
C ILE A 20 -5.70 0.74 -0.37
N GLU A 21 -4.41 0.99 -0.63
CA GLU A 21 -3.95 1.80 -1.78
C GLU A 21 -3.00 0.99 -2.69
N ALA A 22 -3.28 0.99 -4.02
CA ALA A 22 -2.59 0.13 -5.00
C ALA A 22 -1.54 0.91 -5.82
N LYS A 23 -0.35 0.32 -5.98
CA LYS A 23 0.74 0.86 -6.82
C LYS A 23 1.21 -0.19 -7.86
N ARG A 24 1.71 0.33 -8.99
CA ARG A 24 2.29 -0.49 -10.09
C ARG A 24 3.78 -0.82 -9.80
N ALA A 25 4.28 -1.93 -10.36
CA ALA A 25 5.69 -2.40 -10.16
C ALA A 25 6.75 -1.36 -10.64
N SER A 26 6.41 -0.58 -11.68
CA SER A 26 7.28 0.48 -12.26
C SER A 26 7.25 1.82 -11.46
N ASP A 27 6.67 1.81 -10.24
CA ASP A 27 6.52 3.04 -9.41
C ASP A 27 7.43 3.00 -8.14
N MET A 28 8.28 1.95 -8.02
CA MET A 28 9.18 1.78 -6.84
C MET A 28 10.07 3.05 -6.57
N GLY A 29 9.70 3.82 -5.54
CA GLY A 29 10.43 5.05 -5.18
C GLY A 29 9.66 5.94 -4.20
N LYS A 30 9.77 7.27 -4.40
CA LYS A 30 9.25 8.30 -3.47
C LYS A 30 7.70 8.39 -3.45
N SER A 31 7.05 7.91 -4.52
CA SER A 31 5.56 7.91 -4.62
C SER A 31 4.95 6.79 -3.74
N VAL A 32 5.57 5.59 -3.78
CA VAL A 32 5.28 4.49 -2.83
C VAL A 32 5.57 4.93 -1.37
N MET A 33 6.65 5.72 -1.20
CA MET A 33 7.09 6.22 0.12
C MET A 33 6.15 7.31 0.67
N GLU A 34 5.53 8.10 -0.22
CA GLU A 34 4.53 9.12 0.18
C GLU A 34 3.28 8.42 0.80
N THR A 35 2.98 7.21 0.28
CA THR A 35 1.84 6.39 0.74
C THR A 35 2.15 5.65 2.08
N VAL A 36 3.35 5.00 2.21
CA VAL A 36 3.75 4.29 3.47
C VAL A 36 3.78 5.23 4.70
N ILE A 37 4.27 6.48 4.49
CA ILE A 37 4.31 7.52 5.54
C ILE A 37 2.87 7.90 6.00
N ALA A 38 1.90 7.90 5.06
CA ALA A 38 0.50 8.32 5.35
C ALA A 38 -0.19 7.40 6.39
N PHE A 39 0.09 6.07 6.31
CA PHE A 39 -0.42 5.08 7.29
C PHE A 39 0.35 5.18 8.65
N ALA A 40 1.70 5.23 8.55
CA ALA A 40 2.60 5.18 9.73
C ALA A 40 2.61 6.49 10.57
N ASN A 41 2.20 7.61 9.95
CA ASN A 41 2.17 8.94 10.62
C ASN A 41 0.79 9.23 11.25
N GLU A 42 -0.29 8.91 10.49
CA GLU A 42 -1.68 9.28 10.85
C GLU A 42 -2.13 8.63 12.21
N PRO A 43 -2.34 9.44 13.30
CA PRO A 43 -2.75 8.92 14.63
C PRO A 43 -4.17 8.27 14.61
N GLY A 44 -4.20 6.92 14.65
CA GLY A 44 -5.44 6.15 14.73
C GLY A 44 -5.86 5.48 13.41
N LEU A 45 -4.93 5.30 12.45
CA LEU A 45 -5.24 4.62 11.16
C LEU A 45 -4.62 3.18 11.09
N ASP A 46 -4.01 2.71 12.21
CA ASP A 46 -3.35 1.38 12.34
C ASP A 46 -4.13 0.22 11.65
N GLY A 47 -3.43 -0.49 10.74
CA GLY A 47 -4.05 -1.56 9.97
C GLY A 47 -4.32 -1.17 8.51
N GLY A 48 -3.29 -0.65 7.82
CA GLY A 48 -3.40 -0.23 6.43
C GLY A 48 -2.56 -1.12 5.51
N TYR A 49 -3.02 -1.29 4.25
CA TYR A 49 -2.35 -2.16 3.25
C TYR A 49 -1.99 -1.37 1.97
N LEU A 50 -0.72 -1.44 1.57
CA LEU A 50 -0.24 -0.93 0.28
C LEU A 50 0.01 -2.16 -0.64
N LEU A 51 -0.75 -2.26 -1.74
CA LEU A 51 -0.70 -3.45 -2.62
C LEU A 51 0.11 -3.17 -3.90
N LEU A 52 1.27 -3.83 -4.03
CA LEU A 52 2.19 -3.68 -5.18
C LEU A 52 1.89 -4.73 -6.28
N GLY A 53 1.97 -4.30 -7.55
CA GLY A 53 1.77 -5.18 -8.72
C GLY A 53 0.33 -5.17 -9.23
N VAL A 54 -0.34 -4.00 -9.10
CA VAL A 54 -1.72 -3.80 -9.58
C VAL A 54 -1.76 -2.81 -10.75
N ASP A 55 -2.66 -3.05 -11.71
CA ASP A 55 -2.92 -2.16 -12.85
C ASP A 55 -4.43 -1.82 -12.86
N TRP A 56 -4.82 -0.78 -13.60
CA TRP A 56 -6.23 -0.31 -13.61
C TRP A 56 -6.60 0.43 -14.92
N ALA A 57 -7.82 0.16 -15.43
CA ALA A 57 -8.33 0.73 -16.70
C ALA A 57 -9.82 1.12 -16.57
N ILE A 58 -10.25 2.13 -17.35
CA ILE A 58 -11.64 2.66 -17.32
C ILE A 58 -12.55 1.94 -18.34
N ASN A 59 -13.76 1.51 -17.90
CA ASN A 59 -14.77 0.87 -18.80
C ASN A 59 -15.65 1.94 -19.52
N ASP A 60 -16.71 1.49 -20.24
CA ASP A 60 -17.66 2.39 -20.93
C ASP A 60 -18.39 3.36 -19.96
N LYS A 61 -18.73 2.86 -18.76
CA LYS A 61 -19.51 3.60 -17.75
C LYS A 61 -18.67 4.66 -17.00
N GLY A 62 -17.36 4.41 -16.86
CA GLY A 62 -16.43 5.32 -16.15
C GLY A 62 -15.83 4.76 -14.85
N ASP A 63 -16.04 3.45 -14.59
CA ASP A 63 -15.50 2.76 -13.39
C ASP A 63 -14.01 2.38 -13.59
N THR A 64 -13.21 2.58 -12.52
CA THR A 64 -11.80 2.16 -12.49
C THR A 64 -11.70 0.67 -12.09
N VAL A 65 -11.29 -0.18 -13.04
CA VAL A 65 -11.26 -1.65 -12.87
C VAL A 65 -9.80 -2.12 -12.61
N TYR A 66 -9.56 -2.67 -11.41
CA TYR A 66 -8.20 -3.06 -10.95
C TYR A 66 -7.91 -4.54 -11.27
N ARG A 67 -6.92 -4.79 -12.16
CA ARG A 67 -6.50 -6.16 -12.57
C ARG A 67 -5.09 -6.50 -12.03
N PRO A 68 -4.76 -7.82 -11.82
CA PRO A 68 -3.40 -8.24 -11.42
C PRO A 68 -2.41 -8.33 -12.62
N VAL A 69 -1.36 -7.50 -12.59
CA VAL A 69 -0.20 -7.62 -13.51
C VAL A 69 0.98 -8.33 -12.82
N GLY A 70 1.07 -8.15 -11.49
CA GLY A 70 2.12 -8.76 -10.68
C GLY A 70 3.45 -8.03 -10.80
N LEU A 71 4.49 -8.57 -10.15
CA LEU A 71 5.86 -8.01 -10.23
C LEU A 71 6.82 -9.00 -10.94
N PRO A 72 7.74 -8.51 -11.84
CA PRO A 72 8.69 -9.39 -12.58
C PRO A 72 9.73 -10.05 -11.66
N ASP A 73 10.15 -9.33 -10.60
CA ASP A 73 11.10 -9.81 -9.59
C ASP A 73 10.49 -9.62 -8.16
N PRO A 74 9.39 -10.37 -7.82
CA PRO A 74 8.52 -10.05 -6.65
C PRO A 74 9.25 -10.21 -5.28
N ASP A 75 10.14 -11.21 -5.19
CA ASP A 75 10.96 -11.48 -3.99
C ASP A 75 12.00 -10.35 -3.79
N LYS A 76 12.58 -9.91 -4.92
CA LYS A 76 13.66 -8.88 -4.95
C LYS A 76 13.11 -7.49 -4.58
N VAL A 77 11.87 -7.22 -5.02
CA VAL A 77 11.15 -5.97 -4.69
C VAL A 77 10.85 -5.89 -3.18
N GLN A 78 10.42 -7.02 -2.60
CA GLN A 78 10.17 -7.14 -1.15
C GLN A 78 11.44 -6.79 -0.31
N ARG A 79 12.59 -7.32 -0.75
CA ARG A 79 13.89 -7.12 -0.06
C ARG A 79 14.48 -5.71 -0.30
N ASP A 80 14.29 -5.19 -1.52
CA ASP A 80 14.75 -3.83 -1.91
C ASP A 80 13.92 -2.76 -1.17
N LEU A 81 12.62 -3.05 -0.97
CA LEU A 81 11.70 -2.19 -0.22
C LEU A 81 12.03 -2.20 1.29
N ALA A 82 12.39 -3.40 1.81
CA ALA A 82 12.83 -3.57 3.22
C ALA A 82 14.14 -2.80 3.51
N SER A 83 15.03 -2.74 2.50
CA SER A 83 16.31 -2.00 2.58
C SER A 83 16.07 -0.47 2.55
N GLN A 84 15.33 0.01 1.53
CA GLN A 84 15.11 1.46 1.30
C GLN A 84 14.17 2.10 2.36
N CYS A 85 13.18 1.36 2.90
CA CYS A 85 12.22 1.91 3.91
C CYS A 85 12.92 2.29 5.23
N ALA A 86 13.98 1.56 5.56
CA ALA A 86 14.81 1.82 6.75
C ALA A 86 15.84 2.96 6.52
N SER A 87 16.27 3.14 5.25
CA SER A 87 17.33 4.12 4.87
C SER A 87 16.76 5.51 4.50
N MET A 88 15.57 5.55 3.88
CA MET A 88 14.94 6.82 3.41
C MET A 88 14.26 7.56 4.57
N LEU A 89 13.46 6.81 5.35
CA LEU A 89 12.62 7.39 6.42
C LEU A 89 13.43 7.63 7.71
N ASN A 90 12.92 8.55 8.56
CA ASN A 90 13.55 9.00 9.83
C ASN A 90 14.08 7.85 10.72
N VAL A 91 13.38 6.71 10.71
CA VAL A 91 13.78 5.49 11.46
C VAL A 91 13.66 4.23 10.57
N ALA A 92 14.14 3.10 11.11
CA ALA A 92 13.93 1.78 10.49
C ALA A 92 12.46 1.34 10.66
N LEU A 93 11.64 1.56 9.61
CA LEU A 93 10.22 1.15 9.60
C LEU A 93 10.18 -0.36 9.26
N ARG A 94 9.55 -1.15 10.15
CA ARG A 94 9.37 -2.61 9.95
C ARG A 94 7.90 -2.93 9.53
N PRO A 95 7.62 -3.06 8.19
CA PRO A 95 6.30 -3.53 7.72
C PRO A 95 6.24 -5.08 7.62
N GLU A 96 5.02 -5.60 7.48
CA GLU A 96 4.77 -7.06 7.35
C GLU A 96 4.54 -7.40 5.86
N MET A 97 5.43 -8.21 5.26
CA MET A 97 5.45 -8.47 3.79
C MET A 97 5.14 -9.95 3.47
N GLN A 98 4.22 -10.18 2.51
CA GLN A 98 3.89 -11.54 1.98
C GLN A 98 3.61 -11.47 0.47
N LEU A 99 3.98 -12.56 -0.22
CA LEU A 99 3.80 -12.71 -1.68
C LEU A 99 2.59 -13.63 -1.97
N GLU A 100 1.59 -13.07 -2.67
CA GLU A 100 0.29 -13.73 -2.95
C GLU A 100 0.04 -13.74 -4.48
N GLN A 101 -0.32 -14.90 -5.04
CA GLN A 101 -0.52 -15.06 -6.51
C GLN A 101 -2.02 -14.88 -6.89
N VAL A 102 -2.28 -13.90 -7.77
CA VAL A 102 -3.64 -13.54 -8.24
C VAL A 102 -3.68 -13.57 -9.78
N GLY A 103 -4.64 -14.31 -10.36
CA GLY A 103 -4.82 -14.39 -11.82
C GLY A 103 -3.57 -14.87 -12.61
N GLY A 104 -2.73 -15.72 -11.98
CA GLY A 104 -1.51 -16.25 -12.61
C GLY A 104 -0.28 -15.34 -12.47
N LYS A 105 -0.42 -14.25 -11.69
CA LYS A 105 0.65 -13.24 -11.47
C LYS A 105 1.07 -13.23 -9.99
N THR A 106 2.35 -12.97 -9.67
CA THR A 106 2.80 -12.89 -8.23
C THR A 106 2.81 -11.42 -7.74
N LEU A 107 1.79 -11.08 -6.90
CA LEU A 107 1.68 -9.73 -6.26
C LEU A 107 2.35 -9.71 -4.86
N LEU A 108 2.64 -8.50 -4.35
CA LEU A 108 3.24 -8.28 -3.01
C LEU A 108 2.31 -7.43 -2.13
N VAL A 109 1.85 -8.01 -1.00
CA VAL A 109 1.10 -7.26 0.03
C VAL A 109 2.09 -6.63 1.03
N VAL A 110 2.07 -5.30 1.14
CA VAL A 110 2.85 -4.57 2.15
C VAL A 110 1.92 -4.02 3.24
N TYR A 111 1.86 -4.71 4.38
CA TYR A 111 1.11 -4.25 5.56
C TYR A 111 1.90 -3.13 6.26
N VAL A 112 1.36 -1.91 6.26
CA VAL A 112 1.98 -0.74 6.89
C VAL A 112 1.14 -0.31 8.13
N PRO A 113 1.55 -0.71 9.36
CA PRO A 113 0.87 -0.30 10.62
C PRO A 113 1.41 1.04 11.19
N GLU A 114 0.87 1.42 12.36
CA GLU A 114 1.46 2.47 13.19
C GLU A 114 2.57 1.87 14.09
N ALA A 115 3.58 2.67 14.39
CA ALA A 115 4.72 2.27 15.23
C ALA A 115 4.62 2.95 16.63
N ASP A 116 5.57 2.67 17.56
CA ASP A 116 5.49 3.13 18.97
C ASP A 116 5.73 4.65 19.05
N VAL A 117 4.78 5.41 19.64
CA VAL A 117 4.57 6.88 19.42
C VAL A 117 5.86 7.76 19.24
N THR A 118 6.96 7.48 19.99
CA THR A 118 8.28 8.19 19.82
C THR A 118 8.82 8.07 18.36
N HIS A 119 8.67 6.87 17.80
CA HIS A 119 8.82 6.57 16.35
C HIS A 119 7.58 5.73 16.01
N LYS A 120 6.33 6.25 15.83
CA LYS A 120 5.83 7.43 15.03
C LYS A 120 6.53 8.86 15.09
N PRO A 121 5.76 9.99 14.91
CA PRO A 121 6.01 10.95 13.83
C PRO A 121 7.02 10.49 12.75
N ILE A 122 6.51 9.61 11.84
CA ILE A 122 7.30 9.05 10.72
C ILE A 122 7.24 9.99 9.50
N TYR A 123 8.42 10.28 8.92
CA TYR A 123 8.57 11.16 7.76
C TYR A 123 9.87 10.84 7.00
N LYS A 124 10.00 11.35 5.77
CA LYS A 124 11.20 11.13 4.94
C LYS A 124 12.33 12.10 5.37
N LYS A 125 13.58 11.59 5.40
CA LYS A 125 14.79 12.44 5.63
C LYS A 125 15.22 13.17 4.34
N ALA A 126 14.60 12.78 3.20
CA ALA A 126 14.84 13.42 1.88
C ALA A 126 14.18 14.82 1.80
N THR A 127 14.90 15.85 2.30
CA THR A 127 14.46 17.26 2.26
C THR A 127 14.69 17.84 0.85
N GLY A 128 13.60 18.30 0.21
CA GLY A 128 13.64 18.80 -1.19
C GLY A 128 12.70 18.01 -2.11
N LEU A 129 11.39 18.23 -1.92
CA LEU A 129 10.33 17.53 -2.69
C LEU A 129 9.33 18.56 -3.34
N PRO A 130 9.58 18.97 -4.63
CA PRO A 130 8.66 19.85 -5.38
C PRO A 130 7.38 19.09 -5.87
N GLY A 131 6.25 19.30 -5.15
CA GLY A 131 4.96 18.67 -5.49
C GLY A 131 4.34 19.23 -6.78
N GLY A 132 4.32 18.41 -7.86
CA GLY A 132 3.80 18.83 -9.17
C GLY A 132 2.27 18.86 -9.27
N ALA A 133 1.71 18.25 -10.33
CA ALA A 133 0.26 18.23 -10.58
C ALA A 133 -0.49 17.28 -9.61
N TYR A 134 -1.01 17.84 -8.50
CA TYR A 134 -1.90 17.11 -7.57
C TYR A 134 -3.32 16.99 -8.19
N ARG A 135 -3.90 18.14 -8.57
CA ARG A 135 -5.22 18.22 -9.21
C ARG A 135 -5.12 17.77 -10.70
N ARG A 136 -5.69 16.58 -11.01
CA ARG A 136 -5.77 16.09 -12.40
C ARG A 136 -6.85 16.87 -13.18
N ILE A 137 -6.45 17.46 -14.32
CA ILE A 137 -7.34 18.33 -15.13
C ILE A 137 -8.11 17.51 -16.21
N GLY A 138 -7.42 16.56 -16.86
CA GLY A 138 -7.99 15.73 -17.92
C GLY A 138 -7.77 16.32 -19.32
N SER A 139 -7.86 15.44 -20.33
CA SER A 139 -7.65 15.80 -21.75
C SER A 139 -8.82 15.25 -22.60
N SER A 140 -8.67 15.23 -23.94
CA SER A 140 -9.69 14.64 -24.84
C SER A 140 -9.75 13.10 -24.67
N ASP A 141 -10.65 12.65 -23.77
CA ASP A 141 -10.84 11.21 -23.46
C ASP A 141 -11.31 10.44 -24.71
N GLN A 142 -10.54 9.39 -25.09
CA GLN A 142 -10.70 8.70 -26.38
C GLN A 142 -12.05 7.97 -26.48
N ARG A 143 -12.91 8.48 -27.38
CA ARG A 143 -14.14 7.80 -27.79
C ARG A 143 -13.76 6.52 -28.56
N CYS A 144 -13.91 5.35 -27.89
CA CYS A 144 -13.58 4.02 -28.46
C CYS A 144 -14.44 3.70 -29.69
N VAL A 145 -13.89 2.86 -30.59
CA VAL A 145 -14.59 2.42 -31.82
C VAL A 145 -15.89 1.65 -31.50
N LEU A 146 -16.93 1.89 -32.32
CA LEU A 146 -18.23 1.17 -32.19
C LEU A 146 -18.12 -0.29 -32.69
N GLU A 147 -19.09 -1.13 -32.33
CA GLU A 147 -19.18 -2.52 -32.82
C GLU A 147 -19.50 -2.55 -34.33
N HIS A 148 -18.60 -3.14 -35.15
CA HIS A 148 -18.82 -3.31 -36.60
C HIS A 148 -19.65 -4.60 -36.88
N HIS A 149 -20.99 -4.44 -36.94
CA HIS A 149 -22.00 -5.49 -37.30
C HIS A 149 -21.66 -6.95 -36.82
N HIS A 150 -22.18 -7.30 -35.63
CA HIS A 150 -21.91 -8.63 -35.01
C HIS A 150 -22.63 -9.79 -35.77
N HIS A 151 -21.98 -10.98 -35.76
CA HIS A 151 -22.50 -12.25 -36.35
C HIS A 151 -22.52 -12.23 -37.91
N HIS A 152 -22.04 -13.32 -38.51
CA HIS A 152 -22.10 -13.56 -39.98
C HIS A 152 -22.45 -15.05 -40.27
N HIS A 153 -22.61 -15.39 -41.57
CA HIS A 153 -22.72 -16.80 -42.04
C HIS A 153 -21.31 -17.42 -42.21
N MET A 1 -1.43 -10.37 8.69
CA MET A 1 -1.67 -9.65 7.42
C MET A 1 -2.65 -10.42 6.51
N ARG A 2 -3.41 -9.68 5.67
CA ARG A 2 -4.41 -10.25 4.73
C ARG A 2 -3.71 -10.83 3.47
N SER A 3 -4.43 -11.66 2.72
CA SER A 3 -3.98 -12.17 1.41
C SER A 3 -4.26 -11.12 0.31
N ALA A 4 -3.48 -11.17 -0.79
CA ALA A 4 -3.64 -10.21 -1.93
C ALA A 4 -4.99 -10.37 -2.64
N THR A 5 -5.60 -11.57 -2.53
CA THR A 5 -6.91 -11.87 -3.16
C THR A 5 -8.04 -11.10 -2.47
N ASP A 6 -8.01 -11.09 -1.12
CA ASP A 6 -8.96 -10.35 -0.26
C ASP A 6 -8.90 -8.83 -0.56
N LEU A 7 -7.67 -8.30 -0.57
CA LEU A 7 -7.41 -6.86 -0.72
C LEU A 7 -7.62 -6.37 -2.16
N LEU A 8 -7.38 -7.24 -3.15
CA LEU A 8 -7.72 -6.96 -4.57
C LEU A 8 -9.25 -6.84 -4.74
N ASP A 9 -9.96 -7.81 -4.14
CA ASP A 9 -11.44 -7.84 -4.13
C ASP A 9 -12.01 -6.60 -3.41
N GLU A 10 -11.28 -6.12 -2.40
CA GLU A 10 -11.61 -4.90 -1.64
C GLU A 10 -11.41 -3.64 -2.51
N LEU A 11 -10.30 -3.60 -3.29
CA LEU A 11 -10.01 -2.54 -4.28
C LEU A 11 -11.11 -2.44 -5.37
N ASN A 12 -11.56 -3.61 -5.86
CA ASN A 12 -12.66 -3.71 -6.84
C ASN A 12 -14.02 -3.31 -6.20
N ALA A 13 -14.18 -3.59 -4.89
CA ALA A 13 -15.40 -3.24 -4.13
C ALA A 13 -15.52 -1.73 -3.86
N VAL A 14 -14.39 -1.07 -3.55
CA VAL A 14 -14.35 0.37 -3.22
C VAL A 14 -14.26 1.23 -4.50
N ASP A 15 -14.85 2.43 -4.44
CA ASP A 15 -14.80 3.42 -5.53
C ASP A 15 -13.48 4.23 -5.51
N GLU A 16 -12.73 4.17 -4.38
CA GLU A 16 -11.47 4.91 -4.19
C GLU A 16 -10.61 4.23 -3.09
N SER A 17 -9.28 4.42 -3.18
CA SER A 17 -8.33 3.80 -2.23
C SER A 17 -8.37 4.51 -0.84
N ALA A 18 -9.21 4.00 0.07
CA ALA A 18 -9.45 4.61 1.40
C ALA A 18 -8.38 4.21 2.44
N ARG A 19 -8.33 2.90 2.79
CA ARG A 19 -7.31 2.30 3.68
C ARG A 19 -6.52 1.21 2.92
N ILE A 20 -7.09 0.77 1.77
CA ILE A 20 -6.51 -0.25 0.88
C ILE A 20 -6.08 0.43 -0.42
N GLU A 21 -4.79 0.38 -0.74
CA GLU A 21 -4.18 1.15 -1.86
C GLU A 21 -3.63 0.20 -2.93
N ALA A 22 -3.80 0.58 -4.21
CA ALA A 22 -3.29 -0.18 -5.36
C ALA A 22 -2.06 0.53 -5.96
N LYS A 23 -0.95 -0.20 -6.12
CA LYS A 23 0.35 0.33 -6.60
C LYS A 23 0.90 -0.59 -7.72
N ARG A 24 1.42 0.01 -8.79
CA ARG A 24 2.12 -0.75 -9.87
C ARG A 24 3.61 -1.02 -9.50
N ALA A 25 4.26 -1.90 -10.28
CA ALA A 25 5.70 -2.19 -10.16
C ALA A 25 6.59 -0.94 -10.38
N SER A 26 6.10 -0.02 -11.22
CA SER A 26 6.76 1.30 -11.45
C SER A 26 6.72 2.16 -10.16
N ASP A 27 5.60 2.07 -9.42
CA ASP A 27 5.29 2.93 -8.26
C ASP A 27 6.08 2.53 -6.98
N MET A 28 6.82 1.40 -7.00
CA MET A 28 7.63 0.98 -5.83
C MET A 28 8.84 1.94 -5.63
N GLY A 29 8.88 2.58 -4.43
CA GLY A 29 9.87 3.64 -4.13
C GLY A 29 9.22 4.84 -3.43
N LYS A 30 9.47 6.05 -3.96
CA LYS A 30 8.97 7.33 -3.38
C LYS A 30 7.42 7.37 -3.30
N SER A 31 6.76 6.83 -4.36
CA SER A 31 5.28 6.77 -4.49
C SER A 31 4.62 5.85 -3.41
N VAL A 32 5.37 4.82 -2.94
CA VAL A 32 4.93 3.96 -1.83
C VAL A 32 5.01 4.73 -0.49
N MET A 33 6.17 5.36 -0.22
CA MET A 33 6.41 6.19 1.00
C MET A 33 5.43 7.36 1.15
N GLU A 34 5.00 7.93 0.01
CA GLU A 34 3.95 8.97 -0.07
C GLU A 34 2.65 8.51 0.64
N THR A 35 2.24 7.26 0.37
CA THR A 35 1.04 6.64 0.97
C THR A 35 1.27 6.17 2.45
N VAL A 36 2.48 5.62 2.71
CA VAL A 36 2.87 5.06 4.05
C VAL A 36 2.71 6.09 5.20
N ILE A 37 2.98 7.39 4.88
CA ILE A 37 2.85 8.53 5.85
C ILE A 37 1.52 8.48 6.67
N ALA A 38 0.40 8.23 5.97
CA ALA A 38 -0.94 8.10 6.60
C ALA A 38 -1.00 6.94 7.62
N PHE A 39 -0.76 5.71 7.15
CA PHE A 39 -1.00 4.48 7.96
C PHE A 39 0.00 4.31 9.13
N ALA A 40 1.18 4.93 8.99
CA ALA A 40 2.26 4.88 10.00
C ALA A 40 2.08 5.94 11.11
N ASN A 41 1.83 7.21 10.71
CA ASN A 41 1.87 8.39 11.62
C ASN A 41 0.50 8.75 12.24
N GLU A 42 -0.62 8.41 11.54
CA GLU A 42 -1.99 8.71 12.06
C GLU A 42 -2.29 7.92 13.36
N PRO A 43 -2.62 8.62 14.51
CA PRO A 43 -2.94 7.96 15.79
C PRO A 43 -4.22 7.10 15.71
N GLY A 44 -4.06 5.77 15.78
CA GLY A 44 -5.17 4.81 15.79
C GLY A 44 -5.53 4.22 14.42
N LEU A 45 -4.76 4.52 13.35
CA LEU A 45 -5.03 3.98 11.99
C LEU A 45 -4.09 2.77 11.66
N ASP A 46 -3.53 2.14 12.74
CA ASP A 46 -2.80 0.84 12.66
C ASP A 46 -3.50 -0.17 11.70
N GLY A 47 -2.84 -0.51 10.59
CA GLY A 47 -3.34 -1.53 9.66
C GLY A 47 -3.86 -0.96 8.33
N GLY A 48 -2.92 -0.43 7.53
CA GLY A 48 -3.21 -0.04 6.15
C GLY A 48 -2.41 -0.89 5.16
N TYR A 49 -3.01 -1.26 4.02
CA TYR A 49 -2.42 -2.25 3.07
C TYR A 49 -2.14 -1.64 1.69
N LEU A 50 -0.91 -1.84 1.18
CA LEU A 50 -0.50 -1.44 -0.19
C LEU A 50 -0.25 -2.70 -1.04
N LEU A 51 -0.93 -2.81 -2.19
CA LEU A 51 -0.81 -3.99 -3.09
C LEU A 51 0.04 -3.63 -4.31
N LEU A 52 1.26 -4.17 -4.37
CA LEU A 52 2.20 -3.94 -5.49
C LEU A 52 2.02 -5.05 -6.54
N GLY A 53 1.71 -4.65 -7.80
CA GLY A 53 1.44 -5.59 -8.88
C GLY A 53 -0.02 -5.54 -9.38
N VAL A 54 -0.67 -4.38 -9.21
CA VAL A 54 -2.04 -4.14 -9.74
C VAL A 54 -1.97 -3.10 -10.88
N ASP A 55 -2.67 -3.40 -11.99
CA ASP A 55 -2.80 -2.50 -13.15
C ASP A 55 -4.28 -2.16 -13.34
N TRP A 56 -4.57 -0.89 -13.62
CA TRP A 56 -5.95 -0.39 -13.77
C TRP A 56 -6.17 0.27 -15.15
N ALA A 57 -7.35 0.01 -15.74
CA ALA A 57 -7.71 0.48 -17.09
C ALA A 57 -8.92 1.43 -17.05
N ILE A 58 -9.00 2.35 -18.02
CA ILE A 58 -10.10 3.35 -18.12
C ILE A 58 -11.02 3.02 -19.31
N ASN A 59 -12.32 2.84 -19.02
CA ASN A 59 -13.35 2.46 -20.02
C ASN A 59 -14.12 3.70 -20.56
N ASP A 60 -15.23 3.42 -21.29
CA ASP A 60 -16.13 4.45 -21.87
C ASP A 60 -16.72 5.42 -20.80
N LYS A 61 -16.95 4.89 -19.59
CA LYS A 61 -17.57 5.64 -18.48
C LYS A 61 -16.55 6.57 -17.78
N GLY A 62 -15.24 6.38 -18.09
CA GLY A 62 -14.15 7.05 -17.37
C GLY A 62 -13.80 6.35 -16.04
N ASP A 63 -14.36 5.14 -15.85
CA ASP A 63 -14.25 4.35 -14.61
C ASP A 63 -12.90 3.59 -14.52
N THR A 64 -12.41 3.41 -13.28
CA THR A 64 -11.15 2.70 -12.98
C THR A 64 -11.46 1.29 -12.41
N VAL A 65 -11.05 0.24 -13.15
CA VAL A 65 -11.18 -1.18 -12.72
C VAL A 65 -9.78 -1.73 -12.33
N TYR A 66 -9.65 -2.33 -11.13
CA TYR A 66 -8.35 -2.82 -10.60
C TYR A 66 -8.17 -4.31 -10.95
N ARG A 67 -7.10 -4.62 -11.71
CA ARG A 67 -6.86 -5.97 -12.29
C ARG A 67 -5.42 -6.44 -11.99
N PRO A 68 -5.21 -7.69 -11.43
CA PRO A 68 -3.87 -8.16 -11.02
C PRO A 68 -3.02 -8.65 -12.23
N VAL A 69 -1.97 -7.90 -12.58
CA VAL A 69 -0.97 -8.34 -13.61
C VAL A 69 0.30 -8.92 -12.94
N GLY A 70 0.45 -8.66 -11.63
CA GLY A 70 1.59 -9.14 -10.85
C GLY A 70 2.85 -8.27 -10.98
N LEU A 71 3.93 -8.73 -10.36
CA LEU A 71 5.25 -8.06 -10.39
C LEU A 71 6.20 -8.77 -11.39
N PRO A 72 6.88 -8.01 -12.31
CA PRO A 72 7.88 -8.57 -13.27
C PRO A 72 9.09 -9.25 -12.56
N ASP A 73 9.47 -8.71 -11.39
CA ASP A 73 10.45 -9.36 -10.49
C ASP A 73 9.95 -9.20 -9.02
N PRO A 74 9.09 -10.14 -8.52
CA PRO A 74 8.46 -10.01 -7.18
C PRO A 74 9.47 -10.15 -6.01
N ASP A 75 10.55 -10.91 -6.26
CA ASP A 75 11.62 -11.17 -5.28
C ASP A 75 12.43 -9.90 -4.97
N LYS A 76 12.84 -9.19 -6.04
CA LYS A 76 13.61 -7.94 -5.94
C LYS A 76 12.76 -6.79 -5.36
N VAL A 77 11.50 -6.64 -5.85
CA VAL A 77 10.58 -5.57 -5.39
C VAL A 77 10.33 -5.66 -3.86
N GLN A 78 10.23 -6.89 -3.32
CA GLN A 78 10.03 -7.12 -1.87
C GLN A 78 11.26 -6.66 -1.02
N ARG A 79 12.47 -7.14 -1.39
CA ARG A 79 13.71 -6.89 -0.61
C ARG A 79 14.26 -5.45 -0.80
N ASP A 80 14.07 -4.91 -2.01
CA ASP A 80 14.44 -3.51 -2.34
C ASP A 80 13.50 -2.53 -1.58
N LEU A 81 12.23 -2.92 -1.39
CA LEU A 81 11.24 -2.15 -0.59
C LEU A 81 11.67 -2.03 0.89
N ALA A 82 12.16 -3.15 1.46
CA ALA A 82 12.70 -3.19 2.83
C ALA A 82 13.97 -2.31 2.97
N SER A 83 14.86 -2.41 1.97
CA SER A 83 16.14 -1.65 1.92
C SER A 83 15.90 -0.12 1.84
N GLN A 84 15.07 0.31 0.87
CA GLN A 84 14.70 1.73 0.70
C GLN A 84 13.89 2.28 1.90
N CYS A 85 13.06 1.43 2.56
CA CYS A 85 12.28 1.83 3.77
C CYS A 85 13.19 2.31 4.93
N ALA A 86 14.41 1.74 4.99
CA ALA A 86 15.42 2.11 5.99
C ALA A 86 16.22 3.39 5.58
N SER A 87 16.23 3.72 4.27
CA SER A 87 16.97 4.91 3.73
C SER A 87 16.05 6.05 3.21
N MET A 88 14.72 5.85 3.23
CA MET A 88 13.74 6.89 2.80
C MET A 88 13.13 7.62 4.02
N LEU A 89 13.10 6.94 5.16
CA LEU A 89 12.54 7.47 6.42
C LEU A 89 13.69 7.78 7.41
N ASN A 90 13.56 8.87 8.18
CA ASN A 90 14.60 9.32 9.16
C ASN A 90 14.94 8.24 10.23
N VAL A 91 13.98 7.36 10.50
CA VAL A 91 14.11 6.25 11.48
C VAL A 91 13.87 4.88 10.82
N ALA A 92 14.29 3.81 11.52
CA ALA A 92 14.08 2.41 11.05
C ALA A 92 12.64 1.93 11.35
N LEU A 93 11.77 2.01 10.33
CA LEU A 93 10.37 1.51 10.38
C LEU A 93 10.34 0.08 9.77
N ARG A 94 9.57 -0.84 10.39
CA ARG A 94 9.41 -2.22 9.89
C ARG A 94 7.98 -2.44 9.26
N PRO A 95 7.83 -2.31 7.90
CA PRO A 95 6.63 -2.79 7.20
C PRO A 95 6.73 -4.31 6.90
N GLU A 96 5.57 -4.96 6.75
CA GLU A 96 5.47 -6.43 6.63
C GLU A 96 5.10 -6.84 5.18
N MET A 97 5.98 -7.63 4.55
CA MET A 97 5.83 -8.08 3.14
C MET A 97 5.54 -9.59 3.05
N GLN A 98 4.66 -9.97 2.10
CA GLN A 98 4.48 -11.39 1.70
C GLN A 98 4.01 -11.45 0.22
N LEU A 99 4.64 -12.33 -0.56
CA LEU A 99 4.27 -12.60 -1.96
C LEU A 99 3.07 -13.57 -2.04
N GLU A 100 1.95 -13.07 -2.57
CA GLU A 100 0.66 -13.78 -2.64
C GLU A 100 0.18 -13.86 -4.11
N GLN A 101 -0.21 -15.07 -4.56
CA GLN A 101 -0.62 -15.31 -5.96
C GLN A 101 -2.16 -15.21 -6.12
N VAL A 102 -2.61 -14.36 -7.06
CA VAL A 102 -4.04 -14.23 -7.44
C VAL A 102 -4.18 -14.45 -8.96
N GLY A 103 -4.96 -15.49 -9.37
CA GLY A 103 -5.15 -15.85 -10.79
C GLY A 103 -3.85 -16.07 -11.59
N GLY A 104 -2.86 -16.75 -10.98
CA GLY A 104 -1.57 -17.05 -11.64
C GLY A 104 -0.58 -15.88 -11.69
N LYS A 105 -0.92 -14.75 -11.06
CA LYS A 105 -0.06 -13.54 -10.99
C LYS A 105 0.45 -13.36 -9.54
N THR A 106 1.72 -12.97 -9.36
CA THR A 106 2.30 -12.80 -7.99
C THR A 106 2.33 -11.30 -7.59
N LEU A 107 1.72 -10.99 -6.44
CA LEU A 107 1.58 -9.60 -5.93
C LEU A 107 2.33 -9.50 -4.58
N LEU A 108 2.58 -8.26 -4.12
CA LEU A 108 3.21 -8.03 -2.81
C LEU A 108 2.24 -7.29 -1.87
N VAL A 109 1.86 -7.96 -0.77
CA VAL A 109 1.02 -7.36 0.28
C VAL A 109 1.92 -6.62 1.29
N VAL A 110 1.68 -5.31 1.47
CA VAL A 110 2.46 -4.47 2.40
C VAL A 110 1.58 -3.98 3.57
N TYR A 111 1.73 -4.64 4.72
CA TYR A 111 1.12 -4.23 5.99
C TYR A 111 1.93 -3.09 6.63
N VAL A 112 1.33 -1.91 6.73
CA VAL A 112 1.93 -0.75 7.42
C VAL A 112 1.21 -0.56 8.77
N PRO A 113 1.85 -1.00 9.91
CA PRO A 113 1.30 -0.77 11.26
C PRO A 113 1.60 0.64 11.80
N GLU A 114 0.96 0.99 12.91
CA GLU A 114 1.26 2.20 13.68
C GLU A 114 2.50 1.94 14.57
N ALA A 115 3.50 2.83 14.47
CA ALA A 115 4.80 2.68 15.16
C ALA A 115 4.74 3.26 16.61
N ASP A 116 5.84 3.07 17.38
CA ASP A 116 5.94 3.52 18.81
C ASP A 116 5.96 5.07 18.89
N VAL A 117 5.56 5.65 20.03
CA VAL A 117 5.57 7.14 20.24
C VAL A 117 6.91 7.86 19.82
N THR A 118 8.08 7.26 20.15
CA THR A 118 9.43 7.88 19.88
C THR A 118 9.68 8.11 18.37
N HIS A 119 9.28 7.12 17.58
CA HIS A 119 9.22 7.21 16.10
C HIS A 119 7.80 6.73 15.78
N LYS A 120 6.72 7.55 15.94
CA LYS A 120 6.29 8.81 15.24
C LYS A 120 7.35 9.97 14.92
N PRO A 121 6.92 11.28 14.69
CA PRO A 121 7.40 12.10 13.54
C PRO A 121 8.34 11.41 12.49
N ILE A 122 7.75 10.49 11.68
CA ILE A 122 8.42 9.94 10.46
C ILE A 122 8.35 11.01 9.34
N TYR A 123 9.47 11.72 9.15
CA TYR A 123 9.67 12.59 7.97
C TYR A 123 10.65 11.92 6.98
N LYS A 124 10.54 12.30 5.70
CA LYS A 124 11.36 11.69 4.62
C LYS A 124 12.78 12.29 4.61
N LYS A 125 13.75 11.50 4.14
CA LYS A 125 15.13 11.95 3.91
C LYS A 125 15.27 12.63 2.51
N ALA A 126 14.21 12.51 1.69
CA ALA A 126 14.09 13.19 0.37
C ALA A 126 13.02 14.31 0.42
N THR A 127 12.99 15.16 -0.63
CA THR A 127 11.99 16.25 -0.77
C THR A 127 11.72 16.53 -2.27
N GLY A 128 10.43 16.78 -2.61
CA GLY A 128 10.03 17.10 -4.00
C GLY A 128 9.34 15.92 -4.68
N LEU A 129 8.05 15.68 -4.33
CA LEU A 129 7.21 14.60 -4.90
C LEU A 129 6.00 15.20 -5.67
N PRO A 130 6.12 15.48 -7.01
CA PRO A 130 5.00 16.03 -7.82
C PRO A 130 4.17 14.96 -8.58
N GLY A 131 4.35 13.67 -8.20
CA GLY A 131 3.76 12.54 -8.94
C GLY A 131 4.58 12.14 -10.18
N GLY A 132 4.03 11.23 -11.00
CA GLY A 132 4.71 10.73 -12.21
C GLY A 132 3.97 9.59 -12.88
N ALA A 133 2.67 9.82 -13.21
CA ALA A 133 1.79 8.81 -13.87
C ALA A 133 0.79 9.47 -14.83
N TYR A 134 0.27 8.68 -15.78
CA TYR A 134 -0.79 9.10 -16.71
C TYR A 134 -1.71 7.90 -17.06
N ARG A 135 -3.02 8.17 -17.23
CA ARG A 135 -4.03 7.13 -17.51
C ARG A 135 -4.05 6.73 -19.01
N ARG A 136 -3.68 5.46 -19.29
CA ARG A 136 -3.86 4.85 -20.62
C ARG A 136 -5.33 4.44 -20.82
N ILE A 137 -6.08 5.30 -21.55
CA ILE A 137 -7.51 5.08 -21.87
C ILE A 137 -7.64 4.31 -23.20
N GLY A 138 -8.34 3.16 -23.19
CA GLY A 138 -8.49 2.33 -24.40
C GLY A 138 -9.51 1.20 -24.26
N SER A 139 -10.02 0.71 -25.40
CA SER A 139 -11.03 -0.39 -25.45
C SER A 139 -10.94 -1.17 -26.78
N SER A 140 -11.46 -2.41 -26.75
CA SER A 140 -11.43 -3.37 -27.88
C SER A 140 -12.47 -4.52 -27.65
N ASP A 141 -12.23 -5.70 -28.26
CA ASP A 141 -12.89 -6.99 -27.89
C ASP A 141 -14.38 -7.12 -28.39
N GLN A 142 -14.95 -6.02 -28.93
CA GLN A 142 -16.38 -6.00 -29.38
C GLN A 142 -16.59 -6.67 -30.77
N ARG A 143 -16.56 -8.02 -30.77
CA ARG A 143 -16.84 -8.85 -31.96
C ARG A 143 -17.10 -10.31 -31.48
N CYS A 144 -18.38 -10.68 -31.33
CA CYS A 144 -18.79 -12.03 -30.88
C CYS A 144 -19.33 -12.89 -32.04
N VAL A 145 -19.27 -14.22 -31.87
CA VAL A 145 -19.84 -15.20 -32.83
C VAL A 145 -20.91 -16.08 -32.13
N LEU A 146 -21.64 -16.90 -32.91
CA LEU A 146 -22.71 -17.79 -32.39
C LEU A 146 -22.54 -19.24 -32.92
N GLU A 147 -23.06 -20.21 -32.15
CA GLU A 147 -22.98 -21.65 -32.48
C GLU A 147 -24.34 -22.33 -32.22
N HIS A 148 -24.78 -23.18 -33.16
CA HIS A 148 -26.06 -23.93 -33.06
C HIS A 148 -25.92 -25.35 -33.65
N HIS A 149 -26.91 -26.21 -33.37
CA HIS A 149 -27.00 -27.57 -33.93
C HIS A 149 -28.47 -27.94 -34.18
N HIS A 150 -28.77 -28.45 -35.39
CA HIS A 150 -30.12 -28.90 -35.77
C HIS A 150 -30.22 -30.44 -35.64
N HIS A 151 -31.26 -30.93 -34.93
CA HIS A 151 -31.53 -32.39 -34.80
C HIS A 151 -32.15 -32.94 -36.12
N HIS A 152 -31.81 -34.19 -36.46
CA HIS A 152 -32.26 -34.85 -37.71
C HIS A 152 -32.69 -36.31 -37.43
N HIS A 153 -34.02 -36.57 -37.48
CA HIS A 153 -34.58 -37.93 -37.28
C HIS A 153 -34.49 -38.78 -38.57
N MET A 1 -3.62 -11.32 8.04
CA MET A 1 -3.20 -10.45 6.90
C MET A 1 -3.93 -10.88 5.60
N ARG A 2 -5.05 -10.20 5.31
CA ARG A 2 -5.88 -10.39 4.07
C ARG A 2 -5.03 -10.60 2.77
N SER A 3 -5.45 -11.61 1.97
CA SER A 3 -4.76 -12.01 0.72
C SER A 3 -4.90 -10.94 -0.39
N ALA A 4 -3.99 -11.00 -1.39
CA ALA A 4 -4.01 -10.07 -2.56
C ALA A 4 -5.34 -10.11 -3.33
N THR A 5 -5.94 -11.31 -3.41
CA THR A 5 -7.21 -11.54 -4.11
C THR A 5 -8.38 -10.79 -3.40
N ASP A 6 -8.38 -10.89 -2.06
CA ASP A 6 -9.40 -10.28 -1.18
C ASP A 6 -9.29 -8.71 -1.18
N LEU A 7 -8.05 -8.21 -1.10
CA LEU A 7 -7.76 -6.76 -1.15
C LEU A 7 -8.11 -6.15 -2.52
N LEU A 8 -7.77 -6.89 -3.59
CA LEU A 8 -8.07 -6.54 -5.00
C LEU A 8 -9.56 -6.23 -5.18
N ASP A 9 -10.40 -7.15 -4.65
CA ASP A 9 -11.87 -7.03 -4.64
C ASP A 9 -12.34 -5.68 -4.04
N GLU A 10 -11.75 -5.30 -2.89
CA GLU A 10 -12.13 -4.05 -2.17
C GLU A 10 -11.58 -2.79 -2.89
N LEU A 11 -10.43 -2.92 -3.59
CA LEU A 11 -9.82 -1.82 -4.39
C LEU A 11 -10.81 -1.32 -5.48
N ASN A 12 -11.33 -2.27 -6.30
CA ASN A 12 -12.31 -1.94 -7.37
C ASN A 12 -13.77 -1.84 -6.83
N ALA A 13 -13.97 -2.08 -5.52
CA ALA A 13 -15.25 -1.82 -4.83
C ALA A 13 -15.36 -0.33 -4.40
N VAL A 14 -14.30 0.17 -3.72
CA VAL A 14 -14.26 1.56 -3.22
C VAL A 14 -13.88 2.55 -4.35
N ASP A 15 -14.37 3.79 -4.24
CA ASP A 15 -14.14 4.86 -5.25
C ASP A 15 -12.69 5.41 -5.21
N GLU A 16 -12.04 5.33 -4.03
CA GLU A 16 -10.70 5.89 -3.80
C GLU A 16 -9.92 4.96 -2.85
N SER A 17 -8.65 4.68 -3.20
CA SER A 17 -7.74 3.85 -2.38
C SER A 17 -7.26 4.61 -1.11
N ALA A 18 -8.13 4.62 -0.07
CA ALA A 18 -7.91 5.42 1.16
C ALA A 18 -7.05 4.67 2.20
N ARG A 19 -7.57 3.54 2.71
CA ARG A 19 -6.87 2.72 3.73
C ARG A 19 -6.15 1.52 3.08
N ILE A 20 -6.67 1.06 1.92
CA ILE A 20 -6.04 0.01 1.10
C ILE A 20 -5.65 0.62 -0.26
N GLU A 21 -4.33 0.78 -0.46
CA GLU A 21 -3.72 1.40 -1.65
C GLU A 21 -3.18 0.32 -2.63
N ALA A 22 -3.14 0.64 -3.94
CA ALA A 22 -2.53 -0.22 -4.98
C ALA A 22 -1.44 0.56 -5.76
N LYS A 23 -0.27 -0.09 -5.97
CA LYS A 23 0.85 0.47 -6.80
C LYS A 23 1.34 -0.59 -7.82
N ARG A 24 1.83 -0.11 -8.97
CA ARG A 24 2.54 -0.95 -9.98
C ARG A 24 4.06 -1.07 -9.67
N ALA A 25 4.75 -1.99 -10.39
CA ALA A 25 6.24 -2.12 -10.30
C ALA A 25 6.94 -0.83 -10.82
N SER A 26 6.36 -0.24 -11.88
CA SER A 26 6.74 1.10 -12.38
C SER A 26 6.54 2.21 -11.32
N ASP A 27 5.48 2.07 -10.50
CA ASP A 27 5.08 3.06 -9.48
C ASP A 27 5.79 2.83 -8.12
N MET A 28 6.69 1.84 -8.07
CA MET A 28 7.59 1.61 -6.92
C MET A 28 8.61 2.78 -6.75
N GLY A 29 8.68 3.33 -5.52
CA GLY A 29 9.57 4.43 -5.20
C GLY A 29 9.05 5.30 -4.04
N LYS A 30 9.33 6.62 -4.11
CA LYS A 30 8.97 7.59 -3.03
C LYS A 30 7.43 7.76 -2.88
N SER A 31 6.66 7.38 -3.92
CA SER A 31 5.18 7.43 -3.89
C SER A 31 4.60 6.30 -3.00
N VAL A 32 5.25 5.11 -3.04
CA VAL A 32 4.90 3.99 -2.12
C VAL A 32 5.24 4.37 -0.66
N MET A 33 6.46 4.92 -0.49
CA MET A 33 6.99 5.36 0.82
C MET A 33 6.16 6.52 1.44
N GLU A 34 5.65 7.40 0.58
CA GLU A 34 4.75 8.51 0.97
C GLU A 34 3.45 7.96 1.61
N THR A 35 2.92 6.86 1.04
CA THR A 35 1.71 6.19 1.53
C THR A 35 1.98 5.46 2.89
N VAL A 36 3.21 4.88 3.04
CA VAL A 36 3.67 4.25 4.31
C VAL A 36 3.64 5.28 5.49
N ILE A 37 4.19 6.48 5.22
CA ILE A 37 4.16 7.63 6.16
C ILE A 37 2.69 8.06 6.48
N ALA A 38 1.82 7.97 5.45
CA ALA A 38 0.39 8.36 5.55
C ALA A 38 -0.45 7.38 6.41
N PHE A 39 0.08 6.17 6.69
CA PHE A 39 -0.52 5.25 7.70
C PHE A 39 0.10 5.49 9.11
N ALA A 40 1.44 5.68 9.13
CA ALA A 40 2.25 5.69 10.38
C ALA A 40 2.00 6.93 11.28
N ASN A 41 2.17 8.14 10.69
CA ASN A 41 2.09 9.43 11.44
C ASN A 41 0.63 9.80 11.82
N GLU A 42 -0.34 9.15 11.19
CA GLU A 42 -1.77 9.42 11.40
C GLU A 42 -2.31 8.74 12.69
N PRO A 43 -3.07 9.49 13.58
CA PRO A 43 -3.55 8.98 14.89
C PRO A 43 -4.56 7.80 14.75
N GLY A 44 -4.08 6.56 14.97
CA GLY A 44 -4.92 5.35 14.89
C GLY A 44 -5.44 4.99 13.49
N LEU A 45 -4.72 5.33 12.40
CA LEU A 45 -5.06 4.88 11.03
C LEU A 45 -4.26 3.61 10.63
N ASP A 46 -3.79 2.88 11.66
CA ASP A 46 -3.28 1.48 11.56
C ASP A 46 -4.26 0.54 10.81
N GLY A 47 -3.70 -0.52 10.20
CA GLY A 47 -4.48 -1.50 9.46
C GLY A 47 -4.58 -1.17 7.97
N GLY A 48 -3.48 -0.63 7.37
CA GLY A 48 -3.47 -0.27 5.96
C GLY A 48 -2.67 -1.26 5.10
N TYR A 49 -3.16 -1.55 3.89
CA TYR A 49 -2.54 -2.53 2.97
C TYR A 49 -2.08 -1.88 1.63
N LEU A 50 -0.82 -2.09 1.27
CA LEU A 50 -0.23 -1.70 -0.03
C LEU A 50 -0.14 -2.92 -0.95
N LEU A 51 -0.95 -2.98 -1.99
CA LEU A 51 -0.98 -4.13 -2.91
C LEU A 51 -0.20 -3.78 -4.19
N LEU A 52 0.96 -4.41 -4.35
CA LEU A 52 1.92 -4.15 -5.44
C LEU A 52 1.76 -5.19 -6.56
N GLY A 53 1.76 -4.74 -7.82
CA GLY A 53 1.64 -5.61 -8.99
C GLY A 53 0.21 -5.72 -9.50
N VAL A 54 -0.52 -4.61 -9.39
CA VAL A 54 -1.90 -4.50 -9.91
C VAL A 54 -1.93 -3.53 -11.11
N ASP A 55 -2.68 -3.88 -12.16
CA ASP A 55 -2.90 -3.02 -13.32
C ASP A 55 -4.31 -2.42 -13.21
N TRP A 56 -4.51 -1.22 -13.72
CA TRP A 56 -5.82 -0.53 -13.66
C TRP A 56 -6.09 0.32 -14.91
N ALA A 57 -7.36 0.35 -15.34
CA ALA A 57 -7.80 1.10 -16.53
C ALA A 57 -9.26 1.58 -16.34
N ILE A 58 -9.62 2.69 -17.01
CA ILE A 58 -10.98 3.28 -16.93
C ILE A 58 -11.92 2.61 -17.97
N ASN A 59 -13.07 2.12 -17.50
CA ASN A 59 -14.11 1.50 -18.36
C ASN A 59 -15.11 2.56 -18.90
N ASP A 60 -16.09 2.10 -19.68
CA ASP A 60 -17.17 2.96 -20.26
C ASP A 60 -18.06 3.68 -19.19
N LYS A 61 -18.05 3.18 -17.94
CA LYS A 61 -18.83 3.77 -16.82
C LYS A 61 -18.11 5.00 -16.19
N GLY A 62 -16.80 5.17 -16.50
CA GLY A 62 -15.95 6.15 -15.81
C GLY A 62 -15.51 5.64 -14.43
N ASP A 63 -15.15 4.36 -14.39
CA ASP A 63 -14.82 3.61 -13.17
C ASP A 63 -13.46 2.88 -13.33
N THR A 64 -12.63 2.89 -12.28
CA THR A 64 -11.30 2.25 -12.28
C THR A 64 -11.40 0.74 -11.94
N VAL A 65 -10.97 -0.13 -12.87
CA VAL A 65 -11.01 -1.60 -12.67
C VAL A 65 -9.61 -2.12 -12.31
N TYR A 66 -9.49 -2.83 -11.17
CA TYR A 66 -8.22 -3.37 -10.67
C TYR A 66 -8.10 -4.89 -11.03
N ARG A 67 -7.02 -5.23 -11.76
CA ARG A 67 -6.76 -6.60 -12.27
C ARG A 67 -5.33 -7.07 -11.86
N PRO A 68 -5.15 -8.38 -11.45
CA PRO A 68 -3.84 -8.89 -10.96
C PRO A 68 -2.93 -9.39 -12.12
N VAL A 69 -1.99 -8.55 -12.56
CA VAL A 69 -0.98 -8.95 -13.58
C VAL A 69 0.37 -9.36 -12.93
N GLY A 70 0.56 -8.97 -11.65
CA GLY A 70 1.78 -9.29 -10.90
C GLY A 70 2.96 -8.37 -11.23
N LEU A 71 4.07 -8.54 -10.49
CA LEU A 71 5.34 -7.82 -10.78
C LEU A 71 6.27 -8.73 -11.62
N PRO A 72 6.96 -8.18 -12.70
CA PRO A 72 7.91 -8.97 -13.54
C PRO A 72 9.09 -9.55 -12.69
N ASP A 73 9.56 -8.77 -11.70
CA ASP A 73 10.51 -9.26 -10.66
C ASP A 73 9.97 -8.88 -9.25
N PRO A 74 9.11 -9.74 -8.62
CA PRO A 74 8.45 -9.40 -7.33
C PRO A 74 9.39 -9.53 -6.09
N ASP A 75 10.42 -10.39 -6.21
CA ASP A 75 11.36 -10.67 -5.10
C ASP A 75 12.30 -9.48 -4.85
N LYS A 76 12.89 -8.93 -5.94
CA LYS A 76 13.80 -7.75 -5.83
C LYS A 76 13.05 -6.52 -5.25
N VAL A 77 11.75 -6.37 -5.62
CA VAL A 77 10.87 -5.29 -5.14
C VAL A 77 10.70 -5.34 -3.60
N GLN A 78 10.50 -6.56 -3.07
CA GLN A 78 10.38 -6.81 -1.61
C GLN A 78 11.68 -6.39 -0.85
N ARG A 79 12.83 -6.78 -1.40
CA ARG A 79 14.16 -6.54 -0.77
C ARG A 79 14.55 -5.04 -0.82
N ASP A 80 14.36 -4.41 -1.99
CA ASP A 80 14.65 -2.98 -2.22
C ASP A 80 13.65 -2.07 -1.47
N LEU A 81 12.41 -2.55 -1.24
CA LEU A 81 11.41 -1.82 -0.43
C LEU A 81 11.81 -1.79 1.06
N ALA A 82 12.34 -2.92 1.55
CA ALA A 82 12.91 -3.03 2.92
C ALA A 82 14.17 -2.13 3.08
N SER A 83 15.00 -2.08 2.01
CA SER A 83 16.23 -1.25 1.94
C SER A 83 15.91 0.27 1.99
N GLN A 84 14.99 0.72 1.10
CA GLN A 84 14.54 2.15 1.07
C GLN A 84 13.77 2.52 2.36
N CYS A 85 13.05 1.58 2.98
CA CYS A 85 12.30 1.85 4.23
C CYS A 85 13.25 2.08 5.43
N ALA A 86 14.46 1.51 5.35
CA ALA A 86 15.52 1.69 6.37
C ALA A 86 16.37 2.97 6.12
N SER A 87 16.59 3.32 4.84
CA SER A 87 17.48 4.43 4.43
C SER A 87 16.77 5.80 4.29
N MET A 88 15.52 5.81 3.77
CA MET A 88 14.75 7.05 3.49
C MET A 88 14.19 7.69 4.77
N LEU A 89 13.56 6.87 5.62
CA LEU A 89 12.88 7.32 6.85
C LEU A 89 13.88 7.65 7.98
N ASN A 90 13.50 8.63 8.83
CA ASN A 90 14.26 9.05 10.05
C ASN A 90 14.56 7.87 11.00
N VAL A 91 13.63 6.89 11.03
CA VAL A 91 13.72 5.69 11.90
C VAL A 91 13.50 4.39 11.09
N ALA A 92 13.72 3.25 11.75
CA ALA A 92 13.41 1.92 11.18
C ALA A 92 11.92 1.55 11.38
N LEU A 93 11.14 1.65 10.30
CA LEU A 93 9.74 1.17 10.25
C LEU A 93 9.76 -0.27 9.71
N ARG A 94 9.03 -1.20 10.37
CA ARG A 94 8.95 -2.63 9.93
C ARG A 94 7.54 -2.97 9.35
N PRO A 95 7.35 -2.91 8.00
CA PRO A 95 6.14 -3.42 7.34
C PRO A 95 6.23 -4.95 7.02
N GLU A 96 5.07 -5.58 6.84
CA GLU A 96 4.97 -7.04 6.57
C GLU A 96 4.74 -7.26 5.07
N MET A 97 5.51 -8.17 4.44
CA MET A 97 5.49 -8.36 2.97
C MET A 97 5.22 -9.84 2.59
N GLN A 98 4.09 -10.09 1.89
CA GLN A 98 3.67 -11.44 1.44
C GLN A 98 3.67 -11.54 -0.10
N LEU A 99 4.25 -12.62 -0.64
CA LEU A 99 4.23 -12.92 -2.10
C LEU A 99 3.02 -13.83 -2.43
N GLU A 100 2.02 -13.25 -3.11
CA GLU A 100 0.69 -13.85 -3.36
C GLU A 100 0.50 -14.28 -4.82
N GLN A 101 0.10 -15.53 -5.07
CA GLN A 101 -0.23 -16.02 -6.42
C GLN A 101 -1.76 -15.97 -6.66
N VAL A 102 -2.18 -15.03 -7.52
CA VAL A 102 -3.60 -14.80 -7.89
C VAL A 102 -3.75 -14.98 -9.41
N GLY A 103 -4.48 -16.03 -9.84
CA GLY A 103 -4.53 -16.43 -11.26
C GLY A 103 -3.15 -16.80 -11.85
N GLY A 104 -2.24 -17.31 -10.99
CA GLY A 104 -0.87 -17.67 -11.39
C GLY A 104 0.11 -16.48 -11.41
N LYS A 105 -0.38 -15.28 -11.06
CA LYS A 105 0.43 -14.02 -11.13
C LYS A 105 0.93 -13.66 -9.71
N THR A 106 2.20 -13.24 -9.56
CA THR A 106 2.78 -12.99 -8.21
C THR A 106 2.74 -11.48 -7.83
N LEU A 107 2.07 -11.18 -6.71
CA LEU A 107 1.86 -9.81 -6.17
C LEU A 107 2.60 -9.68 -4.83
N LEU A 108 2.76 -8.45 -4.31
CA LEU A 108 3.35 -8.21 -2.96
C LEU A 108 2.37 -7.39 -2.08
N VAL A 109 1.77 -8.03 -1.06
CA VAL A 109 0.97 -7.34 -0.05
C VAL A 109 1.90 -6.77 1.03
N VAL A 110 1.84 -5.45 1.27
CA VAL A 110 2.69 -4.76 2.26
C VAL A 110 1.79 -4.12 3.33
N TYR A 111 1.68 -4.79 4.48
CA TYR A 111 0.93 -4.28 5.63
C TYR A 111 1.78 -3.27 6.41
N VAL A 112 1.28 -2.04 6.58
CA VAL A 112 1.94 -1.00 7.37
C VAL A 112 1.26 -0.89 8.75
N PRO A 113 1.97 -1.28 9.87
CA PRO A 113 1.42 -1.16 11.24
C PRO A 113 1.46 0.29 11.78
N GLU A 114 0.83 0.50 12.97
CA GLU A 114 0.91 1.77 13.72
C GLU A 114 2.36 2.16 14.06
N ALA A 115 2.56 3.44 14.36
CA ALA A 115 3.86 3.96 14.81
C ALA A 115 3.78 4.37 16.31
N ASP A 116 4.81 3.98 17.10
CA ASP A 116 4.87 4.18 18.57
C ASP A 116 4.95 5.69 18.96
N VAL A 117 4.62 6.05 20.21
CA VAL A 117 4.79 7.45 20.72
C VAL A 117 6.20 8.09 20.38
N THR A 118 7.29 7.29 20.47
CA THR A 118 8.67 7.80 20.15
C THR A 118 8.90 7.96 18.61
N HIS A 119 8.38 7.01 17.80
CA HIS A 119 8.34 7.08 16.33
C HIS A 119 7.02 6.46 15.89
N LYS A 120 5.89 7.20 15.65
CA LYS A 120 5.61 8.48 14.93
C LYS A 120 6.48 9.79 15.13
N PRO A 121 5.95 10.97 14.69
CA PRO A 121 6.53 11.74 13.58
C PRO A 121 7.69 11.04 12.79
N ILE A 122 7.29 10.10 11.92
CA ILE A 122 8.20 9.39 10.99
C ILE A 122 8.17 10.11 9.63
N TYR A 123 9.31 10.70 9.28
CA TYR A 123 9.42 11.51 8.05
C TYR A 123 10.67 11.11 7.23
N LYS A 124 10.49 11.11 5.91
CA LYS A 124 11.55 10.98 4.92
C LYS A 124 12.56 12.17 5.03
N LYS A 125 13.88 11.88 5.01
CA LYS A 125 14.91 12.95 4.95
C LYS A 125 14.86 13.70 3.60
N ALA A 126 15.31 14.97 3.63
CA ALA A 126 15.18 15.93 2.51
C ALA A 126 13.69 16.30 2.22
N THR A 127 12.83 16.06 3.23
CA THR A 127 11.38 16.38 3.17
C THR A 127 10.93 16.91 4.55
N GLY A 128 10.71 18.24 4.64
CA GLY A 128 10.30 18.90 5.89
C GLY A 128 8.83 18.68 6.24
N LEU A 129 7.95 19.42 5.55
CA LEU A 129 6.48 19.35 5.74
C LEU A 129 5.74 19.35 4.38
N PRO A 130 4.63 18.53 4.21
CA PRO A 130 3.84 18.48 2.95
C PRO A 130 3.07 19.80 2.67
N GLY A 131 2.21 20.20 3.63
CA GLY A 131 1.41 21.43 3.51
C GLY A 131 0.32 21.35 2.43
N GLY A 132 -0.73 20.54 2.71
CA GLY A 132 -1.82 20.30 1.75
C GLY A 132 -2.69 21.54 1.42
N ALA A 133 -2.81 22.47 2.40
CA ALA A 133 -3.55 23.77 2.28
C ALA A 133 -5.11 23.62 2.26
N TYR A 134 -5.62 22.87 1.25
CA TYR A 134 -7.07 22.67 1.00
C TYR A 134 -7.84 22.05 2.22
N ARG A 135 -9.14 22.35 2.31
CA ARG A 135 -10.04 21.93 3.43
C ARG A 135 -10.52 20.44 3.30
N ARG A 136 -9.65 19.55 2.78
CA ARG A 136 -9.90 18.09 2.73
C ARG A 136 -9.73 17.46 4.14
N ILE A 137 -10.86 17.24 4.83
CA ILE A 137 -10.88 16.69 6.20
C ILE A 137 -10.76 15.14 6.17
N GLY A 138 -9.52 14.66 5.94
CA GLY A 138 -9.21 13.21 5.93
C GLY A 138 -8.61 12.71 7.25
N SER A 139 -7.81 13.59 7.89
CA SER A 139 -7.13 13.29 9.17
C SER A 139 -8.13 13.29 10.35
N SER A 140 -8.21 12.15 11.06
CA SER A 140 -9.05 12.00 12.29
C SER A 140 -8.40 12.73 13.48
N ASP A 141 -9.16 13.63 14.13
CA ASP A 141 -8.64 14.46 15.25
C ASP A 141 -8.54 13.64 16.57
N GLN A 142 -7.35 13.71 17.18
CA GLN A 142 -7.03 13.02 18.46
C GLN A 142 -7.52 13.83 19.69
N ARG A 143 -7.25 13.32 20.91
CA ARG A 143 -7.64 13.99 22.18
C ARG A 143 -6.83 15.29 22.39
N CYS A 144 -7.34 16.40 21.79
CA CYS A 144 -6.65 17.72 21.77
C CYS A 144 -7.59 18.84 21.29
N VAL A 145 -7.22 20.10 21.57
CA VAL A 145 -7.94 21.30 21.06
C VAL A 145 -7.51 21.62 19.61
N LEU A 146 -8.49 21.82 18.71
CA LEU A 146 -8.24 22.28 17.31
C LEU A 146 -8.88 23.68 17.09
N GLU A 147 -8.81 24.17 15.84
CA GLU A 147 -9.55 25.37 15.40
C GLU A 147 -10.97 24.97 14.90
N HIS A 148 -11.97 25.06 15.80
CA HIS A 148 -13.40 24.84 15.47
C HIS A 148 -14.30 25.75 16.35
N HIS A 149 -15.05 26.67 15.72
CA HIS A 149 -16.06 27.48 16.42
C HIS A 149 -17.26 26.56 16.79
N HIS A 150 -17.35 26.17 18.08
CA HIS A 150 -18.35 25.17 18.56
C HIS A 150 -19.81 25.60 18.25
N HIS A 151 -20.45 24.85 17.34
CA HIS A 151 -21.85 25.08 16.94
C HIS A 151 -22.82 24.65 18.08
N HIS A 152 -23.28 25.61 18.88
CA HIS A 152 -24.21 25.36 20.01
C HIS A 152 -25.62 25.92 19.73
N HIS A 153 -25.70 27.26 19.50
CA HIS A 153 -26.99 27.99 19.32
C HIS A 153 -27.90 27.85 20.56
#